data_8S0F
#
_entry.id   8S0F
#
_cell.length_a   1.00
_cell.length_b   1.00
_cell.length_c   1.00
_cell.angle_alpha   90.00
_cell.angle_beta   90.00
_cell.angle_gamma   90.00
#
_symmetry.space_group_name_H-M   'P 1'
#
loop_
_entity.id
_entity.type
_entity.pdbx_description
1 polymer 'Origin recognition complex subunit 2'
2 polymer 'DNA (39-mer)'
3 polymer 'DNA (39-mer)'
4 polymer 'DNA replication licensing factor MCM5'
5 polymer 'DNA replication factor Cdt1'
6 polymer 'DNA replication licensing factor MCM2'
7 polymer 'DNA replication licensing factor MCM4'
8 polymer 'DNA replication licensing factor MCM6'
9 polymer 'DNA replication licensing factor MCM7'
10 polymer 'Origin recognition complex subunit 3'
11 polymer 'DNA replication licensing factor MCM3'
12 polymer 'Origin recognition complex subunit 1'
13 polymer 'Origin recognition complex subunit 4'
14 polymer 'Origin recognition complex subunit 5'
15 non-polymer 'MAGNESIUM ION'
16 non-polymer 'ZINC ION'
17 non-polymer 'PHOSPHOTHIOPHOSPHORIC ACID-ADENYLATE ESTER'
#
loop_
_entity_poly.entity_id
_entity_poly.type
_entity_poly.pdbx_seq_one_letter_code
_entity_poly.pdbx_strand_id
1 'polypeptide(L)'
;MSKPELKEDKMLEVHFVGDDDVLNHILDREGGAKLKKERAQLLVNPKKIIKKPEYDLEEDDQEVLKDQNYVEIMGRDVQE
SLKNGSATGGGNKVYSFQNRKHSEKMAKLASELAKTPQKSVSFSLKNDPEITINVPQSSKGHSASDKVQPKNNDKSEFLS
TAPRSLRKRLIVPRSHSDSESEYSASNSEDDEGVAQEHEEDTNAVIFSQKIQAQNRVVSAPVGKETPSKRMKRDKTSDLV
EEYFEAHSSSKVLTSDRTLQKLKRAKLDQQTLRNLLSKVSPSFSAELKQLNQQYEKLFHKWMLQLHLGFNIVLYGLGSKR
DLLERFRTTMLQDSIHVVINGFFPGISVKSVLNSITEEVLDHMGTFRSILDQLDWIVNKFKEDSSLELFLLIHNLDSQML
RGEKSQQIIGQLSSLHNIYLIASIDHLNAPLMWDHAKQSLFNWLWYETTTYSPYTEETSYENSLLVKQSGSLPLSSLTHV
LRSLTPNARGIFRLLIKYQLDNQDNPSYIGLSFQDFYQQCREAFLVNSDLTLRAQLTEFRDHKLIRTKKGTDGVEYLLIP
VDNGTLTDFLEKEEEEA
;
B
2 'polydeoxyribonucleotide'
;(DG)(DC)(DA)(DT)(DG)(DC)(DA)(DT)(DG)(DC)(DA)(DT)(DG)(DC)(DT)(DG)(DC)(DA)(DT)(DG)
(DC)(DA)(DT)(DG)(DC)(DA)(DT)(DG)(DC)(DG)(DC)(DA)(DT)(DG)(DC)(DA)(DT)(DG)(DC)
;
X
3 'polydeoxyribonucleotide'
;(DG)(DC)(DA)(DT)(DG)(DC)(DA)(DT)(DG)(DC)(DG)(DC)(DA)(DT)(DG)(DC)(DA)(DT)(DG)(DC)
(DA)(DT)(DG)(DC)(DA)(DG)(DC)(DA)(DT)(DG)(DC)(DA)(DT)(DG)(DC)(DA)(DT)(DG)(DC)
;
Y
4 'polypeptide(L)'
;MSGFDDPGIFYSDSFGGDAQADEGQARKSQLQRRFKEFLRQYRVGTDRTGFTFKYRDELKRHYNLGEYWIEVEMEDLASF
DEDLADYLYKQPAEHLQLLEEAAKEVADEVTRPRPSGEEVLQDIQVMLKSDASPSSIRSLKSDMMSHLVKIPGIIIAASA
VRAKATRISIQCRSCRNTLTNIAMRPGLEGYALPRKCNTDQAGRPKCPLDPYFIMPDKCKCVDFQTLKLQELPDAVPHGE
MPRHMQLYCDRYLCDKVVPGNRVTIMGIYSIKKFGLTTSRGRDRVGVGIRSSYIRVLGIQVDTDGSGRSFAGAVSPQEEE
EFRRLAALPNVYEVISKSIAPSIFGGTDMKKAIACLLFGGSRKRLPDGLTRRGDINLLMLGDPGTAKSQLLKFVEKCSPI
GVYTSGKGSSAAGLTASVMRDPSSRNFIMEGGAMVLADGGVVCIDEFDKMREDDRVAIHEAMEQQTISIAKAGITTTLNS
RCSVLAAANSVFGRWDETKGEDNIDFMPTILSRFDMIFIVKDEHNEERDVMLAKHVITLHVSALTQTQAVEGEIDLAKLK
KFIAYCRVKCGPRLSAEAAEKLKNRYIIMRSGARQHERDSDRRSSIPITVRQLEAIVRIAEALSKMKLQPFATEADVEEA
LRLFQVSTLDAALSGTLSGVEGFTSQEDQEMLSRIEKQLKRRFAIGSQVSEHSIIKDFTKQKYPEHAIHKVLQLMLRRGE
IQHRMQRKVLYRLK
;
5
5 'polypeptide(L)'
;MEQRRVTDFFARRRPGPPRIAPPKLACRTPSPARPALRAPASATSGSRKRARPPAAPGRDQARPPARRRLRLSVDEVSSP
STPEAPDIPACPSPGQKIKKSTPAAGQPPHLTSAQDQDTISELASCLQRARELGARVRALKASAQDAGESCTPEAEGRPE
EPCGEKAPAYQRFHALAQPGLPGLVLPYKYQVLAEMFRSMDTIVGMLHNRSETPTFAKVQRGVQDMMRRRFEECNVGQIK
TVYPASYRFRQERSVPTFKDGTRRSDYQLTIEPLLEQEADGAAPQLTASRLLQRRQIFSQKLVEHVKEHHKAFLASLSPA
MVVPEDQLTRWHPRFNVDEVPDIEPAALPQPPATEKLTTAQEVLARARNLISPRMEKALSQLALRSAAPSSPGSPRPALP
ATPPATPPAASPSALKGVSQDLLERIRAKEAQKQLAQMTRCPEQEQRLQRLERLPELARVLRSVFVSERKPALSMEVACA
RMVGSCCTIMSPGEMEKHLLLLSELLPDWLSLHRIRTDTYVKLDKAADLAHITARLAHQTRAEEGL
;
8
6 'polypeptide(L)'
;MAESSESFTMASSPAQRRRGNDPLTSSPGRSSRRTDALTSSPGRDLPPFEDESEGLLGTEGPLEEEEDGEELIGDGMERD
YRAIPELDAYEAEGLALDDEDVEELTASQREAAERAMRQRDREAGRGLGRMRRGLLYDSDEEDEERPARKRRQVERATED
GEEDEEMIESIENLEDLKGHSVREWVSMAGPRLEIHHRFKNFLRTHVDSHGHNVFKERISDMCKENRESLVVNYEDLAAR
EHVLAYFLPEAPAELLQIFDEAALEVVLAMYPKYDRITNHIHVRISHLPLVEELRSLRQLHLNQLIRTSGVVTSCTGVLP
QLSMVKYNCNKCNFVLGPFCQSQNQEVKPGSCPECQSAGPFEVNMEETIYQNYQRIRIQESPGKVAAGRLPRSKDAILLA
DLVDSCKPGDEIELTGIYHNNYDGSLNTANGFPVFATVILANHVAKKDNKVAVGELTDEDVKMITSLSKDQQIGEKIFAS
IAPSIYGHEDIKRGLALALFGGEPKNPGGKHKVRGDINVLLCGDPGTAKSQFLKYIEKVSSRAIFTTGQGASAVGLTAYV
QRHPVSREWTLEAGALVLADRGVCLIDEFDKMNDQDRTSIHEAMEQQSISISKAGIVTSLQARCTVIAAANPIGGRYDPS
LTFSENVDLTEPIISRFDILCVVRDTVDPVQDEMLARFVVGSHVRHHPSNKEEEGLANGSAAEPAMPNTYGVEPLPQEVL
KKYIIYAKERVHPKLNQMDQDKVAKMYSDLRKESMATGSIPITVRHIESMIRMAEAHARIHLRDYVIEDDVNMAIRVMLE
SFIDTQKFSVMRSMRKTFARYLSFRRDNNELLLFILKQLVAEQVTYQRNRFGAQQDTIEVPEKDLVDKARQINIHNLSAF
YDSELFRMNKFSHDLKRKMILQQF
;
2
7 'polypeptide(L)'
;MSSPASTPSRRGSRRGRATPAQTPRSEDARSSPSQRRRGEDSTSTGELQPMPTSPGVDLQSPAAQDVLFSSPPQMHSSAI
PLDFDVSSPLTYGTPSSRVEGTPRSGVRGTPVRQRPDLGSAQKGLQVDLQSDGAAAEDIVASEQSLGQKLVIWGTDVNVA
ACKENFQRFLQRFIDPLAKEEENVGIDITEPLYMQRLGEINVIGEPFLNVNCEHIKSFDKNLYRQLISYPQEVIPTFDMA
VNEIFFDRYPDSILEHQIQVRPFNALKTKNMRNLNPEDIDQLITISGMVIRTSQLIPEMQEAFFQCQVCAHTTRVEMDRG
RIAEPSVCGRCHTTHSMALIHNRSLFSDKQMIKLQESPEDMPAGQTPHTVILFAHNDLVDKVQPGDRVNVTGIYRAVPIR
VNPRVSNVKSVYKTHIDVIHYRKTDAKRLHGLDEEAEQKLFSEKRVELLKELSRKPDIYERLASALAPSIYEHEDIKKGI
LLQLFGGTRKDFSHTGRGKFRAEINILLCGDPGTSKSQLLQYVYNLVPRGQYTSGKGSSAVGLTAYVMKDPETRQLVLQT
GALVLSDNGICCIDEFDKMNESTRSVLHEVMEQQTLSIAKAGIICQLNARTSVLAAANPIESQWNPKKTTIENIQLPHTL
LSRFDLIFLMLDPQDEAYDRRLAHHLVALYYQSEEQAEEELLDMAVLKDYIAYAHSTIMPRLSEEASQALIEAYVDMRKI
GSSRGMVSAYPRQLESLIRLAEAHAKVRLSNKVEAIDVEEAKRLHREALKQSATDPRTGIVDISILTTGMSATSRKRKEE
LAEALKKLILSKGKTPALKYQQLFEDIRGQSDIAITKDMFEEALRALADDDFLTVTGKTVRLL
;
4
8 'polypeptide(L)'
;MDLAAAAEPGAGSQHLEVRDEVAEKCQKLFLDFLEEFQSSDGEIKYLQLAEELIRPERNTLVVSFVDLEQFNQQLSTTIQ
EEFYRVYPYLCRALKTFVKDRKEIPLAKDFYVAFQDLPTRHKIRELTSSRIGLLTRISGQVVRTHPVHPELVSGTFLCLD
CQTVIRDVEQQFKYTQPNICRNPVCANRRRFLLDTNKSRFVDFQKVRIQETQAELPRGSIPRSLEVILRAEAVESAQAGD
KCDFTGTLIVVPDVSKLSTPGARAETNSRVSGVDGYETEGIRGLRALGVRDLSYRLVFLACCVAPTNPRFGGKELRDEEQ
TAESIKNQMTVKEWEKVFEMSQDKNLYHNLCTSLFPTIHGNDEVKRGVLLMLFGGVPKTTGEGTSLRGDINVCIVGDPST
AKSQFLKHVEEFSPRAVYTSGKASSAAGLTAAVVRDEESHEFVIEAGALMLADNGVCCIDEFDKMDVRDQVAIHEAMEQQ
TISITKAGVKATLNARTSILAAANPISGHYDRSKSLKQNINLSAPIMSRFDLFFILVDECNEVTDYAIARRIVDLHSRIE
ESIDRVYSLDDIRRYLLFARQFKPKISKESEDFIVEQYKHLRQRDGSGVTKSSWRITVRQLESMIRLSEAMARMHCCDEV
QPKHVKEAFRLLNKSIIRVETPDVNLDQEEEIQMEVDEGAGGINGHADSPAPVNGINGYNEDINQESAPKASLRLGFSEY
CRISNLIVLHLRKVEEEEDESALKRSELVNWYLKEIESEIDSEEELINKKRIIEKVIHRLTHYDHVLIELTQAGLKGSTE
GSESYEEDPYLVVNPNYLLED
;
6
9 'polypeptide(L)'
;MALKDYALEKEKVKKFLQEFYQDDELGKKQFKYGNQLVRLAHREQVALYVDLDDVAEDDPELVDSICENARRYAKLFADA
VQELLPQYKEREVVNKDVLDVYIEHRLMMEQRSRDPGMVRSPQNQYPAELMRRFELYFQGPSSNKPRVIREVRADSVGKL
VTVRGIVTRVSEVKPKMVVATYTCDQCGAETYQPIQSPTFMPLIMCPSQECQTNRSGGRLYLQTRGSRFIKFQEMKMQEH
SDQVPVGNIPRSITVLVEGENTRIAQPGDHVSVTGIFLPILRTGFRQVVQGLLSETYLEAHRIVKMNKSEDDESGAGELT
REELRQIAEEDFYEKLAASIAPEIYGHEDVKKALLLLLVGGVDQSPRGMKIRGNINICLMGDPGVAKSQLLSYIDRLAPR
SQYTTGRGSSGVGLTAAVLRDSVSGELTLEGGALVLADQGVCCIDEFDKMAEADRTAIHEVMEQQTISIAKAGILTTLNA
RCSILAAANPAYGRYNPRRSLEQNIQLPAALLSRFDLLWLIQDRPDRDNDLRLAQHITYVHQHSRQPPSQFEPLDMKLMR
RYIAMCREKQPMVPESLADYITAAYVEMRREAWASKDATYTSARTLLAILRLSTALARLRMVDVVEKEDVNEAIRLMEMS
KDSLLGDKGQTARTQRPADVIFATVRELVSGGRSVRFSEAEQRCVSRGFTPAQFQAALDEYEELNVWQVNASRTRITFV
;
7
10 'polypeptide(L)'
;MATSSMSKGCFVFKPNSKKRKISLPIEDYFNKGKNEPEDSKLRFETYQLIWQQMKSENERLQEELNKNLFDNLIEFLQKS
HSGFQKNSRDLGGQIKLREIPTAALVLGVNVTDHDLTFGSLTEALQNNVTPYVVSLQAKDCPDMKHFLQKLISQLMDCCV
DIKSKEEESVHVTQRKTHYSMDSLSSWYMTVTQKTDPKMLSKKRTTSSQWQSPPVVVILKDMESFATKVLQDFIIISSQH
LHEFPLILIFGIATSPIIIHRLLPHAVSSLLCIELFQSLSCKEHLTTVLDKLLLTTQFPFKINEKVLQVLTNIFLYHDFS
VQNFIKGLQLSLLEHFYSQPLSVLCCNLPEAKRRINFLSNNQCENIRRLPSFRRYVEKQASEKQVALLTNERYLKEETQL
LLENLHVYHMNYFLVLRCLHKFTSSLPKYPLGRQIRELYCTCLEKNIWDSEEYASVLQLLRMLAKDELMTILEKCFKVFK
SYCENHLGSTAKRIEEFLAQFQSLDETKEEEDASGSQPKGLQKTDLYHLQKSLLEMKELRRSKKQTKFEVLRENVVNFID
CLVREYLLPPETQPLHEVVYFSAAHALREHLNAAPRIALHTALNNPYYYLKNEALKSEEGCIPNIAPDICIAYKLHLECS
RLINLVDWSEAFATVVTAAEKMDANSATSEEMNEIIHARFIRAVSELELLGFIKPTKQKTDHVARLTWGGC
;
C
11 'polypeptide(L)'
;GEMAGTVVLDDVELREAQRDYLDFLDDEEDQGIYQSKVRELISDNQYRLIVNVNDLRRKNEKRANRLLNNAFEELVAFQR
ALKDFVASIDATYAKQYEEFYVGLEGSFGSKHVSPRTLTSCFLSCVVCVEGIVTKCSLVRPKVVRSVHYCPATKKTIERR
YSDLTTLVAFPSSSVYPTKDEENNPLETEYGLSVYKDHQTITIQEMPEKAPAGQLPRSVDVILDDDLVDKAKPGDRVQVV
GTYRCLPGKKGGYTSGTFRTVLIACNVKQMSKDAQPSFSAEDIAKIKKFSKTRSKDIFDQLAKSLAPSIHGHDYVKKAIL
CLLLGGVERDLENGSHIRGDINILLIGDPSVAKSQLLRYVLCTAPRAIPTTGRGSSGVGLTAAVTTDQETGERRLEAGAM
VLADRGVVCIDEFDKMSDMDRTAIHEVMEQGRVTIAKAGIHARLNARCSVLAAANPVYGRYDQYKTPMENIGLQDSLLSR
FDLLFIMLDQMDPEQDREISDHVLRMHRYRAPGEQDGDAMPLGSAVDILATDDPNFSQEDQQDTQIYEKHDNLLHGTKKK
KEKMVSAAFMKKYIHVAKIIKPVLTQESATYIAEEYSRLRSQDSMSSDTARTSPVTARTLETLIRLATAHAKARMSKTVD
LQDAEEAVELVQYAYFKKVLEKEKKRKKRSEDESETEDEEEKSQEDQEQKRKRRKTRQPDAKDGDSYDPYDFSDTEEEMP
QVHTPKTADSQETKESQKVELSESRLKAFKVALLDVFREAHAQSIGMNRLTESINRDSEEPFSSVEIQAALSKMQDDNQV
MVSEGIIFLI
;
3
12 'polypeptide(L)'
;MAHYPTRLKTRKTYSWVGRPLLDRKLHYQTYREMCVKTEGCSTEIHIQIGQFVLIEGDDDENPYVAKLLELFEDDSDPPP
KKRARVQWFVRFCEVPACKRHLLGRKPGAQEIFWYDYPACDSNINAETIIGLVRVIPLAPKDVVPTNLKNEKTLFVKLSW
NEKKFRPLSSELFAELNKPQESAAKCQKPVRAKSKSAESPSWTPAEHVAKRIESRHSASKSRQTPTHPLTPRARKRLELG
NLGNPQMSQQTSCASLDSPGRIKRKVAFSEITSPSKRSQPDKLQTLSPALKAPEKTRETGLSYTEDDKKASPEHRIILRT
RIAASKTIDIREERTLTPISGGQRSSVVPSVILKPENIKKRDAKEAKAQNEATSTPHRIRRKSSVLTMNRIRQQLRFLGN
SKSDQEEKEILPAAEISDSSSDEEEASTPPLPRRAPRTVSRNLRSSLKSSLHTLTKVPKKSLKPRTPRCAAPQIRSRSLA
AQEPASVLEEARLRLHVSAVPESLPCREQEFQDIYNFVESKLLDHTGGCMYISGVPGTGKTATVHEVIRCLQQAAQANDV
PPFQYIEVNGMKLTEPHQVYVQILQKLTGQKATANHAAELLAKQFCTRGSPQETTVLLVDELDLLWTHKQDIMYNLFDWP
THKEARLVVLAIANTMDLPERIMMNRVSSRLGLTRMCFQPYTYSQLQQILRSRLKHLKAFEDDAIQLVARKVAALSGDAR
RCLDICRRATEICEFSQQKPDSPGLVTIAHSMEAVDEMFSSSYITAIKNSSVLEQSFLRAILAEFRRSGLEEATFQQIYS
QHVALCRMEGLPYPTMSETMAVCSHLGSCRLLLVEPSRNDLLLRVRLNVSQDDVLYALKDE
;
A
13 'polypeptide(L)'
;MSSRKSKSNSLIHTECLSQVQRILRERFCRQSPHSNLFGVQVQYKHLSELLKRTALHGESNSVLIIGPRGSGKTMLINHA
LKELMEIEEVSENVLQVHLNGLLQINDKIALKEITRQLNLENVVGDKVFGSFAENLSFLLEALKKGDRTSSCPVIFILDE
FDLFAHHKNQTLLYNLFDISQSAQTPIAVIGLTCRLDILELLEKRVKSRFSHRQIHLMNSFGFPQYVKIFKEQLSLPAEF
PDKVFAEKWNENVQYLSEDRSVQEVLQKHFNISKNLRSLHMLLMLALNRVTASHPFMTAVDLMEASQLCSMDSKANIVHG
LSVLEICLIIAMKHLNDIYEEEPFNFQMVYNEFQKFVQRKAHSVYNFEKPVVMKAFEHLQQLELIKPMERTSGNSQREYQ
LMKLLLDNTQIMNALQKYPNCPTDVRQWATSSLSWL
;
D
14 'polypeptide(L)'
;MPHLENVVLCRESQVSILQSLFGERHHFSFPSIFIYGHTASGKTYVTQTLLKTLELPHVFVNCVECFTLRLLLEQILNKL
NHLSSSEDGCSTEITCETFNDFVRLFKQVTTAENLKDQTVYIVLDKAEYLRDMEANLLPGFLRLQELADRNVTVLFLSEI
VWEKFRPNTGCFEPFVLYFPDYSIGNLQKILSHDHPPEYSADFYAAYINILLGVFYTVCRDLKELRHLAVLNFPKYCEPV
VKGEASERDTRKLWRNIEPHLKKAMQTVYLREISSSQWEKLQKDDTDPGQLKGLSAHTHVELPYYSKFILIAAYLASYNP
ARTDKRFFLKHHGKIKKTNFLKKHEKTSNHLLGPKPFPLDRLLAILYSIVDSRVAPTANIFSQITSLVTLQLLTLVGHDD
QLDGPKYKCTVSLDFIRAIARTVNFDIIKYLYDFL
;
E
#
loop_
_chem_comp.id
_chem_comp.type
_chem_comp.name
_chem_comp.formula
AGS non-polymer 'PHOSPHOTHIOPHOSPHORIC ACID-ADENYLATE ESTER' 'C10 H16 N5 O12 P3 S'
DA DNA linking 2'-DEOXYADENOSINE-5'-MONOPHOSPHATE 'C10 H14 N5 O6 P'
DC DNA linking 2'-DEOXYCYTIDINE-5'-MONOPHOSPHATE 'C9 H14 N3 O7 P'
DG DNA linking 2'-DEOXYGUANOSINE-5'-MONOPHOSPHATE 'C10 H14 N5 O7 P'
DT DNA linking THYMIDINE-5'-MONOPHOSPHATE 'C10 H15 N2 O8 P'
MG non-polymer 'MAGNESIUM ION' 'Mg 2'
ZN non-polymer 'ZINC ION' 'Zn 2'
#
# COMPACT_ATOMS: atom_id res chain seq x y z
N GLN A 270 -37.43 -37.17 -22.97
CA GLN A 270 -38.46 -36.15 -23.11
C GLN A 270 -39.62 -36.67 -23.96
N THR A 271 -39.53 -37.94 -24.37
CA THR A 271 -40.61 -38.54 -25.15
C THR A 271 -41.85 -38.77 -24.30
N LEU A 272 -41.69 -38.86 -22.98
CA LEU A 272 -42.84 -39.05 -22.10
C LEU A 272 -43.83 -37.90 -22.17
N ARG A 273 -43.41 -36.74 -22.68
CA ARG A 273 -44.29 -35.57 -22.77
C ARG A 273 -45.57 -35.90 -23.52
N ASN A 274 -45.49 -36.83 -24.48
CA ASN A 274 -46.68 -37.23 -25.23
C ASN A 274 -47.71 -37.88 -24.32
N LEU A 275 -47.27 -38.73 -23.39
CA LEU A 275 -48.18 -39.41 -22.46
C LEU A 275 -48.52 -38.57 -21.25
N LEU A 276 -47.77 -37.48 -20.99
CA LEU A 276 -48.03 -36.65 -19.82
C LEU A 276 -49.29 -35.80 -19.94
N SER A 277 -49.98 -35.83 -21.07
CA SER A 277 -51.14 -34.95 -21.31
C SER A 277 -52.40 -35.41 -20.60
N LYS A 278 -52.34 -36.45 -19.77
CA LYS A 278 -53.54 -37.00 -19.14
C LYS A 278 -53.90 -36.32 -17.83
N VAL A 279 -53.14 -35.30 -17.40
CA VAL A 279 -53.43 -34.65 -16.13
C VAL A 279 -54.65 -33.74 -16.28
N SER A 280 -55.60 -33.87 -15.35
CA SER A 280 -56.81 -33.07 -15.39
C SER A 280 -56.58 -31.70 -14.75
N PRO A 281 -57.32 -30.68 -15.21
CA PRO A 281 -57.18 -29.35 -14.62
C PRO A 281 -57.97 -29.23 -13.32
N SER A 282 -57.78 -28.10 -12.65
CA SER A 282 -58.41 -27.82 -11.37
C SER A 282 -59.12 -26.47 -11.41
N PHE A 283 -60.26 -26.39 -10.73
CA PHE A 283 -61.03 -25.15 -10.58
C PHE A 283 -61.43 -24.56 -11.93
N SER A 284 -61.94 -25.42 -12.81
CA SER A 284 -62.28 -24.99 -14.17
C SER A 284 -63.45 -24.01 -14.22
N ALA A 285 -64.31 -24.00 -13.20
CA ALA A 285 -65.46 -23.10 -13.21
C ALA A 285 -65.02 -21.64 -13.20
N GLU A 286 -64.06 -21.31 -12.33
CA GLU A 286 -63.55 -19.94 -12.29
C GLU A 286 -62.91 -19.55 -13.60
N LEU A 287 -62.20 -20.50 -14.25
CA LEU A 287 -61.68 -20.23 -15.59
C LEU A 287 -62.80 -19.95 -16.58
N LYS A 288 -63.91 -20.69 -16.48
CA LYS A 288 -65.03 -20.45 -17.39
C LYS A 288 -65.61 -19.05 -17.22
N GLN A 289 -65.84 -18.64 -15.97
CA GLN A 289 -66.31 -17.27 -15.75
C GLN A 289 -65.28 -16.24 -16.20
N LEU A 290 -63.99 -16.53 -16.01
CA LEU A 290 -62.96 -15.60 -16.45
C LEU A 290 -62.98 -15.42 -17.96
N ASN A 291 -63.15 -16.52 -18.70
CA ASN A 291 -63.26 -16.42 -20.15
C ASN A 291 -64.53 -15.68 -20.56
N GLN A 292 -65.64 -15.92 -19.86
CA GLN A 292 -66.88 -15.22 -20.17
C GLN A 292 -66.73 -13.72 -19.98
N GLN A 293 -66.02 -13.30 -18.92
CA GLN A 293 -65.78 -11.88 -18.70
C GLN A 293 -64.96 -11.28 -19.84
N TYR A 294 -63.97 -12.01 -20.34
CA TYR A 294 -63.13 -11.50 -21.41
C TYR A 294 -63.89 -11.36 -22.73
N GLU A 295 -64.93 -12.16 -22.93
CA GLU A 295 -65.62 -12.21 -24.22
C GLU A 295 -66.34 -10.90 -24.56
N LYS A 296 -66.70 -10.10 -23.55
CA LYS A 296 -67.53 -8.93 -23.78
C LYS A 296 -66.78 -7.75 -24.39
N LEU A 297 -65.45 -7.82 -24.47
CA LEU A 297 -64.65 -6.69 -24.92
C LEU A 297 -64.39 -6.68 -26.43
N PHE A 298 -64.97 -7.62 -27.18
CA PHE A 298 -64.69 -7.71 -28.60
C PHE A 298 -65.15 -6.45 -29.35
N HIS A 299 -66.35 -5.95 -29.04
CA HIS A 299 -66.88 -4.81 -29.77
C HIS A 299 -66.04 -3.56 -29.54
N LYS A 300 -65.64 -3.31 -28.28
CA LYS A 300 -64.82 -2.15 -27.99
C LYS A 300 -63.44 -2.27 -28.64
N TRP A 301 -62.87 -3.48 -28.64
CA TRP A 301 -61.58 -3.68 -29.30
C TRP A 301 -61.69 -3.42 -30.79
N MET A 302 -62.77 -3.89 -31.42
CA MET A 302 -62.97 -3.63 -32.84
C MET A 302 -63.14 -2.15 -33.12
N LEU A 303 -63.87 -1.44 -32.25
CA LEU A 303 -64.03 0.00 -32.41
C LEU A 303 -62.69 0.72 -32.31
N GLN A 304 -61.85 0.31 -31.35
CA GLN A 304 -60.54 0.94 -31.20
C GLN A 304 -59.64 0.64 -32.39
N LEU A 305 -59.66 -0.60 -32.90
CA LEU A 305 -58.90 -0.93 -34.09
C LEU A 305 -59.36 -0.10 -35.29
N HIS A 306 -60.67 0.01 -35.48
CA HIS A 306 -61.22 0.67 -36.65
C HIS A 306 -60.94 2.17 -36.67
N LEU A 307 -60.64 2.77 -35.53
CA LEU A 307 -60.38 4.20 -35.45
C LEU A 307 -58.88 4.53 -35.49
N GLY A 308 -58.01 3.53 -35.64
CA GLY A 308 -56.60 3.79 -35.83
C GLY A 308 -55.74 3.53 -34.61
N PHE A 309 -56.06 2.49 -33.84
CA PHE A 309 -55.29 2.11 -32.67
C PHE A 309 -54.95 0.63 -32.73
N ASN A 310 -53.77 0.28 -32.22
CA ASN A 310 -53.32 -1.10 -32.14
C ASN A 310 -53.25 -1.54 -30.69
N ILE A 311 -53.64 -2.79 -30.44
CA ILE A 311 -53.83 -3.30 -29.09
C ILE A 311 -52.91 -4.50 -28.85
N VAL A 312 -52.23 -4.51 -27.71
CA VAL A 312 -51.45 -5.64 -27.23
C VAL A 312 -52.18 -6.28 -26.06
N LEU A 313 -52.27 -7.60 -26.07
CA LEU A 313 -52.87 -8.35 -24.97
C LEU A 313 -51.76 -8.99 -24.14
N TYR A 314 -51.80 -8.75 -22.82
CA TYR A 314 -50.83 -9.31 -21.90
C TYR A 314 -51.56 -9.88 -20.69
N GLY A 315 -50.97 -10.92 -20.11
CA GLY A 315 -51.53 -11.57 -18.95
C GLY A 315 -51.06 -13.01 -18.85
N LEU A 316 -51.23 -13.57 -17.66
CA LEU A 316 -50.79 -14.94 -17.41
C LEU A 316 -51.75 -15.94 -18.06
N GLY A 317 -51.17 -16.99 -18.63
CA GLY A 317 -51.95 -18.03 -19.26
C GLY A 317 -51.96 -17.89 -20.78
N SER A 318 -52.24 -19.01 -21.44
CA SER A 318 -52.25 -19.03 -22.90
C SER A 318 -53.50 -18.33 -23.42
N LYS A 319 -53.31 -17.20 -24.12
CA LYS A 319 -54.39 -16.42 -24.68
C LYS A 319 -54.62 -16.72 -26.16
N ARG A 320 -53.98 -17.76 -26.70
CA ARG A 320 -54.20 -18.15 -28.09
C ARG A 320 -55.65 -18.56 -28.31
N ASP A 321 -56.24 -19.28 -27.36
CA ASP A 321 -57.63 -19.71 -27.51
C ASP A 321 -58.57 -18.50 -27.55
N LEU A 322 -58.30 -17.48 -26.74
CA LEU A 322 -59.13 -16.28 -26.77
C LEU A 322 -59.00 -15.56 -28.11
N LEU A 323 -57.78 -15.50 -28.66
CA LEU A 323 -57.60 -14.88 -29.98
C LEU A 323 -58.34 -15.67 -31.06
N GLU A 324 -58.29 -17.00 -30.98
CA GLU A 324 -59.02 -17.83 -31.95
C GLU A 324 -60.53 -17.61 -31.82
N ARG A 325 -61.02 -17.50 -30.58
CA ARG A 325 -62.43 -17.21 -30.37
C ARG A 325 -62.81 -15.85 -30.95
N PHE A 326 -61.96 -14.83 -30.73
CA PHE A 326 -62.25 -13.51 -31.27
C PHE A 326 -62.27 -13.54 -32.80
N ARG A 327 -61.33 -14.27 -33.40
CA ARG A 327 -61.32 -14.40 -34.86
C ARG A 327 -62.58 -15.08 -35.37
N THR A 328 -62.93 -16.23 -34.80
CA THR A 328 -64.08 -16.99 -35.30
C THR A 328 -65.40 -16.34 -34.93
N THR A 329 -65.39 -15.37 -34.02
CA THR A 329 -66.62 -14.66 -33.67
C THR A 329 -66.82 -13.40 -34.49
N MET A 330 -65.74 -12.64 -34.74
CA MET A 330 -65.85 -11.33 -35.36
C MET A 330 -65.08 -11.18 -36.67
N LEU A 331 -64.10 -12.02 -36.94
CA LEU A 331 -63.22 -11.85 -38.11
C LEU A 331 -63.50 -12.87 -39.20
N GLN A 332 -64.74 -13.35 -39.31
CA GLN A 332 -65.11 -14.28 -40.37
C GLN A 332 -65.70 -13.59 -41.59
N ASP A 333 -65.76 -12.26 -41.61
CA ASP A 333 -66.35 -11.52 -42.72
C ASP A 333 -65.37 -10.55 -43.38
N SER A 334 -64.10 -10.58 -42.99
CA SER A 334 -63.13 -9.63 -43.51
C SER A 334 -61.79 -10.33 -43.72
N ILE A 335 -60.95 -9.72 -44.55
CA ILE A 335 -59.62 -10.26 -44.81
C ILE A 335 -58.77 -10.13 -43.56
N HIS A 336 -58.13 -11.23 -43.16
CA HIS A 336 -57.35 -11.25 -41.92
C HIS A 336 -56.21 -12.24 -42.07
N VAL A 337 -55.07 -11.90 -41.46
CA VAL A 337 -53.86 -12.70 -41.51
C VAL A 337 -53.45 -13.05 -40.09
N VAL A 338 -53.17 -14.32 -39.85
CA VAL A 338 -52.77 -14.82 -38.53
C VAL A 338 -51.33 -15.30 -38.63
N ILE A 339 -50.48 -14.81 -37.73
CA ILE A 339 -49.08 -15.19 -37.65
C ILE A 339 -48.83 -15.76 -36.27
N ASN A 340 -48.45 -17.03 -36.20
CA ASN A 340 -48.16 -17.69 -34.92
C ASN A 340 -46.65 -17.72 -34.72
N GLY A 341 -46.11 -16.56 -34.33
CA GLY A 341 -44.68 -16.32 -34.28
C GLY A 341 -43.91 -17.25 -33.37
N PHE A 342 -44.58 -18.00 -32.50
CA PHE A 342 -43.88 -18.95 -31.64
C PHE A 342 -43.18 -20.04 -32.42
N PHE A 343 -43.57 -20.25 -33.68
CA PHE A 343 -42.89 -21.22 -34.53
C PHE A 343 -41.50 -20.70 -34.86
N PRO A 344 -40.43 -21.45 -34.55
CA PRO A 344 -39.07 -20.91 -34.71
C PRO A 344 -38.63 -20.73 -36.15
N GLY A 345 -39.45 -21.10 -37.13
CA GLY A 345 -39.10 -20.95 -38.53
C GLY A 345 -39.68 -19.74 -39.22
N ILE A 346 -40.37 -18.86 -38.49
CA ILE A 346 -41.00 -17.70 -39.11
C ILE A 346 -40.00 -16.56 -39.18
N SER A 347 -39.99 -15.86 -40.31
CA SER A 347 -39.17 -14.68 -40.53
C SER A 347 -40.03 -13.59 -41.16
N VAL A 348 -39.58 -12.34 -41.04
CA VAL A 348 -40.34 -11.22 -41.57
C VAL A 348 -40.46 -11.32 -43.09
N LYS A 349 -39.41 -11.82 -43.74
CA LYS A 349 -39.47 -11.97 -45.19
C LYS A 349 -40.55 -12.96 -45.60
N SER A 350 -40.77 -14.00 -44.78
CA SER A 350 -41.86 -14.93 -45.06
C SER A 350 -43.21 -14.25 -45.00
N VAL A 351 -43.42 -13.39 -43.99
CA VAL A 351 -44.67 -12.66 -43.89
C VAL A 351 -44.85 -11.74 -45.09
N LEU A 352 -43.77 -11.06 -45.49
CA LEU A 352 -43.86 -10.18 -46.65
C LEU A 352 -44.18 -10.96 -47.92
N ASN A 353 -43.56 -12.12 -48.11
CA ASN A 353 -43.86 -12.94 -49.28
C ASN A 353 -45.32 -13.40 -49.27
N SER A 354 -45.82 -13.82 -48.12
CA SER A 354 -47.22 -14.24 -48.03
C SER A 354 -48.17 -13.10 -48.37
N ILE A 355 -47.90 -11.90 -47.82
CA ILE A 355 -48.75 -10.75 -48.10
C ILE A 355 -48.73 -10.42 -49.58
N THR A 356 -47.53 -10.41 -50.18
CA THR A 356 -47.43 -10.09 -51.60
C THR A 356 -48.12 -11.14 -52.46
N GLU A 357 -48.00 -12.42 -52.11
CA GLU A 357 -48.53 -13.47 -52.98
C GLU A 357 -50.04 -13.60 -52.88
N GLU A 358 -50.63 -13.29 -51.72
CA GLU A 358 -52.07 -13.46 -51.59
C GLU A 358 -52.85 -12.15 -51.50
N VAL A 359 -52.42 -11.23 -50.63
CA VAL A 359 -53.17 -9.98 -50.44
C VAL A 359 -53.19 -9.18 -51.73
N LEU A 360 -52.04 -9.07 -52.39
CA LEU A 360 -51.93 -8.35 -53.65
C LEU A 360 -51.82 -9.27 -54.86
N ASP A 361 -51.73 -10.58 -54.63
CA ASP A 361 -51.70 -11.58 -55.70
C ASP A 361 -50.57 -11.29 -56.71
N HIS A 362 -49.39 -11.00 -56.18
CA HIS A 362 -48.22 -10.71 -56.98
C HIS A 362 -47.21 -11.84 -56.83
N MET A 363 -46.65 -12.29 -57.96
CA MET A 363 -45.70 -13.39 -57.97
C MET A 363 -44.26 -12.95 -58.21
N GLY A 364 -44.04 -11.78 -58.79
CA GLY A 364 -42.70 -11.31 -59.10
C GLY A 364 -41.80 -11.18 -57.89
N THR A 365 -40.58 -11.70 -58.02
CA THR A 365 -39.62 -11.65 -56.92
C THR A 365 -39.13 -10.23 -56.68
N PHE A 366 -38.57 -10.00 -55.50
CA PHE A 366 -38.09 -8.70 -55.08
C PHE A 366 -36.59 -8.74 -54.83
N ARG A 367 -35.90 -7.69 -55.27
CA ARG A 367 -34.45 -7.65 -55.12
C ARG A 367 -34.02 -7.46 -53.67
N SER A 368 -34.83 -6.74 -52.87
CA SER A 368 -34.49 -6.50 -51.48
C SER A 368 -35.78 -6.39 -50.66
N ILE A 369 -35.62 -6.57 -49.34
CA ILE A 369 -36.76 -6.44 -48.43
C ILE A 369 -37.28 -5.01 -48.45
N LEU A 370 -36.37 -4.03 -48.45
CA LEU A 370 -36.78 -2.63 -48.46
C LEU A 370 -37.55 -2.28 -49.73
N ASP A 371 -37.12 -2.82 -50.87
CA ASP A 371 -37.85 -2.58 -52.12
C ASP A 371 -39.26 -3.17 -52.04
N GLN A 372 -39.39 -4.37 -51.45
CA GLN A 372 -40.70 -4.98 -51.26
C GLN A 372 -41.57 -4.10 -50.38
N LEU A 373 -41.01 -3.56 -49.29
CA LEU A 373 -41.75 -2.68 -48.42
C LEU A 373 -42.20 -1.41 -49.15
N ASP A 374 -41.31 -0.84 -49.97
CA ASP A 374 -41.66 0.34 -50.73
C ASP A 374 -42.81 0.05 -51.69
N TRP A 375 -42.75 -1.10 -52.38
CA TRP A 375 -43.83 -1.46 -53.29
C TRP A 375 -45.15 -1.63 -52.54
N ILE A 376 -45.11 -2.32 -51.40
CA ILE A 376 -46.33 -2.56 -50.63
C ILE A 376 -46.93 -1.23 -50.13
N VAL A 377 -46.08 -0.35 -49.61
CA VAL A 377 -46.56 0.94 -49.10
C VAL A 377 -47.16 1.76 -50.22
N ASN A 378 -46.50 1.80 -51.38
CA ASN A 378 -47.02 2.56 -52.50
C ASN A 378 -48.35 1.98 -52.99
N LYS A 379 -48.45 0.65 -53.04
CA LYS A 379 -49.69 0.02 -53.49
C LYS A 379 -50.84 0.31 -52.53
N PHE A 380 -50.57 0.24 -51.22
CA PHE A 380 -51.63 0.49 -50.24
C PHE A 380 -52.00 1.96 -50.19
N LYS A 381 -51.05 2.86 -50.44
CA LYS A 381 -51.39 4.28 -50.53
C LYS A 381 -52.21 4.57 -51.77
N GLU A 382 -51.91 3.89 -52.88
CA GLU A 382 -52.67 4.11 -54.11
C GLU A 382 -54.09 3.56 -54.00
N ASP A 383 -54.27 2.43 -53.33
CA ASP A 383 -55.57 1.79 -53.18
C ASP A 383 -56.06 1.98 -51.76
N SER A 384 -57.01 2.89 -51.57
CA SER A 384 -57.57 3.20 -50.26
C SER A 384 -58.71 2.28 -49.87
N SER A 385 -59.09 1.34 -50.74
CA SER A 385 -60.21 0.44 -50.47
C SER A 385 -59.77 -0.88 -49.85
N LEU A 386 -58.50 -1.04 -49.53
CA LEU A 386 -57.97 -2.29 -48.99
C LEU A 386 -57.79 -2.17 -47.49
N GLU A 387 -58.37 -3.11 -46.74
CA GLU A 387 -58.26 -3.17 -45.29
C GLU A 387 -57.78 -4.56 -44.89
N LEU A 388 -56.76 -4.61 -44.04
CA LEU A 388 -56.14 -5.86 -43.64
C LEU A 388 -56.03 -5.93 -42.12
N PHE A 389 -56.25 -7.11 -41.57
CA PHE A 389 -56.15 -7.36 -40.14
C PHE A 389 -55.00 -8.31 -39.87
N LEU A 390 -54.19 -7.99 -38.86
CA LEU A 390 -53.03 -8.79 -38.48
C LEU A 390 -53.25 -9.39 -37.10
N LEU A 391 -52.99 -10.69 -36.98
CA LEU A 391 -53.09 -11.41 -35.71
C LEU A 391 -51.77 -12.13 -35.47
N ILE A 392 -50.93 -11.56 -34.62
CA ILE A 392 -49.58 -12.09 -34.37
C ILE A 392 -49.55 -12.74 -33.01
N HIS A 393 -49.15 -14.00 -32.97
CA HIS A 393 -48.99 -14.75 -31.73
C HIS A 393 -47.54 -14.72 -31.30
N ASN A 394 -47.30 -14.37 -30.03
CA ASN A 394 -45.97 -14.37 -29.43
C ASN A 394 -45.02 -13.46 -30.22
N LEU A 395 -45.35 -12.16 -30.16
CA LEU A 395 -44.51 -11.15 -30.82
C LEU A 395 -43.10 -11.10 -30.26
N ASP A 396 -42.89 -11.65 -29.05
CA ASP A 396 -41.57 -11.65 -28.41
C ASP A 396 -40.74 -12.88 -28.78
N SER A 397 -41.00 -13.48 -29.93
CA SER A 397 -40.27 -14.68 -30.35
C SER A 397 -38.82 -14.34 -30.63
N GLN A 398 -37.96 -15.37 -30.53
CA GLN A 398 -36.54 -15.19 -30.75
C GLN A 398 -36.25 -14.68 -32.16
N MET A 399 -36.99 -15.17 -33.16
CA MET A 399 -36.76 -14.78 -34.54
C MET A 399 -37.31 -13.39 -34.86
N LEU A 400 -38.20 -12.85 -34.04
CA LEU A 400 -38.78 -11.53 -34.29
C LEU A 400 -38.22 -10.46 -33.37
N ARG A 401 -37.14 -10.75 -32.62
CA ARG A 401 -36.54 -9.74 -31.76
C ARG A 401 -35.57 -8.83 -32.49
N GLY A 402 -35.34 -9.05 -33.78
CA GLY A 402 -34.47 -8.16 -34.52
C GLY A 402 -35.05 -6.74 -34.56
N GLU A 403 -34.15 -5.76 -34.43
CA GLU A 403 -34.58 -4.37 -34.48
C GLU A 403 -35.20 -4.01 -35.82
N LYS A 404 -34.59 -4.51 -36.91
CA LYS A 404 -35.15 -4.27 -38.24
C LYS A 404 -36.51 -4.93 -38.39
N SER A 405 -36.72 -6.09 -37.78
CA SER A 405 -38.02 -6.75 -37.83
C SER A 405 -39.11 -5.85 -37.25
N GLN A 406 -38.91 -5.35 -36.04
CA GLN A 406 -39.90 -4.50 -35.41
C GLN A 406 -40.03 -3.17 -36.14
N GLN A 407 -38.94 -2.64 -36.69
CA GLN A 407 -39.03 -1.42 -37.48
C GLN A 407 -39.91 -1.63 -38.70
N ILE A 408 -39.73 -2.76 -39.40
CA ILE A 408 -40.54 -3.06 -40.57
C ILE A 408 -42.01 -3.21 -40.19
N ILE A 409 -42.27 -3.93 -39.10
CA ILE A 409 -43.65 -4.14 -38.67
C ILE A 409 -44.30 -2.82 -38.27
N GLY A 410 -43.54 -1.95 -37.59
CA GLY A 410 -44.08 -0.65 -37.21
C GLY A 410 -44.35 0.24 -38.41
N GLN A 411 -43.44 0.22 -39.40
CA GLN A 411 -43.66 0.99 -40.61
C GLN A 411 -44.90 0.49 -41.35
N LEU A 412 -45.10 -0.82 -41.38
CA LEU A 412 -46.32 -1.37 -41.96
C LEU A 412 -47.55 -0.94 -41.19
N SER A 413 -47.48 -0.97 -39.85
CA SER A 413 -48.63 -0.63 -39.03
C SER A 413 -48.91 0.87 -38.99
N SER A 414 -47.97 1.70 -39.44
CA SER A 414 -48.20 3.14 -39.45
C SER A 414 -49.34 3.53 -40.39
N LEU A 415 -49.62 2.72 -41.40
CA LEU A 415 -50.74 2.99 -42.29
C LEU A 415 -52.07 2.86 -41.56
N HIS A 416 -53.05 3.66 -42.00
CA HIS A 416 -54.38 3.63 -41.41
C HIS A 416 -55.25 2.52 -41.97
N ASN A 417 -54.77 1.77 -42.95
CA ASN A 417 -55.53 0.69 -43.55
C ASN A 417 -55.11 -0.69 -43.05
N ILE A 418 -54.31 -0.74 -41.98
CA ILE A 418 -53.81 -1.99 -41.43
C ILE A 418 -54.10 -2.01 -39.93
N TYR A 419 -54.59 -3.14 -39.43
CA TYR A 419 -54.98 -3.30 -38.04
C TYR A 419 -54.16 -4.41 -37.41
N LEU A 420 -53.69 -4.19 -36.19
CA LEU A 420 -52.71 -5.06 -35.55
C LEU A 420 -53.18 -5.45 -34.15
N ILE A 421 -53.16 -6.75 -33.88
CA ILE A 421 -53.38 -7.30 -32.54
C ILE A 421 -52.16 -8.15 -32.20
N ALA A 422 -51.53 -7.87 -31.06
CA ALA A 422 -50.30 -8.54 -30.65
C ALA A 422 -50.43 -9.07 -29.23
N SER A 423 -49.55 -10.00 -28.89
CA SER A 423 -49.50 -10.62 -27.57
C SER A 423 -48.07 -10.59 -27.05
N ILE A 424 -47.94 -10.39 -25.74
CA ILE A 424 -46.64 -10.35 -25.07
C ILE A 424 -46.60 -11.47 -24.03
N ASP A 425 -45.52 -12.27 -24.08
CA ASP A 425 -45.29 -13.32 -23.09
C ASP A 425 -43.92 -13.23 -22.43
N HIS A 426 -43.05 -12.34 -22.88
CA HIS A 426 -41.72 -12.18 -22.32
C HIS A 426 -41.65 -10.95 -21.43
N LEU A 427 -40.80 -11.01 -20.42
CA LEU A 427 -40.77 -9.95 -19.41
C LEU A 427 -40.17 -8.65 -19.95
N ASN A 428 -39.10 -8.76 -20.74
CA ASN A 428 -38.37 -7.59 -21.23
C ASN A 428 -38.91 -7.07 -22.54
N ALA A 429 -40.18 -7.31 -22.85
CA ALA A 429 -40.78 -6.80 -24.08
C ALA A 429 -40.72 -5.27 -24.21
N PRO A 430 -41.01 -4.46 -23.18
CA PRO A 430 -41.02 -3.00 -23.40
C PRO A 430 -39.70 -2.43 -23.90
N LEU A 431 -38.57 -3.11 -23.67
CA LEU A 431 -37.30 -2.66 -24.22
C LEU A 431 -37.25 -2.74 -25.74
N MET A 432 -38.19 -3.44 -26.37
CA MET A 432 -38.18 -3.55 -27.82
C MET A 432 -38.50 -2.23 -28.50
N TRP A 433 -39.35 -1.42 -27.88
CA TRP A 433 -39.94 -0.25 -28.53
C TRP A 433 -39.25 1.02 -28.07
N ASP A 434 -38.91 1.87 -29.04
CA ASP A 434 -38.32 3.18 -28.78
C ASP A 434 -39.41 4.26 -28.88
N HIS A 435 -39.03 5.50 -28.56
CA HIS A 435 -39.99 6.59 -28.56
C HIS A 435 -40.62 6.78 -29.95
N ALA A 436 -39.78 6.80 -30.99
CA ALA A 436 -40.31 6.88 -32.35
C ALA A 436 -41.14 5.66 -32.70
N LYS A 437 -40.66 4.47 -32.31
CA LYS A 437 -41.44 3.25 -32.53
C LYS A 437 -42.73 3.27 -31.72
N GLN A 438 -42.69 3.82 -30.52
CA GLN A 438 -43.92 3.96 -29.73
C GLN A 438 -44.93 4.86 -30.44
N SER A 439 -44.46 5.97 -31.01
CA SER A 439 -45.35 6.84 -31.77
C SER A 439 -45.91 6.14 -33.00
N LEU A 440 -45.07 5.38 -33.70
CA LEU A 440 -45.53 4.69 -34.91
C LEU A 440 -46.57 3.61 -34.59
N PHE A 441 -46.33 2.82 -33.54
CA PHE A 441 -47.23 1.70 -33.25
C PHE A 441 -48.57 2.18 -32.68
N ASN A 442 -48.55 3.22 -31.85
CA ASN A 442 -49.77 3.77 -31.26
C ASN A 442 -50.51 2.72 -30.44
N TRP A 443 -49.85 2.28 -29.37
CA TRP A 443 -50.32 1.14 -28.60
C TRP A 443 -51.39 1.51 -27.57
N LEU A 444 -52.32 0.58 -27.36
CA LEU A 444 -53.20 0.53 -26.21
C LEU A 444 -53.07 -0.83 -25.56
N TRP A 445 -53.24 -0.89 -24.25
CA TRP A 445 -52.96 -2.10 -23.49
C TRP A 445 -54.24 -2.62 -22.82
N TYR A 446 -54.31 -3.94 -22.70
CA TYR A 446 -55.41 -4.62 -22.02
C TYR A 446 -54.84 -5.79 -21.21
N GLU A 447 -55.21 -5.84 -19.93
CA GLU A 447 -54.78 -6.93 -19.05
C GLU A 447 -55.76 -8.08 -19.16
N THR A 448 -55.28 -9.22 -19.67
CA THR A 448 -56.12 -10.41 -19.86
C THR A 448 -55.32 -11.62 -19.40
N THR A 449 -55.58 -12.07 -18.18
CA THR A 449 -54.95 -13.25 -17.62
C THR A 449 -55.92 -14.42 -17.78
N THR A 450 -55.49 -15.45 -18.51
CA THR A 450 -56.36 -16.57 -18.83
C THR A 450 -56.01 -17.85 -18.08
N TYR A 451 -54.80 -17.94 -17.51
CA TYR A 451 -54.36 -19.08 -16.71
C TYR A 451 -54.32 -20.38 -17.51
N SER A 452 -54.37 -20.30 -18.84
CA SER A 452 -54.37 -21.49 -19.66
C SER A 452 -52.95 -22.03 -19.82
N PRO A 453 -52.77 -23.35 -19.82
CA PRO A 453 -51.44 -23.92 -20.03
C PRO A 453 -50.91 -23.61 -21.41
N TYR A 454 -49.59 -23.47 -21.51
CA TYR A 454 -48.92 -23.19 -22.77
C TYR A 454 -48.52 -24.48 -23.47
N THR A 455 -49.54 -25.27 -23.82
CA THR A 455 -49.28 -26.61 -24.38
C THR A 455 -48.69 -26.51 -25.77
N GLU A 456 -49.43 -25.91 -26.71
CA GLU A 456 -48.95 -25.85 -28.10
C GLU A 456 -47.68 -25.02 -28.21
N GLU A 457 -47.61 -23.89 -27.50
CA GLU A 457 -46.45 -23.02 -27.62
C GLU A 457 -45.17 -23.65 -27.08
N THR A 458 -45.29 -24.58 -26.13
CA THR A 458 -44.13 -25.34 -25.68
C THR A 458 -43.95 -26.65 -26.43
N SER A 459 -44.94 -27.07 -27.22
CA SER A 459 -44.83 -28.32 -27.96
C SER A 459 -43.80 -28.22 -29.07
N TYR A 460 -43.90 -27.19 -29.91
CA TYR A 460 -42.94 -27.03 -31.00
C TYR A 460 -41.53 -26.74 -30.47
N GLU A 461 -41.42 -26.14 -29.29
CA GLU A 461 -40.12 -25.85 -28.71
C GLU A 461 -39.43 -27.14 -28.30
N ASN A 462 -38.15 -27.26 -28.67
CA ASN A 462 -37.33 -28.42 -28.32
C ASN A 462 -36.40 -28.02 -27.18
N SER A 463 -36.68 -28.52 -25.98
CA SER A 463 -35.89 -28.20 -24.81
C SER A 463 -34.51 -28.86 -24.86
N PRO D 316 -32.09 -17.49 69.98
CA PRO D 316 -33.07 -18.55 70.25
C PRO D 316 -34.47 -18.19 69.76
N GLN D 317 -34.86 -16.93 69.91
CA GLN D 317 -36.15 -16.48 69.41
C GLN D 317 -36.20 -16.51 67.88
N GLU D 318 -35.07 -16.25 67.23
CA GLU D 318 -35.01 -16.34 65.78
C GLU D 318 -35.24 -17.76 65.28
N GLU D 319 -34.96 -18.77 66.09
CA GLU D 319 -35.32 -20.14 65.72
C GLU D 319 -36.83 -20.27 65.57
N GLU D 320 -37.59 -19.73 66.54
CA GLU D 320 -39.04 -19.75 66.43
C GLU D 320 -39.52 -18.94 65.25
N GLU D 321 -38.89 -17.78 65.00
CA GLU D 321 -39.28 -16.97 63.86
C GLU D 321 -39.07 -17.72 62.54
N PHE D 322 -37.92 -18.38 62.39
CA PHE D 322 -37.64 -19.14 61.19
C PHE D 322 -38.59 -20.32 61.04
N ARG D 323 -38.89 -21.00 62.15
CA ARG D 323 -39.82 -22.13 62.09
C ARG D 323 -41.21 -21.66 61.68
N ARG D 324 -41.67 -20.52 62.20
CA ARG D 324 -42.96 -19.98 61.80
C ARG D 324 -42.95 -19.56 60.33
N LEU D 325 -41.86 -18.94 59.88
CA LEU D 325 -41.78 -18.50 58.49
C LEU D 325 -41.80 -19.69 57.53
N ALA D 326 -41.08 -20.76 57.87
CA ALA D 326 -40.97 -21.93 57.00
C ALA D 326 -42.18 -22.85 57.09
N ALA D 327 -43.02 -22.70 58.10
CA ALA D 327 -44.20 -23.55 58.24
C ALA D 327 -45.37 -23.09 57.39
N LEU D 328 -45.28 -21.91 56.77
CA LEU D 328 -46.36 -21.40 55.96
C LEU D 328 -46.48 -22.21 54.67
N PRO D 329 -47.67 -22.24 54.06
CA PRO D 329 -47.83 -22.92 52.77
C PRO D 329 -47.31 -22.11 51.59
N ASN D 330 -46.91 -20.86 51.79
CA ASN D 330 -46.49 -19.98 50.69
C ASN D 330 -45.09 -19.44 50.89
N VAL D 331 -44.18 -20.27 51.43
CA VAL D 331 -42.79 -19.83 51.62
C VAL D 331 -42.12 -19.63 50.27
N TYR D 332 -42.42 -20.51 49.31
CA TYR D 332 -41.77 -20.43 48.00
C TYR D 332 -42.09 -19.11 47.31
N GLU D 333 -43.36 -18.70 47.32
CA GLU D 333 -43.75 -17.46 46.66
C GLU D 333 -43.14 -16.24 47.34
N VAL D 334 -43.12 -16.24 48.68
CA VAL D 334 -42.54 -15.12 49.42
C VAL D 334 -41.06 -15.00 49.12
N ILE D 335 -40.35 -16.13 49.11
CA ILE D 335 -38.91 -16.10 48.81
C ILE D 335 -38.68 -15.63 47.38
N SER D 336 -39.50 -16.12 46.43
CA SER D 336 -39.34 -15.69 45.04
C SER D 336 -39.57 -14.20 44.89
N LYS D 337 -40.57 -13.65 45.58
CA LYS D 337 -40.80 -12.22 45.54
C LYS D 337 -39.69 -11.44 46.23
N SER D 338 -39.04 -12.05 47.22
CA SER D 338 -37.95 -11.38 47.93
C SER D 338 -36.69 -11.27 47.10
N ILE D 339 -36.58 -12.04 46.03
CA ILE D 339 -35.38 -12.03 45.17
C ILE D 339 -35.55 -10.89 44.17
N ALA D 340 -34.84 -9.78 44.42
CA ALA D 340 -34.78 -8.62 43.53
C ALA D 340 -36.16 -8.10 43.17
N PRO D 341 -36.91 -7.53 44.12
CA PRO D 341 -38.22 -6.95 43.77
C PRO D 341 -38.11 -5.76 42.82
N SER D 342 -36.95 -5.11 42.74
CA SER D 342 -36.78 -3.97 41.86
C SER D 342 -36.82 -4.37 40.39
N ILE D 343 -36.29 -5.53 40.05
CA ILE D 343 -36.17 -5.94 38.65
C ILE D 343 -37.53 -6.42 38.15
N PHE D 344 -37.96 -5.87 37.01
CA PHE D 344 -39.23 -6.24 36.40
C PHE D 344 -39.12 -7.61 35.73
N GLY D 345 -40.12 -8.45 35.96
CA GLY D 345 -40.17 -9.75 35.31
C GLY D 345 -39.15 -10.74 35.85
N GLY D 346 -38.96 -11.80 35.08
CA GLY D 346 -38.02 -12.86 35.46
C GLY D 346 -38.41 -13.64 36.69
N THR D 347 -39.69 -13.98 36.82
CA THR D 347 -40.15 -14.75 37.99
C THR D 347 -39.48 -16.12 38.03
N ASP D 348 -39.39 -16.80 36.89
CA ASP D 348 -38.72 -18.10 36.84
C ASP D 348 -37.25 -17.96 37.19
N MET D 349 -36.60 -16.90 36.68
CA MET D 349 -35.20 -16.66 37.01
C MET D 349 -35.03 -16.38 38.50
N LYS D 350 -35.95 -15.62 39.10
CA LYS D 350 -35.89 -15.36 40.53
C LYS D 350 -36.05 -16.64 41.33
N LYS D 351 -36.97 -17.51 40.93
CA LYS D 351 -37.15 -18.78 41.63
C LYS D 351 -35.91 -19.66 41.50
N ALA D 352 -35.31 -19.69 40.31
CA ALA D 352 -34.08 -20.45 40.11
C ALA D 352 -32.95 -19.90 40.97
N ILE D 353 -32.84 -18.56 41.06
CA ILE D 353 -31.82 -17.95 41.90
C ILE D 353 -32.05 -18.30 43.37
N ALA D 354 -33.32 -18.30 43.80
CA ALA D 354 -33.62 -18.64 45.18
C ALA D 354 -33.23 -20.08 45.50
N CYS D 355 -33.61 -21.01 44.63
CA CYS D 355 -33.28 -22.41 44.89
C CYS D 355 -31.78 -22.66 44.77
N LEU D 356 -31.09 -21.89 43.93
CA LEU D 356 -29.64 -21.93 43.91
C LEU D 356 -29.04 -21.45 45.22
N LEU D 357 -29.59 -20.37 45.77
CA LEU D 357 -29.11 -19.85 47.05
C LEU D 357 -29.30 -20.86 48.16
N PHE D 358 -30.47 -21.52 48.20
CA PHE D 358 -30.67 -22.58 49.19
C PHE D 358 -29.75 -23.76 48.92
N GLY D 359 -29.66 -24.20 47.68
CA GLY D 359 -28.74 -25.26 47.31
C GLY D 359 -29.15 -26.64 47.79
N GLY D 360 -28.44 -27.66 47.34
CA GLY D 360 -28.71 -29.03 47.72
C GLY D 360 -27.87 -29.48 48.90
N SER D 361 -27.73 -30.79 49.02
CA SER D 361 -26.96 -31.41 50.09
C SER D 361 -25.94 -32.36 49.51
N ARG D 362 -24.73 -32.33 50.07
CA ARG D 362 -23.67 -33.24 49.65
C ARG D 362 -23.76 -34.55 50.42
N LYS D 363 -23.42 -35.65 49.73
CA LYS D 363 -23.48 -36.98 50.30
C LYS D 363 -22.17 -37.71 50.02
N ARG D 364 -21.65 -38.39 51.02
CA ARG D 364 -20.47 -39.22 50.88
C ARG D 364 -20.87 -40.68 50.71
N LEU D 365 -19.91 -41.50 50.29
CA LEU D 365 -20.13 -42.91 50.05
C LEU D 365 -19.08 -43.73 50.77
N PRO D 366 -19.39 -44.99 51.12
CA PRO D 366 -18.38 -45.85 51.76
C PRO D 366 -17.13 -46.05 50.92
N ASP D 367 -17.27 -46.05 49.59
CA ASP D 367 -16.11 -46.22 48.72
C ASP D 367 -15.19 -45.01 48.71
N GLY D 368 -15.62 -43.88 49.28
CA GLY D 368 -14.82 -42.68 49.34
C GLY D 368 -15.18 -41.63 48.31
N LEU D 369 -15.98 -41.97 47.30
CA LEU D 369 -16.36 -41.01 46.29
C LEU D 369 -17.35 -39.99 46.85
N THR D 370 -17.31 -38.78 46.30
CA THR D 370 -18.16 -37.69 46.72
C THR D 370 -18.97 -37.17 45.54
N ARG D 371 -20.18 -36.68 45.82
CA ARG D 371 -21.06 -36.13 44.80
C ARG D 371 -21.36 -34.68 45.14
N ARG D 372 -21.38 -33.84 44.11
CA ARG D 372 -21.55 -32.40 44.30
C ARG D 372 -22.92 -32.09 44.90
N GLY D 373 -22.93 -31.25 45.92
CA GLY D 373 -24.17 -30.82 46.55
C GLY D 373 -24.50 -29.37 46.22
N ASP D 374 -23.86 -28.83 45.18
CA ASP D 374 -24.04 -27.45 44.77
C ASP D 374 -24.57 -27.41 43.34
N ILE D 375 -25.30 -26.33 43.03
CA ILE D 375 -25.93 -26.15 41.73
C ILE D 375 -25.13 -25.12 40.94
N ASN D 376 -25.00 -25.35 39.64
CA ASN D 376 -24.33 -24.43 38.73
C ASN D 376 -25.29 -24.01 37.62
N LEU D 377 -25.36 -22.71 37.36
CA LEU D 377 -26.28 -22.16 36.39
C LEU D 377 -25.53 -21.29 35.39
N LEU D 378 -26.06 -21.22 34.18
CA LEU D 378 -25.49 -20.42 33.10
C LEU D 378 -26.59 -19.56 32.47
N MET D 379 -26.25 -18.31 32.14
CA MET D 379 -27.19 -17.38 31.56
C MET D 379 -26.62 -16.82 30.26
N LEU D 380 -27.43 -16.79 29.22
CA LEU D 380 -27.06 -16.22 27.93
C LEU D 380 -28.15 -15.24 27.49
N GLY D 381 -27.73 -14.12 26.93
CA GLY D 381 -28.70 -13.13 26.47
C GLY D 381 -28.01 -11.90 25.94
N ASP D 382 -28.82 -11.04 25.33
CA ASP D 382 -28.32 -9.79 24.79
C ASP D 382 -27.97 -8.83 25.92
N PRO D 383 -27.05 -7.90 25.67
CA PRO D 383 -26.74 -6.89 26.69
C PRO D 383 -27.97 -6.04 27.02
N GLY D 384 -28.08 -5.67 28.29
CA GLY D 384 -29.20 -4.89 28.77
C GLY D 384 -30.33 -5.68 29.37
N THR D 385 -30.14 -6.97 29.65
CA THR D 385 -31.17 -7.81 30.25
C THR D 385 -31.05 -7.90 31.77
N ALA D 386 -30.26 -7.02 32.38
CA ALA D 386 -30.11 -6.95 33.84
C ALA D 386 -29.57 -8.27 34.40
N LYS D 387 -28.39 -8.65 33.93
CA LYS D 387 -27.69 -9.81 34.45
C LYS D 387 -26.72 -9.45 35.56
N SER D 388 -25.94 -8.38 35.37
CA SER D 388 -25.01 -7.94 36.39
C SER D 388 -25.74 -7.50 37.66
N GLN D 389 -26.92 -6.89 37.52
CA GLN D 389 -27.71 -6.52 38.69
C GLN D 389 -28.13 -7.75 39.47
N LEU D 390 -28.56 -8.81 38.76
CA LEU D 390 -28.91 -10.06 39.43
C LEU D 390 -27.70 -10.67 40.14
N LEU D 391 -26.53 -10.65 39.49
CA LEU D 391 -25.34 -11.18 40.14
C LEU D 391 -24.97 -10.38 41.38
N LYS D 392 -25.08 -9.05 41.31
CA LYS D 392 -24.79 -8.21 42.47
C LYS D 392 -25.77 -8.49 43.61
N PHE D 393 -27.05 -8.66 43.28
CA PHE D 393 -28.04 -8.98 44.32
C PHE D 393 -27.75 -10.33 44.95
N VAL D 394 -27.36 -11.32 44.14
CA VAL D 394 -27.03 -12.64 44.67
C VAL D 394 -25.82 -12.55 45.58
N GLU D 395 -24.80 -11.79 45.18
CA GLU D 395 -23.61 -11.62 46.01
C GLU D 395 -23.95 -10.93 47.32
N LYS D 396 -24.81 -9.91 47.28
CA LYS D 396 -25.22 -9.21 48.49
C LYS D 396 -26.00 -10.12 49.43
N CYS D 397 -26.92 -10.93 48.87
CA CYS D 397 -27.82 -11.72 49.71
C CYS D 397 -27.12 -12.95 50.29
N SER D 398 -26.22 -13.57 49.53
CA SER D 398 -25.59 -14.80 49.98
C SER D 398 -24.69 -14.53 51.19
N PRO D 399 -24.66 -15.44 52.18
CA PRO D 399 -23.75 -15.25 53.32
C PRO D 399 -22.30 -15.17 52.90
N ILE D 400 -21.89 -15.96 51.90
CA ILE D 400 -20.55 -15.90 51.33
C ILE D 400 -20.71 -15.70 49.84
N GLY D 401 -20.08 -14.66 49.31
CA GLY D 401 -20.22 -14.34 47.89
C GLY D 401 -18.99 -13.71 47.28
N VAL D 402 -18.62 -14.18 46.09
CA VAL D 402 -17.49 -13.65 45.34
C VAL D 402 -17.98 -13.25 43.96
N TYR D 403 -17.58 -12.07 43.50
CA TYR D 403 -17.96 -11.55 42.19
C TYR D 403 -16.68 -11.38 41.37
N THR D 404 -16.64 -12.02 40.20
CA THR D 404 -15.47 -11.98 39.33
C THR D 404 -15.87 -11.52 37.94
N SER D 405 -14.88 -11.04 37.20
CA SER D 405 -15.07 -10.57 35.83
C SER D 405 -14.68 -11.61 34.80
N GLY D 406 -14.41 -12.84 35.21
CA GLY D 406 -14.05 -13.89 34.28
C GLY D 406 -12.64 -14.42 34.49
N MET D 434 -12.11 -18.85 44.25
CA MET D 434 -12.68 -20.16 44.48
C MET D 434 -12.24 -20.72 45.83
N VAL D 435 -10.95 -20.58 46.13
CA VAL D 435 -10.42 -21.07 47.40
C VAL D 435 -11.02 -20.31 48.58
N LEU D 436 -11.12 -18.99 48.45
CA LEU D 436 -11.63 -18.16 49.54
C LEU D 436 -13.11 -18.38 49.81
N ALA D 437 -13.84 -19.02 48.91
CA ALA D 437 -15.26 -19.29 49.08
C ALA D 437 -15.46 -20.75 49.45
N ASP D 438 -16.17 -21.00 50.54
CA ASP D 438 -16.45 -22.35 51.02
C ASP D 438 -17.94 -22.45 51.33
N GLY D 439 -18.68 -23.09 50.43
CA GLY D 439 -20.12 -23.21 50.59
C GLY D 439 -20.92 -22.01 50.14
N GLY D 440 -20.28 -21.00 49.56
CA GLY D 440 -20.95 -19.80 49.09
C GLY D 440 -21.28 -19.85 47.62
N VAL D 441 -21.47 -18.67 47.04
CA VAL D 441 -21.83 -18.51 45.65
C VAL D 441 -20.80 -17.61 44.98
N VAL D 442 -20.30 -18.03 43.82
CA VAL D 442 -19.33 -17.27 43.05
C VAL D 442 -20.00 -16.86 41.73
N CYS D 443 -20.05 -15.55 41.49
CA CYS D 443 -20.64 -15.00 40.27
C CYS D 443 -19.53 -14.64 39.30
N ILE D 444 -19.66 -15.10 38.04
CA ILE D 444 -18.64 -14.89 37.02
C ILE D 444 -19.31 -14.20 35.84
N ASP D 445 -18.91 -12.96 35.57
CA ASP D 445 -19.34 -12.24 34.38
C ASP D 445 -18.31 -12.43 33.26
N GLU D 446 -18.77 -12.21 32.03
CA GLU D 446 -17.94 -12.35 30.84
C GLU D 446 -17.29 -13.74 30.77
N PHE D 447 -18.15 -14.76 30.73
CA PHE D 447 -17.67 -16.13 30.72
C PHE D 447 -16.92 -16.47 29.43
N ASP D 448 -17.13 -15.70 28.36
CA ASP D 448 -16.44 -15.94 27.11
C ASP D 448 -14.94 -15.68 27.23
N SER D 480 -12.85 -27.36 47.10
CA SER D 480 -13.60 -26.16 46.73
C SER D 480 -15.08 -26.47 46.54
N ARG D 481 -15.88 -26.21 47.57
CA ARG D 481 -17.31 -26.45 47.55
C ARG D 481 -17.99 -25.10 47.26
N CYS D 482 -18.09 -24.77 45.97
CA CYS D 482 -18.60 -23.47 45.55
C CYS D 482 -19.71 -23.66 44.52
N SER D 483 -20.81 -22.93 44.71
CA SER D 483 -21.84 -22.84 43.69
C SER D 483 -21.46 -21.80 42.66
N VAL D 484 -21.72 -22.09 41.39
CA VAL D 484 -21.27 -21.26 40.28
C VAL D 484 -22.50 -20.66 39.59
N LEU D 485 -22.51 -19.35 39.44
CA LEU D 485 -23.53 -18.62 38.69
C LEU D 485 -22.81 -17.81 37.62
N ALA D 486 -23.01 -18.17 36.36
CA ALA D 486 -22.26 -17.59 35.26
C ALA D 486 -23.18 -16.84 34.31
N ALA D 487 -22.67 -15.73 33.78
CA ALA D 487 -23.35 -14.94 32.78
C ALA D 487 -22.43 -14.71 31.59
N ALA D 488 -22.98 -14.76 30.39
CA ALA D 488 -22.19 -14.62 29.17
C ALA D 488 -23.06 -14.01 28.08
N ASN D 489 -22.40 -13.53 27.03
CA ASN D 489 -23.05 -12.85 25.92
C ASN D 489 -23.00 -13.73 24.67
N SER D 490 -23.82 -13.35 23.68
CA SER D 490 -23.88 -14.08 22.43
C SER D 490 -22.57 -13.94 21.66
N VAL D 491 -22.32 -14.93 20.80
CA VAL D 491 -21.09 -14.93 20.01
C VAL D 491 -21.04 -13.75 19.07
N PHE D 492 -22.14 -13.47 18.37
CA PHE D 492 -22.21 -12.35 17.44
C PHE D 492 -22.59 -11.04 18.10
N GLY D 493 -22.82 -11.03 19.41
CA GLY D 493 -23.23 -9.83 20.11
C GLY D 493 -24.72 -9.81 20.38
N ARG D 494 -25.51 -10.30 19.43
CA ARG D 494 -26.95 -10.39 19.59
C ARG D 494 -27.44 -11.74 19.05
N TRP D 495 -28.48 -12.26 19.68
CA TRP D 495 -28.98 -13.58 19.33
C TRP D 495 -29.65 -13.57 17.97
N ASP D 496 -29.44 -14.64 17.20
CA ASP D 496 -30.07 -14.83 15.91
C ASP D 496 -31.03 -16.02 16.03
N GLU D 497 -32.33 -15.75 15.87
CA GLU D 497 -33.31 -16.80 16.07
C GLU D 497 -33.33 -17.79 14.91
N THR D 498 -33.20 -17.29 13.68
CA THR D 498 -33.28 -18.16 12.51
C THR D 498 -32.11 -19.15 12.47
N LYS D 499 -30.91 -18.69 12.82
CA LYS D 499 -29.74 -19.57 12.74
C LYS D 499 -29.81 -20.71 13.74
N GLY D 500 -30.52 -20.54 14.84
CA GLY D 500 -30.65 -21.59 15.83
C GLY D 500 -29.38 -21.85 16.61
N GLU D 501 -28.71 -22.97 16.32
CA GLU D 501 -27.50 -23.35 17.03
C GLU D 501 -26.33 -22.49 16.56
N ASP D 502 -25.12 -22.85 16.99
CA ASP D 502 -23.86 -22.16 16.70
C ASP D 502 -23.78 -20.78 17.32
N ASN D 503 -24.70 -20.42 18.21
CA ASN D 503 -24.66 -19.15 18.91
C ASN D 503 -23.91 -19.24 20.24
N ILE D 504 -23.45 -20.42 20.62
CA ILE D 504 -22.74 -20.62 21.88
C ILE D 504 -21.34 -21.13 21.55
N ASP D 505 -20.32 -20.44 22.07
CA ASP D 505 -18.94 -20.80 21.80
C ASP D 505 -18.40 -21.87 22.73
N PHE D 506 -19.04 -22.10 23.87
CA PHE D 506 -18.53 -23.06 24.84
C PHE D 506 -18.70 -24.48 24.32
N MET D 507 -17.71 -25.32 24.58
CA MET D 507 -17.75 -26.71 24.16
C MET D 507 -18.79 -27.49 24.97
N PRO D 508 -19.32 -28.58 24.41
CA PRO D 508 -20.30 -29.37 25.17
C PRO D 508 -19.76 -29.94 26.48
N THR D 509 -18.45 -30.20 26.55
CA THR D 509 -17.89 -30.77 27.77
C THR D 509 -18.02 -29.83 28.95
N ILE D 510 -17.72 -28.55 28.74
CA ILE D 510 -17.86 -27.57 29.82
C ILE D 510 -19.32 -27.16 30.01
N LEU D 511 -20.15 -27.31 28.98
CA LEU D 511 -21.58 -26.98 29.11
C LEU D 511 -22.32 -28.02 29.93
N SER D 512 -21.83 -29.26 29.96
CA SER D 512 -22.50 -30.32 30.70
C SER D 512 -22.41 -30.11 32.21
N ARG D 513 -21.39 -29.39 32.69
CA ARG D 513 -21.25 -29.16 34.13
C ARG D 513 -22.39 -28.31 34.66
N PHE D 514 -22.82 -27.31 33.91
CA PHE D 514 -23.90 -26.43 34.36
C PHE D 514 -25.21 -27.21 34.47
N ASP D 515 -25.91 -27.02 35.58
CA ASP D 515 -27.16 -27.73 35.80
C ASP D 515 -28.26 -27.22 34.88
N MET D 516 -28.42 -25.90 34.79
CA MET D 516 -29.44 -25.29 33.95
C MET D 516 -28.83 -24.15 33.15
N ILE D 517 -29.35 -23.95 31.94
CA ILE D 517 -28.92 -22.88 31.04
C ILE D 517 -30.14 -22.08 30.63
N PHE D 518 -30.09 -20.77 30.81
CA PHE D 518 -31.19 -19.89 30.48
C PHE D 518 -30.81 -18.98 29.33
N ILE D 519 -31.77 -18.74 28.43
CA ILE D 519 -31.59 -17.87 27.28
C ILE D 519 -32.59 -16.72 27.38
N VAL D 520 -32.08 -15.50 27.27
CA VAL D 520 -32.87 -14.28 27.36
C VAL D 520 -32.76 -13.54 26.04
N LYS D 521 -33.89 -13.13 25.49
CA LYS D 521 -33.92 -12.38 24.24
C LYS D 521 -34.71 -11.10 24.42
N ASP D 522 -34.31 -10.07 23.66
CA ASP D 522 -34.94 -8.75 23.74
C ASP D 522 -36.30 -8.83 23.05
N GLU D 523 -37.31 -9.22 23.82
CA GLU D 523 -38.68 -9.32 23.30
C GLU D 523 -39.24 -7.91 23.15
N HIS D 524 -39.18 -7.39 21.93
CA HIS D 524 -39.57 -6.00 21.66
C HIS D 524 -41.09 -5.92 21.54
N ASN D 525 -41.74 -5.44 22.60
CA ASN D 525 -43.16 -5.16 22.59
C ASN D 525 -43.36 -3.69 22.96
N GLU D 526 -44.20 -2.98 22.19
CA GLU D 526 -44.42 -1.57 22.46
C GLU D 526 -44.96 -1.34 23.86
N GLU D 527 -46.01 -2.09 24.23
CA GLU D 527 -46.57 -1.97 25.58
C GLU D 527 -45.59 -2.44 26.64
N ARG D 528 -44.78 -3.46 26.35
CA ARG D 528 -43.79 -3.90 27.32
C ARG D 528 -42.71 -2.84 27.53
N ASP D 529 -42.30 -2.16 26.45
CA ASP D 529 -41.35 -1.06 26.60
C ASP D 529 -41.95 0.07 27.42
N VAL D 530 -43.23 0.39 27.19
CA VAL D 530 -43.88 1.43 27.99
C VAL D 530 -43.92 1.02 29.46
N MET D 531 -44.27 -0.24 29.73
CA MET D 531 -44.33 -0.71 31.11
C MET D 531 -42.94 -0.70 31.76
N LEU D 532 -41.90 -1.09 31.01
CA LEU D 532 -40.55 -1.07 31.57
C LEU D 532 -40.11 0.34 31.90
N ALA D 533 -40.37 1.29 31.00
CA ALA D 533 -40.04 2.68 31.26
C ALA D 533 -40.80 3.21 32.47
N LYS D 534 -42.09 2.89 32.57
CA LYS D 534 -42.88 3.34 33.72
C LYS D 534 -42.35 2.75 35.01
N HIS D 535 -42.00 1.46 35.01
CA HIS D 535 -41.46 0.83 36.20
C HIS D 535 -40.14 1.47 36.63
N VAL D 536 -39.26 1.72 35.66
CA VAL D 536 -37.96 2.34 35.98
C VAL D 536 -38.16 3.74 36.55
N ILE D 537 -39.05 4.53 35.94
CA ILE D 537 -39.27 5.90 36.40
C ILE D 537 -39.95 5.91 37.76
N THR D 538 -40.88 4.97 37.99
CA THR D 538 -41.52 4.87 39.30
C THR D 538 -40.51 4.52 40.38
N LEU D 539 -39.61 3.58 40.09
CA LEU D 539 -38.55 3.26 41.04
C LEU D 539 -37.68 4.48 41.29
N HIS D 540 -37.34 5.21 40.23
CA HIS D 540 -36.50 6.40 40.37
C HIS D 540 -37.17 7.45 41.25
N VAL D 541 -38.48 7.66 41.06
CA VAL D 541 -39.17 8.74 41.76
C VAL D 541 -39.45 8.37 43.21
N SER D 542 -40.05 7.20 43.43
CA SER D 542 -40.45 6.79 44.77
C SER D 542 -39.29 6.18 45.56
N ALA D 543 -38.12 6.05 44.95
CA ALA D 543 -36.99 5.42 45.63
C ALA D 543 -36.55 6.23 46.86
N LEU D 544 -36.31 7.52 46.69
CA LEU D 544 -35.92 8.37 47.82
C LEU D 544 -37.03 8.61 48.83
N THR D 545 -38.29 8.47 48.42
CA THR D 545 -39.41 8.81 49.30
C THR D 545 -39.62 7.74 50.37
N GLN D 546 -39.75 6.49 49.96
CA GLN D 546 -40.05 5.40 50.88
C GLN D 546 -39.28 4.15 50.46
N THR D 547 -38.87 3.37 51.46
CA THR D 547 -38.21 2.07 51.26
C THR D 547 -38.96 1.05 52.09
N GLN D 548 -40.02 0.49 51.52
CA GLN D 548 -40.88 -0.46 52.22
C GLN D 548 -41.17 -1.66 51.33
N ALA D 549 -41.47 -2.78 51.97
CA ALA D 549 -41.80 -4.00 51.23
C ALA D 549 -43.12 -3.83 50.49
N VAL D 550 -43.19 -4.42 49.29
CA VAL D 550 -44.38 -4.29 48.47
C VAL D 550 -45.52 -5.12 49.07
N GLU D 551 -45.34 -6.44 49.16
CA GLU D 551 -46.34 -7.34 49.73
C GLU D 551 -45.60 -8.41 50.52
N GLY D 552 -45.39 -8.15 51.82
CA GLY D 552 -44.81 -9.14 52.70
C GLY D 552 -43.40 -9.56 52.35
N GLU D 553 -42.64 -8.71 51.67
CA GLU D 553 -41.27 -9.06 51.32
C GLU D 553 -40.39 -9.08 52.56
N ILE D 554 -39.48 -10.05 52.61
CA ILE D 554 -38.60 -10.22 53.76
C ILE D 554 -37.41 -9.28 53.63
N ASP D 555 -36.95 -8.76 54.78
CA ASP D 555 -35.79 -7.89 54.78
C ASP D 555 -34.54 -8.68 54.41
N LEU D 556 -33.52 -7.94 53.94
CA LEU D 556 -32.31 -8.59 53.45
C LEU D 556 -31.61 -9.37 54.56
N ALA D 557 -31.45 -8.75 55.73
CA ALA D 557 -30.80 -9.44 56.84
C ALA D 557 -31.62 -10.62 57.32
N LYS D 558 -32.94 -10.46 57.41
CA LYS D 558 -33.79 -11.57 57.85
C LYS D 558 -33.74 -12.72 56.87
N LEU D 559 -33.78 -12.43 55.56
CA LEU D 559 -33.70 -13.48 54.57
C LEU D 559 -32.33 -14.17 54.60
N LYS D 560 -31.27 -13.39 54.80
CA LYS D 560 -29.93 -13.96 54.91
C LYS D 560 -29.85 -14.93 56.09
N LYS D 561 -30.34 -14.50 57.25
CA LYS D 561 -30.31 -15.35 58.43
C LYS D 561 -31.18 -16.58 58.25
N PHE D 562 -32.35 -16.43 57.62
CA PHE D 562 -33.22 -17.57 57.37
C PHE D 562 -32.55 -18.60 56.45
N ILE D 563 -31.89 -18.13 55.40
CA ILE D 563 -31.18 -19.03 54.49
C ILE D 563 -30.06 -19.75 55.21
N ALA D 564 -29.28 -19.01 56.02
CA ALA D 564 -28.20 -19.63 56.76
C ALA D 564 -28.73 -20.68 57.73
N TYR D 565 -29.82 -20.36 58.44
CA TYR D 565 -30.41 -21.32 59.38
C TYR D 565 -30.90 -22.57 58.67
N CYS D 566 -31.57 -22.39 57.53
CA CYS D 566 -32.06 -23.55 56.78
C CYS D 566 -30.93 -24.42 56.29
N ARG D 567 -29.84 -23.81 55.80
CA ARG D 567 -28.71 -24.59 55.32
C ARG D 567 -28.02 -25.33 56.47
N VAL D 568 -27.87 -24.67 57.62
CA VAL D 568 -27.16 -25.30 58.74
C VAL D 568 -27.99 -26.42 59.35
N LYS D 569 -29.31 -26.24 59.46
CA LYS D 569 -30.12 -27.11 60.30
C LYS D 569 -30.17 -28.55 59.77
N CYS D 570 -30.74 -28.73 58.58
CA CYS D 570 -31.00 -30.09 58.10
C CYS D 570 -31.03 -30.13 56.58
N GLY D 571 -30.90 -31.35 56.06
CA GLY D 571 -30.98 -31.59 54.63
C GLY D 571 -31.83 -32.81 54.32
N PRO D 572 -32.78 -32.65 53.40
CA PRO D 572 -33.73 -33.72 53.11
C PRO D 572 -33.19 -34.73 52.10
N ARG D 573 -33.99 -35.78 51.90
CA ARG D 573 -33.68 -36.83 50.93
C ARG D 573 -34.95 -37.18 50.15
N LEU D 574 -34.76 -37.80 48.99
CA LEU D 574 -35.86 -38.13 48.11
C LEU D 574 -36.65 -39.32 48.64
N SER D 575 -37.70 -39.69 47.91
CA SER D 575 -38.54 -40.84 48.23
C SER D 575 -38.53 -41.81 47.05
N ALA D 576 -39.14 -42.98 47.27
CA ALA D 576 -39.13 -44.02 46.24
C ALA D 576 -40.06 -43.67 45.08
N GLU D 577 -41.27 -43.20 45.38
CA GLU D 577 -42.22 -42.87 44.32
C GLU D 577 -41.73 -41.71 43.47
N ALA D 578 -41.21 -40.66 44.12
CA ALA D 578 -40.63 -39.55 43.37
C ALA D 578 -39.43 -40.01 42.56
N ALA D 579 -38.64 -40.94 43.11
CA ALA D 579 -37.52 -41.48 42.37
C ALA D 579 -38.00 -42.19 41.10
N GLU D 580 -39.04 -43.01 41.21
CA GLU D 580 -39.56 -43.70 40.03
C GLU D 580 -40.11 -42.71 39.00
N LYS D 581 -40.83 -41.69 39.46
CA LYS D 581 -41.35 -40.68 38.55
C LYS D 581 -40.22 -39.98 37.79
N LEU D 582 -39.18 -39.58 38.52
CA LEU D 582 -38.05 -38.91 37.88
C LEU D 582 -37.31 -39.86 36.94
N LYS D 583 -37.24 -41.14 37.30
CA LYS D 583 -36.65 -42.15 36.43
C LYS D 583 -37.37 -42.21 35.09
N ASN D 584 -38.69 -42.34 35.14
CA ASN D 584 -39.47 -42.41 33.91
C ASN D 584 -39.33 -41.14 33.09
N ARG D 585 -39.39 -39.97 33.75
CA ARG D 585 -39.26 -38.71 33.02
C ARG D 585 -37.89 -38.57 32.39
N TYR D 586 -36.84 -38.99 33.09
CA TYR D 586 -35.48 -38.92 32.54
C TYR D 586 -35.34 -39.82 31.33
N ILE D 587 -35.90 -41.04 31.39
CA ILE D 587 -35.84 -41.93 30.23
C ILE D 587 -36.56 -41.33 29.04
N ILE D 588 -37.76 -40.78 29.28
CA ILE D 588 -38.53 -40.16 28.20
C ILE D 588 -37.78 -38.98 27.60
N MET D 589 -37.19 -38.14 28.46
CA MET D 589 -36.45 -36.99 27.97
C MET D 589 -35.22 -37.39 27.18
N ARG D 590 -34.51 -38.44 27.61
CA ARG D 590 -33.36 -38.90 26.86
C ARG D 590 -33.78 -39.43 25.50
N SER D 591 -34.89 -40.18 25.44
CA SER D 591 -35.38 -40.67 24.15
C SER D 591 -35.77 -39.51 23.24
N GLY D 592 -36.43 -38.50 23.79
CA GLY D 592 -36.83 -37.35 22.98
C GLY D 592 -35.64 -36.56 22.47
N ALA D 593 -34.63 -36.38 23.31
CA ALA D 593 -33.40 -35.73 22.86
C ALA D 593 -32.72 -36.53 21.76
N ARG D 594 -32.68 -37.86 21.90
CA ARG D 594 -32.18 -38.68 20.81
C ARG D 594 -32.94 -38.42 19.52
N GLN D 595 -34.27 -38.45 19.59
CA GLN D 595 -35.08 -38.32 18.38
C GLN D 595 -34.88 -36.95 17.72
N HIS D 596 -34.81 -35.90 18.54
CA HIS D 596 -34.55 -34.56 18.00
C HIS D 596 -33.19 -34.50 17.33
N GLU D 597 -32.16 -35.07 17.96
CA GLU D 597 -30.83 -35.05 17.34
C GLU D 597 -30.82 -35.83 16.03
N ARG D 598 -31.48 -36.98 15.99
CA ARG D 598 -31.49 -37.79 14.77
C ARG D 598 -32.26 -37.09 13.65
N ASP D 599 -33.40 -36.48 13.96
CA ASP D 599 -34.19 -35.81 12.93
C ASP D 599 -33.50 -34.55 12.44
N SER D 600 -32.86 -33.81 13.34
CA SER D 600 -32.18 -32.57 12.96
C SER D 600 -30.89 -32.85 12.18
N ASP D 601 -30.37 -34.08 12.24
CA ASP D 601 -29.11 -34.44 11.59
C ASP D 601 -27.98 -33.51 12.00
N ARG D 602 -27.94 -33.18 13.29
CA ARG D 602 -26.92 -32.29 13.83
C ARG D 602 -26.75 -32.57 15.31
N ARG D 603 -25.51 -32.48 15.78
CA ARG D 603 -25.20 -32.76 17.18
C ARG D 603 -25.59 -31.58 18.05
N SER D 604 -26.43 -31.83 19.04
CA SER D 604 -26.85 -30.78 19.96
C SER D 604 -25.69 -30.35 20.86
N SER D 605 -25.56 -29.03 21.05
CA SER D 605 -24.52 -28.49 21.91
C SER D 605 -24.83 -28.68 23.39
N ILE D 606 -26.04 -29.11 23.74
CA ILE D 606 -26.42 -29.32 25.13
C ILE D 606 -26.88 -30.76 25.30
N PRO D 607 -25.98 -31.71 25.55
CA PRO D 607 -26.39 -33.10 25.72
C PRO D 607 -27.05 -33.34 27.06
N ILE D 608 -27.76 -34.47 27.13
CA ILE D 608 -28.45 -34.89 28.35
C ILE D 608 -27.81 -36.19 28.82
N THR D 609 -27.33 -36.21 30.05
CA THR D 609 -26.66 -37.37 30.63
C THR D 609 -27.16 -37.57 32.05
N VAL D 610 -26.48 -38.46 32.79
CA VAL D 610 -26.85 -38.72 34.17
C VAL D 610 -26.62 -37.49 35.05
N ARG D 611 -25.71 -36.60 34.65
CA ARG D 611 -25.50 -35.38 35.42
C ARG D 611 -26.75 -34.51 35.45
N GLN D 612 -27.54 -34.53 34.38
CA GLN D 612 -28.81 -33.81 34.39
C GLN D 612 -29.78 -34.41 35.40
N LEU D 613 -29.80 -35.74 35.50
CA LEU D 613 -30.62 -36.41 36.51
C LEU D 613 -30.17 -36.02 37.91
N GLU D 614 -28.86 -35.98 38.13
CA GLU D 614 -28.34 -35.58 39.43
C GLU D 614 -28.70 -34.13 39.74
N ALA D 615 -28.65 -33.26 38.73
CA ALA D 615 -29.02 -31.86 38.92
C ALA D 615 -30.50 -31.73 39.29
N ILE D 616 -31.36 -32.50 38.63
CA ILE D 616 -32.79 -32.46 38.96
C ILE D 616 -33.02 -32.97 40.37
N VAL D 617 -32.30 -34.03 40.77
CA VAL D 617 -32.38 -34.53 42.14
C VAL D 617 -31.97 -33.45 43.13
N ARG D 618 -30.88 -32.74 42.82
CA ARG D 618 -30.40 -31.69 43.71
C ARG D 618 -31.41 -30.56 43.83
N ILE D 619 -32.03 -30.17 42.70
CA ILE D 619 -33.03 -29.10 42.74
C ILE D 619 -34.25 -29.53 43.54
N ALA D 620 -34.69 -30.78 43.37
CA ALA D 620 -35.80 -31.27 44.16
C ALA D 620 -35.46 -31.30 45.64
N GLU D 621 -34.25 -31.71 45.99
CA GLU D 621 -33.82 -31.71 47.39
C GLU D 621 -33.79 -30.30 47.95
N ALA D 622 -33.30 -29.33 47.15
CA ALA D 622 -33.28 -27.94 47.59
C ALA D 622 -34.71 -27.42 47.82
N LEU D 623 -35.63 -27.79 46.94
CA LEU D 623 -37.03 -27.41 47.14
C LEU D 623 -37.59 -28.02 48.41
N SER D 624 -37.26 -29.29 48.68
CA SER D 624 -37.66 -29.91 49.94
C SER D 624 -36.93 -29.26 51.12
N LYS D 625 -35.67 -28.87 50.91
CA LYS D 625 -34.92 -28.20 51.98
C LYS D 625 -35.56 -26.86 52.34
N MET D 626 -36.16 -26.19 51.36
CA MET D 626 -36.79 -24.90 51.62
C MET D 626 -37.94 -25.01 52.61
N LYS D 627 -38.64 -26.14 52.61
CA LYS D 627 -39.73 -26.39 53.55
C LYS D 627 -39.29 -27.15 54.78
N LEU D 628 -38.00 -27.48 54.90
CA LEU D 628 -37.42 -28.14 56.06
C LEU D 628 -38.03 -29.52 56.32
N GLN D 629 -38.68 -30.10 55.32
CA GLN D 629 -39.24 -31.43 55.51
C GLN D 629 -38.14 -32.49 55.44
N PRO D 630 -38.25 -33.55 56.24
CA PRO D 630 -37.23 -34.60 56.21
C PRO D 630 -37.22 -35.40 54.91
N PHE D 631 -38.38 -35.57 54.27
CA PHE D 631 -38.49 -36.33 53.04
C PHE D 631 -39.08 -35.45 51.94
N ALA D 632 -38.48 -35.53 50.76
CA ALA D 632 -38.99 -34.77 49.62
C ALA D 632 -40.32 -35.34 49.13
N THR D 633 -41.13 -34.47 48.56
CA THR D 633 -42.44 -34.83 48.04
C THR D 633 -42.43 -34.84 46.52
N GLU D 634 -43.54 -35.27 45.93
CA GLU D 634 -43.65 -35.30 44.48
C GLU D 634 -43.78 -33.90 43.89
N ALA D 635 -44.31 -32.96 44.67
CA ALA D 635 -44.46 -31.59 44.17
C ALA D 635 -43.10 -30.95 43.89
N ASP D 636 -42.13 -31.18 44.79
CA ASP D 636 -40.78 -30.64 44.57
C ASP D 636 -40.17 -31.22 43.31
N VAL D 637 -40.33 -32.53 43.08
CA VAL D 637 -39.78 -33.17 41.89
C VAL D 637 -40.45 -32.62 40.64
N GLU D 638 -41.78 -32.43 40.69
CA GLU D 638 -42.49 -31.88 39.54
C GLU D 638 -42.03 -30.45 39.23
N GLU D 639 -41.85 -29.63 40.26
CA GLU D 639 -41.38 -28.26 40.04
C GLU D 639 -39.96 -28.25 39.49
N ALA D 640 -39.09 -29.13 40.02
CA ALA D 640 -37.73 -29.23 39.51
C ALA D 640 -37.72 -29.65 38.05
N LEU D 641 -38.57 -30.62 37.69
CA LEU D 641 -38.66 -31.06 36.31
C LEU D 641 -39.18 -29.95 35.41
N ARG D 642 -40.16 -29.18 35.87
CA ARG D 642 -40.68 -28.08 35.09
C ARG D 642 -39.61 -27.02 34.84
N LEU D 643 -38.86 -26.67 35.89
CA LEU D 643 -37.79 -25.68 35.73
C LEU D 643 -36.70 -26.20 34.80
N PHE D 644 -36.31 -27.47 34.96
CA PHE D 644 -35.29 -28.05 34.10
C PHE D 644 -35.74 -28.07 32.65
N GLN D 645 -37.00 -28.43 32.40
CA GLN D 645 -37.54 -28.37 31.05
C GLN D 645 -37.45 -26.96 30.50
N VAL D 646 -38.08 -26.00 31.18
CA VAL D 646 -38.18 -24.63 30.69
C VAL D 646 -36.80 -24.04 30.42
N SER D 647 -35.80 -24.44 31.21
CA SER D 647 -34.45 -23.91 30.97
C SER D 647 -33.74 -24.68 29.85
N THR D 648 -33.46 -25.96 30.08
CA THR D 648 -32.58 -26.70 29.18
C THR D 648 -33.25 -27.00 27.84
N LEU D 649 -34.48 -27.53 27.86
CA LEU D 649 -35.10 -27.95 26.61
C LEU D 649 -35.35 -26.76 25.69
N ASP D 650 -35.77 -25.63 26.26
CA ASP D 650 -35.86 -24.40 25.47
C ASP D 650 -34.49 -23.95 24.99
N ALA D 651 -33.47 -24.05 25.85
CA ALA D 651 -32.11 -23.71 25.43
C ALA D 651 -31.61 -24.67 24.37
N ALA D 652 -31.88 -25.96 24.51
CA ALA D 652 -31.41 -26.97 23.56
C ALA D 652 -32.30 -27.00 22.33
N PRO E 187 -19.42 59.29 59.99
CA PRO E 187 -20.06 58.89 58.74
C PRO E 187 -19.82 57.43 58.40
N TYR E 188 -20.65 56.87 57.51
CA TYR E 188 -20.49 55.48 57.11
C TYR E 188 -19.14 55.26 56.43
N LYS E 189 -18.74 56.17 55.54
CA LYS E 189 -17.44 56.04 54.88
C LYS E 189 -16.31 56.12 55.91
N TYR E 190 -16.41 57.03 56.87
CA TYR E 190 -15.38 57.13 57.90
C TYR E 190 -15.39 55.91 58.82
N GLN E 191 -16.56 55.35 59.09
CA GLN E 191 -16.63 54.12 59.88
C GLN E 191 -15.93 52.97 59.17
N VAL E 192 -16.18 52.83 57.86
CA VAL E 192 -15.49 51.80 57.08
C VAL E 192 -13.99 52.06 57.08
N LEU E 193 -13.59 53.32 56.95
CA LEU E 193 -12.18 53.69 57.01
C LEU E 193 -11.55 53.25 58.33
N ALA E 194 -12.23 53.53 59.44
CA ALA E 194 -11.69 53.14 60.75
C ALA E 194 -11.60 51.62 60.90
N GLU E 195 -12.63 50.91 60.43
CA GLU E 195 -12.62 49.44 60.54
C GLU E 195 -11.47 48.84 59.73
N MET E 196 -11.30 49.30 58.48
CA MET E 196 -10.21 48.76 57.68
C MET E 196 -8.86 49.23 58.19
N PHE E 197 -8.80 50.40 58.84
CA PHE E 197 -7.56 50.81 59.50
C PHE E 197 -7.20 49.87 60.64
N ARG E 198 -8.20 49.46 61.43
CA ARG E 198 -7.94 48.48 62.47
C ARG E 198 -7.45 47.16 61.88
N SER E 199 -8.09 46.72 60.78
CA SER E 199 -7.65 45.49 60.13
C SER E 199 -6.22 45.61 59.61
N MET E 200 -5.89 46.75 59.00
CA MET E 200 -4.53 46.98 58.51
C MET E 200 -3.53 46.96 59.66
N ASP E 201 -3.87 47.59 60.78
CA ASP E 201 -2.96 47.62 61.93
C ASP E 201 -2.74 46.21 62.46
N THR E 202 -3.79 45.42 62.57
CA THR E 202 -3.65 44.05 63.05
C THR E 202 -2.77 43.22 62.11
N ILE E 203 -3.00 43.34 60.80
CA ILE E 203 -2.22 42.57 59.84
C ILE E 203 -0.74 42.99 59.88
N VAL E 204 -0.48 44.29 59.93
CA VAL E 204 0.90 44.78 59.98
C VAL E 204 1.58 44.30 61.26
N GLY E 205 0.87 44.35 62.39
CA GLY E 205 1.43 43.85 63.63
C GLY E 205 1.75 42.37 63.57
N MET E 206 0.85 41.58 62.99
CA MET E 206 1.10 40.15 62.87
C MET E 206 2.31 39.88 61.98
N LEU E 207 2.44 40.61 60.87
CA LEU E 207 3.56 40.39 59.97
C LEU E 207 4.88 40.84 60.59
N HIS E 208 4.87 41.96 61.31
CA HIS E 208 6.11 42.54 61.84
C HIS E 208 6.63 41.78 63.05
N ASN E 209 5.75 41.18 63.85
CA ASN E 209 6.18 40.55 65.09
C ASN E 209 6.99 39.28 64.89
N ARG E 210 7.02 38.73 63.67
CA ARG E 210 7.75 37.50 63.38
C ARG E 210 8.92 37.73 62.43
N SER E 211 9.47 38.94 62.41
CA SER E 211 10.62 39.27 61.56
C SER E 211 10.30 39.01 60.09
N GLU E 212 9.11 39.42 59.65
CA GLU E 212 8.67 39.27 58.27
C GLU E 212 8.32 40.64 57.72
N THR E 213 8.80 40.93 56.52
CA THR E 213 8.56 42.23 55.90
C THR E 213 7.13 42.30 55.37
N PRO E 214 6.32 43.26 55.83
CA PRO E 214 4.93 43.37 55.38
C PRO E 214 4.85 43.93 53.96
N THR E 215 4.44 43.09 53.02
CA THR E 215 4.23 43.52 51.65
C THR E 215 2.77 43.90 51.43
N PHE E 216 2.55 44.67 50.36
CA PHE E 216 1.20 45.15 50.08
C PHE E 216 0.24 44.01 49.74
N ALA E 217 0.73 43.01 48.99
CA ALA E 217 -0.14 41.92 48.56
C ALA E 217 -0.67 41.13 49.75
N LYS E 218 0.21 40.80 50.70
CA LYS E 218 -0.22 40.03 51.87
C LYS E 218 -1.19 40.83 52.72
N VAL E 219 -0.95 42.13 52.88
CA VAL E 219 -1.87 42.97 53.64
C VAL E 219 -3.23 43.02 52.96
N GLN E 220 -3.24 43.17 51.64
CA GLN E 220 -4.51 43.17 50.90
C GLN E 220 -5.25 41.85 51.06
N ARG E 221 -4.52 40.73 50.96
CA ARG E 221 -5.13 39.43 51.13
C ARG E 221 -5.73 39.27 52.52
N GLY E 222 -4.99 39.68 53.54
CA GLY E 222 -5.49 39.58 54.90
C GLY E 222 -6.71 40.44 55.15
N VAL E 223 -6.69 41.68 54.67
CA VAL E 223 -7.83 42.57 54.84
C VAL E 223 -9.05 42.04 54.11
N GLN E 224 -8.86 41.53 52.88
CA GLN E 224 -9.98 41.01 52.12
C GLN E 224 -10.58 39.78 52.78
N ASP E 225 -9.74 38.91 53.36
CA ASP E 225 -10.27 37.77 54.10
C ASP E 225 -10.99 38.21 55.36
N MET E 226 -10.47 39.24 56.04
CA MET E 226 -11.04 39.63 57.33
C MET E 226 -12.38 40.34 57.16
N MET E 227 -12.50 41.25 56.19
CA MET E 227 -13.67 42.09 56.07
C MET E 227 -14.51 41.81 54.84
N ARG E 228 -14.10 40.88 53.96
CA ARG E 228 -14.85 40.53 52.76
C ARG E 228 -15.10 41.75 51.88
N ARG E 229 -14.13 42.65 51.82
CA ARG E 229 -14.28 43.90 51.09
C ARG E 229 -13.03 44.17 50.26
N ARG E 230 -13.22 44.89 49.16
CA ARG E 230 -12.12 45.23 48.27
C ARG E 230 -11.11 46.12 48.97
N PHE E 231 -9.83 45.85 48.73
CA PHE E 231 -8.73 46.61 49.28
C PHE E 231 -7.88 47.16 48.14
N GLU E 232 -7.55 48.45 48.22
CA GLU E 232 -6.87 49.12 47.12
C GLU E 232 -6.03 50.27 47.65
N GLU E 233 -5.09 50.73 46.82
CA GLU E 233 -4.13 51.74 47.23
C GLU E 233 -4.76 53.10 47.50
N CYS E 234 -5.92 53.37 46.91
CA CYS E 234 -6.59 54.65 47.14
C CYS E 234 -6.97 54.81 48.61
N ASN E 235 -7.48 53.74 49.22
CA ASN E 235 -7.86 53.81 50.63
C ASN E 235 -6.63 53.92 51.53
N VAL E 236 -5.51 53.30 51.12
CA VAL E 236 -4.26 53.46 51.87
C VAL E 236 -3.80 54.92 51.80
N GLY E 237 -3.90 55.54 50.62
CA GLY E 237 -3.58 56.95 50.52
C GLY E 237 -4.49 57.82 51.35
N GLN E 238 -5.77 57.45 51.44
CA GLN E 238 -6.69 58.15 52.32
C GLN E 238 -6.24 58.04 53.78
N ILE E 239 -5.82 56.84 54.20
CA ILE E 239 -5.29 56.67 55.54
C ILE E 239 -4.08 57.58 55.76
N LYS E 240 -3.16 57.60 54.80
CA LYS E 240 -1.97 58.42 54.92
C LYS E 240 -2.34 59.91 55.01
N THR E 241 -3.38 60.31 54.29
CA THR E 241 -3.87 61.69 54.43
C THR E 241 -4.41 61.93 55.84
N VAL E 242 -5.13 60.96 56.41
CA VAL E 242 -5.72 61.14 57.72
C VAL E 242 -4.65 61.20 58.80
N TYR E 243 -3.88 60.12 58.95
CA TYR E 243 -2.86 60.00 59.98
C TYR E 243 -1.57 59.49 59.34
N PRO E 244 -0.78 60.39 58.75
CA PRO E 244 0.45 59.95 58.06
C PRO E 244 1.49 59.32 58.98
N ALA E 245 1.44 59.61 60.28
CA ALA E 245 2.45 59.11 61.21
C ALA E 245 2.30 57.63 61.51
N SER E 246 1.27 56.96 60.96
CA SER E 246 1.05 55.56 61.27
C SER E 246 2.16 54.67 60.71
N TYR E 247 2.58 54.93 59.47
CA TYR E 247 3.47 54.01 58.77
C TYR E 247 4.44 54.79 57.89
N ARG E 248 5.52 54.11 57.51
CA ARG E 248 6.46 54.59 56.51
C ARG E 248 6.35 53.69 55.28
N PHE E 249 6.12 54.30 54.12
CA PHE E 249 5.93 53.57 52.88
C PHE E 249 7.20 53.68 52.03
N ARG E 250 7.70 52.54 51.57
CA ARG E 250 8.93 52.48 50.80
C ARG E 250 8.72 51.57 49.59
N GLN E 251 9.51 51.83 48.55
CA GLN E 251 9.57 50.98 47.36
C GLN E 251 10.90 50.23 47.40
N GLU E 252 10.82 48.90 47.42
CA GLU E 252 12.00 48.08 47.66
C GLU E 252 12.02 46.92 46.67
N ARG E 253 13.22 46.40 46.44
CA ARG E 253 13.46 45.24 45.59
C ARG E 253 13.96 44.08 46.45
N SER E 254 14.29 42.97 45.78
CA SER E 254 14.88 41.79 46.41
C SER E 254 14.00 41.22 47.52
N VAL E 255 12.68 41.28 47.33
CA VAL E 255 11.73 40.71 48.27
C VAL E 255 11.46 39.27 47.86
N PRO E 256 11.84 38.27 48.66
CA PRO E 256 11.61 36.87 48.27
C PRO E 256 10.14 36.51 48.36
N THR E 257 9.54 36.22 47.21
CA THR E 257 8.14 35.83 47.12
C THR E 257 7.96 34.32 46.94
N PHE E 258 8.90 33.52 47.43
CA PHE E 258 8.88 32.06 47.32
C PHE E 258 8.82 31.69 45.83
N LYS E 259 8.21 30.56 45.50
CA LYS E 259 8.17 30.06 44.12
C LYS E 259 6.93 30.58 43.39
N ASP E 260 6.78 31.91 43.39
CA ASP E 260 5.67 32.57 42.72
C ASP E 260 6.03 33.04 41.31
N GLY E 261 7.26 32.81 40.86
CA GLY E 261 7.65 33.24 39.53
C GLY E 261 7.81 34.73 39.37
N THR E 262 7.97 35.47 40.46
CA THR E 262 8.10 36.91 40.39
C THR E 262 9.55 37.29 40.05
N ARG E 263 9.70 38.16 39.06
CA ARG E 263 11.03 38.61 38.66
C ARG E 263 11.59 39.59 39.69
N ARG E 264 12.92 39.67 39.74
CA ARG E 264 13.58 40.55 40.70
C ARG E 264 13.32 42.02 40.39
N SER E 265 13.19 42.37 39.11
CA SER E 265 13.00 43.76 38.71
C SER E 265 11.61 44.30 39.04
N ASP E 266 10.75 43.52 39.68
CA ASP E 266 9.41 43.97 40.03
C ASP E 266 9.47 44.71 41.36
N TYR E 267 9.17 46.01 41.33
CA TYR E 267 9.11 46.80 42.55
C TYR E 267 7.94 46.35 43.42
N GLN E 268 8.14 46.42 44.74
CA GLN E 268 7.13 46.05 45.71
C GLN E 268 6.99 47.16 46.74
N LEU E 269 5.75 47.49 47.08
CA LEU E 269 5.46 48.55 48.04
C LEU E 269 5.42 47.92 49.44
N THR E 270 6.36 48.31 50.28
CA THR E 270 6.45 47.80 51.64
C THR E 270 5.95 48.84 52.63
N ILE E 271 5.47 48.37 53.78
CA ILE E 271 4.93 49.21 54.83
C ILE E 271 5.68 48.92 56.11
N GLU E 272 6.25 49.97 56.72
CA GLU E 272 6.99 49.85 57.96
C GLU E 272 6.28 50.63 59.05
N PRO E 273 5.90 50.00 60.16
CA PRO E 273 5.20 50.74 61.22
C PRO E 273 6.12 51.72 61.93
N LEU E 274 5.58 52.89 62.23
CA LEU E 274 6.30 53.93 62.95
C LEU E 274 5.88 53.87 64.42
N LEU E 275 6.78 53.38 65.27
CA LEU E 275 6.49 53.19 66.69
C LEU E 275 7.57 53.86 67.52
N GLU E 276 7.16 54.48 68.63
CA GLU E 276 8.11 55.11 69.53
C GLU E 276 8.98 54.05 70.20
N GLN E 277 10.28 54.32 70.26
CA GLN E 277 11.22 53.38 70.86
C GLN E 277 11.12 53.43 72.38
N GLU E 278 10.97 52.26 72.99
CA GLU E 278 10.89 52.18 74.44
C GLU E 278 12.25 52.43 75.08
N ALA E 279 12.21 52.82 76.36
CA ALA E 279 13.43 53.02 77.13
C ALA E 279 14.02 51.72 77.66
N ASP E 280 13.31 50.59 77.50
CA ASP E 280 13.80 49.30 77.97
C ASP E 280 14.89 48.73 77.06
N GLY E 281 15.06 49.28 75.86
CA GLY E 281 16.06 48.79 74.93
C GLY E 281 15.61 47.67 74.02
N ALA E 282 14.42 47.11 74.24
CA ALA E 282 13.92 46.05 73.40
C ALA E 282 13.33 46.63 72.11
N ALA E 283 13.24 45.78 71.09
CA ALA E 283 12.65 46.20 69.83
C ALA E 283 11.17 46.51 70.03
N PRO E 284 10.66 47.59 69.46
CA PRO E 284 9.24 47.92 69.65
C PRO E 284 8.34 46.84 69.07
N GLN E 285 7.25 46.55 69.78
CA GLN E 285 6.28 45.54 69.39
C GLN E 285 4.88 46.11 69.51
N LEU E 286 4.03 45.80 68.52
CA LEU E 286 2.66 46.31 68.51
C LEU E 286 1.82 45.50 69.50
N THR E 287 1.87 45.93 70.76
CA THR E 287 1.06 45.33 71.80
C THR E 287 -0.38 45.81 71.67
N ALA E 288 -1.30 45.07 72.30
CA ALA E 288 -2.71 45.42 72.23
C ALA E 288 -2.98 46.83 72.75
N SER E 289 -2.19 47.28 73.73
CA SER E 289 -2.32 48.66 74.22
C SER E 289 -2.01 49.65 73.10
N ARG E 290 -0.93 49.40 72.35
CA ARG E 290 -0.61 50.29 71.22
C ARG E 290 -1.66 50.19 70.13
N LEU E 291 -2.22 48.99 69.91
CA LEU E 291 -3.27 48.84 68.91
C LEU E 291 -4.48 49.70 69.27
N LEU E 292 -4.90 49.63 70.54
CA LEU E 292 -6.02 50.43 71.02
C LEU E 292 -5.71 51.92 70.92
N GLN E 293 -4.48 52.31 71.29
CA GLN E 293 -4.08 53.71 71.17
C GLN E 293 -4.17 54.19 69.73
N ARG E 294 -3.71 53.37 68.79
CA ARG E 294 -3.73 53.76 67.38
C ARG E 294 -5.15 53.90 66.84
N ARG E 295 -6.03 52.94 67.18
CA ARG E 295 -7.40 53.08 66.69
C ARG E 295 -8.10 54.27 67.32
N GLN E 296 -7.83 54.53 68.61
CA GLN E 296 -8.42 55.70 69.26
C GLN E 296 -7.92 56.99 68.62
N ILE E 297 -6.63 57.07 68.31
CA ILE E 297 -6.09 58.27 67.66
C ILE E 297 -6.71 58.44 66.28
N PHE E 298 -6.86 57.34 65.52
CA PHE E 298 -7.48 57.45 64.21
C PHE E 298 -8.93 57.92 64.30
N SER E 299 -9.67 57.40 65.29
CA SER E 299 -11.04 57.86 65.50
C SER E 299 -11.09 59.33 65.89
N GLN E 300 -10.15 59.77 66.72
CA GLN E 300 -10.09 61.18 67.09
C GLN E 300 -9.81 62.05 65.88
N LYS E 301 -8.90 61.62 65.01
CA LYS E 301 -8.62 62.36 63.79
C LYS E 301 -9.86 62.41 62.88
N LEU E 302 -10.59 61.30 62.78
CA LEU E 302 -11.82 61.31 61.99
C LEU E 302 -12.84 62.27 62.58
N VAL E 303 -12.99 62.29 63.90
CA VAL E 303 -13.92 63.22 64.54
C VAL E 303 -13.51 64.66 64.28
N GLU E 304 -12.21 64.94 64.36
CA GLU E 304 -11.72 66.29 64.08
C GLU E 304 -12.01 66.69 62.63
N HIS E 305 -11.83 65.75 61.69
CA HIS E 305 -12.13 66.04 60.29
C HIS E 305 -13.61 66.31 60.09
N VAL E 306 -14.48 65.56 60.77
CA VAL E 306 -15.92 65.83 60.67
C VAL E 306 -16.25 67.20 61.25
N LYS E 307 -15.62 67.56 62.37
CA LYS E 307 -15.92 68.83 63.01
C LYS E 307 -15.53 70.01 62.15
N GLU E 308 -14.56 69.84 61.25
CA GLU E 308 -14.13 70.92 60.37
C GLU E 308 -15.21 71.26 59.35
N ASP E 342 -15.42 63.69 50.55
CA ASP E 342 -14.52 62.55 50.70
C ASP E 342 -13.09 63.02 50.94
N ILE E 343 -12.31 62.19 51.63
CA ILE E 343 -10.94 62.53 51.97
C ILE E 343 -10.04 62.28 50.76
N GLU E 344 -9.28 63.29 50.37
CA GLU E 344 -8.38 63.16 49.23
C GLU E 344 -7.21 62.26 49.59
N PRO E 345 -6.96 61.19 48.84
CA PRO E 345 -5.86 60.28 49.19
C PRO E 345 -4.51 60.95 49.04
N ALA E 346 -3.56 60.52 49.88
CA ALA E 346 -2.20 61.00 49.80
C ALA E 346 -1.43 60.29 48.68
N ALA E 347 -0.47 61.00 48.10
CA ALA E 347 0.32 60.45 47.02
C ALA E 347 1.30 59.42 47.57
N LEU E 348 1.05 58.15 47.29
CA LEU E 348 1.94 57.09 47.74
C LEU E 348 3.26 57.16 46.96
N PRO E 349 4.37 56.73 47.57
CA PRO E 349 5.65 56.75 46.85
C PRO E 349 5.67 55.80 45.68
N GLN E 350 5.74 56.35 44.46
CA GLN E 350 5.74 55.54 43.25
C GLN E 350 7.09 54.87 43.05
N PRO E 351 7.11 53.69 42.44
CA PRO E 351 8.39 53.01 42.17
C PRO E 351 9.27 53.82 41.24
N PRO E 352 10.59 53.78 41.43
CA PRO E 352 11.57 54.46 40.58
C PRO E 352 11.38 54.12 39.09
N SER E 419 24.38 62.40 -15.30
CA SER E 419 24.19 61.12 -15.97
C SER E 419 24.70 59.97 -15.11
N GLN E 420 24.19 58.76 -15.38
CA GLN E 420 24.60 57.60 -14.61
C GLN E 420 26.08 57.29 -14.82
N ASP E 421 26.58 57.50 -16.04
CA ASP E 421 27.98 57.19 -16.33
C ASP E 421 28.92 58.04 -15.49
N LEU E 422 28.61 59.33 -15.35
CA LEU E 422 29.46 60.21 -14.54
C LEU E 422 29.49 59.77 -13.08
N LEU E 423 28.32 59.44 -12.52
CA LEU E 423 28.27 58.97 -11.13
C LEU E 423 29.04 57.67 -10.96
N GLU E 424 28.91 56.74 -11.91
CA GLU E 424 29.62 55.47 -11.80
C GLU E 424 31.13 55.68 -11.90
N ARG E 425 31.57 56.57 -12.79
CA ARG E 425 33.00 56.82 -12.90
C ARG E 425 33.54 57.52 -11.66
N ILE E 426 32.76 58.42 -11.06
CA ILE E 426 33.17 59.04 -9.80
C ILE E 426 33.28 57.98 -8.70
N ARG E 427 32.31 57.07 -8.64
CA ARG E 427 32.35 55.99 -7.65
C ARG E 427 33.56 55.09 -7.88
N ALA E 428 33.87 54.80 -9.15
CA ALA E 428 35.03 53.97 -9.46
C ALA E 428 36.33 54.67 -9.07
N LYS E 429 36.42 55.98 -9.29
CA LYS E 429 37.59 56.73 -8.87
C LYS E 429 37.75 56.70 -7.35
N GLU E 430 36.64 56.88 -6.62
CA GLU E 430 36.69 56.80 -5.16
C GLU E 430 37.12 55.41 -4.71
N ALA E 431 36.60 54.37 -5.37
CA ALA E 431 36.97 53.00 -5.02
C ALA E 431 38.45 52.74 -5.27
N GLN E 432 38.98 53.24 -6.39
CA GLN E 432 40.40 53.08 -6.69
C GLN E 432 41.26 53.82 -5.68
N LYS E 433 40.85 55.04 -5.31
CA LYS E 433 41.61 55.79 -4.30
C LYS E 433 41.61 55.07 -2.96
N GLN E 434 40.45 54.55 -2.54
CA GLN E 434 40.39 53.82 -1.28
C GLN E 434 41.17 52.51 -1.35
N LEU E 435 41.19 51.86 -2.52
CA LEU E 435 42.00 50.66 -2.69
C LEU E 435 43.48 50.97 -2.56
N ALA E 436 43.93 52.08 -3.16
CA ALA E 436 45.31 52.52 -2.98
C ALA E 436 45.58 52.84 -1.52
N GLN E 437 44.58 53.38 -0.81
CA GLN E 437 44.72 53.63 0.62
C GLN E 437 44.90 52.33 1.40
N MET E 438 44.15 51.29 1.04
CA MET E 438 44.21 50.03 1.76
C MET E 438 45.32 49.11 1.27
N THR E 439 46.15 49.55 0.32
CA THR E 439 47.32 48.76 -0.06
C THR E 439 48.30 48.60 1.10
N ARG E 440 48.18 49.43 2.13
CA ARG E 440 48.96 49.25 3.34
C ARG E 440 48.66 47.89 3.95
N CYS E 441 49.67 47.32 4.61
CA CYS E 441 49.58 45.95 5.10
C CYS E 441 48.41 45.81 6.07
N PRO E 442 47.53 44.84 5.87
CA PRO E 442 46.41 44.66 6.82
C PRO E 442 46.87 44.32 8.22
N GLU E 443 48.05 43.72 8.38
CA GLU E 443 48.52 43.35 9.70
C GLU E 443 48.69 44.57 10.60
N GLN E 444 48.98 45.74 10.02
CA GLN E 444 49.20 46.94 10.82
C GLN E 444 47.98 47.26 11.68
N GLU E 445 46.78 47.12 11.11
CA GLU E 445 45.58 47.38 11.89
C GLU E 445 45.18 46.20 12.75
N GLN E 446 45.57 44.98 12.38
CA GLN E 446 45.25 43.81 13.19
C GLN E 446 45.93 43.88 14.55
N ARG E 447 47.20 44.29 14.58
CA ARG E 447 47.89 44.47 15.85
C ARG E 447 47.22 45.56 16.68
N LEU E 448 46.82 46.65 16.03
CA LEU E 448 46.12 47.72 16.72
C LEU E 448 44.83 47.22 17.34
N GLN E 449 44.10 46.37 16.61
CA GLN E 449 42.89 45.74 17.15
C GLN E 449 43.23 44.95 18.42
N ARG E 450 44.31 44.17 18.36
CA ARG E 450 44.70 43.36 19.51
C ARG E 450 45.18 44.21 20.67
N LEU E 451 45.73 45.40 20.39
CA LEU E 451 46.27 46.24 21.46
C LEU E 451 45.20 46.66 22.45
N GLU E 452 43.96 46.86 21.99
CA GLU E 452 42.87 47.18 22.90
C GLU E 452 42.49 46.00 23.78
N ARG E 453 42.70 44.78 23.29
CA ARG E 453 42.32 43.57 24.01
C ARG E 453 43.35 43.15 25.05
N LEU E 454 44.58 43.66 24.95
CA LEU E 454 45.67 43.17 25.79
C LEU E 454 45.46 43.41 27.28
N PRO E 455 45.07 44.61 27.77
CA PRO E 455 45.01 44.83 29.22
C PRO E 455 44.11 43.85 29.97
N GLU E 456 42.89 43.63 29.46
CA GLU E 456 41.97 42.69 30.10
C GLU E 456 42.55 41.28 30.09
N LEU E 457 43.11 40.87 28.94
CA LEU E 457 43.77 39.58 28.86
C LEU E 457 44.95 39.48 29.83
N ALA E 458 45.68 40.59 30.00
CA ALA E 458 46.78 40.61 30.96
C ALA E 458 46.27 40.38 32.37
N ARG E 459 45.17 41.04 32.74
CA ARG E 459 44.56 40.84 34.05
C ARG E 459 44.13 39.38 34.23
N VAL E 460 43.52 38.81 33.20
CA VAL E 460 43.08 37.42 33.27
C VAL E 460 44.28 36.49 33.47
N LEU E 461 45.36 36.75 32.74
CA LEU E 461 46.57 35.93 32.87
C LEU E 461 47.16 36.04 34.27
N ARG E 462 47.16 37.26 34.83
CA ARG E 462 47.62 37.45 36.20
C ARG E 462 46.78 36.63 37.17
N SER E 463 45.45 36.66 36.99
CA SER E 463 44.57 35.89 37.88
C SER E 463 44.81 34.39 37.73
N VAL E 464 45.03 33.92 36.51
CA VAL E 464 45.30 32.51 36.28
C VAL E 464 46.57 32.08 36.99
N PHE E 465 47.64 32.89 36.86
CA PHE E 465 48.88 32.56 37.57
C PHE E 465 48.74 32.67 39.08
N VAL E 466 47.87 33.53 39.58
CA VAL E 466 47.59 33.53 41.02
C VAL E 466 46.89 32.23 41.42
N SER E 467 45.95 31.77 40.59
CA SER E 467 45.17 30.58 40.94
C SER E 467 45.98 29.29 40.85
N GLU E 468 46.92 29.20 39.91
CA GLU E 468 47.58 27.92 39.65
C GLU E 468 48.68 27.59 40.65
N ARG E 469 49.14 28.55 41.45
CA ARG E 469 50.22 28.32 42.43
C ARG E 469 51.48 27.76 41.77
N LYS E 470 51.76 28.21 40.55
CA LYS E 470 52.91 27.65 39.85
C LYS E 470 53.76 28.77 39.25
N PRO E 471 55.08 28.58 39.18
CA PRO E 471 55.95 29.62 38.63
C PRO E 471 55.95 29.63 37.11
N ALA E 472 55.76 28.47 36.50
CA ALA E 472 55.79 28.36 35.04
C ALA E 472 54.68 27.43 34.58
N LEU E 473 54.10 27.75 33.43
CA LEU E 473 53.04 26.95 32.84
C LEU E 473 53.27 26.81 31.34
N SER E 474 52.73 25.74 30.77
CA SER E 474 52.86 25.49 29.34
C SER E 474 51.92 26.38 28.55
N MET E 475 52.19 26.49 27.24
CA MET E 475 51.33 27.27 26.35
C MET E 475 49.93 26.68 26.28
N GLU E 476 49.84 25.35 26.15
CA GLU E 476 48.55 24.71 25.91
C GLU E 476 47.58 24.94 27.08
N VAL E 477 48.02 24.64 28.30
CA VAL E 477 47.14 24.75 29.45
C VAL E 477 46.76 26.21 29.70
N ALA E 478 47.73 27.12 29.61
CA ALA E 478 47.43 28.53 29.85
C ALA E 478 46.46 29.08 28.81
N CYS E 479 46.68 28.76 27.54
CA CYS E 479 45.77 29.22 26.49
C CYS E 479 44.38 28.63 26.66
N ALA E 480 44.30 27.34 27.00
CA ALA E 480 43.01 26.72 27.20
C ALA E 480 42.24 27.37 28.34
N ARG E 481 42.93 27.63 29.46
CA ARG E 481 42.27 28.26 30.60
C ARG E 481 41.85 29.69 30.27
N MET E 482 42.69 30.44 29.56
CA MET E 482 42.33 31.80 29.18
C MET E 482 41.11 31.81 28.27
N VAL E 483 41.07 30.89 27.29
CA VAL E 483 39.91 30.81 26.40
C VAL E 483 38.66 30.42 27.18
N GLY E 484 38.80 29.46 28.11
CA GLY E 484 37.68 29.04 28.91
C GLY E 484 37.25 30.05 29.96
N SER E 485 38.05 31.10 30.17
CA SER E 485 37.69 32.16 31.10
C SER E 485 37.51 33.52 30.45
N CYS E 486 37.90 33.68 29.19
CA CYS E 486 37.78 34.98 28.53
C CYS E 486 36.33 35.30 28.19
N CYS E 487 36.05 36.60 28.07
CA CYS E 487 34.71 37.06 27.73
C CYS E 487 34.42 36.99 26.24
N THR E 488 35.42 36.80 25.39
CA THR E 488 35.25 36.73 23.95
C THR E 488 35.74 35.38 23.44
N ILE E 489 34.94 34.74 22.58
CA ILE E 489 35.32 33.45 22.02
C ILE E 489 36.44 33.68 21.00
N MET E 490 37.56 32.98 21.19
CA MET E 490 38.73 33.16 20.34
C MET E 490 39.39 31.80 20.10
N SER E 491 40.19 31.74 19.03
CA SER E 491 40.93 30.54 18.67
C SER E 491 42.24 30.47 19.44
N PRO E 492 42.75 29.24 19.68
CA PRO E 492 44.05 29.13 20.39
C PRO E 492 45.18 29.83 19.69
N GLY E 493 45.18 29.86 18.35
CA GLY E 493 46.24 30.56 17.64
C GLY E 493 46.25 32.04 17.91
N GLU E 494 45.07 32.66 17.99
CA GLU E 494 44.99 34.07 18.33
C GLU E 494 45.54 34.32 19.73
N MET E 495 45.24 33.43 20.67
CA MET E 495 45.78 33.56 22.02
C MET E 495 47.31 33.44 22.01
N GLU E 496 47.84 32.52 21.20
CA GLU E 496 49.28 32.36 21.10
C GLU E 496 49.94 33.63 20.55
N LYS E 497 49.35 34.22 19.51
CA LYS E 497 49.90 35.45 18.96
C LYS E 497 49.79 36.60 19.95
N HIS E 498 48.69 36.66 20.71
CA HIS E 498 48.56 37.69 21.74
C HIS E 498 49.63 37.52 22.83
N LEU E 499 49.90 36.28 23.23
CA LEU E 499 50.95 36.04 24.22
C LEU E 499 52.32 36.43 23.68
N LEU E 500 52.58 36.15 22.40
CA LEU E 500 53.84 36.57 21.80
C LEU E 500 53.95 38.08 21.77
N LEU E 501 52.86 38.77 21.45
CA LEU E 501 52.88 40.23 21.44
C LEU E 501 53.14 40.78 22.84
N LEU E 502 52.51 40.20 23.86
CA LEU E 502 52.78 40.62 25.23
C LEU E 502 54.23 40.39 25.61
N SER E 503 54.79 39.25 25.22
CA SER E 503 56.20 38.96 25.53
C SER E 503 57.12 39.96 24.85
N GLU E 504 56.84 40.32 23.60
CA GLU E 504 57.73 41.20 22.87
C GLU E 504 57.61 42.64 23.36
N LEU E 505 56.39 43.11 23.64
CA LEU E 505 56.20 44.47 24.12
C LEU E 505 56.77 44.65 25.53
N LEU E 506 56.51 43.71 26.42
CA LEU E 506 56.79 43.87 27.85
C LEU E 506 57.62 42.68 28.33
N PRO E 507 58.93 42.68 28.02
CA PRO E 507 59.76 41.52 28.40
C PRO E 507 60.08 41.45 29.88
N ASP E 508 60.15 42.58 30.57
CA ASP E 508 60.55 42.56 31.98
C ASP E 508 59.50 41.85 32.84
N TRP E 509 58.22 42.13 32.61
CA TRP E 509 57.19 41.43 33.38
C TRP E 509 57.11 39.95 33.01
N LEU E 510 57.07 39.66 31.71
CA LEU E 510 56.75 38.33 31.21
C LEU E 510 57.96 37.76 30.48
N SER E 511 58.33 36.54 30.82
CA SER E 511 59.48 35.86 30.23
C SER E 511 59.04 34.53 29.66
N LEU E 512 59.67 34.13 28.56
CA LEU E 512 59.40 32.86 27.90
C LEU E 512 60.68 32.06 27.81
N HIS E 513 60.58 30.76 28.10
CA HIS E 513 61.72 29.86 28.10
C HIS E 513 61.41 28.67 27.21
N ARG E 514 62.30 28.39 26.26
CA ARG E 514 62.15 27.25 25.36
C ARG E 514 62.83 26.04 25.98
N ILE E 515 62.04 25.04 26.37
CA ILE E 515 62.54 23.82 26.98
C ILE E 515 62.16 22.65 26.09
N ARG E 516 63.16 21.92 25.61
CA ARG E 516 62.95 20.71 24.81
C ARG E 516 62.12 21.01 23.57
N THR E 517 60.84 20.64 23.59
CA THR E 517 59.95 20.86 22.45
C THR E 517 58.79 21.78 22.80
N ASP E 518 58.88 22.53 23.89
CA ASP E 518 57.80 23.39 24.34
C ASP E 518 58.37 24.68 24.90
N THR E 519 57.53 25.72 24.89
CA THR E 519 57.85 27.02 25.47
C THR E 519 56.97 27.24 26.69
N TYR E 520 57.58 27.61 27.82
CA TYR E 520 56.87 27.80 29.07
C TYR E 520 56.82 29.26 29.44
N VAL E 521 55.82 29.62 30.24
CA VAL E 521 55.48 31.01 30.53
C VAL E 521 55.72 31.28 32.01
N LYS E 522 56.55 32.28 32.29
CA LYS E 522 56.83 32.70 33.66
C LYS E 522 56.56 34.19 33.78
N LEU E 523 55.95 34.60 34.90
CA LEU E 523 55.53 35.97 35.08
C LEU E 523 55.92 36.43 36.49
N ASP E 524 56.12 37.74 36.63
CA ASP E 524 56.42 38.35 37.93
C ASP E 524 55.11 38.82 38.55
N LYS E 525 54.73 38.22 39.67
CA LYS E 525 53.43 38.51 40.29
C LYS E 525 53.43 39.74 41.16
N ALA E 526 54.60 40.31 41.49
CA ALA E 526 54.68 41.45 42.38
C ALA E 526 54.52 42.78 41.68
N ALA E 527 54.48 42.81 40.35
CA ALA E 527 54.37 44.06 39.63
C ALA E 527 52.99 44.69 39.82
N ASP E 528 52.95 46.02 39.87
CA ASP E 528 51.71 46.74 40.06
C ASP E 528 50.88 46.70 38.79
N LEU E 529 49.61 46.29 38.91
CA LEU E 529 48.75 46.17 37.74
C LEU E 529 48.39 47.53 37.16
N ALA E 530 48.21 48.55 38.00
CA ALA E 530 47.87 49.88 37.50
C ALA E 530 49.01 50.46 36.66
N HIS E 531 50.25 50.30 37.12
CA HIS E 531 51.39 50.79 36.36
C HIS E 531 51.51 50.06 35.03
N ILE E 532 51.27 48.75 35.02
CA ILE E 532 51.31 47.98 33.79
C ILE E 532 50.22 48.43 32.83
N THR E 533 49.02 48.70 33.36
CA THR E 533 47.94 49.20 32.52
C THR E 533 48.28 50.56 31.92
N ALA E 534 48.90 51.44 32.72
CA ALA E 534 49.33 52.73 32.19
C ALA E 534 50.38 52.57 31.10
N ARG E 535 51.34 51.66 31.30
CA ARG E 535 52.36 51.41 30.30
C ARG E 535 51.75 50.85 29.02
N LEU E 536 50.79 49.94 29.14
CA LEU E 536 50.11 49.40 27.96
C LEU E 536 49.33 50.48 27.22
N ALA E 537 48.67 51.36 27.97
CA ALA E 537 47.95 52.47 27.33
C ALA E 537 48.92 53.39 26.61
N HIS E 538 50.08 53.67 27.21
CA HIS E 538 51.07 54.50 26.54
C HIS E 538 51.59 53.83 25.27
N GLN E 539 51.84 52.51 25.33
CA GLN E 539 52.30 51.80 24.15
C GLN E 539 51.25 51.81 23.04
N THR E 540 49.98 51.62 23.41
CA THR E 540 48.90 51.65 22.42
C THR E 540 48.78 53.03 21.80
N ARG E 541 48.91 54.09 22.61
CA ARG E 541 48.87 55.45 22.08
C ARG E 541 50.03 55.68 21.13
N ALA E 542 51.23 55.21 21.49
CA ALA E 542 52.38 55.37 20.61
C ALA E 542 52.19 54.62 19.29
N GLU E 543 51.63 53.42 19.34
CA GLU E 543 51.38 52.66 18.12
C GLU E 543 50.32 53.30 17.23
N GLU E 544 49.46 54.14 17.79
CA GLU E 544 48.42 54.82 17.01
C GLU E 544 49.04 55.86 16.08
N GLU F 184 7.79 30.42 78.10
CA GLU F 184 8.54 30.52 79.34
C GLU F 184 7.81 31.36 80.37
N TRP F 185 7.30 32.52 79.93
CA TRP F 185 6.49 33.35 80.82
C TRP F 185 5.17 32.69 81.16
N VAL F 186 4.60 31.93 80.22
CA VAL F 186 3.35 31.21 80.48
C VAL F 186 3.55 30.15 81.54
N SER F 187 4.75 29.54 81.59
CA SER F 187 5.01 28.46 82.54
C SER F 187 4.90 28.91 83.98
N MET F 188 4.94 30.22 84.25
CA MET F 188 4.72 30.72 85.59
C MET F 188 3.35 30.28 86.11
N ALA F 189 3.33 29.77 87.35
CA ALA F 189 2.12 29.15 87.87
C ALA F 189 0.97 30.14 88.01
N GLY F 190 1.27 31.36 88.45
CA GLY F 190 0.25 32.36 88.68
C GLY F 190 -0.54 32.71 87.43
N PRO F 191 0.15 33.23 86.41
CA PRO F 191 -0.54 33.50 85.13
C PRO F 191 -1.17 32.27 84.53
N ARG F 192 -0.55 31.10 84.67
CA ARG F 192 -1.11 29.88 84.11
C ARG F 192 -2.47 29.57 84.72
N LEU F 193 -2.56 29.54 86.05
CA LEU F 193 -3.82 29.25 86.71
C LEU F 193 -4.84 30.36 86.44
N GLU F 194 -4.41 31.62 86.45
CA GLU F 194 -5.33 32.71 86.19
C GLU F 194 -5.93 32.62 84.79
N ILE F 195 -5.09 32.28 83.80
CA ILE F 195 -5.58 32.11 82.44
C ILE F 195 -6.50 30.90 82.36
N HIS F 196 -6.23 29.84 83.12
CA HIS F 196 -7.13 28.69 83.14
C HIS F 196 -8.53 29.09 83.61
N HIS F 197 -8.60 29.82 84.72
CA HIS F 197 -9.92 30.26 85.21
C HIS F 197 -10.54 31.29 84.27
N ARG F 198 -9.73 32.14 83.64
CA ARG F 198 -10.27 33.07 82.65
C ARG F 198 -10.89 32.34 81.47
N PHE F 199 -10.25 31.27 81.02
CA PHE F 199 -10.81 30.45 79.94
C PHE F 199 -12.09 29.76 80.39
N LYS F 200 -12.15 29.33 81.65
CA LYS F 200 -13.39 28.78 82.18
C LYS F 200 -14.51 29.82 82.14
N ASN F 201 -14.22 31.05 82.56
CA ASN F 201 -15.22 32.11 82.50
C ASN F 201 -15.61 32.44 81.06
N PHE F 202 -14.66 32.38 80.13
CA PHE F 202 -14.99 32.58 78.72
C PHE F 202 -15.93 31.50 78.23
N LEU F 203 -15.69 30.25 78.61
CA LEU F 203 -16.56 29.16 78.21
C LEU F 203 -17.96 29.34 78.79
N ARG F 204 -18.06 29.73 80.06
CA ARG F 204 -19.35 29.78 80.74
C ARG F 204 -20.00 31.16 80.71
N THR F 205 -19.44 32.12 79.98
CA THR F 205 -19.94 33.49 80.00
C THR F 205 -20.18 34.09 78.62
N HIS F 206 -19.57 33.57 77.56
CA HIS F 206 -19.68 34.20 76.25
C HIS F 206 -21.13 34.18 75.78
N VAL F 207 -21.53 35.23 75.06
CA VAL F 207 -22.87 35.37 74.50
C VAL F 207 -22.73 35.69 73.02
N ASP F 208 -23.47 34.96 72.19
CA ASP F 208 -23.46 35.21 70.75
C ASP F 208 -24.30 36.44 70.43
N SER F 209 -24.39 36.75 69.13
CA SER F 209 -25.21 37.87 68.68
C SER F 209 -26.70 37.62 68.92
N HIS F 210 -27.12 36.37 69.02
CA HIS F 210 -28.52 36.03 69.24
C HIS F 210 -28.87 35.83 70.71
N GLY F 211 -27.93 36.07 71.62
CA GLY F 211 -28.22 35.92 73.03
C GLY F 211 -28.14 34.50 73.56
N HIS F 212 -27.51 33.59 72.82
CA HIS F 212 -27.40 32.19 73.22
C HIS F 212 -25.96 31.87 73.57
N ASN F 213 -25.77 31.20 74.71
CA ASN F 213 -24.44 30.69 75.08
C ASN F 213 -24.16 29.49 74.20
N VAL F 214 -23.35 29.70 73.16
CA VAL F 214 -23.16 28.67 72.13
C VAL F 214 -22.51 27.44 72.72
N PHE F 215 -21.51 27.62 73.59
CA PHE F 215 -20.74 26.48 74.07
C PHE F 215 -21.57 25.52 74.91
N LYS F 216 -22.62 26.01 75.58
CA LYS F 216 -23.49 25.09 76.30
C LYS F 216 -24.26 24.20 75.33
N GLU F 217 -24.72 24.77 74.21
CA GLU F 217 -25.36 23.96 73.17
C GLU F 217 -24.37 22.98 72.57
N ARG F 218 -23.13 23.41 72.33
CA ARG F 218 -22.12 22.53 71.77
C ARG F 218 -21.80 21.38 72.72
N ILE F 219 -21.68 21.68 74.02
CA ILE F 219 -21.34 20.64 74.98
C ILE F 219 -22.52 19.68 75.15
N SER F 220 -23.76 20.20 75.10
CA SER F 220 -24.92 19.31 75.14
C SER F 220 -24.94 18.39 73.93
N ASP F 221 -24.64 18.93 72.75
CA ASP F 221 -24.59 18.11 71.54
C ASP F 221 -23.50 17.04 71.64
N MET F 222 -22.32 17.43 72.14
CA MET F 222 -21.23 16.46 72.27
C MET F 222 -21.58 15.38 73.28
N CYS F 223 -22.23 15.76 74.38
CA CYS F 223 -22.68 14.78 75.36
C CYS F 223 -23.71 13.83 74.76
N LYS F 224 -24.62 14.36 73.93
CA LYS F 224 -25.59 13.52 73.27
C LYS F 224 -24.91 12.55 72.30
N GLU F 225 -23.86 13.01 71.63
CA GLU F 225 -23.14 12.18 70.65
C GLU F 225 -21.98 11.40 71.26
N ASN F 226 -21.68 11.63 72.54
CA ASN F 226 -20.59 10.92 73.23
C ASN F 226 -19.26 11.06 72.50
N ARG F 227 -18.98 12.28 72.03
CA ARG F 227 -17.71 12.55 71.37
C ARG F 227 -16.61 12.77 72.40
N GLU F 228 -15.39 13.04 71.92
CA GLU F 228 -14.25 13.26 72.79
C GLU F 228 -13.54 14.58 72.53
N SER F 229 -14.08 15.43 71.64
CA SER F 229 -13.45 16.69 71.31
C SER F 229 -14.48 17.81 71.30
N LEU F 230 -14.01 19.02 71.57
CA LEU F 230 -14.83 20.22 71.56
C LEU F 230 -14.23 21.22 70.57
N VAL F 231 -15.07 21.83 69.76
CA VAL F 231 -14.65 22.79 68.74
C VAL F 231 -14.98 24.19 69.23
N VAL F 232 -13.97 25.06 69.25
CA VAL F 232 -14.13 26.44 69.67
C VAL F 232 -13.61 27.34 68.55
N ASN F 233 -14.37 28.39 68.24
CA ASN F 233 -13.99 29.31 67.18
C ASN F 233 -12.88 30.24 67.67
N TYR F 234 -11.82 30.36 66.87
CA TYR F 234 -10.73 31.26 67.21
C TYR F 234 -11.16 32.72 67.09
N GLU F 235 -12.08 33.03 66.19
CA GLU F 235 -12.50 34.41 65.98
C GLU F 235 -13.16 34.99 67.22
N ASP F 236 -14.04 34.22 67.86
CA ASP F 236 -14.70 34.69 69.08
C ASP F 236 -13.71 34.90 70.21
N LEU F 237 -12.77 33.97 70.36
CA LEU F 237 -11.74 34.11 71.40
C LEU F 237 -10.89 35.34 71.16
N ALA F 238 -10.49 35.59 69.90
CA ALA F 238 -9.71 36.77 69.59
C ALA F 238 -10.51 38.04 69.84
N ALA F 239 -11.80 38.04 69.51
CA ALA F 239 -12.64 39.20 69.74
C ALA F 239 -12.78 39.50 71.22
N ARG F 240 -12.92 38.47 72.05
CA ARG F 240 -13.13 38.68 73.47
C ARG F 240 -11.81 38.85 74.24
N GLU F 241 -10.91 37.89 74.14
CA GLU F 241 -9.62 37.95 74.83
C GLU F 241 -8.50 38.01 73.80
N HIS F 242 -7.94 39.20 73.61
CA HIS F 242 -6.84 39.36 72.66
C HIS F 242 -5.57 38.69 73.15
N VAL F 243 -5.35 38.68 74.47
CA VAL F 243 -4.13 38.09 75.02
C VAL F 243 -4.09 36.59 74.74
N LEU F 244 -5.23 35.91 74.85
CA LEU F 244 -5.28 34.49 74.54
C LEU F 244 -4.99 34.24 73.06
N ALA F 245 -5.52 35.10 72.19
CA ALA F 245 -5.26 34.97 70.76
C ALA F 245 -3.79 35.20 70.45
N TYR F 246 -3.12 36.07 71.22
CA TYR F 246 -1.68 36.25 71.05
C TYR F 246 -0.89 35.05 71.58
N PHE F 247 -1.34 34.48 72.71
CA PHE F 247 -0.59 33.41 73.36
C PHE F 247 -0.71 32.08 72.64
N LEU F 248 -1.86 31.79 72.03
CA LEU F 248 -2.06 30.47 71.43
C LEU F 248 -1.02 30.12 70.38
N PRO F 249 -0.71 30.96 69.38
CA PRO F 249 0.35 30.60 68.43
C PRO F 249 1.73 30.49 69.05
N GLU F 250 1.98 31.17 70.18
CA GLU F 250 3.31 31.24 70.74
C GLU F 250 3.61 30.08 71.69
N ALA F 251 2.63 29.69 72.51
CA ALA F 251 2.78 28.58 73.45
C ALA F 251 1.62 27.61 73.25
N PRO F 252 1.66 26.82 72.16
CA PRO F 252 0.51 25.98 71.82
C PRO F 252 0.30 24.79 72.76
N ALA F 253 1.37 24.05 73.06
CA ALA F 253 1.20 22.78 73.76
C ALA F 253 0.70 22.98 75.19
N GLU F 254 1.38 23.85 75.95
CA GLU F 254 0.99 24.06 77.34
C GLU F 254 -0.42 24.64 77.44
N LEU F 255 -0.70 25.68 76.63
CA LEU F 255 -2.01 26.31 76.69
C LEU F 255 -3.12 25.36 76.25
N LEU F 256 -2.86 24.55 75.23
CA LEU F 256 -3.87 23.58 74.80
C LEU F 256 -4.11 22.51 75.87
N GLN F 257 -3.06 22.05 76.55
CA GLN F 257 -3.25 21.10 77.64
C GLN F 257 -4.06 21.72 78.78
N ILE F 258 -3.77 22.98 79.11
CA ILE F 258 -4.53 23.67 80.15
C ILE F 258 -5.99 23.80 79.74
N PHE F 259 -6.25 24.14 78.48
CA PHE F 259 -7.63 24.29 78.02
C PHE F 259 -8.35 22.94 78.01
N ASP F 260 -7.63 21.86 77.68
CA ASP F 260 -8.23 20.53 77.74
C ASP F 260 -8.62 20.18 79.17
N GLU F 261 -7.73 20.47 80.14
CA GLU F 261 -8.05 20.21 81.53
C GLU F 261 -9.24 21.05 81.99
N ALA F 262 -9.28 22.32 81.57
CA ALA F 262 -10.39 23.19 81.92
C ALA F 262 -11.70 22.67 81.35
N ALA F 263 -11.69 22.23 80.09
CA ALA F 263 -12.89 21.65 79.50
C ALA F 263 -13.32 20.39 80.23
N LEU F 264 -12.36 19.55 80.61
CA LEU F 264 -12.68 18.32 81.34
C LEU F 264 -13.35 18.63 82.68
N GLU F 265 -12.79 19.60 83.42
CA GLU F 265 -13.39 19.92 84.72
C GLU F 265 -14.72 20.63 84.59
N VAL F 266 -14.89 21.46 83.55
CA VAL F 266 -16.19 22.07 83.29
C VAL F 266 -17.23 21.00 82.98
N VAL F 267 -16.85 20.01 82.17
CA VAL F 267 -17.78 18.91 81.85
C VAL F 267 -18.12 18.14 83.11
N LEU F 268 -17.13 17.87 83.96
CA LEU F 268 -17.40 17.15 85.21
C LEU F 268 -18.35 17.92 86.11
N ALA F 269 -18.17 19.24 86.20
CA ALA F 269 -19.08 20.06 86.99
C ALA F 269 -20.48 20.06 86.40
N MET F 270 -20.59 20.13 85.07
CA MET F 270 -21.89 20.17 84.43
C MET F 270 -22.49 18.77 84.26
N TYR F 271 -21.67 17.81 83.82
CA TYR F 271 -22.12 16.43 83.61
C TYR F 271 -21.18 15.51 84.37
N PRO F 272 -21.41 15.29 85.67
CA PRO F 272 -20.54 14.38 86.43
C PRO F 272 -20.50 12.97 85.87
N LYS F 273 -21.62 12.48 85.30
CA LYS F 273 -21.64 11.13 84.76
C LYS F 273 -20.81 10.99 83.49
N TYR F 274 -20.41 12.10 82.87
CA TYR F 274 -19.68 12.03 81.61
C TYR F 274 -18.26 11.49 81.77
N ASP F 275 -17.76 11.37 83.00
CA ASP F 275 -16.47 10.71 83.20
C ASP F 275 -16.57 9.21 82.89
N ARG F 276 -17.79 8.65 82.96
CA ARG F 276 -17.95 7.22 82.73
C ARG F 276 -17.83 6.86 81.26
N ILE F 277 -18.13 7.80 80.36
CA ILE F 277 -18.10 7.52 78.93
C ILE F 277 -16.79 7.97 78.33
N THR F 278 -16.23 9.08 78.85
CA THR F 278 -14.97 9.60 78.38
C THR F 278 -14.10 9.98 79.57
N ASN F 279 -12.79 9.81 79.42
CA ASN F 279 -11.83 10.17 80.44
C ASN F 279 -10.99 11.39 80.10
N HIS F 280 -10.91 11.76 78.82
CA HIS F 280 -10.15 12.93 78.39
C HIS F 280 -10.90 13.62 77.26
N ILE F 281 -10.89 14.95 77.29
CA ILE F 281 -11.56 15.77 76.28
C ILE F 281 -10.55 16.75 75.72
N HIS F 282 -10.51 16.87 74.40
CA HIS F 282 -9.55 17.72 73.70
C HIS F 282 -10.26 18.91 73.08
N VAL F 283 -9.59 20.06 73.09
CA VAL F 283 -10.12 21.30 72.53
C VAL F 283 -9.56 21.48 71.12
N ARG F 284 -10.44 21.72 70.16
CA ARG F 284 -10.07 21.90 68.76
C ARG F 284 -10.18 23.36 68.38
N ILE F 285 -9.14 23.89 67.75
CA ILE F 285 -9.09 25.28 67.31
C ILE F 285 -9.40 25.33 65.82
N SER F 286 -10.38 26.14 65.44
CA SER F 286 -10.83 26.23 64.07
C SER F 286 -10.76 27.67 63.57
N HIS F 287 -10.68 27.80 62.24
CA HIS F 287 -10.67 29.09 61.55
C HIS F 287 -9.48 29.95 62.01
N LEU F 288 -8.29 29.42 61.78
CA LEU F 288 -7.07 30.20 62.02
C LEU F 288 -6.89 31.22 60.89
N PRO F 289 -6.76 32.50 61.22
CA PRO F 289 -6.65 33.52 60.16
C PRO F 289 -5.44 33.33 59.27
N LEU F 290 -4.33 32.79 59.79
CA LEU F 290 -3.10 32.64 59.03
C LEU F 290 -3.10 31.29 58.34
N VAL F 291 -3.23 31.30 57.02
CA VAL F 291 -3.18 30.10 56.20
C VAL F 291 -1.87 30.11 55.41
N GLU F 292 -1.10 29.04 55.54
CA GLU F 292 0.19 28.94 54.88
C GLU F 292 0.25 27.66 54.04
N GLU F 293 1.03 27.72 52.98
CA GLU F 293 1.17 26.59 52.08
C GLU F 293 2.35 25.71 52.50
N LEU F 294 2.37 24.49 51.97
CA LEU F 294 3.46 23.56 52.27
C LEU F 294 4.79 24.12 51.77
N ARG F 295 4.78 24.80 50.63
CA ARG F 295 5.99 25.44 50.13
C ARG F 295 6.47 26.56 51.06
N SER F 296 5.56 27.16 51.82
CA SER F 296 5.89 28.31 52.66
C SER F 296 6.47 27.91 54.01
N LEU F 297 6.63 26.62 54.28
CA LEU F 297 7.11 26.16 55.58
C LEU F 297 8.60 26.46 55.71
N ARG F 298 8.98 27.16 56.78
CA ARG F 298 10.38 27.40 57.10
C ARG F 298 10.70 27.03 58.54
N GLN F 299 11.91 27.37 58.99
CA GLN F 299 12.30 27.15 60.37
C GLN F 299 11.52 28.06 61.32
N LEU F 300 11.15 29.26 60.85
CA LEU F 300 10.46 30.22 61.70
C LEU F 300 9.10 29.71 62.18
N HIS F 301 8.51 28.74 61.49
CA HIS F 301 7.23 28.17 61.86
C HIS F 301 7.37 26.96 62.79
N LEU F 302 8.59 26.64 63.21
CA LEU F 302 8.80 25.44 64.02
C LEU F 302 8.15 25.60 65.38
N ASN F 303 7.49 24.53 65.84
CA ASN F 303 6.75 24.52 67.11
C ASN F 303 5.74 25.65 67.17
N GLN F 304 5.03 25.87 66.06
CA GLN F 304 4.04 26.92 65.96
C GLN F 304 2.78 26.36 65.30
N LEU F 305 1.63 26.90 65.68
CA LEU F 305 0.36 26.51 65.09
C LEU F 305 0.20 27.16 63.74
N ILE F 306 0.07 26.36 62.69
CA ILE F 306 -0.02 26.83 61.31
C ILE F 306 -1.21 26.16 60.64
N ARG F 307 -1.95 26.93 59.85
CA ARG F 307 -3.04 26.40 59.05
C ARG F 307 -2.56 26.18 57.62
N THR F 308 -2.74 24.96 57.12
CA THR F 308 -2.29 24.58 55.79
C THR F 308 -3.43 23.93 55.02
N SER F 309 -3.28 23.88 53.70
CA SER F 309 -4.25 23.25 52.82
C SER F 309 -3.53 22.32 51.86
N GLY F 310 -4.20 21.24 51.50
CA GLY F 310 -3.60 20.27 50.59
C GLY F 310 -4.56 19.15 50.29
N VAL F 311 -4.01 18.09 49.69
CA VAL F 311 -4.77 16.90 49.33
C VAL F 311 -4.09 15.67 49.92
N VAL F 312 -4.88 14.76 50.48
CA VAL F 312 -4.35 13.56 51.09
C VAL F 312 -4.03 12.53 50.00
N THR F 313 -2.86 11.92 50.10
CA THR F 313 -2.41 10.92 49.14
C THR F 313 -2.41 9.51 49.71
N SER F 314 -1.79 9.31 50.86
CA SER F 314 -1.72 8.00 51.49
C SER F 314 -2.00 8.14 52.98
N CYS F 315 -2.55 7.08 53.56
CA CYS F 315 -2.85 7.03 54.99
C CYS F 315 -2.53 5.64 55.53
N THR F 316 -2.19 5.58 56.80
CA THR F 316 -1.90 4.33 57.48
C THR F 316 -3.16 3.87 58.23
N GLY F 317 -3.01 2.82 59.03
CA GLY F 317 -4.11 2.31 59.82
C GLY F 317 -4.13 2.88 61.23
N VAL F 318 -5.10 2.42 62.02
CA VAL F 318 -5.22 2.84 63.41
C VAL F 318 -4.23 2.03 64.24
N LEU F 319 -3.34 2.72 64.94
CA LEU F 319 -2.30 2.08 65.72
C LEU F 319 -2.45 2.42 67.19
N PRO F 320 -2.42 1.44 68.09
CA PRO F 320 -2.49 1.72 69.53
C PRO F 320 -1.15 2.09 70.12
N GLN F 321 -1.21 2.97 71.12
CA GLN F 321 -0.02 3.41 71.85
C GLN F 321 -0.22 3.16 73.34
N LEU F 322 0.89 2.82 74.01
CA LEU F 322 0.88 2.57 75.45
C LEU F 322 1.10 3.89 76.20
N SER F 323 0.07 4.74 76.13
CA SER F 323 0.12 6.04 76.78
C SER F 323 0.07 5.92 78.30
N GLN F 371 -3.46 4.71 72.79
CA GLN F 371 -4.08 5.82 72.07
C GLN F 371 -4.13 5.55 70.57
N ASN F 372 -5.10 6.14 69.89
CA ASN F 372 -5.26 5.94 68.45
C ASN F 372 -4.27 6.79 67.68
N TYR F 373 -3.71 6.22 66.62
CA TYR F 373 -2.70 6.88 65.80
C TYR F 373 -3.09 6.83 64.32
N GLN F 374 -2.76 7.90 63.61
CA GLN F 374 -2.93 7.95 62.16
C GLN F 374 -1.76 8.70 61.54
N ARG F 375 -1.11 8.07 60.57
CA ARG F 375 -0.05 8.69 59.78
C ARG F 375 -0.53 8.84 58.35
N ILE F 376 -0.52 10.08 57.85
CA ILE F 376 -0.99 10.39 56.51
C ILE F 376 0.07 11.21 55.79
N ARG F 377 0.01 11.17 54.47
CA ARG F 377 0.94 11.89 53.60
C ARG F 377 0.14 12.85 52.74
N ILE F 378 0.52 14.13 52.78
CA ILE F 378 -0.25 15.19 52.15
C ILE F 378 0.61 15.88 51.10
N GLN F 379 0.09 16.01 49.90
CA GLN F 379 0.72 16.75 48.82
C GLN F 379 -0.05 18.03 48.54
N GLU F 380 0.63 18.98 47.89
CA GLU F 380 -0.01 20.22 47.50
C GLU F 380 -1.07 19.98 46.45
N SER F 381 -2.09 20.83 46.45
CA SER F 381 -3.19 20.68 45.51
C SER F 381 -2.69 20.90 44.08
N PRO F 382 -2.97 19.98 43.16
CA PRO F 382 -2.40 20.12 41.80
C PRO F 382 -2.84 21.38 41.09
N GLY F 383 -4.06 21.87 41.34
CA GLY F 383 -4.50 23.11 40.73
C GLY F 383 -3.65 24.30 41.16
N LYS F 384 -3.29 24.34 42.44
CA LYS F 384 -2.47 25.44 42.96
C LYS F 384 -1.01 25.35 42.53
N VAL F 385 -0.53 24.15 42.21
CA VAL F 385 0.86 23.96 41.83
C VAL F 385 1.09 24.51 40.42
N ALA F 386 2.12 25.35 40.27
CA ALA F 386 2.47 25.88 38.97
C ALA F 386 3.08 24.79 38.10
N ALA F 387 2.97 24.98 36.79
CA ALA F 387 3.47 23.99 35.85
C ALA F 387 5.00 23.92 35.89
N GLY F 388 5.53 22.72 35.65
CA GLY F 388 6.96 22.51 35.59
C GLY F 388 7.64 22.24 36.91
N ARG F 389 6.90 22.16 38.01
CA ARG F 389 7.48 21.97 39.33
C ARG F 389 6.76 20.85 40.05
N LEU F 390 7.51 19.93 40.63
CA LEU F 390 6.93 18.73 41.23
C LEU F 390 6.13 19.07 42.49
N PRO F 391 5.07 18.33 42.78
CA PRO F 391 4.31 18.56 44.01
C PRO F 391 5.06 18.01 45.23
N ARG F 392 5.14 18.83 46.27
CA ARG F 392 5.85 18.45 47.49
C ARG F 392 4.90 17.75 48.46
N SER F 393 5.45 16.84 49.25
CA SER F 393 4.69 16.01 50.15
C SER F 393 5.16 16.21 51.59
N LYS F 394 4.20 16.13 52.53
CA LYS F 394 4.48 16.30 53.94
C LYS F 394 3.71 15.25 54.73
N ASP F 395 4.14 15.04 55.98
CA ASP F 395 3.56 14.05 56.87
C ASP F 395 2.74 14.74 57.96
N ALA F 396 1.67 14.08 58.37
CA ALA F 396 0.79 14.59 59.43
C ALA F 396 0.44 13.47 60.39
N ILE F 397 0.12 13.84 61.62
CA ILE F 397 -0.16 12.89 62.70
C ILE F 397 -1.51 13.24 63.30
N LEU F 398 -2.36 12.23 63.50
CA LEU F 398 -3.69 12.39 64.07
C LEU F 398 -3.83 11.52 65.30
N LEU F 399 -4.47 12.05 66.34
CA LEU F 399 -4.65 11.36 67.61
C LEU F 399 -6.12 11.30 67.98
N ALA F 400 -6.54 10.13 68.47
CA ALA F 400 -7.86 9.94 69.06
C ALA F 400 -8.99 10.30 68.11
N ASP F 401 -9.65 11.43 68.35
CA ASP F 401 -10.81 11.80 67.54
C ASP F 401 -10.43 12.07 66.09
N LEU F 402 -9.28 12.72 65.87
CA LEU F 402 -8.84 13.02 64.52
C LEU F 402 -8.48 11.78 63.71
N VAL F 403 -8.32 10.63 64.37
CA VAL F 403 -8.01 9.39 63.68
C VAL F 403 -9.19 8.99 62.80
N ASP F 404 -8.88 8.61 61.56
CA ASP F 404 -9.87 8.17 60.57
C ASP F 404 -10.88 9.26 60.21
N SER F 405 -10.48 10.53 60.36
CA SER F 405 -11.36 11.65 60.00
C SER F 405 -11.21 12.07 58.54
N CYS F 406 -10.30 11.45 57.80
CA CYS F 406 -10.08 11.83 56.41
C CYS F 406 -9.78 10.57 55.58
N LYS F 407 -9.85 10.74 54.27
CA LYS F 407 -9.61 9.66 53.32
C LYS F 407 -8.60 10.12 52.27
N PRO F 408 -7.86 9.19 51.68
CA PRO F 408 -6.95 9.57 50.58
C PRO F 408 -7.71 10.18 49.42
N GLY F 409 -7.09 11.16 48.78
CA GLY F 409 -7.71 11.86 47.67
C GLY F 409 -8.70 12.93 48.06
N ASP F 410 -8.88 13.19 49.35
CA ASP F 410 -9.81 14.21 49.83
C ASP F 410 -9.05 15.50 50.10
N GLU F 411 -9.54 16.60 49.54
CA GLU F 411 -8.94 17.91 49.75
C GLU F 411 -9.37 18.44 51.11
N ILE F 412 -8.40 18.69 51.98
CA ILE F 412 -8.65 19.16 53.34
C ILE F 412 -7.72 20.31 53.66
N GLU F 413 -8.12 21.11 54.65
CA GLU F 413 -7.24 22.09 55.27
C GLU F 413 -7.05 21.72 56.74
N LEU F 414 -5.85 21.97 57.24
CA LEU F 414 -5.45 21.51 58.57
C LEU F 414 -4.89 22.67 59.38
N THR F 415 -5.17 22.65 60.68
CA THR F 415 -4.52 23.52 61.66
C THR F 415 -3.74 22.62 62.61
N GLY F 416 -2.43 22.84 62.70
CA GLY F 416 -1.61 21.97 63.50
C GLY F 416 -0.29 22.60 63.90
N ILE F 417 0.44 21.87 64.72
CA ILE F 417 1.73 22.33 65.24
C ILE F 417 2.83 21.84 64.32
N TYR F 418 3.65 22.78 63.84
CA TYR F 418 4.78 22.47 62.97
C TYR F 418 5.99 22.15 63.85
N HIS F 419 6.08 20.89 64.27
CA HIS F 419 7.17 20.44 65.12
C HIS F 419 8.24 19.72 64.30
N ASN F 420 9.41 19.56 64.90
CA ASN F 420 10.52 18.87 64.29
C ASN F 420 10.79 17.55 65.01
N ASN F 421 11.30 16.57 64.26
CA ASN F 421 11.60 15.26 64.78
C ASN F 421 13.08 14.94 64.57
N TYR F 422 13.67 14.24 65.53
CA TYR F 422 15.06 13.83 65.45
C TYR F 422 15.15 12.47 64.78
N ASP F 423 15.91 12.39 63.69
CA ASP F 423 16.09 11.15 62.94
C ASP F 423 17.57 10.99 62.63
N GLY F 424 18.20 9.97 63.22
CA GLY F 424 19.60 9.72 62.95
C GLY F 424 19.89 9.15 61.58
N SER F 425 18.92 8.48 60.97
CA SER F 425 19.12 7.96 59.62
C SER F 425 19.32 9.08 58.61
N LEU F 426 18.51 10.14 58.71
CA LEU F 426 18.68 11.29 57.83
C LEU F 426 20.02 11.96 58.09
N ASN F 427 20.43 12.05 59.35
CA ASN F 427 21.73 12.65 59.68
C ASN F 427 22.87 11.86 59.06
N THR F 428 22.81 10.52 59.14
CA THR F 428 23.86 9.70 58.55
C THR F 428 23.85 9.79 57.03
N ALA F 429 22.67 9.79 56.42
CA ALA F 429 22.59 9.83 54.96
C ALA F 429 23.08 11.17 54.42
N ASN F 430 22.60 12.27 54.99
CA ASN F 430 23.00 13.60 54.53
C ASN F 430 24.38 14.00 55.05
N GLY F 431 24.81 13.44 56.17
CA GLY F 431 26.11 13.77 56.73
C GLY F 431 26.14 14.93 57.70
N PHE F 432 24.99 15.34 58.22
CA PHE F 432 24.90 16.47 59.13
C PHE F 432 23.53 16.43 59.80
N PRO F 433 23.32 17.16 60.90
CA PRO F 433 22.03 17.08 61.60
C PRO F 433 20.88 17.58 60.73
N VAL F 434 19.90 16.69 60.53
CA VAL F 434 18.71 16.98 59.76
C VAL F 434 17.50 16.59 60.60
N PHE F 435 16.52 17.48 60.69
CA PHE F 435 15.29 17.24 61.44
C PHE F 435 14.13 17.14 60.47
N ALA F 436 13.40 16.02 60.53
CA ALA F 436 12.21 15.82 59.71
C ALA F 436 11.03 16.53 60.35
N THR F 437 10.53 17.57 59.69
CA THR F 437 9.45 18.38 60.25
C THR F 437 8.10 17.73 59.92
N VAL F 438 7.33 17.41 60.96
CA VAL F 438 6.03 16.78 60.82
C VAL F 438 5.00 17.63 61.55
N ILE F 439 3.87 17.89 60.90
CA ILE F 439 2.80 18.68 61.48
C ILE F 439 1.87 17.76 62.27
N LEU F 440 1.56 18.15 63.51
CA LEU F 440 0.59 17.44 64.34
C LEU F 440 -0.70 18.24 64.29
N ALA F 441 -1.64 17.78 63.45
CA ALA F 441 -2.86 18.53 63.21
C ALA F 441 -3.73 18.58 64.45
N ASN F 442 -4.41 19.71 64.64
CA ASN F 442 -5.38 19.88 65.71
C ASN F 442 -6.82 19.79 65.22
N HIS F 443 -7.12 20.43 64.09
CA HIS F 443 -8.46 20.41 63.50
C HIS F 443 -8.36 19.94 62.05
N VAL F 444 -9.30 19.08 61.66
CA VAL F 444 -9.38 18.57 60.30
C VAL F 444 -10.70 19.02 59.69
N ALA F 445 -10.63 19.66 58.53
CA ALA F 445 -11.83 20.12 57.81
C ALA F 445 -11.62 19.85 56.34
N LYS F 446 -12.50 19.04 55.76
CA LYS F 446 -12.42 18.76 54.32
C LYS F 446 -12.76 20.02 53.52
N LYS F 447 -12.00 20.25 52.45
CA LYS F 447 -12.13 21.48 51.68
C LYS F 447 -13.25 21.34 50.64
N ASP F 448 -14.47 21.32 51.15
CA ASP F 448 -15.63 21.43 50.28
C ASP F 448 -15.77 22.86 49.77
N ASN F 449 -16.56 23.02 48.72
CA ASN F 449 -16.74 24.35 48.13
C ASN F 449 -17.55 25.29 49.00
N LYS F 450 -17.95 24.87 50.20
CA LYS F 450 -18.60 25.79 51.13
C LYS F 450 -17.67 26.94 51.50
N VAL F 451 -16.39 26.64 51.69
CA VAL F 451 -15.40 27.69 51.96
C VAL F 451 -15.33 28.64 50.76
N ALA F 452 -15.38 28.11 49.54
CA ALA F 452 -15.38 28.95 48.36
C ALA F 452 -16.61 29.85 48.32
N VAL F 453 -17.77 29.31 48.72
CA VAL F 453 -18.98 30.11 48.79
C VAL F 453 -18.81 31.24 49.80
N GLY F 454 -18.23 30.93 50.95
CA GLY F 454 -17.95 31.97 51.92
C GLY F 454 -16.98 33.02 51.42
N GLU F 455 -16.01 32.61 50.60
CA GLU F 455 -15.04 33.54 50.04
C GLU F 455 -15.63 34.45 48.98
N LEU F 456 -16.83 34.15 48.48
CA LEU F 456 -17.44 34.97 47.45
C LEU F 456 -17.83 36.33 48.02
N THR F 457 -17.43 37.39 47.32
CA THR F 457 -17.80 38.74 47.70
C THR F 457 -19.24 39.01 47.30
N ASP F 458 -19.95 39.78 48.13
CA ASP F 458 -21.32 40.15 47.80
C ASP F 458 -21.38 40.95 46.49
N GLU F 459 -20.33 41.68 46.16
CA GLU F 459 -20.26 42.34 44.86
C GLU F 459 -20.22 41.30 43.74
N ASP F 460 -19.46 40.22 43.93
CA ASP F 460 -19.46 39.14 42.96
C ASP F 460 -20.84 38.53 42.81
N VAL F 461 -21.54 38.34 43.95
CA VAL F 461 -22.88 37.76 43.92
C VAL F 461 -23.84 38.67 43.16
N LYS F 462 -23.76 39.99 43.41
CA LYS F 462 -24.68 40.89 42.74
C LYS F 462 -24.37 40.99 41.24
N MET F 463 -23.09 40.94 40.87
CA MET F 463 -22.75 40.91 39.44
C MET F 463 -23.26 39.63 38.78
N ILE F 464 -23.13 38.49 39.48
CA ILE F 464 -23.62 37.23 38.93
C ILE F 464 -25.13 37.28 38.75
N THR F 465 -25.85 37.82 39.74
CA THR F 465 -27.30 37.91 39.63
C THR F 465 -27.71 38.85 38.49
N SER F 466 -27.00 39.97 38.35
CA SER F 466 -27.30 40.89 37.25
C SER F 466 -27.04 40.25 35.90
N LEU F 467 -26.00 39.41 35.81
CA LEU F 467 -25.78 38.67 34.57
C LEU F 467 -26.86 37.63 34.35
N SER F 468 -27.37 37.03 35.42
CA SER F 468 -28.38 35.98 35.29
C SER F 468 -29.68 36.50 34.70
N LYS F 469 -30.11 37.70 35.11
CA LYS F 469 -31.35 38.27 34.60
C LYS F 469 -31.26 38.70 33.15
N ASP F 470 -30.06 38.73 32.57
CA ASP F 470 -29.90 39.08 31.17
C ASP F 470 -30.51 38.00 30.29
N GLN F 471 -31.31 38.42 29.31
CA GLN F 471 -31.94 37.47 28.40
C GLN F 471 -30.94 36.82 27.45
N GLN F 472 -29.80 37.49 27.20
CA GLN F 472 -28.78 36.98 26.30
C GLN F 472 -27.56 36.45 27.05
N ILE F 473 -27.77 35.95 28.28
CA ILE F 473 -26.65 35.46 29.08
C ILE F 473 -26.02 34.23 28.42
N GLY F 474 -26.85 33.34 27.88
CA GLY F 474 -26.30 32.17 27.21
C GLY F 474 -25.43 32.52 26.03
N GLU F 475 -25.87 33.47 25.21
CA GLU F 475 -25.12 33.86 24.02
C GLU F 475 -23.74 34.39 24.40
N LYS F 476 -23.68 35.28 25.39
CA LYS F 476 -22.39 35.83 25.79
C LYS F 476 -21.53 34.79 26.50
N ILE F 477 -22.15 33.85 27.21
CA ILE F 477 -21.37 32.77 27.84
C ILE F 477 -20.71 31.91 26.78
N PHE F 478 -21.47 31.50 25.76
CA PHE F 478 -20.89 30.68 24.71
C PHE F 478 -19.85 31.45 23.91
N ALA F 479 -20.11 32.73 23.65
CA ALA F 479 -19.13 33.54 22.91
C ALA F 479 -17.91 33.86 23.74
N SER F 480 -17.99 33.78 25.07
CA SER F 480 -16.87 34.09 25.93
C SER F 480 -15.82 32.99 25.99
N ILE F 481 -16.11 31.81 25.44
CA ILE F 481 -15.21 30.67 25.51
C ILE F 481 -14.36 30.63 24.26
N ALA F 482 -13.05 30.52 24.43
CA ALA F 482 -12.05 30.48 23.36
C ALA F 482 -12.18 31.69 22.44
N PRO F 483 -11.91 32.91 22.93
CA PRO F 483 -11.87 34.06 22.02
C PRO F 483 -10.83 33.92 20.91
N SER F 484 -9.71 33.27 21.19
CA SER F 484 -8.65 33.14 20.19
C SER F 484 -8.98 32.14 19.08
N ILE F 485 -10.05 31.37 19.23
CA ILE F 485 -10.43 30.36 18.25
C ILE F 485 -11.71 30.82 17.55
N TYR F 486 -11.74 30.67 16.24
CA TYR F 486 -12.83 31.16 15.41
C TYR F 486 -13.79 30.03 15.04
N GLY F 487 -15.08 30.34 15.06
CA GLY F 487 -16.08 29.37 14.66
C GLY F 487 -16.22 28.23 15.65
N HIS F 488 -16.72 27.11 15.13
CA HIS F 488 -16.89 25.88 15.90
C HIS F 488 -17.80 26.11 17.11
N GLU F 489 -19.03 26.56 16.82
CA GLU F 489 -19.98 26.84 17.88
C GLU F 489 -20.37 25.58 18.65
N ASP F 490 -20.58 24.47 17.93
CA ASP F 490 -21.11 23.27 18.56
C ASP F 490 -20.16 22.69 19.61
N ILE F 491 -18.86 22.68 19.31
CA ILE F 491 -17.91 22.08 20.24
C ILE F 491 -17.82 22.89 21.53
N LYS F 492 -17.72 24.21 21.43
CA LYS F 492 -17.67 25.02 22.64
C LYS F 492 -19.00 24.96 23.40
N ARG F 493 -20.11 24.89 22.67
CA ARG F 493 -21.42 24.74 23.32
C ARG F 493 -21.47 23.46 24.15
N GLY F 494 -21.07 22.34 23.55
CA GLY F 494 -21.08 21.07 24.26
C GLY F 494 -20.13 21.06 25.44
N LEU F 495 -18.93 21.62 25.26
CA LEU F 495 -17.96 21.63 26.36
C LEU F 495 -18.44 22.51 27.52
N ALA F 496 -19.05 23.66 27.22
CA ALA F 496 -19.62 24.49 28.28
C ALA F 496 -20.74 23.76 29.00
N LEU F 497 -21.61 23.10 28.24
CA LEU F 497 -22.74 22.38 28.83
C LEU F 497 -22.26 21.25 29.72
N ALA F 498 -21.17 20.57 29.33
CA ALA F 498 -20.58 19.55 30.19
C ALA F 498 -19.90 20.17 31.41
N LEU F 499 -19.27 21.33 31.23
CA LEU F 499 -18.58 21.98 32.34
C LEU F 499 -19.54 22.38 33.45
N PHE F 500 -20.69 22.94 33.08
CA PHE F 500 -21.68 23.29 34.10
C PHE F 500 -22.17 22.07 34.86
N GLY F 501 -22.26 20.93 34.19
CA GLY F 501 -22.56 19.68 34.86
C GLY F 501 -24.00 19.57 35.33
N GLY F 502 -24.45 18.33 35.49
CA GLY F 502 -25.78 18.03 35.97
C GLY F 502 -25.81 17.75 37.46
N GLU F 503 -26.95 17.26 37.92
CA GLU F 503 -27.14 16.94 39.33
C GLU F 503 -27.04 15.44 39.53
N PRO F 504 -25.99 14.94 40.18
CA PRO F 504 -25.94 13.50 40.48
C PRO F 504 -27.05 13.11 41.44
N LYS F 505 -27.58 11.90 41.22
CA LYS F 505 -28.71 11.41 41.99
C LYS F 505 -28.44 9.98 42.42
N ASN F 506 -29.00 9.61 43.57
CA ASN F 506 -28.84 8.28 44.15
C ASN F 506 -30.21 7.75 44.56
N PRO F 507 -31.07 7.40 43.57
CA PRO F 507 -32.45 7.04 43.90
C PRO F 507 -32.56 5.80 44.79
N GLY F 508 -33.01 6.01 46.03
CA GLY F 508 -33.28 4.94 46.97
C GLY F 508 -32.07 4.34 47.62
N GLY F 509 -30.88 4.84 47.32
CA GLY F 509 -29.66 4.20 47.77
C GLY F 509 -29.41 2.84 47.17
N LYS F 510 -30.18 2.44 46.17
CA LYS F 510 -30.00 1.18 45.46
C LYS F 510 -29.10 1.32 44.24
N HIS F 511 -29.36 2.32 43.40
CA HIS F 511 -28.54 2.66 42.26
C HIS F 511 -28.29 4.16 42.27
N LYS F 512 -27.14 4.56 41.74
CA LYS F 512 -26.75 5.97 41.74
C LYS F 512 -26.70 6.47 40.29
N VAL F 513 -27.42 7.56 40.03
CA VAL F 513 -27.47 8.15 38.70
C VAL F 513 -26.45 9.27 38.64
N ARG F 514 -25.50 9.16 37.72
CA ARG F 514 -24.45 10.17 37.59
C ARG F 514 -25.01 11.48 37.06
N GLY F 515 -24.37 12.58 37.47
CA GLY F 515 -24.70 13.90 36.95
C GLY F 515 -23.55 14.49 36.17
N ASP F 516 -22.82 13.62 35.47
CA ASP F 516 -21.62 14.00 34.74
C ASP F 516 -21.81 13.75 33.25
N ILE F 517 -21.17 14.58 32.44
CA ILE F 517 -21.26 14.51 30.98
C ILE F 517 -19.88 14.16 30.44
N ASN F 518 -19.81 13.10 29.65
CA ASN F 518 -18.56 12.64 29.04
C ASN F 518 -18.54 13.07 27.58
N VAL F 519 -17.49 13.78 27.18
CA VAL F 519 -17.38 14.34 25.84
C VAL F 519 -16.18 13.72 25.14
N LEU F 520 -16.41 13.21 23.93
CA LEU F 520 -15.36 12.68 23.07
C LEU F 520 -15.26 13.57 21.83
N LEU F 521 -14.03 13.91 21.45
CA LEU F 521 -13.79 14.88 20.39
C LEU F 521 -12.90 14.23 19.33
N CYS F 522 -13.51 13.83 18.21
CA CYS F 522 -12.79 13.33 17.05
C CYS F 522 -12.81 14.40 15.97
N GLY F 523 -11.64 14.72 15.43
CA GLY F 523 -11.54 15.78 14.45
C GLY F 523 -10.37 15.60 13.51
N ASP F 524 -10.49 16.20 12.34
CA ASP F 524 -9.39 16.22 11.39
C ASP F 524 -8.26 17.11 11.91
N PRO F 525 -7.00 16.77 11.67
CA PRO F 525 -5.90 17.59 12.16
C PRO F 525 -5.97 19.00 11.59
N GLY F 526 -5.55 19.97 12.41
CA GLY F 526 -5.62 21.37 12.04
C GLY F 526 -6.81 22.12 12.57
N THR F 527 -7.52 21.58 13.56
CA THR F 527 -8.70 22.23 14.12
C THR F 527 -8.49 22.71 15.56
N ALA F 528 -7.24 22.68 16.05
CA ALA F 528 -6.87 23.23 17.36
C ALA F 528 -7.66 22.58 18.49
N LYS F 529 -7.68 21.24 18.49
CA LYS F 529 -8.28 20.51 19.60
C LYS F 529 -7.44 20.67 20.88
N SER F 530 -6.12 20.54 20.75
CA SER F 530 -5.23 20.70 21.90
C SER F 530 -5.33 22.11 22.48
N GLN F 531 -5.57 23.12 21.64
CA GLN F 531 -5.77 24.47 22.16
C GLN F 531 -7.01 24.54 23.03
N PHE F 532 -8.10 23.90 22.59
CA PHE F 532 -9.31 23.85 23.40
C PHE F 532 -9.06 23.13 24.72
N LEU F 533 -8.34 22.01 24.67
CA LEU F 533 -8.03 21.28 25.90
C LEU F 533 -7.17 22.12 26.85
N LYS F 534 -6.20 22.85 26.31
CA LYS F 534 -5.34 23.70 27.14
C LYS F 534 -6.15 24.82 27.78
N TYR F 535 -7.07 25.44 27.01
CA TYR F 535 -7.90 26.49 27.57
C TYR F 535 -8.79 25.95 28.68
N ILE F 536 -9.35 24.75 28.50
CA ILE F 536 -10.15 24.12 29.55
C ILE F 536 -9.28 23.84 30.77
N GLU F 537 -8.04 23.40 30.53
CA GLU F 537 -7.10 23.17 31.63
C GLU F 537 -6.89 24.44 32.44
N LYS F 538 -6.69 25.57 31.77
CA LYS F 538 -6.44 26.82 32.48
C LYS F 538 -7.69 27.30 33.22
N VAL F 539 -8.85 27.23 32.57
CA VAL F 539 -10.06 27.81 33.14
C VAL F 539 -10.46 27.08 34.43
N SER F 540 -10.41 25.75 34.41
CA SER F 540 -10.94 24.97 35.52
C SER F 540 -10.19 25.27 36.81
N SER F 541 -10.95 25.39 37.90
CA SER F 541 -10.34 25.55 39.22
C SER F 541 -9.51 24.33 39.59
N ARG F 542 -9.98 23.14 39.24
CA ARG F 542 -9.26 21.89 39.47
C ARG F 542 -9.16 21.17 38.14
N ALA F 543 -7.94 21.00 37.64
CA ALA F 543 -7.74 20.41 36.33
C ALA F 543 -6.42 19.65 36.30
N ILE F 544 -6.43 18.49 35.64
CA ILE F 544 -5.25 17.67 35.44
C ILE F 544 -5.16 17.32 33.97
N PHE F 545 -3.98 17.52 33.38
CA PHE F 545 -3.74 17.22 31.98
C PHE F 545 -2.85 15.99 31.86
N THR F 546 -3.26 15.05 31.00
CA THR F 546 -2.50 13.84 30.75
C THR F 546 -2.41 13.61 29.24
N THR F 547 -1.32 12.97 28.83
CA THR F 547 -1.10 12.61 27.44
C THR F 547 -1.36 11.12 27.24
N GLY F 548 -1.66 10.76 25.99
CA GLY F 548 -1.96 9.37 25.69
C GLY F 548 -0.79 8.44 25.93
N GLN F 549 0.41 8.86 25.51
CA GLN F 549 1.57 7.99 25.62
C GLN F 549 2.03 7.84 27.06
N GLY F 550 2.01 8.92 27.83
CA GLY F 550 2.52 8.93 29.19
C GLY F 550 1.56 8.50 30.27
N ALA F 551 0.34 8.07 29.93
CA ALA F 551 -0.68 7.70 30.91
C ALA F 551 -0.82 6.19 30.91
N SER F 552 -0.33 5.55 31.97
CA SER F 552 -0.53 4.12 32.16
C SER F 552 -1.71 3.86 33.09
N ALA F 553 -2.16 2.60 33.11
CA ALA F 553 -3.27 2.24 33.99
C ALA F 553 -2.90 2.43 35.46
N VAL F 554 -1.68 2.05 35.83
CA VAL F 554 -1.23 2.26 37.21
C VAL F 554 -1.13 3.75 37.52
N GLY F 555 -0.65 4.55 36.55
CA GLY F 555 -0.55 5.98 36.78
C GLY F 555 -1.90 6.65 36.92
N LEU F 556 -2.87 6.27 36.09
CA LEU F 556 -4.17 6.93 36.11
C LEU F 556 -4.96 6.55 37.36
N THR F 557 -4.82 5.32 37.83
CA THR F 557 -5.59 4.81 38.95
C THR F 557 -4.72 4.75 40.21
N ALA F 558 -5.36 4.44 41.34
CA ALA F 558 -4.63 4.24 42.58
C ALA F 558 -3.99 2.85 42.59
N TYR F 559 -2.79 2.77 43.17
CA TYR F 559 -2.05 1.53 43.24
C TYR F 559 -1.53 1.31 44.65
N VAL F 560 -1.32 0.04 44.99
CA VAL F 560 -0.83 -0.34 46.30
C VAL F 560 0.69 -0.41 46.27
N GLN F 561 1.33 0.21 47.26
CA GLN F 561 2.78 0.24 47.34
C GLN F 561 3.22 0.02 48.78
N ARG F 562 4.38 -0.59 48.94
CA ARG F 562 5.00 -0.75 50.25
C ARG F 562 5.84 0.48 50.56
N HIS F 563 5.63 1.06 51.74
CA HIS F 563 6.32 2.28 52.10
C HIS F 563 7.82 2.01 52.21
N PRO F 564 8.66 2.88 51.65
CA PRO F 564 10.12 2.63 51.68
C PRO F 564 10.70 2.62 53.08
N VAL F 565 10.05 3.24 54.06
CA VAL F 565 10.58 3.33 55.41
C VAL F 565 9.90 2.33 56.32
N SER F 566 8.58 2.45 56.48
CA SER F 566 7.84 1.63 57.43
C SER F 566 7.34 0.32 56.84
N ARG F 567 7.29 0.21 55.51
CA ARG F 567 7.06 -1.05 54.81
C ARG F 567 5.69 -1.67 55.11
N GLU F 568 4.65 -0.85 55.23
CA GLU F 568 3.28 -1.34 55.17
C GLU F 568 2.65 -0.95 53.83
N TRP F 569 1.63 -1.71 53.44
CA TRP F 569 0.97 -1.45 52.16
C TRP F 569 0.28 -0.09 52.20
N THR F 570 0.56 0.73 51.19
CA THR F 570 0.04 2.09 51.11
C THR F 570 -0.56 2.34 49.73
N LEU F 571 -1.54 3.24 49.69
CA LEU F 571 -2.24 3.60 48.46
C LEU F 571 -1.79 4.97 48.00
N GLU F 572 -1.38 5.07 46.74
CA GLU F 572 -1.04 6.34 46.11
C GLU F 572 -2.08 6.64 45.04
N ALA F 573 -2.74 7.78 45.16
CA ALA F 573 -3.86 8.11 44.29
C ALA F 573 -3.39 8.39 42.87
N GLY F 574 -4.19 7.98 41.90
CA GLY F 574 -3.92 8.23 40.50
C GLY F 574 -4.46 9.58 40.05
N ALA F 575 -4.33 9.83 38.74
CA ALA F 575 -4.78 11.09 38.18
C ALA F 575 -6.29 11.26 38.33
N LEU F 576 -7.06 10.19 38.07
CA LEU F 576 -8.51 10.28 38.18
C LEU F 576 -8.95 10.55 39.62
N VAL F 577 -8.27 9.94 40.59
CA VAL F 577 -8.62 10.16 41.99
C VAL F 577 -8.40 11.63 42.36
N LEU F 578 -7.26 12.19 41.95
CA LEU F 578 -7.03 13.62 42.16
C LEU F 578 -7.93 14.50 41.30
N ALA F 579 -8.62 13.92 40.32
CA ALA F 579 -9.59 14.64 39.52
C ALA F 579 -10.98 14.61 40.12
N ASP F 580 -11.15 13.99 41.29
CA ASP F 580 -12.45 13.94 41.94
C ASP F 580 -12.97 15.34 42.22
N ARG F 581 -14.23 15.58 41.85
CA ARG F 581 -14.93 16.86 41.92
C ARG F 581 -14.36 17.87 40.92
N GLY F 582 -13.29 17.51 40.21
CA GLY F 582 -12.73 18.37 39.19
C GLY F 582 -12.96 17.83 37.79
N VAL F 583 -12.07 18.16 36.86
CA VAL F 583 -12.16 17.69 35.49
C VAL F 583 -10.85 17.01 35.11
N CYS F 584 -10.95 15.93 34.35
CA CYS F 584 -9.79 15.19 33.85
C CYS F 584 -9.77 15.26 32.33
N LEU F 585 -8.62 15.59 31.77
CA LEU F 585 -8.45 15.72 30.33
C LEU F 585 -7.56 14.60 29.82
N ILE F 586 -8.02 13.90 28.79
CA ILE F 586 -7.26 12.83 28.15
C ILE F 586 -6.97 13.26 26.72
N ASP F 587 -5.69 13.28 26.34
CA ASP F 587 -5.27 13.63 25.00
C ASP F 587 -4.82 12.37 24.27
N GLU F 588 -5.20 12.27 22.99
CA GLU F 588 -4.90 11.10 22.17
C GLU F 588 -5.45 9.83 22.81
N PHE F 589 -6.74 9.85 23.14
CA PHE F 589 -7.37 8.68 23.75
C PHE F 589 -7.37 7.48 22.82
N ASP F 590 -7.24 7.69 21.51
CA ASP F 590 -7.13 6.58 20.57
C ASP F 590 -5.82 5.82 20.71
N LYS F 591 -4.84 6.36 21.44
CA LYS F 591 -3.57 5.71 21.68
C LYS F 591 -3.63 4.76 22.89
N MET F 592 -4.72 4.80 23.66
CA MET F 592 -4.85 3.98 24.85
C MET F 592 -4.68 2.49 24.55
N ASN F 593 -3.90 1.81 25.37
CA ASN F 593 -3.85 0.35 25.32
C ASN F 593 -5.16 -0.22 25.84
N ASP F 594 -5.58 -1.34 25.23
CA ASP F 594 -6.87 -1.94 25.61
C ASP F 594 -6.88 -2.37 27.07
N GLN F 595 -5.76 -2.89 27.57
CA GLN F 595 -5.68 -3.25 28.98
C GLN F 595 -5.87 -2.02 29.87
N ASP F 596 -5.25 -0.90 29.50
CA ASP F 596 -5.50 0.34 30.23
C ASP F 596 -6.93 0.81 30.10
N ARG F 597 -7.57 0.51 28.96
CA ARG F 597 -8.96 0.91 28.77
C ARG F 597 -9.90 0.17 29.71
N THR F 598 -9.55 -1.07 30.08
CA THR F 598 -10.47 -1.91 30.85
C THR F 598 -10.83 -1.27 32.19
N SER F 599 -9.84 -0.70 32.89
CA SER F 599 -10.11 -0.06 34.17
C SER F 599 -10.93 1.21 34.02
N ILE F 600 -11.01 1.77 32.83
CA ILE F 600 -11.68 3.06 32.64
C ILE F 600 -13.20 2.92 32.79
N HIS F 601 -13.78 1.82 32.28
CA HIS F 601 -15.23 1.70 32.25
C HIS F 601 -15.85 1.78 33.63
N GLU F 602 -15.20 1.18 34.64
CA GLU F 602 -15.76 1.19 35.99
C GLU F 602 -15.90 2.62 36.51
N ALA F 603 -14.83 3.43 36.38
CA ALA F 603 -14.90 4.81 36.81
C ALA F 603 -15.84 5.63 35.94
N MET F 604 -15.96 5.31 34.66
CA MET F 604 -16.87 6.03 33.79
C MET F 604 -18.32 5.81 34.21
N GLU F 605 -18.67 4.57 34.54
CA GLU F 605 -20.08 4.24 34.80
C GLU F 605 -20.49 4.54 36.23
N GLN F 606 -19.63 4.23 37.22
CA GLN F 606 -20.03 4.33 38.61
C GLN F 606 -19.40 5.52 39.33
N GLN F 607 -18.41 6.18 38.73
CA GLN F 607 -17.70 7.30 39.35
C GLN F 607 -17.14 6.92 40.71
N SER F 608 -16.64 5.68 40.80
CA SER F 608 -15.98 5.19 42.00
C SER F 608 -15.07 4.05 41.59
N ILE F 609 -13.99 3.88 42.33
CA ILE F 609 -13.00 2.84 42.06
C ILE F 609 -12.85 1.96 43.28
N SER F 610 -12.87 0.65 43.08
CA SER F 610 -12.67 -0.34 44.13
C SER F 610 -11.34 -1.03 43.87
N ILE F 611 -10.40 -0.86 44.80
CA ILE F 611 -9.05 -1.40 44.65
C ILE F 611 -8.94 -2.61 45.57
N SER F 612 -8.70 -3.78 44.98
CA SER F 612 -8.54 -5.04 45.71
C SER F 612 -7.18 -5.60 45.34
N LYS F 613 -6.15 -5.18 46.07
CA LYS F 613 -4.78 -5.58 45.78
C LYS F 613 -4.02 -5.77 47.09
N ALA F 614 -3.18 -6.80 47.13
CA ALA F 614 -2.30 -7.06 48.27
C ALA F 614 -3.07 -7.16 49.58
N GLY F 615 -4.25 -7.77 49.52
CA GLY F 615 -5.05 -7.94 50.72
C GLY F 615 -5.74 -6.70 51.21
N ILE F 616 -5.76 -5.63 50.43
CA ILE F 616 -6.39 -4.36 50.81
C ILE F 616 -7.54 -4.11 49.85
N VAL F 617 -8.74 -3.95 50.39
CA VAL F 617 -9.93 -3.64 49.61
C VAL F 617 -10.46 -2.29 50.06
N THR F 618 -10.44 -1.31 49.16
CA THR F 618 -10.87 0.04 49.47
C THR F 618 -11.69 0.59 48.31
N SER F 619 -12.57 1.53 48.61
CA SER F 619 -13.39 2.22 47.61
C SER F 619 -13.10 3.70 47.68
N LEU F 620 -12.92 4.32 46.52
CA LEU F 620 -12.58 5.73 46.43
C LEU F 620 -13.49 6.42 45.41
N GLN F 621 -13.86 7.66 45.71
CA GLN F 621 -14.75 8.41 44.84
C GLN F 621 -14.02 8.86 43.57
N ALA F 622 -14.73 8.81 42.45
CA ALA F 622 -14.20 9.21 41.15
C ALA F 622 -15.21 10.07 40.40
N ARG F 623 -15.77 11.05 41.09
CA ARG F 623 -16.75 11.97 40.50
C ARG F 623 -15.99 13.05 39.76
N CYS F 624 -15.74 12.80 38.47
CA CYS F 624 -14.98 13.72 37.64
C CYS F 624 -15.61 13.84 36.26
N THR F 625 -15.38 14.99 35.63
CA THR F 625 -15.81 15.22 34.25
C THR F 625 -14.62 14.93 33.34
N VAL F 626 -14.80 14.02 32.40
CA VAL F 626 -13.72 13.51 31.56
C VAL F 626 -13.90 14.03 30.15
N ILE F 627 -12.86 14.65 29.61
CA ILE F 627 -12.82 15.16 28.24
C ILE F 627 -11.69 14.44 27.53
N ALA F 628 -12.03 13.67 26.49
CA ALA F 628 -11.06 12.85 25.79
C ALA F 628 -10.91 13.33 24.35
N ALA F 629 -9.68 13.31 23.85
CA ALA F 629 -9.37 13.68 22.48
C ALA F 629 -8.84 12.48 21.72
N ALA F 630 -9.16 12.42 20.43
CA ALA F 630 -8.77 11.30 19.60
C ALA F 630 -8.62 11.77 18.15
N ASN F 631 -7.86 11.00 17.38
CA ASN F 631 -7.66 11.26 15.97
C ASN F 631 -8.14 10.06 15.16
N PRO F 632 -8.82 10.28 14.03
CA PRO F 632 -9.30 9.14 13.24
C PRO F 632 -8.15 8.35 12.65
N ILE F 633 -8.40 7.05 12.47
CA ILE F 633 -7.39 6.17 11.87
C ILE F 633 -7.14 6.59 10.43
N GLY F 634 -5.86 6.71 10.08
CA GLY F 634 -5.47 7.20 8.77
C GLY F 634 -5.34 8.71 8.67
N GLY F 635 -5.71 9.44 9.72
CA GLY F 635 -5.56 10.87 9.75
C GLY F 635 -6.69 11.67 9.12
N ARG F 636 -7.68 11.01 8.52
CA ARG F 636 -8.78 11.70 7.87
C ARG F 636 -10.08 10.98 8.18
N TYR F 637 -11.13 11.75 8.47
CA TYR F 637 -12.44 11.18 8.76
C TYR F 637 -13.17 10.89 7.45
N ASP F 638 -13.64 9.64 7.31
CA ASP F 638 -14.34 9.23 6.10
C ASP F 638 -15.84 9.41 6.31
N PRO F 639 -16.51 10.29 5.56
CA PRO F 639 -17.96 10.47 5.74
C PRO F 639 -18.79 9.29 5.22
N SER F 640 -18.20 8.38 4.46
CA SER F 640 -18.92 7.24 3.90
C SER F 640 -18.98 6.06 4.86
N LEU F 641 -18.40 6.18 6.05
CA LEU F 641 -18.37 5.10 7.02
C LEU F 641 -19.03 5.55 8.32
N THR F 642 -19.46 4.59 9.12
CA THR F 642 -20.06 4.88 10.42
C THR F 642 -19.02 5.45 11.37
N PHE F 643 -19.50 6.21 12.35
CA PHE F 643 -18.60 6.82 13.32
C PHE F 643 -17.86 5.77 14.13
N SER F 644 -18.48 4.62 14.39
CA SER F 644 -17.81 3.54 15.11
C SER F 644 -16.64 3.00 14.31
N GLU F 645 -16.79 2.89 13.00
CA GLU F 645 -15.73 2.31 12.18
C GLU F 645 -14.51 3.23 12.08
N ASN F 646 -14.73 4.55 12.02
CA ASN F 646 -13.62 5.47 11.85
C ASN F 646 -12.75 5.59 13.10
N VAL F 647 -13.26 5.21 14.26
CA VAL F 647 -12.54 5.35 15.53
C VAL F 647 -12.27 3.95 16.09
N ASP F 648 -11.02 3.70 16.48
CA ASP F 648 -10.61 2.40 16.98
C ASP F 648 -10.89 2.26 18.47
N LEU F 649 -12.18 2.35 18.79
CA LEU F 649 -12.66 2.18 20.16
C LEU F 649 -13.89 1.27 20.16
N THR F 650 -14.02 0.50 21.23
CA THR F 650 -15.15 -0.43 21.35
C THR F 650 -16.44 0.34 21.59
N GLU F 651 -17.55 -0.31 21.24
CA GLU F 651 -18.87 0.31 21.41
C GLU F 651 -19.19 0.71 22.85
N PRO F 652 -18.90 -0.09 23.88
CA PRO F 652 -19.19 0.37 25.25
C PRO F 652 -18.50 1.68 25.62
N ILE F 653 -17.25 1.88 25.17
CA ILE F 653 -16.54 3.12 25.49
C ILE F 653 -17.26 4.32 24.89
N ILE F 654 -17.68 4.20 23.63
CA ILE F 654 -18.44 5.27 23.00
C ILE F 654 -19.78 5.47 23.69
N SER F 655 -20.41 4.37 24.13
CA SER F 655 -21.68 4.46 24.82
C SER F 655 -21.56 5.22 26.13
N ARG F 656 -20.46 5.02 26.85
CA ARG F 656 -20.23 5.77 28.08
C ARG F 656 -20.16 7.28 27.83
N PHE F 657 -19.71 7.68 26.65
CA PHE F 657 -19.67 9.10 26.31
C PHE F 657 -21.08 9.62 26.06
N ASP F 658 -21.33 10.87 26.47
CA ASP F 658 -22.64 11.48 26.35
C ASP F 658 -22.77 12.40 25.13
N ILE F 659 -21.72 13.15 24.80
CA ILE F 659 -21.74 14.07 23.67
C ILE F 659 -20.62 13.69 22.71
N LEU F 660 -20.96 13.56 21.44
CA LEU F 660 -20.00 13.27 20.38
C LEU F 660 -20.01 14.40 19.37
N CYS F 661 -18.83 14.93 19.07
CA CYS F 661 -18.69 16.04 18.12
C CYS F 661 -17.56 15.71 17.15
N VAL F 662 -17.88 15.65 15.86
CA VAL F 662 -16.91 15.38 14.81
C VAL F 662 -16.66 16.67 14.04
N VAL F 663 -15.38 16.97 13.78
CA VAL F 663 -14.97 18.17 13.06
C VAL F 663 -14.19 17.76 11.83
N ARG F 664 -14.58 18.28 10.68
CA ARG F 664 -13.92 18.01 9.41
C ARG F 664 -13.26 19.28 8.88
N ASP F 665 -12.48 19.10 7.81
CA ASP F 665 -11.76 20.20 7.16
C ASP F 665 -12.31 20.37 5.76
N THR F 666 -12.83 21.56 5.46
CA THR F 666 -13.40 21.87 4.16
C THR F 666 -12.69 23.08 3.57
N VAL F 667 -12.58 23.10 2.24
CA VAL F 667 -11.92 24.19 1.52
C VAL F 667 -13.00 25.17 1.08
N ASP F 668 -13.28 26.14 1.94
CA ASP F 668 -14.24 27.20 1.65
C ASP F 668 -13.52 28.53 1.59
N PRO F 669 -13.52 29.23 0.44
CA PRO F 669 -12.76 30.49 0.34
C PRO F 669 -13.21 31.56 1.32
N VAL F 670 -14.52 31.68 1.57
CA VAL F 670 -14.99 32.69 2.52
C VAL F 670 -14.60 32.31 3.94
N GLN F 671 -14.71 31.03 4.29
CA GLN F 671 -14.26 30.57 5.60
C GLN F 671 -12.75 30.74 5.73
N ASP F 672 -12.00 30.51 4.64
CA ASP F 672 -10.56 30.76 4.67
C ASP F 672 -10.26 32.23 4.92
N GLU F 673 -11.00 33.12 4.27
CA GLU F 673 -10.84 34.56 4.52
C GLU F 673 -11.09 34.90 5.98
N MET F 674 -12.19 34.36 6.54
CA MET F 674 -12.50 34.63 7.94
C MET F 674 -11.41 34.12 8.87
N LEU F 675 -10.94 32.89 8.63
CA LEU F 675 -9.89 32.31 9.47
C LEU F 675 -8.61 33.13 9.39
N ALA F 676 -8.20 33.49 8.18
CA ALA F 676 -6.96 34.25 8.01
C ALA F 676 -7.06 35.62 8.69
N ARG F 677 -8.19 36.31 8.48
CA ARG F 677 -8.36 37.63 9.10
C ARG F 677 -8.32 37.54 10.62
N PHE F 678 -9.06 36.57 11.18
CA PHE F 678 -9.10 36.45 12.63
C PHE F 678 -7.74 36.08 13.19
N VAL F 679 -7.03 35.15 12.54
CA VAL F 679 -5.73 34.71 13.04
C VAL F 679 -4.73 35.86 13.00
N VAL F 680 -4.70 36.63 11.90
CA VAL F 680 -3.73 37.71 11.82
C VAL F 680 -4.08 38.81 12.82
N GLY F 681 -5.37 39.07 13.02
CA GLY F 681 -5.75 40.03 14.05
C GLY F 681 -5.33 39.60 15.43
N SER F 682 -5.52 38.32 15.76
CA SER F 682 -5.10 37.81 17.05
C SER F 682 -3.58 37.89 17.22
N HIS F 683 -2.84 37.59 16.14
CA HIS F 683 -1.38 37.71 16.19
C HIS F 683 -0.95 39.14 16.45
N VAL F 684 -1.61 40.11 15.81
CA VAL F 684 -1.28 41.51 16.05
C VAL F 684 -1.60 41.89 17.49
N ARG F 685 -2.75 41.45 18.00
CA ARG F 685 -3.18 41.87 19.33
C ARG F 685 -2.24 41.37 20.43
N HIS F 686 -1.79 40.12 20.35
CA HIS F 686 -1.09 39.47 21.45
C HIS F 686 0.43 39.56 21.34
N HIS F 687 0.94 40.59 20.67
CA HIS F 687 2.39 40.79 20.63
C HIS F 687 2.87 41.32 21.97
N PRO F 688 3.99 40.81 22.50
CA PRO F 688 4.47 41.29 23.81
C PRO F 688 4.80 42.77 23.82
N SER F 689 5.28 43.33 22.72
CA SER F 689 5.50 44.77 22.65
C SER F 689 4.20 45.53 22.77
N ASN F 690 3.15 45.05 22.08
CA ASN F 690 1.84 45.68 22.19
C ASN F 690 1.16 45.40 23.53
N LYS F 691 1.68 44.44 24.29
CA LYS F 691 1.09 44.09 25.58
C LYS F 691 1.29 45.21 26.60
N ASN F 708 -17.96 38.47 16.60
CA ASN F 708 -18.33 37.11 16.98
C ASN F 708 -19.53 36.64 16.16
N THR F 709 -19.74 35.32 16.15
CA THR F 709 -20.88 34.76 15.44
C THR F 709 -22.20 35.23 16.05
N TYR F 710 -22.28 35.25 17.38
CA TYR F 710 -23.49 35.71 18.07
C TYR F 710 -23.54 37.22 18.22
N GLY F 711 -22.43 37.93 17.98
CA GLY F 711 -22.42 39.37 18.09
C GLY F 711 -22.43 39.91 19.50
N VAL F 712 -22.20 39.07 20.50
CA VAL F 712 -22.24 39.46 21.90
C VAL F 712 -20.83 39.56 22.46
N GLU F 713 -20.64 40.48 23.40
CA GLU F 713 -19.32 40.72 23.98
C GLU F 713 -18.96 39.61 24.95
N PRO F 714 -17.76 39.04 24.85
CA PRO F 714 -17.34 38.01 25.80
C PRO F 714 -17.16 38.57 27.21
N LEU F 715 -17.40 37.71 28.19
CA LEU F 715 -17.27 38.08 29.59
C LEU F 715 -15.82 37.96 30.06
N PRO F 716 -15.43 38.70 31.09
CA PRO F 716 -14.08 38.54 31.66
C PRO F 716 -13.88 37.15 32.22
N GLN F 717 -12.62 36.69 32.20
CA GLN F 717 -12.31 35.34 32.65
C GLN F 717 -12.62 35.15 34.12
N GLU F 718 -12.23 36.12 34.96
CA GLU F 718 -12.48 36.02 36.39
C GLU F 718 -13.98 36.01 36.70
N VAL F 719 -14.73 36.86 36.02
CA VAL F 719 -16.18 36.91 36.21
C VAL F 719 -16.81 35.58 35.80
N LEU F 720 -16.35 35.02 34.67
CA LEU F 720 -16.87 33.72 34.23
C LEU F 720 -16.55 32.63 35.24
N LYS F 721 -15.33 32.63 35.78
CA LYS F 721 -14.96 31.63 36.78
C LYS F 721 -15.82 31.75 38.04
N LYS F 722 -16.05 32.97 38.50
CA LYS F 722 -16.88 33.18 39.68
C LYS F 722 -18.31 32.75 39.42
N TYR F 723 -18.84 33.06 38.23
CA TYR F 723 -20.18 32.62 37.85
C TYR F 723 -20.28 31.10 37.83
N ILE F 724 -19.26 30.43 37.29
CA ILE F 724 -19.25 28.98 37.26
C ILE F 724 -19.27 28.42 38.67
N ILE F 725 -18.45 28.97 39.56
CA ILE F 725 -18.40 28.48 40.94
C ILE F 725 -19.76 28.65 41.61
N TYR F 726 -20.35 29.84 41.49
CA TYR F 726 -21.62 30.11 42.16
C TYR F 726 -22.74 29.22 41.60
N ALA F 727 -22.79 29.07 40.28
CA ALA F 727 -23.80 28.23 39.66
C ALA F 727 -23.63 26.77 40.07
N LYS F 728 -22.39 26.29 40.15
CA LYS F 728 -22.15 24.92 40.60
C LYS F 728 -22.58 24.73 42.05
N GLU F 729 -22.39 25.75 42.89
CA GLU F 729 -22.58 25.59 44.32
C GLU F 729 -23.92 26.12 44.84
N ARG F 730 -24.81 26.60 43.98
CA ARG F 730 -26.06 27.12 44.50
C ARG F 730 -27.30 26.47 43.89
N VAL F 731 -27.30 26.17 42.60
CA VAL F 731 -28.52 25.80 41.89
C VAL F 731 -28.74 24.30 41.98
N HIS F 732 -30.01 23.92 42.19
CA HIS F 732 -30.43 22.51 42.17
C HIS F 732 -31.78 22.45 41.48
N PRO F 733 -31.81 22.22 40.17
CA PRO F 733 -33.07 22.29 39.42
C PRO F 733 -33.98 21.11 39.70
N LYS F 734 -35.27 21.32 39.43
CA LYS F 734 -36.31 20.31 39.61
C LYS F 734 -37.08 20.14 38.31
N LEU F 735 -37.27 18.89 37.89
CA LEU F 735 -37.91 18.57 36.61
C LEU F 735 -39.39 18.23 36.82
N ASN F 736 -40.14 19.20 37.32
CA ASN F 736 -41.55 18.98 37.66
C ASN F 736 -42.50 19.34 36.53
N GLN F 737 -42.02 19.86 35.41
CA GLN F 737 -42.87 20.31 34.31
C GLN F 737 -42.39 19.75 32.98
N MET F 738 -42.12 18.44 32.94
CA MET F 738 -41.70 17.78 31.71
C MET F 738 -42.85 16.97 31.14
N ASP F 739 -43.07 17.10 29.83
CA ASP F 739 -44.08 16.33 29.12
C ASP F 739 -43.50 14.98 28.69
N GLN F 740 -43.92 13.90 29.35
CA GLN F 740 -43.34 12.59 29.10
C GLN F 740 -43.77 12.03 27.74
N ASP F 741 -44.92 12.46 27.22
CA ASP F 741 -45.39 11.91 25.95
C ASP F 741 -44.49 12.32 24.79
N LYS F 742 -44.05 13.57 24.77
CA LYS F 742 -43.18 14.04 23.68
C LYS F 742 -41.86 13.29 23.67
N VAL F 743 -41.23 13.14 24.84
CA VAL F 743 -39.97 12.42 24.89
C VAL F 743 -40.17 10.94 24.60
N ALA F 744 -41.31 10.37 25.01
CA ALA F 744 -41.59 8.97 24.69
C ALA F 744 -41.70 8.76 23.18
N LYS F 745 -42.43 9.66 22.50
CA LYS F 745 -42.55 9.57 21.05
C LYS F 745 -41.19 9.75 20.37
N MET F 746 -40.40 10.71 20.86
CA MET F 746 -39.08 10.94 20.29
C MET F 746 -38.18 9.72 20.46
N TYR F 747 -38.25 9.08 21.64
CA TYR F 747 -37.43 7.90 21.88
C TYR F 747 -37.90 6.71 21.06
N SER F 748 -39.21 6.59 20.83
CA SER F 748 -39.70 5.55 19.92
C SER F 748 -39.18 5.78 18.50
N ASP F 749 -39.19 7.03 18.04
CA ASP F 749 -38.63 7.34 16.73
C ASP F 749 -37.13 7.07 16.71
N LEU F 750 -36.43 7.35 17.81
CA LEU F 750 -35.00 7.09 17.88
C LEU F 750 -34.72 5.60 17.76
N ARG F 751 -35.50 4.76 18.46
CA ARG F 751 -35.36 3.32 18.31
C ARG F 751 -35.65 2.88 16.88
N LYS F 752 -36.71 3.42 16.27
CA LYS F 752 -37.07 3.04 14.91
C LYS F 752 -35.94 3.37 13.94
N GLU F 753 -35.35 4.55 14.08
CA GLU F 753 -34.31 4.98 13.15
C GLU F 753 -32.92 4.48 13.54
N SER F 754 -32.75 3.89 14.72
CA SER F 754 -31.48 3.30 15.09
C SER F 754 -31.43 1.82 14.73
N MET F 755 -32.53 1.08 14.90
CA MET F 755 -32.56 -0.29 14.41
C MET F 755 -32.54 -0.35 12.89
N ALA F 756 -33.01 0.71 12.21
CA ALA F 756 -32.92 0.76 10.76
C ALA F 756 -31.49 0.92 10.29
N THR F 757 -30.64 1.52 11.10
CA THR F 757 -29.23 1.71 10.75
C THR F 757 -28.40 0.51 11.18
N THR F 763 -30.83 4.24 23.72
CA THR F 763 -30.89 3.52 24.99
C THR F 763 -31.34 4.44 26.13
N VAL F 764 -31.45 3.87 27.33
CA VAL F 764 -31.92 4.65 28.48
C VAL F 764 -30.89 5.70 28.87
N ARG F 765 -29.60 5.37 28.79
CA ARG F 765 -28.57 6.31 29.18
C ARG F 765 -28.54 7.54 28.28
N HIS F 766 -29.00 7.45 27.03
CA HIS F 766 -29.18 8.64 26.22
C HIS F 766 -30.22 9.57 26.83
N ILE F 767 -31.34 9.00 27.29
CA ILE F 767 -32.36 9.81 27.97
C ILE F 767 -31.79 10.42 29.24
N GLU F 768 -31.01 9.65 30.00
CA GLU F 768 -30.41 10.18 31.22
C GLU F 768 -29.45 11.32 30.92
N SER F 769 -28.65 11.18 29.85
CA SER F 769 -27.75 12.25 29.45
C SER F 769 -28.52 13.49 29.04
N MET F 770 -29.62 13.33 28.31
CA MET F 770 -30.45 14.48 27.94
C MET F 770 -31.05 15.14 29.17
N ILE F 771 -31.47 14.33 30.15
CA ILE F 771 -32.06 14.87 31.38
C ILE F 771 -31.04 15.70 32.15
N ARG F 772 -29.85 15.16 32.36
CA ARG F 772 -28.82 15.92 33.06
C ARG F 772 -28.34 17.11 32.23
N MET F 773 -28.43 17.01 30.91
CA MET F 773 -28.14 18.13 30.03
C MET F 773 -29.12 19.28 30.25
N ALA F 774 -30.42 18.95 30.33
CA ALA F 774 -31.42 19.96 30.63
C ALA F 774 -31.20 20.55 32.01
N GLU F 775 -30.82 19.71 32.98
CA GLU F 775 -30.53 20.21 34.32
C GLU F 775 -29.37 21.21 34.29
N ALA F 776 -28.31 20.88 33.54
CA ALA F 776 -27.17 21.80 33.44
C ALA F 776 -27.57 23.10 32.76
N HIS F 777 -28.38 23.01 31.69
CA HIS F 777 -28.80 24.22 31.00
C HIS F 777 -29.65 25.10 31.90
N ALA F 778 -30.50 24.49 32.72
CA ALA F 778 -31.24 25.26 33.72
C ALA F 778 -30.29 25.89 34.74
N ARG F 779 -29.27 25.15 35.15
CA ARG F 779 -28.28 25.71 36.08
C ARG F 779 -27.54 26.89 35.47
N ILE F 780 -27.40 26.93 34.15
CA ILE F 780 -26.74 28.06 33.50
C ILE F 780 -27.50 29.36 33.77
N HIS F 781 -28.83 29.31 33.69
CA HIS F 781 -29.66 30.49 33.87
C HIS F 781 -30.00 30.74 35.34
N LEU F 782 -29.45 29.95 36.26
CA LEU F 782 -29.66 30.12 37.69
C LEU F 782 -31.15 30.05 38.05
N ARG F 783 -31.82 29.02 37.56
CA ARG F 783 -33.25 28.82 37.79
C ARG F 783 -33.46 27.58 38.64
N ASP F 784 -34.27 27.72 39.70
CA ASP F 784 -34.54 26.61 40.60
C ASP F 784 -35.37 25.53 39.92
N TYR F 785 -36.14 25.88 38.90
CA TYR F 785 -36.98 24.93 38.19
C TYR F 785 -36.69 25.00 36.69
N VAL F 786 -36.85 23.86 36.02
CA VAL F 786 -36.48 23.72 34.62
C VAL F 786 -37.64 24.12 33.74
N ILE F 787 -37.38 25.02 32.80
CA ILE F 787 -38.36 25.41 31.79
C ILE F 787 -38.14 24.53 30.56
N GLU F 788 -39.21 24.29 29.81
CA GLU F 788 -39.14 23.37 28.68
C GLU F 788 -38.19 23.84 27.59
N ASP F 789 -37.82 25.13 27.58
CA ASP F 789 -36.83 25.60 26.61
C ASP F 789 -35.49 24.89 26.80
N ASP F 790 -35.12 24.61 28.04
CA ASP F 790 -33.93 23.81 28.30
C ASP F 790 -34.04 22.44 27.64
N VAL F 791 -35.21 21.81 27.76
CA VAL F 791 -35.43 20.50 27.14
C VAL F 791 -35.33 20.62 25.63
N ASN F 792 -35.92 21.67 25.04
CA ASN F 792 -35.85 21.83 23.59
C ASN F 792 -34.40 21.99 23.12
N MET F 793 -33.61 22.82 23.81
CA MET F 793 -32.22 23.00 23.40
C MET F 793 -31.41 21.73 23.58
N ALA F 794 -31.66 20.99 24.66
CA ALA F 794 -30.96 19.73 24.87
C ALA F 794 -31.31 18.71 23.79
N ILE F 795 -32.59 18.63 23.42
CA ILE F 795 -33.01 17.76 22.33
C ILE F 795 -32.33 18.16 21.03
N ARG F 796 -32.30 19.46 20.74
CA ARG F 796 -31.69 19.94 19.51
C ARG F 796 -30.22 19.54 19.43
N VAL F 797 -29.46 19.81 20.49
CA VAL F 797 -28.02 19.53 20.44
C VAL F 797 -27.77 18.02 20.43
N MET F 798 -28.56 17.24 21.16
CA MET F 798 -28.39 15.79 21.15
C MET F 798 -28.68 15.21 19.77
N LEU F 799 -29.76 15.68 19.12
CA LEU F 799 -30.08 15.21 17.78
C LEU F 799 -29.01 15.60 16.78
N GLU F 800 -28.46 16.82 16.91
CA GLU F 800 -27.36 17.22 16.04
C GLU F 800 -26.15 16.32 16.24
N SER F 801 -25.86 15.97 17.50
CA SER F 801 -24.74 15.07 17.77
C SER F 801 -24.97 13.69 17.17
N PHE F 802 -26.20 13.18 17.28
CA PHE F 802 -26.49 11.82 16.81
C PHE F 802 -26.40 11.72 15.29
N ILE F 803 -26.97 12.70 14.58
CA ILE F 803 -26.97 12.64 13.12
C ILE F 803 -25.56 12.81 12.56
N ASP F 804 -24.69 13.52 13.28
CA ASP F 804 -23.31 13.69 12.84
C ASP F 804 -22.52 12.39 12.84
N THR F 805 -22.99 11.37 13.57
CA THR F 805 -22.31 10.09 13.66
C THR F 805 -22.79 9.07 12.65
N GLN F 806 -23.70 9.45 11.75
CA GLN F 806 -24.29 8.54 10.79
C GLN F 806 -23.65 8.72 9.42
N LYS F 807 -23.93 7.76 8.53
CA LYS F 807 -23.42 7.81 7.17
C LYS F 807 -24.12 8.92 6.38
N PHE F 808 -23.47 9.32 5.28
CA PHE F 808 -24.00 10.40 4.46
C PHE F 808 -25.29 10.02 3.77
N SER F 809 -25.45 8.75 3.39
CA SER F 809 -26.62 8.33 2.63
C SER F 809 -27.91 8.40 3.44
N VAL F 810 -27.82 8.49 4.76
CA VAL F 810 -29.01 8.49 5.60
C VAL F 810 -29.20 9.78 6.40
N MET F 811 -28.17 10.62 6.54
CA MET F 811 -28.32 11.82 7.36
C MET F 811 -29.27 12.83 6.73
N ARG F 812 -29.36 12.86 5.39
CA ARG F 812 -30.34 13.74 4.74
C ARG F 812 -31.76 13.32 5.10
N SER F 813 -32.05 12.02 5.04
CA SER F 813 -33.36 11.53 5.43
C SER F 813 -33.63 11.76 6.91
N MET F 814 -32.61 11.62 7.75
CA MET F 814 -32.77 11.88 9.17
C MET F 814 -33.11 13.36 9.41
N ARG F 815 -32.43 14.26 8.72
CA ARG F 815 -32.72 15.68 8.85
C ARG F 815 -34.13 16.01 8.36
N LYS F 816 -34.54 15.40 7.25
CA LYS F 816 -35.90 15.61 6.75
C LYS F 816 -36.93 15.12 7.76
N THR F 817 -36.69 13.95 8.35
CA THR F 817 -37.62 13.40 9.32
C THR F 817 -37.72 14.26 10.58
N PHE F 818 -36.58 14.76 11.06
CA PHE F 818 -36.52 15.53 12.29
C PHE F 818 -36.34 17.03 12.04
N ALA F 819 -36.86 17.53 10.92
CA ALA F 819 -36.80 18.97 10.66
C ALA F 819 -37.68 19.76 11.62
N ARG F 820 -38.64 19.10 12.27
CA ARG F 820 -39.47 19.79 13.26
C ARG F 820 -38.63 20.33 14.41
N TYR F 821 -37.73 19.50 14.95
CA TYR F 821 -36.95 19.89 16.11
C TYR F 821 -35.71 20.68 15.76
N LEU F 822 -35.13 20.45 14.58
CA LEU F 822 -33.93 21.20 14.18
C LEU F 822 -34.26 22.63 13.81
N SER F 823 -35.49 22.89 13.39
CA SER F 823 -35.90 24.24 13.01
C SER F 823 -36.06 25.13 14.23
N PRO G 191 78.40 12.01 31.78
CA PRO G 191 77.27 11.76 32.68
C PRO G 191 76.03 12.54 32.28
N LEU G 192 74.97 11.83 31.91
CA LEU G 192 73.70 12.47 31.58
C LEU G 192 72.95 12.93 32.82
N TYR G 193 73.29 12.39 33.99
CA TYR G 193 72.52 12.69 35.19
C TYR G 193 72.73 14.11 35.67
N MET G 194 73.91 14.69 35.47
CA MET G 194 74.12 16.09 35.81
C MET G 194 73.28 17.00 34.91
N GLN G 195 73.19 16.67 33.62
CA GLN G 195 72.31 17.43 32.73
C GLN G 195 70.85 17.26 33.14
N ARG G 196 70.47 16.06 33.58
CA ARG G 196 69.11 15.86 34.08
C ARG G 196 68.85 16.72 35.31
N LEU G 197 69.82 16.80 36.22
CA LEU G 197 69.68 17.65 37.40
C LEU G 197 69.56 19.12 37.01
N GLY G 198 70.33 19.56 36.02
CA GLY G 198 70.21 20.92 35.54
C GLY G 198 68.84 21.21 34.94
N GLU G 199 68.32 20.26 34.15
CA GLU G 199 66.99 20.41 33.58
C GLU G 199 65.94 20.47 34.68
N ILE G 200 66.09 19.65 35.72
CA ILE G 200 65.17 19.69 36.86
C ILE G 200 65.24 21.05 37.55
N ASN G 201 66.46 21.57 37.72
CA ASN G 201 66.62 22.90 38.29
C ASN G 201 65.89 23.94 37.46
N VAL G 202 65.98 23.84 36.14
CA VAL G 202 65.28 24.78 35.26
C VAL G 202 63.76 24.64 35.44
N ILE G 203 63.27 23.41 35.51
CA ILE G 203 61.82 23.21 35.56
C ILE G 203 61.28 23.17 37.00
N GLY G 204 62.07 22.69 37.96
CA GLY G 204 61.63 22.64 39.33
C GLY G 204 60.78 21.44 39.69
N GLU G 205 60.71 20.43 38.83
CA GLU G 205 59.92 19.23 39.11
C GLU G 205 60.80 18.20 39.79
N PRO G 206 60.55 17.85 41.06
CA PRO G 206 61.44 16.94 41.80
C PRO G 206 61.15 15.47 41.52
N PHE G 207 61.47 15.03 40.30
CA PHE G 207 61.27 13.64 39.90
C PHE G 207 62.42 13.21 39.02
N LEU G 208 62.98 12.04 39.32
CA LEU G 208 64.10 11.48 38.56
C LEU G 208 63.69 10.14 37.94
N ASN G 209 63.94 10.01 36.64
CA ASN G 209 63.72 8.76 35.92
C ASN G 209 65.06 8.11 35.66
N VAL G 210 65.28 6.92 36.24
CA VAL G 210 66.56 6.23 36.18
C VAL G 210 66.36 4.89 35.49
N ASN G 211 67.20 4.61 34.49
CA ASN G 211 67.12 3.36 33.75
C ASN G 211 67.91 2.28 34.48
N CYS G 212 67.28 1.14 34.72
CA CYS G 212 67.89 0.08 35.52
C CYS G 212 69.11 -0.53 34.83
N GLU G 213 69.15 -0.53 33.50
CA GLU G 213 70.31 -1.06 32.78
C GLU G 213 71.56 -0.25 33.07
N HIS G 214 71.43 1.07 33.24
CA HIS G 214 72.58 1.88 33.61
C HIS G 214 73.13 1.47 34.97
N ILE G 215 72.24 1.21 35.94
CA ILE G 215 72.67 0.76 37.26
C ILE G 215 73.35 -0.60 37.16
N LYS G 216 72.77 -1.51 36.37
CA LYS G 216 73.37 -2.83 36.22
C LYS G 216 74.77 -2.75 35.61
N SER G 217 74.93 -1.91 34.58
CA SER G 217 76.25 -1.77 33.97
C SER G 217 77.24 -1.12 34.92
N PHE G 218 76.79 -0.11 35.69
CA PHE G 218 77.71 0.61 36.57
C PHE G 218 78.11 -0.24 37.77
N ASP G 219 77.15 -0.92 38.41
CA ASP G 219 77.44 -1.70 39.60
C ASP G 219 76.44 -2.85 39.67
N LYS G 220 76.95 -4.08 39.52
CA LYS G 220 76.06 -5.25 39.58
C LYS G 220 75.58 -5.50 41.01
N ASN G 221 76.46 -5.30 42.00
CA ASN G 221 76.05 -5.50 43.38
C ASN G 221 74.99 -4.48 43.81
N LEU G 222 75.17 -3.22 43.41
CA LEU G 222 74.17 -2.20 43.72
C LEU G 222 72.85 -2.50 43.00
N TYR G 223 72.94 -3.01 41.77
CA TYR G 223 71.73 -3.39 41.03
C TYR G 223 71.00 -4.52 41.73
N ARG G 224 71.76 -5.52 42.22
CA ARG G 224 71.15 -6.60 42.98
C ARG G 224 70.51 -6.10 44.27
N GLN G 225 71.17 -5.15 44.94
CA GLN G 225 70.61 -4.57 46.15
C GLN G 225 69.32 -3.82 45.84
N LEU G 226 69.29 -3.08 44.72
CA LEU G 226 68.08 -2.39 44.31
C LEU G 226 66.95 -3.37 44.04
N ILE G 227 67.25 -4.48 43.36
CA ILE G 227 66.22 -5.49 43.09
C ILE G 227 65.72 -6.12 44.39
N SER G 228 66.64 -6.48 45.28
CA SER G 228 66.26 -7.20 46.49
C SER G 228 65.50 -6.32 47.47
N TYR G 229 66.01 -5.11 47.73
CA TYR G 229 65.44 -4.21 48.74
C TYR G 229 65.24 -2.83 48.15
N PRO G 230 64.30 -2.67 47.21
CA PRO G 230 64.03 -1.32 46.68
C PRO G 230 63.56 -0.34 47.74
N GLN G 231 62.75 -0.80 48.71
CA GLN G 231 62.19 0.10 49.71
C GLN G 231 63.26 0.69 50.63
N GLU G 232 64.45 0.09 50.68
CA GLU G 232 65.53 0.60 51.52
C GLU G 232 66.59 1.36 50.73
N VAL G 233 66.78 1.05 49.46
CA VAL G 233 67.77 1.75 48.65
C VAL G 233 67.19 3.01 48.00
N ILE G 234 65.88 3.04 47.75
CA ILE G 234 65.27 4.25 47.20
C ILE G 234 65.42 5.45 48.12
N PRO G 235 65.18 5.34 49.45
CA PRO G 235 65.49 6.50 50.31
C PRO G 235 66.94 6.93 50.26
N THR G 236 67.87 5.99 50.17
CA THR G 236 69.28 6.35 50.06
C THR G 236 69.56 7.09 48.76
N PHE G 237 68.96 6.63 47.66
CA PHE G 237 69.12 7.32 46.38
C PHE G 237 68.55 8.73 46.44
N ASP G 238 67.37 8.87 47.07
CA ASP G 238 66.77 10.19 47.22
C ASP G 238 67.66 11.11 48.04
N MET G 239 68.20 10.60 49.14
CA MET G 239 69.09 11.41 49.97
C MET G 239 70.34 11.83 49.19
N ALA G 240 70.92 10.90 48.42
CA ALA G 240 72.12 11.22 47.65
C ALA G 240 71.84 12.29 46.60
N VAL G 241 70.75 12.13 45.84
CA VAL G 241 70.46 13.09 44.79
C VAL G 241 70.08 14.45 45.38
N ASN G 242 69.35 14.45 46.49
CA ASN G 242 69.01 15.71 47.15
C ASN G 242 70.26 16.41 47.66
N GLU G 243 71.19 15.66 48.26
CA GLU G 243 72.43 16.26 48.74
C GLU G 243 73.24 16.84 47.58
N ILE G 244 73.33 16.11 46.48
CA ILE G 244 74.08 16.61 45.33
C ILE G 244 73.46 17.88 44.78
N PHE G 245 72.13 17.89 44.63
CA PHE G 245 71.45 19.05 44.08
C PHE G 245 71.58 20.26 44.99
N PHE G 246 71.42 20.06 46.31
CA PHE G 246 71.56 21.17 47.23
C PHE G 246 72.99 21.68 47.31
N ASP G 247 73.98 20.79 47.18
CA ASP G 247 75.37 21.23 47.12
C ASP G 247 75.61 22.08 45.87
N ARG G 248 75.06 21.66 44.73
CA ARG G 248 75.24 22.42 43.49
C ARG G 248 74.46 23.72 43.53
N TYR G 249 73.18 23.67 43.93
CA TYR G 249 72.30 24.84 43.93
C TYR G 249 71.56 24.86 45.26
N PRO G 250 72.10 25.52 46.28
CA PRO G 250 71.48 25.50 47.61
C PRO G 250 70.26 26.39 47.76
N ASP G 251 69.97 27.28 46.80
CA ASP G 251 68.88 28.23 46.90
C ASP G 251 67.63 27.76 46.15
N SER G 252 67.37 26.46 46.14
CA SER G 252 66.23 25.90 45.43
C SER G 252 65.00 25.94 46.33
N ILE G 253 63.95 26.60 45.85
CA ILE G 253 62.66 26.62 46.53
C ILE G 253 61.83 25.52 45.89
N LEU G 254 61.94 24.31 46.43
CA LEU G 254 61.30 23.13 45.86
C LEU G 254 59.99 22.84 46.60
N GLU G 255 58.96 22.50 45.84
CA GLU G 255 57.69 22.10 46.44
C GLU G 255 57.85 20.83 47.27
N HIS G 256 58.64 19.87 46.77
CA HIS G 256 58.91 18.63 47.48
C HIS G 256 60.34 18.19 47.17
N GLN G 257 60.86 17.31 48.02
CA GLN G 257 62.19 16.77 47.81
C GLN G 257 62.23 15.91 46.56
N ILE G 258 63.42 15.87 45.94
CA ILE G 258 63.58 15.15 44.68
C ILE G 258 63.42 13.65 44.93
N GLN G 259 62.56 13.02 44.13
CA GLN G 259 62.26 11.60 44.27
C GLN G 259 62.75 10.85 43.04
N VAL G 260 63.34 9.68 43.27
CA VAL G 260 63.89 8.85 42.21
C VAL G 260 62.87 7.80 41.82
N ARG G 261 62.59 7.68 40.52
CA ARG G 261 61.64 6.71 39.98
C ARG G 261 62.36 5.81 38.99
N PRO G 262 62.88 4.67 39.43
CA PRO G 262 63.50 3.72 38.49
C PRO G 262 62.46 3.08 37.59
N PHE G 263 62.91 2.66 36.41
CA PHE G 263 62.01 2.06 35.43
C PHE G 263 62.77 1.09 34.55
N ASN G 264 62.02 0.22 33.89
CA ASN G 264 62.54 -0.75 32.92
C ASN G 264 63.57 -1.69 33.57
N ALA G 265 63.13 -2.38 34.60
CA ALA G 265 63.96 -3.39 35.23
C ALA G 265 64.04 -4.64 34.36
N LEU G 266 65.06 -5.46 34.62
CA LEU G 266 65.25 -6.68 33.85
C LEU G 266 64.11 -7.67 34.06
N LYS G 267 63.46 -7.62 35.23
CA LYS G 267 62.39 -8.56 35.54
C LYS G 267 61.12 -8.23 34.78
N THR G 268 61.13 -8.48 33.47
CA THR G 268 59.92 -8.33 32.67
C THR G 268 59.09 -9.61 32.71
N LYS G 269 58.79 -10.07 33.91
CA LYS G 269 58.05 -11.32 34.08
C LYS G 269 56.61 -11.17 33.59
N ASN G 270 56.08 -12.27 33.05
CA ASN G 270 54.68 -12.29 32.66
C ASN G 270 53.79 -12.21 33.89
N MET G 271 52.57 -11.71 33.69
CA MET G 271 51.62 -11.57 34.79
C MET G 271 51.30 -12.92 35.42
N ARG G 272 51.37 -14.00 34.65
CA ARG G 272 51.04 -15.33 35.15
C ARG G 272 52.25 -16.07 35.72
N ASN G 273 53.43 -15.47 35.70
CA ASN G 273 54.65 -16.10 36.19
C ASN G 273 55.01 -15.69 37.61
N LEU G 274 54.13 -14.97 38.30
CA LEU G 274 54.43 -14.51 39.65
C LEU G 274 54.52 -15.69 40.61
N ASN G 275 55.45 -15.59 41.55
CA ASN G 275 55.69 -16.61 42.56
C ASN G 275 55.82 -15.95 43.93
N PRO G 276 55.62 -16.72 45.01
CA PRO G 276 55.80 -16.15 46.35
C PRO G 276 57.23 -15.76 46.67
N GLU G 277 58.21 -16.11 45.83
CA GLU G 277 59.60 -15.86 46.15
C GLU G 277 60.00 -14.39 45.99
N ASP G 278 59.42 -13.68 45.01
CA ASP G 278 59.83 -12.33 44.71
C ASP G 278 59.04 -11.27 45.46
N ILE G 279 58.53 -11.60 46.65
CA ILE G 279 57.82 -10.62 47.46
C ILE G 279 58.77 -9.48 47.84
N ASP G 280 58.26 -8.25 47.82
CA ASP G 280 59.02 -7.05 48.14
C ASP G 280 60.20 -6.84 47.18
N GLN G 281 59.98 -7.17 45.91
CA GLN G 281 60.98 -6.98 44.87
C GLN G 281 60.39 -6.21 43.70
N LEU G 282 61.25 -5.53 42.96
CA LEU G 282 60.80 -4.73 41.82
C LEU G 282 60.41 -5.63 40.66
N ILE G 283 59.34 -5.26 39.97
CA ILE G 283 58.80 -6.05 38.86
C ILE G 283 58.26 -5.11 37.79
N THR G 284 58.41 -5.52 36.53
CA THR G 284 57.94 -4.77 35.39
C THR G 284 57.00 -5.65 34.57
N ILE G 285 55.78 -5.17 34.33
CA ILE G 285 54.75 -5.93 33.63
C ILE G 285 54.10 -5.03 32.60
N SER G 286 53.93 -5.55 31.39
CA SER G 286 53.16 -4.88 30.34
C SER G 286 51.75 -5.42 30.31
N GLY G 287 50.77 -4.54 30.12
CA GLY G 287 49.39 -4.99 30.13
C GLY G 287 48.44 -3.91 29.66
N MET G 288 47.17 -4.29 29.61
CA MET G 288 46.08 -3.41 29.20
C MET G 288 45.30 -2.94 30.42
N VAL G 289 44.92 -1.67 30.42
CA VAL G 289 44.16 -1.08 31.53
C VAL G 289 42.67 -1.20 31.22
N ILE G 290 41.92 -1.71 32.19
CA ILE G 290 40.48 -1.93 32.01
C ILE G 290 39.71 -0.81 32.69
N ARG G 291 39.86 -0.68 34.02
CA ARG G 291 39.12 0.30 34.78
C ARG G 291 40.07 1.06 35.70
N THR G 292 39.72 2.32 35.97
CA THR G 292 40.43 3.16 36.92
C THR G 292 39.42 3.73 37.91
N SER G 293 39.75 3.64 39.21
CA SER G 293 38.86 4.12 40.25
C SER G 293 38.93 5.64 40.36
N GLN G 294 38.02 6.19 41.16
CA GLN G 294 37.99 7.62 41.39
C GLN G 294 39.12 8.03 42.34
N LEU G 295 39.20 9.34 42.59
CA LEU G 295 40.24 9.87 43.47
C LEU G 295 39.95 9.44 44.91
N ILE G 296 40.89 8.72 45.51
CA ILE G 296 40.76 8.24 46.88
C ILE G 296 41.78 8.99 47.73
N PRO G 297 41.34 9.86 48.65
CA PRO G 297 42.28 10.59 49.50
C PRO G 297 42.76 9.72 50.65
N GLU G 298 44.07 9.77 50.93
CA GLU G 298 44.68 9.06 52.04
C GLU G 298 45.43 10.03 52.92
N MET G 299 45.23 9.92 54.22
CA MET G 299 45.91 10.79 55.17
C MET G 299 47.40 10.50 55.21
N GLN G 300 48.21 11.55 55.25
CA GLN G 300 49.64 11.43 55.48
C GLN G 300 50.15 12.27 56.64
N GLU G 301 49.43 13.32 57.04
CA GLU G 301 49.76 14.10 58.21
C GLU G 301 48.47 14.39 58.98
N ALA G 302 48.45 14.03 60.25
CA ALA G 302 47.27 14.20 61.09
C ALA G 302 47.41 15.48 61.91
N PHE G 303 46.39 16.34 61.82
CA PHE G 303 46.38 17.62 62.51
C PHE G 303 45.53 17.50 63.76
N PHE G 304 46.17 17.56 64.92
CA PHE G 304 45.49 17.48 66.21
C PHE G 304 45.52 18.83 66.90
N GLN G 305 44.41 19.20 67.53
CA GLN G 305 44.29 20.47 68.24
C GLN G 305 43.81 20.22 69.66
N CYS G 306 44.41 20.95 70.61
CA CYS G 306 43.98 20.84 72.00
C CYS G 306 42.58 21.40 72.17
N GLN G 307 41.77 20.71 72.98
CA GLN G 307 40.39 21.12 73.21
C GLN G 307 40.27 22.28 74.18
N VAL G 308 41.33 22.67 74.88
CA VAL G 308 41.28 23.71 75.89
C VAL G 308 41.93 25.01 75.42
N CYS G 309 43.23 24.96 75.09
CA CYS G 309 44.00 26.13 74.68
C CYS G 309 44.22 26.19 73.18
N ALA G 310 43.59 25.31 72.40
CA ALA G 310 43.73 25.28 70.95
C ALA G 310 45.19 25.08 70.51
N HIS G 311 45.95 24.32 71.28
CA HIS G 311 47.32 23.98 70.91
C HIS G 311 47.30 22.96 69.77
N THR G 312 48.07 23.23 68.72
CA THR G 312 48.04 22.43 67.50
C THR G 312 49.32 21.60 67.39
N THR G 313 49.19 20.41 66.81
CA THR G 313 50.33 19.53 66.59
C THR G 313 50.06 18.68 65.35
N ARG G 314 51.13 18.16 64.77
CA ARG G 314 51.06 17.34 63.57
C ARG G 314 51.69 15.98 63.85
N VAL G 315 51.02 14.91 63.43
CA VAL G 315 51.48 13.54 63.64
C VAL G 315 51.64 12.87 62.29
N GLU G 316 52.82 12.29 62.05
CA GLU G 316 53.06 11.57 60.81
C GLU G 316 52.34 10.22 60.84
N MET G 317 51.68 9.88 59.75
CA MET G 317 50.97 8.61 59.64
C MET G 317 51.97 7.51 59.30
N ASP G 318 52.06 6.50 60.17
CA ASP G 318 53.08 5.46 60.03
C ASP G 318 52.48 4.09 60.25
N ARG G 319 52.74 3.18 59.30
CA ARG G 319 52.42 1.76 59.42
C ARG G 319 50.95 1.51 59.74
N GLY G 320 50.06 2.31 59.15
CA GLY G 320 48.64 2.08 59.32
C GLY G 320 48.10 2.32 60.71
N ARG G 321 48.86 2.96 61.59
CA ARG G 321 48.43 3.27 62.94
C ARG G 321 48.62 4.74 63.21
N ILE G 322 47.71 5.32 63.99
CA ILE G 322 47.72 6.75 64.30
C ILE G 322 48.32 6.93 65.69
N ALA G 323 49.40 7.72 65.76
CA ALA G 323 50.05 8.03 67.04
C ALA G 323 49.34 9.24 67.63
N GLU G 324 48.12 9.01 68.12
CA GLU G 324 47.33 10.09 68.69
C GLU G 324 47.95 10.55 70.00
N PRO G 325 48.27 11.84 70.14
CA PRO G 325 48.80 12.32 71.43
C PRO G 325 47.74 12.22 72.52
N SER G 326 48.21 11.93 73.74
CA SER G 326 47.32 11.76 74.88
C SER G 326 47.36 12.92 75.86
N VAL G 327 48.38 13.77 75.80
CA VAL G 327 48.53 14.90 76.71
C VAL G 327 48.75 16.15 75.87
N CYS G 328 48.45 17.30 76.48
CA CYS G 328 48.59 18.58 75.81
C CYS G 328 50.00 19.13 75.96
N GLY G 329 50.44 19.91 74.98
CA GLY G 329 51.73 20.56 75.06
C GLY G 329 51.75 21.87 75.80
N ARG G 330 50.58 22.42 76.12
CA ARG G 330 50.48 23.69 76.84
C ARG G 330 49.88 23.51 78.22
N CYS G 331 48.67 22.96 78.30
CA CYS G 331 47.98 22.76 79.57
C CYS G 331 48.17 21.35 80.14
N HIS G 332 48.78 20.44 79.37
CA HIS G 332 49.08 19.08 79.79
C HIS G 332 47.83 18.29 80.17
N THR G 333 46.67 18.68 79.62
CA THR G 333 45.42 17.99 79.91
C THR G 333 45.37 16.67 79.14
N THR G 334 45.06 15.59 79.85
CA THR G 334 45.00 14.27 79.22
C THR G 334 43.74 14.13 78.37
N HIS G 335 43.89 13.48 77.22
CA HIS G 335 42.79 13.17 76.31
C HIS G 335 42.02 14.43 75.91
N SER G 336 42.77 15.45 75.48
CA SER G 336 42.19 16.71 75.04
C SER G 336 42.55 17.05 73.60
N MET G 337 42.88 16.05 72.79
CA MET G 337 43.27 16.24 71.41
C MET G 337 42.10 15.95 70.48
N ALA G 338 41.89 16.84 69.51
CA ALA G 338 40.84 16.69 68.52
C ALA G 338 41.44 16.70 67.13
N LEU G 339 40.99 15.78 66.28
CA LEU G 339 41.50 15.65 64.92
C LEU G 339 40.61 16.40 63.96
N ILE G 340 41.22 17.22 63.11
CA ILE G 340 40.49 18.00 62.11
C ILE G 340 40.82 17.39 60.74
N HIS G 341 39.80 16.84 60.08
CA HIS G 341 40.01 16.24 58.77
C HIS G 341 40.40 17.28 57.73
N ASN G 342 39.75 18.45 57.75
CA ASN G 342 40.03 19.48 56.76
C ASN G 342 41.46 19.97 56.88
N ARG G 343 41.93 20.21 58.11
CA ARG G 343 43.31 20.67 58.32
C ARG G 343 44.34 19.60 57.98
N SER G 344 43.95 18.33 57.99
CA SER G 344 44.91 17.25 57.75
C SER G 344 45.36 17.23 56.30
N LEU G 345 46.49 16.56 56.07
CA LEU G 345 47.09 16.45 54.74
C LEU G 345 46.65 15.13 54.11
N PHE G 346 46.20 15.20 52.87
CA PHE G 346 45.70 14.04 52.13
C PHE G 346 46.57 13.77 50.92
N SER G 347 46.76 12.49 50.61
CA SER G 347 47.48 12.05 49.42
C SER G 347 46.52 11.28 48.52
N ASP G 348 46.56 11.59 47.23
CA ASP G 348 45.68 10.96 46.26
C ASP G 348 46.23 9.59 45.86
N LYS G 349 45.38 8.57 45.95
CA LYS G 349 45.72 7.23 45.50
C LYS G 349 44.58 6.68 44.65
N GLN G 350 44.93 5.85 43.69
CA GLN G 350 43.97 5.30 42.74
C GLN G 350 44.21 3.80 42.56
N MET G 351 43.12 3.05 42.45
CA MET G 351 43.17 1.62 42.20
C MET G 351 42.87 1.37 40.73
N ILE G 352 43.73 0.62 40.06
CA ILE G 352 43.63 0.39 38.63
C ILE G 352 43.67 -1.11 38.37
N LYS G 353 42.78 -1.58 37.49
CA LYS G 353 42.74 -2.98 37.09
C LYS G 353 43.48 -3.13 35.76
N LEU G 354 44.51 -3.98 35.76
CA LEU G 354 45.36 -4.20 34.61
C LEU G 354 45.15 -5.60 34.07
N GLN G 355 45.07 -5.72 32.75
CA GLN G 355 44.88 -7.02 32.10
C GLN G 355 46.16 -7.48 31.41
N THR G 369 44.45 -11.01 35.79
CA THR G 369 44.47 -9.57 36.02
C THR G 369 45.19 -9.24 37.33
N VAL G 370 45.69 -8.00 37.42
CA VAL G 370 46.42 -7.54 38.59
C VAL G 370 45.87 -6.18 39.00
N ILE G 371 46.00 -5.87 40.28
CA ILE G 371 45.53 -4.60 40.85
C ILE G 371 46.72 -3.67 41.00
N LEU G 372 46.60 -2.47 40.44
CA LEU G 372 47.64 -1.46 40.49
C LEU G 372 47.20 -0.29 41.35
N PHE G 373 48.12 0.24 42.15
CA PHE G 373 47.84 1.36 43.05
C PHE G 373 48.74 2.53 42.65
N ALA G 374 48.16 3.52 41.99
CA ALA G 374 48.87 4.76 41.68
C ALA G 374 48.69 5.75 42.82
N HIS G 375 49.76 6.47 43.13
CA HIS G 375 49.77 7.40 44.25
C HIS G 375 50.20 8.79 43.80
N ASN G 376 49.48 9.80 44.28
CA ASN G 376 49.82 11.21 44.07
C ASN G 376 49.96 11.57 42.59
N ASP G 377 51.19 11.84 42.15
CA ASP G 377 51.40 12.27 40.77
C ASP G 377 51.01 11.18 39.78
N LEU G 378 51.32 9.92 40.11
CA LEU G 378 51.02 8.81 39.21
C LEU G 378 49.52 8.62 38.99
N VAL G 379 48.68 9.19 39.85
CA VAL G 379 47.24 9.05 39.71
C VAL G 379 46.77 9.79 38.46
N ASP G 380 45.86 9.15 37.72
CA ASP G 380 45.18 9.69 36.54
C ASP G 380 46.10 9.89 35.34
N LYS G 381 47.35 9.43 35.41
CA LYS G 381 48.26 9.56 34.28
C LYS G 381 48.02 8.54 33.19
N VAL G 382 47.21 7.52 33.44
CA VAL G 382 46.93 6.46 32.49
C VAL G 382 45.43 6.38 32.26
N GLN G 383 45.02 6.33 30.99
CA GLN G 383 43.65 6.20 30.54
C GLN G 383 43.34 4.76 30.17
N PRO G 384 42.19 4.24 30.62
CA PRO G 384 41.83 2.86 30.27
C PRO G 384 41.77 2.65 28.77
N GLY G 385 42.22 1.48 28.34
CA GLY G 385 42.33 1.17 26.92
C GLY G 385 43.70 1.41 26.34
N ASP G 386 44.72 1.62 27.17
CA ASP G 386 46.08 1.87 26.71
C ASP G 386 47.01 0.80 27.26
N ARG G 387 48.13 0.61 26.58
CA ARG G 387 49.15 -0.36 26.98
C ARG G 387 50.29 0.36 27.67
N VAL G 388 50.60 -0.06 28.89
CA VAL G 388 51.59 0.61 29.73
C VAL G 388 52.55 -0.41 30.31
N ASN G 389 53.81 0.01 30.48
CA ASN G 389 54.81 -0.79 31.17
C ASN G 389 54.94 -0.23 32.59
N VAL G 390 54.44 -0.99 33.56
CA VAL G 390 54.38 -0.53 34.95
C VAL G 390 55.53 -1.14 35.72
N THR G 391 56.30 -0.29 36.39
CA THR G 391 57.41 -0.70 37.23
C THR G 391 57.05 -0.40 38.68
N GLY G 392 57.15 -1.41 39.53
CA GLY G 392 56.78 -1.22 40.92
C GLY G 392 57.19 -2.39 41.78
N ILE G 393 56.96 -2.24 43.08
CA ILE G 393 57.31 -3.24 44.08
C ILE G 393 56.13 -4.19 44.27
N TYR G 394 56.44 -5.49 44.33
CA TYR G 394 55.42 -6.51 44.54
C TYR G 394 55.16 -6.67 46.04
N ARG G 395 53.89 -6.57 46.43
CA ARG G 395 53.49 -6.72 47.82
C ARG G 395 52.23 -7.57 47.90
N ALA G 396 52.11 -8.30 49.00
CA ALA G 396 50.98 -9.20 49.21
C ALA G 396 50.28 -8.85 50.51
N VAL G 397 48.95 -8.85 50.50
CA VAL G 397 48.17 -8.56 51.69
C VAL G 397 47.57 -9.85 52.24
N THR G 414 47.11 -10.03 46.94
CA THR G 414 48.24 -9.57 46.14
C THR G 414 47.94 -8.25 45.43
N HIS G 415 48.95 -7.41 45.29
CA HIS G 415 48.79 -6.12 44.63
C HIS G 415 50.17 -5.62 44.22
N ILE G 416 50.18 -4.61 43.34
CA ILE G 416 51.40 -3.97 42.87
C ILE G 416 51.29 -2.48 43.11
N ASP G 417 52.30 -1.91 43.76
CA ASP G 417 52.36 -0.47 43.99
C ASP G 417 53.15 0.17 42.85
N VAL G 418 52.50 1.11 42.14
CA VAL G 418 53.10 1.68 40.96
C VAL G 418 54.18 2.68 41.35
N ILE G 419 55.32 2.61 40.68
CA ILE G 419 56.40 3.59 40.83
C ILE G 419 56.57 4.44 39.58
N HIS G 420 56.52 3.81 38.40
CA HIS G 420 56.67 4.54 37.15
C HIS G 420 55.79 3.91 36.08
N TYR G 421 55.26 4.76 35.19
CA TYR G 421 54.49 4.32 34.04
C TYR G 421 55.31 4.55 32.77
N ARG G 422 55.23 3.59 31.85
CA ARG G 422 55.84 3.72 30.53
C ARG G 422 54.80 3.38 29.47
N LYS G 423 54.57 4.31 28.55
CA LYS G 423 53.56 4.12 27.51
C LYS G 423 54.19 3.74 26.18
N LYS G 439 62.99 3.46 15.51
CA LYS G 439 62.90 3.19 16.93
C LYS G 439 63.03 1.70 17.22
N LEU G 440 62.08 0.92 16.72
CA LEU G 440 62.07 -0.52 16.91
C LEU G 440 62.82 -1.27 15.81
N PHE G 441 63.40 -0.56 14.86
CA PHE G 441 64.09 -1.16 13.73
C PHE G 441 65.55 -0.69 13.72
N SER G 442 66.46 -1.62 13.49
CA SER G 442 67.85 -1.25 13.29
C SER G 442 68.05 -0.75 11.86
N GLU G 443 69.24 -0.17 11.62
CA GLU G 443 69.52 0.40 10.31
C GLU G 443 69.52 -0.68 9.23
N LYS G 444 69.97 -1.89 9.56
CA LYS G 444 69.98 -2.97 8.58
C LYS G 444 68.57 -3.36 8.16
N ARG G 445 67.62 -3.32 9.10
CA ARG G 445 66.23 -3.60 8.74
C ARG G 445 65.68 -2.57 7.77
N VAL G 446 65.97 -1.29 8.02
CA VAL G 446 65.52 -0.23 7.11
C VAL G 446 66.16 -0.40 5.74
N GLU G 447 67.45 -0.75 5.72
CA GLU G 447 68.13 -0.97 4.44
C GLU G 447 67.50 -2.15 3.68
N LEU G 448 67.16 -3.23 4.39
CA LEU G 448 66.52 -4.36 3.73
C LEU G 448 65.13 -3.99 3.22
N LEU G 449 64.39 -3.18 3.99
CA LEU G 449 63.08 -2.72 3.53
C LEU G 449 63.21 -1.89 2.26
N LYS G 450 64.19 -0.98 2.23
CA LYS G 450 64.41 -0.18 1.03
C LYS G 450 64.81 -1.05 -0.16
N GLU G 451 65.67 -2.05 0.08
CA GLU G 451 66.08 -2.95 -0.99
C GLU G 451 64.88 -3.70 -1.56
N LEU G 452 64.01 -4.20 -0.69
CA LEU G 452 62.81 -4.88 -1.17
C LEU G 452 61.89 -3.92 -1.92
N SER G 453 61.72 -2.70 -1.40
CA SER G 453 60.82 -1.75 -2.04
C SER G 453 61.33 -1.32 -3.42
N ARG G 454 62.65 -1.27 -3.60
CA ARG G 454 63.21 -0.92 -4.90
C ARG G 454 62.88 -1.95 -5.97
N LYS G 455 62.45 -3.15 -5.58
CA LYS G 455 62.00 -4.15 -6.53
C LYS G 455 60.65 -3.75 -7.09
N PRO G 456 60.49 -3.60 -8.40
CA PRO G 456 59.16 -3.28 -8.95
C PRO G 456 58.14 -4.38 -8.75
N ASP G 457 58.58 -5.60 -8.48
CA ASP G 457 57.71 -6.75 -8.31
C ASP G 457 57.31 -6.98 -6.85
N ILE G 458 57.68 -6.09 -5.93
CA ILE G 458 57.39 -6.31 -4.52
C ILE G 458 55.90 -6.43 -4.27
N TYR G 459 55.10 -5.64 -4.99
CA TYR G 459 53.65 -5.66 -4.78
C TYR G 459 53.07 -7.04 -5.12
N GLU G 460 53.38 -7.54 -6.31
CA GLU G 460 52.89 -8.86 -6.71
C GLU G 460 53.53 -9.97 -5.88
N ARG G 461 54.80 -9.79 -5.48
CA ARG G 461 55.46 -10.79 -4.65
C ARG G 461 54.78 -10.90 -3.30
N LEU G 462 54.43 -9.76 -2.69
CA LEU G 462 53.70 -9.75 -1.43
C LEU G 462 52.31 -10.32 -1.60
N ALA G 463 51.67 -10.06 -2.74
CA ALA G 463 50.38 -10.68 -3.02
C ALA G 463 50.51 -12.19 -3.05
N SER G 464 51.59 -12.70 -3.65
CA SER G 464 51.85 -14.14 -3.64
C SER G 464 52.16 -14.63 -2.22
N ALA G 465 52.75 -13.77 -1.39
CA ALA G 465 53.12 -14.18 -0.04
C ALA G 465 51.92 -14.29 0.89
N LEU G 466 50.86 -13.53 0.62
CA LEU G 466 49.68 -13.54 1.48
C LEU G 466 48.88 -14.81 1.23
N ALA G 467 48.62 -15.56 2.31
CA ALA G 467 47.83 -16.79 2.28
C ALA G 467 48.33 -17.76 1.21
N PRO G 468 49.47 -18.42 1.44
CA PRO G 468 49.99 -19.36 0.44
C PRO G 468 49.04 -20.51 0.15
N SER G 469 48.23 -20.92 1.12
CA SER G 469 47.30 -22.03 0.93
C SER G 469 46.12 -21.67 0.04
N ILE G 470 45.92 -20.39 -0.26
CA ILE G 470 44.81 -19.93 -1.10
C ILE G 470 45.33 -19.70 -2.52
N TYR G 471 44.58 -20.19 -3.50
CA TYR G 471 45.04 -20.29 -4.88
C TYR G 471 44.19 -19.41 -5.79
N GLU G 472 44.85 -18.74 -6.74
CA GLU G 472 44.17 -17.99 -7.81
C GLU G 472 43.13 -17.01 -7.27
N HIS G 473 43.51 -16.25 -6.26
CA HIS G 473 42.73 -15.11 -5.76
C HIS G 473 43.64 -13.90 -5.59
N GLU G 474 44.44 -13.63 -6.63
CA GLU G 474 45.46 -12.59 -6.53
C GLU G 474 44.84 -11.21 -6.30
N ASP G 475 43.74 -10.91 -6.98
CA ASP G 475 43.07 -9.63 -6.79
C ASP G 475 42.57 -9.46 -5.36
N ILE G 476 42.04 -10.54 -4.77
CA ILE G 476 41.57 -10.47 -3.39
C ILE G 476 42.73 -10.21 -2.45
N LYS G 477 43.87 -10.87 -2.67
CA LYS G 477 45.05 -10.61 -1.85
C LYS G 477 45.54 -9.18 -2.02
N LYS G 478 45.47 -8.66 -3.24
CA LYS G 478 45.83 -7.26 -3.50
C LYS G 478 44.94 -6.32 -2.70
N GLY G 479 43.64 -6.58 -2.72
CA GLY G 479 42.72 -5.76 -1.94
C GLY G 479 42.97 -5.85 -0.45
N ILE G 480 43.28 -7.06 0.04
CA ILE G 480 43.59 -7.23 1.46
C ILE G 480 44.84 -6.44 1.83
N LEU G 481 45.87 -6.51 0.99
CA LEU G 481 47.10 -5.76 1.25
C LEU G 481 46.85 -4.26 1.25
N LEU G 482 46.04 -3.78 0.30
CA LEU G 482 45.71 -2.36 0.26
C LEU G 482 44.94 -1.94 1.51
N GLN G 483 44.02 -2.79 1.98
CA GLN G 483 43.31 -2.50 3.22
C GLN G 483 44.27 -2.47 4.40
N LEU G 484 45.23 -3.38 4.43
CA LEU G 484 46.23 -3.38 5.50
C LEU G 484 47.03 -2.09 5.51
N PHE G 485 47.47 -1.64 4.34
CA PHE G 485 48.10 -0.32 4.25
C PHE G 485 47.12 0.79 4.61
N GLY G 486 45.90 0.72 4.08
CA GLY G 486 44.90 1.74 4.35
C GLY G 486 45.29 3.09 3.77
N GLY G 487 44.54 4.10 4.20
CA GLY G 487 44.80 5.47 3.81
C GLY G 487 45.62 6.21 4.84
N THR G 488 45.68 7.53 4.67
CA THR G 488 46.37 8.42 5.60
C THR G 488 45.34 9.27 6.35
N ARG G 489 45.61 9.51 7.62
CA ARG G 489 44.70 10.30 8.45
C ARG G 489 44.89 11.79 8.19
N LYS G 490 43.78 12.51 8.05
CA LYS G 490 43.79 13.94 7.84
C LYS G 490 42.80 14.59 8.80
N ASP G 491 43.19 15.72 9.39
CA ASP G 491 42.35 16.45 10.31
C ASP G 491 41.77 17.67 9.60
N PHE G 492 40.44 17.78 9.61
CA PHE G 492 39.74 18.88 8.94
C PHE G 492 39.15 19.86 9.95
N SER G 493 39.84 20.08 11.07
CA SER G 493 39.34 20.99 12.10
C SER G 493 39.22 22.42 11.60
N HIS G 494 40.20 22.87 10.78
CA HIS G 494 40.15 24.22 10.25
C HIS G 494 39.00 24.43 9.27
N THR G 495 38.53 23.36 8.62
CA THR G 495 37.47 23.48 7.63
C THR G 495 36.08 23.47 8.23
N GLY G 496 35.95 23.08 9.51
CA GLY G 496 34.64 22.91 10.11
C GLY G 496 33.96 21.60 9.76
N ARG G 497 34.64 20.72 9.04
CA ARG G 497 34.08 19.43 8.64
C ARG G 497 34.49 18.37 9.65
N GLY G 498 33.67 17.32 9.74
CA GLY G 498 33.99 16.22 10.62
C GLY G 498 35.16 15.40 10.11
N LYS G 499 35.77 14.66 11.03
CA LYS G 499 36.91 13.81 10.69
C LYS G 499 36.49 12.74 9.69
N PHE G 500 36.95 12.85 8.45
CA PHE G 500 36.56 11.91 7.41
C PHE G 500 37.22 10.55 7.63
N ARG G 501 36.47 9.49 7.31
CA ARG G 501 37.00 8.14 7.39
C ARG G 501 38.16 7.96 6.43
N ALA G 502 39.23 7.31 6.90
CA ALA G 502 40.41 7.05 6.08
C ALA G 502 40.82 5.58 6.14
N GLU G 503 39.89 4.69 6.48
CA GLU G 503 40.19 3.27 6.63
C GLU G 503 39.25 2.48 5.74
N ILE G 504 39.78 1.42 5.13
CA ILE G 504 39.13 0.73 4.01
C ILE G 504 38.35 -0.47 4.52
N ASN G 505 37.16 -0.67 3.98
CA ASN G 505 36.30 -1.79 4.31
C ASN G 505 35.99 -2.59 3.05
N ILE G 506 36.00 -3.92 3.17
CA ILE G 506 35.81 -4.81 2.03
C ILE G 506 34.73 -5.84 2.38
N LEU G 507 33.82 -6.08 1.45
CA LEU G 507 32.77 -7.07 1.60
C LEU G 507 33.02 -8.25 0.66
N LEU G 508 32.79 -9.46 1.18
CA LEU G 508 32.94 -10.68 0.40
C LEU G 508 31.63 -11.46 0.44
N CYS G 509 31.24 -12.00 -0.70
CA CYS G 509 30.00 -12.76 -0.83
C CYS G 509 30.26 -14.00 -1.67
N GLY G 510 29.71 -15.13 -1.24
CA GLY G 510 29.88 -16.36 -1.98
C GLY G 510 29.26 -17.53 -1.24
N ASP G 511 29.51 -18.73 -1.75
CA ASP G 511 28.98 -19.93 -1.13
C ASP G 511 29.75 -20.24 0.16
N PRO G 512 29.07 -20.84 1.14
CA PRO G 512 29.78 -21.27 2.36
C PRO G 512 30.67 -22.47 2.08
N GLY G 513 31.66 -22.65 2.96
CA GLY G 513 32.66 -23.68 2.78
C GLY G 513 33.81 -23.29 1.88
N THR G 514 33.75 -22.11 1.27
CA THR G 514 34.84 -21.60 0.44
C THR G 514 35.92 -21.01 1.35
N SER G 515 36.86 -20.29 0.77
CA SER G 515 37.98 -19.70 1.51
C SER G 515 37.55 -18.56 2.44
N LYS G 516 36.26 -18.34 2.72
CA LYS G 516 35.87 -17.25 3.62
C LYS G 516 36.46 -17.47 5.02
N SER G 517 36.09 -18.58 5.66
CA SER G 517 36.47 -18.79 7.05
C SER G 517 37.98 -18.87 7.22
N GLN G 518 38.65 -19.59 6.32
CA GLN G 518 40.10 -19.72 6.41
C GLN G 518 40.79 -18.37 6.22
N LEU G 519 40.34 -17.58 5.25
CA LEU G 519 40.93 -16.26 5.04
C LEU G 519 40.68 -15.34 6.22
N LEU G 520 39.47 -15.38 6.78
CA LEU G 520 39.16 -14.55 7.94
C LEU G 520 40.02 -14.94 9.13
N GLN G 521 40.20 -16.24 9.37
CA GLN G 521 41.07 -16.69 10.45
C GLN G 521 42.51 -16.28 10.20
N TYR G 522 42.97 -16.37 8.95
CA TYR G 522 44.33 -15.96 8.61
C TYR G 522 44.54 -14.48 8.90
N VAL G 523 43.58 -13.64 8.49
CA VAL G 523 43.69 -12.21 8.74
C VAL G 523 43.65 -11.91 10.23
N TYR G 524 42.74 -12.58 10.96
CA TYR G 524 42.61 -12.34 12.39
C TYR G 524 43.89 -12.73 13.13
N ASN G 525 44.50 -13.85 12.75
CA ASN G 525 45.73 -14.29 13.41
C ASN G 525 46.91 -13.40 13.03
N LEU G 526 47.04 -13.07 11.74
CA LEU G 526 48.20 -12.31 11.27
C LEU G 526 48.17 -10.88 11.80
N VAL G 527 47.04 -10.21 11.67
CA VAL G 527 46.96 -8.79 12.03
C VAL G 527 46.91 -8.67 13.54
N PRO G 528 47.79 -7.89 14.17
CA PRO G 528 47.65 -7.60 15.59
C PRO G 528 46.40 -6.79 15.86
N ARG G 529 45.82 -7.01 17.05
CA ARG G 529 44.60 -6.35 17.49
C ARG G 529 43.40 -6.69 16.61
N GLY G 530 43.50 -7.79 15.84
CA GLY G 530 42.37 -8.20 15.02
C GLY G 530 41.26 -8.83 15.85
N GLN G 531 40.06 -8.79 15.29
CA GLN G 531 38.88 -9.33 15.96
C GLN G 531 38.11 -10.24 15.01
N TYR G 532 37.63 -11.36 15.54
CA TYR G 532 36.80 -12.29 14.80
C TYR G 532 35.45 -12.41 15.50
N THR G 533 34.37 -12.25 14.73
CA THR G 533 33.03 -12.29 15.28
C THR G 533 32.13 -13.08 14.34
N SER G 534 31.05 -13.63 14.89
CA SER G 534 30.09 -14.42 14.14
C SER G 534 28.71 -13.78 14.24
N GLY G 535 27.92 -13.96 13.19
CA GLY G 535 26.58 -13.40 13.15
C GLY G 535 25.61 -14.09 14.10
N THR G 544 28.41 -4.82 20.92
CA THR G 544 28.48 -3.37 21.13
C THR G 544 28.73 -3.05 22.60
N ALA G 545 28.77 -1.75 22.91
CA ALA G 545 28.94 -1.33 24.28
C ALA G 545 27.71 -1.66 25.11
N TYR G 546 27.91 -1.89 26.41
CA TYR G 546 26.83 -2.26 27.30
C TYR G 546 27.10 -1.65 28.67
N VAL G 547 26.06 -1.60 29.50
CA VAL G 547 26.09 -0.92 30.77
C VAL G 547 26.15 -1.97 31.88
N MET G 548 27.09 -1.79 32.80
CA MET G 548 27.25 -2.70 33.94
C MET G 548 27.09 -1.93 35.25
N LYS G 549 26.52 -2.61 36.24
CA LYS G 549 26.43 -2.06 37.59
C LYS G 549 27.77 -2.19 38.30
N ASP G 550 28.17 -1.13 38.98
CA ASP G 550 29.29 -1.22 39.90
C ASP G 550 28.77 -1.77 41.23
N PRO G 551 29.18 -2.96 41.66
CA PRO G 551 28.66 -3.49 42.94
C PRO G 551 29.08 -2.68 44.14
N GLU G 552 30.11 -1.83 44.02
CA GLU G 552 30.58 -1.03 45.14
C GLU G 552 29.73 0.22 45.33
N THR G 553 29.67 1.07 44.31
CA THR G 553 28.99 2.36 44.40
C THR G 553 27.59 2.35 43.81
N ARG G 554 27.08 1.20 43.37
CA ARG G 554 25.77 1.09 42.74
C ARG G 554 25.63 2.00 41.52
N GLN G 555 26.74 2.29 40.87
CA GLN G 555 26.76 3.18 39.71
C GLN G 555 26.85 2.36 38.43
N LEU G 556 26.19 2.86 37.38
CA LEU G 556 26.17 2.18 36.10
C LEU G 556 27.42 2.55 35.31
N VAL G 557 28.31 1.58 35.09
CA VAL G 557 29.50 1.79 34.32
C VAL G 557 29.31 1.16 32.94
N LEU G 558 30.21 1.48 32.01
CA LEU G 558 30.10 1.05 30.64
C LEU G 558 31.17 0.02 30.32
N GLN G 559 30.80 -1.01 29.56
CA GLN G 559 31.71 -2.02 29.07
C GLN G 559 31.84 -1.88 27.56
N THR G 560 33.06 -2.07 27.05
CA THR G 560 33.36 -1.88 25.64
C THR G 560 33.26 -3.20 24.90
N GLY G 561 32.50 -3.20 23.80
CA GLY G 561 32.36 -4.38 22.99
C GLY G 561 33.59 -4.67 22.16
N ALA G 562 33.52 -5.76 21.40
CA ALA G 562 34.65 -6.16 20.57
C ALA G 562 34.98 -5.09 19.52
N LEU G 563 33.94 -4.41 19.01
CA LEU G 563 34.19 -3.34 18.03
C LEU G 563 34.99 -2.20 18.64
N VAL G 564 34.64 -1.79 19.87
CA VAL G 564 35.39 -0.74 20.53
C VAL G 564 36.77 -1.24 20.94
N LEU G 565 36.86 -2.48 21.43
CA LEU G 565 38.15 -3.04 21.82
C LEU G 565 39.09 -3.16 20.63
N SER G 566 38.55 -3.30 19.42
CA SER G 566 39.35 -3.41 18.21
C SER G 566 39.60 -2.06 17.56
N ASP G 567 39.57 -0.98 18.33
CA ASP G 567 39.82 0.35 17.78
C ASP G 567 41.25 0.42 17.24
N ASN G 568 41.40 1.06 16.08
CA ASN G 568 42.63 1.09 15.29
C ASN G 568 43.04 -0.30 14.82
N GLY G 569 42.16 -1.29 14.93
CA GLY G 569 42.42 -2.63 14.47
C GLY G 569 41.53 -3.03 13.31
N ILE G 570 41.44 -4.35 13.09
CA ILE G 570 40.63 -4.91 12.02
C ILE G 570 39.64 -5.88 12.62
N CYS G 571 38.36 -5.70 12.31
CA CYS G 571 37.29 -6.58 12.77
C CYS G 571 36.73 -7.34 11.58
N CYS G 572 36.65 -8.66 11.68
CA CYS G 572 36.14 -9.52 10.63
C CYS G 572 34.89 -10.25 11.10
N ILE G 573 33.90 -10.34 10.23
CA ILE G 573 32.59 -10.90 10.56
C ILE G 573 32.25 -11.97 9.54
N ASP G 574 31.72 -13.10 10.01
CA ASP G 574 31.25 -14.17 9.14
C ASP G 574 29.74 -14.19 9.12
N GLU G 575 29.19 -14.62 7.98
CA GLU G 575 27.74 -14.74 7.78
C GLU G 575 27.05 -13.39 8.03
N PHE G 576 27.41 -12.41 7.20
CA PHE G 576 26.83 -11.08 7.34
C PHE G 576 25.33 -11.09 7.06
N ASP G 577 24.90 -11.89 6.08
CA ASP G 577 23.49 -11.94 5.73
C ASP G 577 22.64 -12.44 6.89
N LYS G 578 23.15 -13.43 7.64
CA LYS G 578 22.40 -14.07 8.71
C LYS G 578 22.38 -13.26 10.00
N MET G 579 22.71 -11.97 9.96
CA MET G 579 22.73 -11.15 11.16
C MET G 579 21.41 -10.37 11.29
N ASN G 580 21.06 -10.05 12.53
CA ASN G 580 19.83 -9.33 12.81
C ASN G 580 19.88 -7.92 12.21
N GLU G 581 18.71 -7.42 11.82
CA GLU G 581 18.63 -6.09 11.23
C GLU G 581 18.95 -5.00 12.25
N SER G 582 18.72 -5.26 13.54
CA SER G 582 18.99 -4.25 14.56
C SER G 582 20.48 -3.92 14.61
N THR G 583 21.35 -4.93 14.53
CA THR G 583 22.78 -4.67 14.54
C THR G 583 23.23 -4.00 13.25
N ARG G 584 22.70 -4.45 12.10
CA ARG G 584 23.11 -3.85 10.83
C ARG G 584 22.66 -2.40 10.71
N SER G 585 21.57 -2.03 11.39
CA SER G 585 21.19 -0.62 11.46
C SER G 585 22.23 0.20 12.22
N VAL G 586 22.76 -0.37 13.31
CA VAL G 586 23.81 0.31 14.07
C VAL G 586 25.08 0.44 13.23
N LEU G 587 25.33 -0.51 12.33
CA LEU G 587 26.56 -0.50 11.55
C LEU G 587 26.68 0.75 10.68
N HIS G 588 25.57 1.33 10.26
CA HIS G 588 25.62 2.50 9.38
C HIS G 588 26.43 3.63 10.01
N GLU G 589 26.24 3.85 11.31
CA GLU G 589 26.96 4.93 11.98
C GLU G 589 28.46 4.65 12.06
N VAL G 590 28.84 3.43 12.45
CA VAL G 590 30.26 3.11 12.58
C VAL G 590 30.92 3.04 11.20
N MET G 591 30.20 2.55 10.20
CA MET G 591 30.76 2.52 8.84
C MET G 591 31.01 3.93 8.31
N GLU G 592 30.15 4.89 8.65
CA GLU G 592 30.22 6.22 8.04
C GLU G 592 31.06 7.20 8.86
N GLN G 593 30.66 7.46 10.09
CA GLN G 593 31.26 8.51 10.90
C GLN G 593 32.41 8.03 11.77
N GLN G 594 32.67 6.72 11.82
CA GLN G 594 33.65 6.10 12.70
C GLN G 594 33.38 6.37 14.18
N THR G 595 32.21 6.90 14.52
CA THR G 595 31.82 7.19 15.87
C THR G 595 30.54 6.43 16.21
N LEU G 596 30.17 6.46 17.50
CA LEU G 596 29.01 5.72 17.97
C LEU G 596 28.37 6.49 19.11
N SER G 597 27.07 6.75 18.99
CA SER G 597 26.32 7.52 19.98
C SER G 597 25.24 6.64 20.59
N ILE G 598 25.11 6.70 21.92
CA ILE G 598 24.11 5.93 22.66
C ILE G 598 23.28 6.90 23.50
N ALA G 599 21.95 6.76 23.43
CA ALA G 599 21.02 7.51 24.26
C ALA G 599 20.00 6.53 24.81
N LYS G 600 20.29 5.94 25.97
CA LYS G 600 19.41 4.97 26.59
C LYS G 600 19.49 5.10 28.10
N ALA G 601 18.32 5.10 28.75
CA ALA G 601 18.22 5.16 30.21
C ALA G 601 18.97 6.36 30.79
N GLY G 602 18.95 7.47 30.06
CA GLY G 602 19.65 8.67 30.49
C GLY G 602 21.14 8.66 30.26
N ILE G 603 21.69 7.61 29.66
CA ILE G 603 23.13 7.53 29.40
C ILE G 603 23.38 8.04 27.99
N ILE G 604 24.12 9.14 27.89
CA ILE G 604 24.46 9.76 26.62
C ILE G 604 25.98 9.78 26.50
N CYS G 605 26.49 9.16 25.45
CA CYS G 605 27.94 9.04 25.27
C CYS G 605 28.27 8.94 23.79
N GLN G 606 29.51 9.29 23.46
CA GLN G 606 30.04 9.13 22.12
C GLN G 606 31.35 8.38 22.19
N LEU G 607 31.55 7.44 21.27
CA LEU G 607 32.70 6.55 21.30
C LEU G 607 33.42 6.58 19.97
N ASN G 608 34.74 6.46 20.02
CA ASN G 608 35.54 6.35 18.81
C ASN G 608 35.63 4.89 18.38
N ALA G 609 35.40 4.65 17.10
CA ALA G 609 35.27 3.29 16.56
C ALA G 609 36.09 3.14 15.28
N ARG G 610 37.35 3.56 15.34
CA ARG G 610 38.23 3.48 14.17
C ARG G 610 38.57 2.02 13.86
N THR G 611 37.71 1.34 13.10
CA THR G 611 37.90 -0.05 12.76
C THR G 611 37.65 -0.26 11.28
N SER G 612 38.23 -1.33 10.73
CA SER G 612 37.99 -1.75 9.36
C SER G 612 37.17 -3.04 9.39
N VAL G 613 36.11 -3.08 8.59
CA VAL G 613 35.19 -4.20 8.56
C VAL G 613 35.49 -5.07 7.35
N LEU G 614 35.77 -6.35 7.58
CA LEU G 614 35.92 -7.35 6.52
C LEU G 614 34.81 -8.37 6.75
N ALA G 615 33.77 -8.31 5.92
CA ALA G 615 32.56 -9.09 6.14
C ALA G 615 32.42 -10.18 5.09
N ALA G 616 31.88 -11.32 5.51
CA ALA G 616 31.57 -12.44 4.63
C ALA G 616 30.07 -12.68 4.66
N ALA G 617 29.49 -12.87 3.48
CA ALA G 617 28.04 -13.00 3.35
C ALA G 617 27.71 -14.16 2.44
N ASN G 618 26.49 -14.69 2.62
CA ASN G 618 25.98 -15.80 1.84
C ASN G 618 24.78 -15.35 1.04
N PRO G 619 24.73 -15.60 -0.26
CA PRO G 619 23.54 -15.24 -1.04
C PRO G 619 22.31 -15.98 -0.53
N ILE G 620 21.15 -15.31 -0.66
CA ILE G 620 19.91 -15.85 -0.12
C ILE G 620 19.51 -17.15 -0.81
N GLU G 621 19.83 -17.30 -2.10
CA GLU G 621 19.52 -18.52 -2.81
C GLU G 621 20.47 -19.66 -2.49
N SER G 622 21.57 -19.40 -1.78
CA SER G 622 22.67 -20.35 -1.58
C SER G 622 23.25 -20.84 -2.90
N GLN G 623 22.98 -20.10 -3.97
CA GLN G 623 23.43 -20.46 -5.32
C GLN G 623 23.29 -19.22 -6.18
N TRP G 624 24.23 -19.02 -7.10
CA TRP G 624 24.25 -17.82 -7.93
C TRP G 624 23.17 -17.92 -8.98
N ASN G 625 21.97 -17.48 -8.63
CA ASN G 625 20.87 -17.45 -9.59
C ASN G 625 21.17 -16.41 -10.67
N PRO G 626 20.97 -16.74 -11.95
CA PRO G 626 21.27 -15.77 -13.00
C PRO G 626 20.36 -14.55 -12.93
N LYS G 627 20.92 -13.43 -12.50
CA LYS G 627 20.17 -12.20 -12.28
C LYS G 627 21.06 -11.03 -12.64
N LYS G 628 20.65 -9.82 -12.24
CA LYS G 628 21.35 -8.61 -12.64
C LYS G 628 22.05 -7.89 -11.48
N THR G 629 21.31 -7.53 -10.44
CA THR G 629 21.89 -6.79 -9.32
C THR G 629 22.26 -7.75 -8.19
N THR G 630 23.28 -7.36 -7.43
CA THR G 630 23.72 -8.18 -6.30
C THR G 630 22.64 -8.31 -5.24
N ILE G 631 21.74 -7.33 -5.16
CA ILE G 631 20.63 -7.42 -4.21
C ILE G 631 19.69 -8.56 -4.59
N GLU G 632 19.51 -8.80 -5.89
CA GLU G 632 18.65 -9.89 -6.33
C GLU G 632 19.15 -11.26 -5.88
N ASN G 633 20.43 -11.37 -5.51
CA ASN G 633 20.98 -12.61 -5.01
C ASN G 633 21.28 -12.60 -3.52
N ILE G 634 21.48 -11.42 -2.93
CA ILE G 634 21.97 -11.34 -1.55
C ILE G 634 20.97 -10.57 -0.68
N GLN G 635 20.16 -9.73 -1.31
CA GLN G 635 19.11 -8.96 -0.62
C GLN G 635 19.69 -8.08 0.48
N LEU G 636 20.50 -7.11 0.06
CA LEU G 636 21.07 -6.15 0.99
C LEU G 636 20.66 -4.73 0.60
N PRO G 637 20.43 -3.85 1.58
CA PRO G 637 20.01 -2.48 1.26
C PRO G 637 21.09 -1.71 0.53
N HIS G 638 20.67 -0.71 -0.23
CA HIS G 638 21.60 0.11 -1.00
C HIS G 638 22.57 0.87 -0.11
N THR G 639 22.13 1.28 1.08
CA THR G 639 23.00 2.06 1.96
C THR G 639 24.23 1.28 2.37
N LEU G 640 24.03 0.05 2.88
CA LEU G 640 25.17 -0.74 3.34
C LEU G 640 26.12 -1.07 2.20
N LEU G 641 25.57 -1.42 1.03
CA LEU G 641 26.42 -1.73 -0.12
C LEU G 641 27.20 -0.50 -0.56
N SER G 642 26.56 0.68 -0.56
CA SER G 642 27.25 1.90 -0.96
C SER G 642 28.34 2.28 0.03
N ARG G 643 28.17 1.92 1.31
CA ARG G 643 29.20 2.25 2.30
C ARG G 643 30.45 1.42 2.12
N PHE G 644 30.33 0.21 1.59
CA PHE G 644 31.49 -0.65 1.38
C PHE G 644 32.39 -0.07 0.29
N ASP G 645 33.69 0.00 0.56
CA ASP G 645 34.63 0.47 -0.44
C ASP G 645 34.84 -0.55 -1.55
N LEU G 646 35.01 -1.82 -1.19
CA LEU G 646 35.26 -2.88 -2.14
C LEU G 646 34.32 -4.05 -1.87
N ILE G 647 33.64 -4.53 -2.91
CA ILE G 647 32.77 -5.69 -2.82
C ILE G 647 33.29 -6.74 -3.80
N PHE G 648 33.54 -7.94 -3.29
CA PHE G 648 34.05 -9.04 -4.11
C PHE G 648 33.12 -10.23 -3.97
N LEU G 649 32.96 -10.97 -5.07
CA LEU G 649 32.07 -12.12 -5.12
C LEU G 649 32.88 -13.38 -5.41
N MET G 650 32.64 -14.42 -4.61
CA MET G 650 33.32 -15.71 -4.77
C MET G 650 32.37 -16.66 -5.49
N LEU G 651 32.64 -16.91 -6.76
CA LEU G 651 31.86 -17.82 -7.58
C LEU G 651 32.71 -19.03 -7.94
N ASP G 652 32.20 -20.23 -7.66
CA ASP G 652 32.89 -21.45 -8.04
C ASP G 652 32.59 -21.74 -9.51
N PRO G 653 33.55 -21.54 -10.41
CA PRO G 653 33.27 -21.72 -11.83
C PRO G 653 33.07 -23.19 -12.18
N GLN G 654 32.24 -23.42 -13.19
CA GLN G 654 31.98 -24.77 -13.68
C GLN G 654 32.97 -25.15 -14.79
N ASP G 655 34.26 -25.01 -14.48
CA ASP G 655 35.33 -25.32 -15.41
C ASP G 655 36.13 -26.49 -14.87
N GLU G 656 36.35 -27.50 -15.72
CA GLU G 656 37.02 -28.72 -15.28
C GLU G 656 38.44 -28.45 -14.82
N ALA G 657 39.18 -27.64 -15.58
CA ALA G 657 40.57 -27.38 -15.24
C ALA G 657 40.69 -26.71 -13.88
N TYR G 658 39.73 -25.85 -13.53
CA TYR G 658 39.76 -25.21 -12.21
C TYR G 658 39.60 -26.25 -11.10
N ASP G 659 38.73 -27.25 -11.30
CA ASP G 659 38.59 -28.32 -10.33
C ASP G 659 39.87 -29.15 -10.24
N ARG G 660 40.52 -29.41 -11.38
CA ARG G 660 41.79 -30.12 -11.34
C ARG G 660 42.82 -29.37 -10.52
N ARG G 661 42.94 -28.06 -10.75
CA ARG G 661 43.92 -27.26 -10.00
C ARG G 661 43.57 -27.21 -8.51
N LEU G 662 42.28 -27.08 -8.19
CA LEU G 662 41.87 -27.09 -6.79
C LEU G 662 42.24 -28.41 -6.11
N ALA G 663 41.94 -29.53 -6.76
CA ALA G 663 42.23 -30.83 -6.17
C ALA G 663 43.73 -31.07 -6.03
N HIS G 664 44.51 -30.66 -7.04
CA HIS G 664 45.97 -30.78 -6.92
C HIS G 664 46.52 -29.90 -5.81
N HIS G 665 45.98 -28.70 -5.65
CA HIS G 665 46.40 -27.84 -4.55
C HIS G 665 46.08 -28.47 -3.20
N LEU G 666 44.89 -29.09 -3.09
CA LEU G 666 44.52 -29.72 -1.83
C LEU G 666 45.40 -30.92 -1.52
N VAL G 667 45.65 -31.78 -2.51
CA VAL G 667 46.45 -32.98 -2.24
C VAL G 667 47.91 -32.61 -2.00
N ALA G 668 48.42 -31.58 -2.67
CA ALA G 668 49.80 -31.15 -2.47
C ALA G 668 49.96 -30.23 -1.27
N LEU G 669 48.87 -29.85 -0.61
CA LEU G 669 48.94 -28.98 0.57
C LEU G 669 49.65 -29.68 1.72
N GLU G 680 58.86 -17.69 0.91
CA GLU G 680 57.54 -17.57 1.53
C GLU G 680 57.65 -17.20 3.00
N LEU G 681 58.35 -18.04 3.77
CA LEU G 681 58.53 -17.78 5.20
C LEU G 681 59.33 -16.51 5.44
N LEU G 682 60.18 -16.13 4.49
CA LEU G 682 60.95 -14.90 4.61
C LEU G 682 60.08 -13.66 4.47
N ASP G 683 58.83 -13.79 4.05
CA ASP G 683 58.02 -12.65 3.68
C ASP G 683 57.10 -12.12 4.77
N MET G 684 56.34 -12.98 5.46
CA MET G 684 55.31 -12.47 6.37
C MET G 684 55.92 -11.88 7.64
N ALA G 685 56.98 -12.51 8.17
CA ALA G 685 57.62 -11.99 9.37
C ALA G 685 58.23 -10.62 9.12
N VAL G 686 58.88 -10.45 7.97
CA VAL G 686 59.38 -9.13 7.58
C VAL G 686 58.23 -8.20 7.28
N LEU G 687 57.12 -8.72 6.72
CA LEU G 687 56.02 -7.89 6.29
C LEU G 687 55.27 -7.25 7.45
N LYS G 688 55.17 -7.93 8.59
CA LYS G 688 54.53 -7.31 9.74
C LYS G 688 55.28 -6.03 10.14
N ASP G 689 56.59 -6.14 10.31
CA ASP G 689 57.40 -4.97 10.65
C ASP G 689 57.40 -3.95 9.52
N TYR G 690 57.37 -4.40 8.26
CA TYR G 690 57.34 -3.49 7.13
C TYR G 690 56.05 -2.66 7.11
N ILE G 691 54.92 -3.32 7.38
CA ILE G 691 53.64 -2.61 7.45
C ILE G 691 53.64 -1.64 8.61
N ALA G 692 54.20 -2.04 9.77
CA ALA G 692 54.31 -1.12 10.89
C ALA G 692 55.15 0.10 10.53
N TYR G 693 56.28 -0.12 9.85
CA TYR G 693 57.15 0.98 9.45
C TYR G 693 56.45 1.91 8.46
N ALA G 694 55.73 1.34 7.50
CA ALA G 694 55.01 2.15 6.52
C ALA G 694 53.91 2.97 7.19
N HIS G 695 53.20 2.36 8.15
CA HIS G 695 52.16 3.09 8.87
C HIS G 695 52.75 4.23 9.69
N SER G 696 53.87 3.98 10.37
CA SER G 696 54.41 4.98 11.28
C SER G 696 55.14 6.11 10.55
N THR G 697 55.84 5.79 9.46
CA THR G 697 56.80 6.73 8.88
C THR G 697 56.19 7.59 7.76
N ILE G 698 55.69 6.95 6.70
CA ILE G 698 55.33 7.67 5.48
C ILE G 698 53.85 8.00 5.51
N MET G 699 53.49 9.07 4.79
CA MET G 699 52.11 9.38 4.48
C MET G 699 52.12 10.02 3.09
N PRO G 700 51.32 9.53 2.16
CA PRO G 700 51.27 10.14 0.82
C PRO G 700 50.36 11.35 0.79
N ARG G 701 50.54 12.16 -0.27
CA ARG G 701 49.69 13.29 -0.54
C ARG G 701 49.37 13.36 -2.03
N LEU G 702 48.27 14.01 -2.35
CA LEU G 702 47.74 13.99 -3.71
C LEU G 702 48.45 15.02 -4.58
N SER G 703 48.45 14.77 -5.88
CA SER G 703 49.12 15.63 -6.87
C SER G 703 48.11 16.12 -7.90
N GLU G 704 48.59 17.00 -8.79
CA GLU G 704 47.71 17.63 -9.78
C GLU G 704 47.36 16.66 -10.91
N GLU G 705 48.34 15.88 -11.38
CA GLU G 705 48.06 14.89 -12.42
C GLU G 705 47.04 13.88 -11.93
N ALA G 706 47.20 13.39 -10.69
CA ALA G 706 46.20 12.52 -10.11
C ALA G 706 44.87 13.22 -9.92
N SER G 707 44.90 14.54 -9.66
CA SER G 707 43.67 15.31 -9.59
C SER G 707 42.89 15.25 -10.89
N GLN G 708 43.57 15.55 -12.01
CA GLN G 708 42.90 15.51 -13.30
C GLN G 708 42.43 14.10 -13.64
N ALA G 709 43.28 13.10 -13.35
CA ALA G 709 42.91 11.72 -13.63
C ALA G 709 41.66 11.31 -12.84
N LEU G 710 41.58 11.69 -11.57
CA LEU G 710 40.43 11.31 -10.76
C LEU G 710 39.18 12.04 -11.19
N ILE G 711 39.31 13.32 -11.60
CA ILE G 711 38.15 14.05 -12.09
C ILE G 711 37.58 13.38 -13.35
N GLU G 712 38.47 13.05 -14.30
CA GLU G 712 38.03 12.36 -15.51
C GLU G 712 37.45 11.00 -15.18
N ALA G 713 38.06 10.29 -14.21
CA ALA G 713 37.55 8.98 -13.81
C ALA G 713 36.14 9.09 -13.26
N TYR G 714 35.87 10.09 -12.43
CA TYR G 714 34.52 10.25 -11.87
C TYR G 714 33.51 10.59 -12.95
N VAL G 715 33.86 11.53 -13.85
CA VAL G 715 32.89 11.92 -14.86
C VAL G 715 32.63 10.77 -15.83
N ASP G 716 33.61 9.89 -16.04
CA ASP G 716 33.37 8.71 -16.85
C ASP G 716 32.57 7.66 -16.08
N MET G 717 32.85 7.50 -14.78
CA MET G 717 32.19 6.47 -13.99
C MET G 717 30.69 6.74 -13.87
N ARG G 718 30.30 7.99 -13.66
CA ARG G 718 28.87 8.26 -13.53
C ARG G 718 28.12 7.97 -14.82
N LYS G 719 28.78 8.05 -15.97
CA LYS G 719 28.13 7.70 -17.22
C LYS G 719 27.70 6.24 -17.28
N ILE G 720 28.38 5.36 -16.54
CA ILE G 720 28.00 3.95 -16.55
C ILE G 720 26.62 3.75 -15.94
N GLY G 721 26.34 4.42 -14.83
CA GLY G 721 25.06 4.29 -14.15
C GLY G 721 23.89 4.84 -14.95
N ALA G 729 26.74 5.87 -9.49
CA ALA G 729 27.99 6.44 -8.98
C ALA G 729 27.71 7.53 -7.95
N TYR G 730 28.40 7.46 -6.82
CA TYR G 730 28.24 8.39 -5.72
C TYR G 730 29.61 8.96 -5.36
N PRO G 731 29.66 10.14 -4.74
CA PRO G 731 30.97 10.69 -4.34
C PRO G 731 31.71 9.81 -3.35
N ARG G 732 31.00 8.95 -2.61
CA ARG G 732 31.66 8.09 -1.63
C ARG G 732 32.61 7.11 -2.30
N GLN G 733 32.24 6.59 -3.48
CA GLN G 733 33.19 5.77 -4.23
C GLN G 733 34.40 6.57 -4.68
N LEU G 734 34.21 7.86 -4.98
CA LEU G 734 35.37 8.70 -5.29
C LEU G 734 36.28 8.85 -4.08
N GLU G 735 35.70 9.00 -2.89
CA GLU G 735 36.49 9.02 -1.66
C GLU G 735 37.24 7.71 -1.47
N SER G 736 36.56 6.58 -1.75
CA SER G 736 37.21 5.28 -1.65
C SER G 736 38.34 5.16 -2.66
N LEU G 737 38.18 5.73 -3.86
CA LEU G 737 39.24 5.71 -4.85
C LEU G 737 40.44 6.53 -4.38
N ILE G 738 40.19 7.67 -3.74
CA ILE G 738 41.28 8.45 -3.16
C ILE G 738 42.02 7.63 -2.10
N ARG G 739 41.25 6.94 -1.25
CA ARG G 739 41.85 6.11 -0.22
C ARG G 739 42.69 4.97 -0.83
N LEU G 740 42.18 4.35 -1.89
CA LEU G 740 42.91 3.28 -2.56
C LEU G 740 44.18 3.81 -3.20
N ALA G 741 44.13 5.00 -3.79
CA ALA G 741 45.33 5.61 -4.35
C ALA G 741 46.37 5.87 -3.26
N GLU G 742 45.91 6.35 -2.10
CA GLU G 742 46.83 6.54 -0.97
C GLU G 742 47.44 5.21 -0.53
N ALA G 743 46.63 4.16 -0.50
CA ALA G 743 47.14 2.84 -0.11
C ALA G 743 48.20 2.34 -1.09
N HIS G 744 47.93 2.49 -2.40
CA HIS G 744 48.91 2.03 -3.39
C HIS G 744 50.18 2.88 -3.33
N ALA G 745 50.05 4.17 -3.05
CA ALA G 745 51.22 5.01 -2.84
C ALA G 745 52.02 4.51 -1.64
N LYS G 746 51.33 4.13 -0.57
CA LYS G 746 52.02 3.54 0.59
C LYS G 746 52.71 2.24 0.22
N VAL G 747 52.14 1.49 -0.73
CA VAL G 747 52.74 0.21 -1.13
C VAL G 747 54.13 0.45 -1.72
N ARG G 748 54.26 1.46 -2.58
CA ARG G 748 55.55 1.78 -3.18
C ARG G 748 56.45 2.58 -2.25
N LEU G 749 55.98 2.91 -1.04
CA LEU G 749 56.69 3.79 -0.12
C LEU G 749 56.99 5.14 -0.77
N SER G 750 56.04 5.63 -1.56
CA SER G 750 56.17 6.90 -2.26
C SER G 750 55.37 7.96 -1.50
N ASN G 751 56.00 9.11 -1.23
CA ASN G 751 55.36 10.17 -0.49
C ASN G 751 54.37 10.98 -1.31
N LYS G 752 54.31 10.76 -2.62
CA LYS G 752 53.40 11.49 -3.50
C LYS G 752 52.58 10.51 -4.31
N VAL G 753 51.30 10.83 -4.51
CA VAL G 753 50.41 10.01 -5.31
C VAL G 753 50.60 10.37 -6.77
N GLU G 754 50.86 9.37 -7.61
CA GLU G 754 51.17 9.59 -9.02
C GLU G 754 50.13 8.89 -9.90
N ALA G 755 50.40 8.87 -11.20
CA ALA G 755 49.46 8.29 -12.15
C ALA G 755 49.29 6.80 -11.94
N ILE G 756 50.36 6.11 -11.53
CA ILE G 756 50.31 4.65 -11.38
C ILE G 756 49.27 4.25 -10.34
N ASP G 757 49.24 4.96 -9.20
CA ASP G 757 48.28 4.63 -8.15
C ASP G 757 46.85 4.79 -8.64
N VAL G 758 46.55 5.91 -9.30
CA VAL G 758 45.20 6.16 -9.78
C VAL G 758 44.80 5.13 -10.83
N GLU G 759 45.72 4.83 -11.76
CA GLU G 759 45.41 3.84 -12.80
C GLU G 759 45.15 2.47 -12.18
N GLU G 760 45.97 2.06 -11.21
CA GLU G 760 45.76 0.76 -10.58
C GLU G 760 44.46 0.71 -9.80
N ALA G 761 44.14 1.79 -9.07
CA ALA G 761 42.89 1.81 -8.32
C ALA G 761 41.68 1.76 -9.25
N LYS G 762 41.72 2.53 -10.34
CA LYS G 762 40.63 2.50 -11.30
C LYS G 762 40.51 1.14 -11.97
N ARG G 763 41.65 0.52 -12.29
CA ARG G 763 41.64 -0.82 -12.87
C ARG G 763 41.00 -1.83 -11.93
N LEU G 764 41.38 -1.78 -10.65
CA LEU G 764 40.83 -2.73 -9.68
C LEU G 764 39.34 -2.51 -9.48
N HIS G 765 38.91 -1.25 -9.38
CA HIS G 765 37.49 -0.97 -9.22
C HIS G 765 36.69 -1.44 -10.44
N ARG G 766 37.20 -1.19 -11.64
CA ARG G 766 36.51 -1.61 -12.85
C ARG G 766 36.50 -3.13 -12.98
N GLU G 767 37.57 -3.80 -12.56
CA GLU G 767 37.59 -5.26 -12.56
C GLU G 767 36.56 -5.82 -11.59
N ALA G 768 36.45 -5.23 -10.39
CA ALA G 768 35.45 -5.67 -9.44
C ALA G 768 34.03 -5.45 -9.96
N LEU G 769 33.80 -4.30 -10.60
CA LEU G 769 32.48 -4.03 -11.18
C LEU G 769 32.16 -4.99 -12.31
N LYS G 770 33.15 -5.30 -13.16
CA LYS G 770 32.93 -6.26 -14.24
C LYS G 770 32.60 -7.64 -13.70
N GLN G 771 33.28 -8.07 -12.66
CA GLN G 771 33.05 -9.39 -12.08
C GLN G 771 31.71 -9.44 -11.36
N ASP H 20 44.46 31.49 65.33
CA ASP H 20 45.10 31.87 64.07
C ASP H 20 45.33 33.37 64.00
N GLU H 21 46.58 33.79 64.14
CA GLU H 21 46.90 35.21 64.08
C GLU H 21 46.63 35.78 62.69
N VAL H 22 46.94 35.01 61.64
CA VAL H 22 46.67 35.46 60.28
C VAL H 22 45.17 35.61 60.05
N ALA H 23 44.36 34.81 60.74
CA ALA H 23 42.91 34.97 60.63
C ALA H 23 42.47 36.30 61.23
N GLU H 24 43.06 36.69 62.36
CA GLU H 24 42.75 38.01 62.94
C GLU H 24 43.22 39.13 62.02
N LYS H 25 44.38 38.95 61.40
CA LYS H 25 44.86 39.94 60.43
C LYS H 25 43.89 40.05 59.25
N CYS H 26 43.39 38.91 58.76
CA CYS H 26 42.42 38.92 57.68
C CYS H 26 41.12 39.59 58.09
N GLN H 27 40.69 39.36 59.35
CA GLN H 27 39.48 40.02 59.84
C GLN H 27 39.67 41.53 59.89
N LYS H 28 40.82 41.99 60.38
CA LYS H 28 41.08 43.43 60.42
C LYS H 28 41.13 44.02 59.01
N LEU H 29 41.76 43.31 58.07
CA LEU H 29 41.82 43.80 56.70
C LEU H 29 40.44 43.80 56.03
N PHE H 30 39.61 42.82 56.37
CA PHE H 30 38.24 42.81 55.84
C PHE H 30 37.43 43.98 56.40
N LEU H 31 37.61 44.30 57.68
CA LEU H 31 37.01 45.50 58.23
C LEU H 31 37.51 46.74 57.50
N ASP H 32 38.81 46.79 57.21
CA ASP H 32 39.36 47.92 56.47
C ASP H 32 38.71 48.06 55.10
N PHE H 33 38.56 46.94 54.39
CA PHE H 33 37.92 46.97 53.08
C PHE H 33 36.46 47.41 53.17
N LEU H 34 35.73 46.88 54.16
CA LEU H 34 34.33 47.26 54.32
C LEU H 34 34.18 48.73 54.68
N GLU H 35 35.13 49.30 55.42
CA GLU H 35 35.01 50.67 55.90
C GLU H 35 35.63 51.71 54.97
N GLU H 36 36.48 51.30 54.02
CA GLU H 36 37.17 52.27 53.18
C GLU H 36 36.95 52.10 51.68
N PHE H 37 36.37 50.99 51.23
CA PHE H 37 36.12 50.83 49.79
C PHE H 37 35.13 51.87 49.29
N GLN H 38 35.44 52.45 48.13
CA GLN H 38 34.56 53.45 47.52
C GLN H 38 34.46 53.22 46.01
N GLY H 42 32.82 57.67 44.48
CA GLY H 42 33.35 58.09 45.77
C GLY H 42 32.49 57.64 46.94
N GLU H 43 31.46 56.86 46.63
CA GLU H 43 30.54 56.35 47.64
C GLU H 43 30.91 54.92 48.00
N ILE H 44 30.84 54.60 49.29
CA ILE H 44 31.08 53.24 49.75
C ILE H 44 29.95 52.35 49.25
N LYS H 45 30.31 51.31 48.49
CA LYS H 45 29.30 50.49 47.82
C LYS H 45 28.50 49.66 48.82
N TYR H 46 29.13 49.23 49.90
CA TYR H 46 28.56 48.21 50.77
C TYR H 46 27.80 48.78 51.97
N LEU H 47 27.74 50.11 52.13
CA LEU H 47 27.00 50.67 53.26
C LEU H 47 25.51 50.37 53.14
N GLN H 48 24.94 50.58 51.96
CA GLN H 48 23.51 50.31 51.76
C GLN H 48 23.20 48.84 51.92
N LEU H 49 24.07 47.96 51.41
CA LEU H 49 23.86 46.53 51.57
C LEU H 49 23.93 46.12 53.03
N ALA H 50 24.89 46.68 53.78
CA ALA H 50 25.00 46.37 55.20
C ALA H 50 23.79 46.86 55.97
N GLU H 51 23.29 48.05 55.62
CA GLU H 51 22.06 48.55 56.25
C GLU H 51 20.88 47.64 55.92
N GLU H 52 20.82 47.15 54.68
CA GLU H 52 19.78 46.21 54.31
C GLU H 52 19.94 44.85 55.00
N LEU H 53 21.14 44.53 55.47
CA LEU H 53 21.35 43.29 56.20
C LEU H 53 20.61 43.27 57.54
N ILE H 54 20.24 44.45 58.05
CA ILE H 54 19.43 44.51 59.27
C ILE H 54 18.07 43.88 59.03
N ARG H 55 17.58 43.94 57.80
CA ARG H 55 16.28 43.34 57.47
C ARG H 55 16.34 41.83 57.74
N PRO H 56 15.34 41.26 58.40
CA PRO H 56 15.41 39.84 58.76
C PRO H 56 15.48 38.91 57.56
N GLU H 57 14.85 39.26 56.44
CA GLU H 57 14.87 38.40 55.26
C GLU H 57 16.19 38.46 54.51
N ARG H 58 17.07 39.40 54.86
CA ARG H 58 18.37 39.55 54.20
C ARG H 58 19.46 39.28 55.23
N ASN H 59 20.24 38.22 55.00
CA ASN H 59 21.30 37.85 55.94
C ASN H 59 22.61 37.45 55.28
N THR H 60 22.76 37.59 53.96
CA THR H 60 24.01 37.33 53.28
C THR H 60 24.46 38.58 52.53
N LEU H 61 25.76 38.85 52.55
CA LEU H 61 26.35 39.99 51.87
C LEU H 61 27.11 39.52 50.64
N VAL H 62 26.87 40.17 49.50
CA VAL H 62 27.54 39.83 48.26
C VAL H 62 28.71 40.78 48.07
N VAL H 63 29.91 40.23 47.89
CA VAL H 63 31.14 41.01 47.77
C VAL H 63 31.82 40.62 46.46
N SER H 64 32.21 41.63 45.69
CA SER H 64 32.92 41.38 44.44
C SER H 64 34.37 41.03 44.71
N PHE H 65 34.89 40.04 43.97
CA PHE H 65 36.28 39.63 44.13
C PHE H 65 37.26 40.63 43.50
N VAL H 66 36.83 41.29 42.42
CA VAL H 66 37.72 42.25 41.75
C VAL H 66 37.97 43.46 42.65
N ASP H 67 36.95 43.89 43.41
CA ASP H 67 37.16 44.97 44.37
C ASP H 67 38.15 44.56 45.45
N LEU H 68 38.05 43.32 45.92
CA LEU H 68 38.99 42.83 46.92
C LEU H 68 40.41 42.82 46.38
N GLU H 69 40.60 42.34 45.14
CA GLU H 69 41.97 42.25 44.62
C GLU H 69 42.54 43.62 44.29
N GLN H 70 41.71 44.57 43.85
CA GLN H 70 42.22 45.90 43.55
C GLN H 70 42.49 46.70 44.81
N PHE H 71 41.71 46.49 45.88
CA PHE H 71 41.94 47.21 47.13
C PHE H 71 43.28 46.81 47.74
N ASN H 72 43.59 45.53 47.74
CA ASN H 72 44.87 45.03 48.22
C ASN H 72 45.08 43.62 47.69
N GLN H 73 46.36 43.23 47.58
CA GLN H 73 46.70 41.95 46.98
C GLN H 73 46.98 40.85 47.98
N GLN H 74 47.65 41.17 49.10
CA GLN H 74 47.93 40.14 50.10
C GLN H 74 46.65 39.56 50.68
N LEU H 75 45.68 40.44 51.01
CA LEU H 75 44.40 39.96 51.51
C LEU H 75 43.67 39.12 50.48
N SER H 76 43.68 39.56 49.22
CA SER H 76 43.00 38.80 48.17
C SER H 76 43.60 37.41 48.01
N THR H 77 44.93 37.33 47.98
CA THR H 77 45.59 36.03 47.86
C THR H 77 45.32 35.16 49.08
N THR H 78 45.35 35.74 50.28
CA THR H 78 45.09 34.96 51.49
C THR H 78 43.68 34.40 51.50
N ILE H 79 42.69 35.21 51.09
CA ILE H 79 41.31 34.73 51.04
C ILE H 79 41.16 33.67 49.96
N GLN H 80 41.81 33.87 48.81
CA GLN H 80 41.75 32.88 47.74
C GLN H 80 42.42 31.56 48.14
N GLU H 81 43.37 31.62 49.06
CA GLU H 81 44.13 30.44 49.47
C GLU H 81 43.63 29.80 50.76
N GLU H 82 43.13 30.59 51.71
CA GLU H 82 42.65 30.06 52.97
C GLU H 82 41.22 30.48 53.23
N PHE H 83 40.34 30.28 52.25
CA PHE H 83 38.95 30.73 52.38
C PHE H 83 38.26 30.05 53.56
N TYR H 84 38.42 28.73 53.69
CA TYR H 84 37.81 28.02 54.81
C TYR H 84 38.40 28.46 56.15
N ARG H 85 39.68 28.84 56.15
CA ARG H 85 40.35 29.20 57.40
C ARG H 85 39.83 30.52 57.96
N VAL H 86 39.49 31.47 57.08
CA VAL H 86 39.17 32.83 57.50
C VAL H 86 37.71 33.18 57.29
N TYR H 87 36.91 32.30 56.71
CA TYR H 87 35.50 32.63 56.46
C TYR H 87 34.73 32.94 57.74
N PRO H 88 34.79 32.14 58.81
CA PRO H 88 34.10 32.54 60.05
C PRO H 88 34.60 33.85 60.60
N TYR H 89 35.89 34.15 60.44
CA TYR H 89 36.41 35.46 60.82
C TYR H 89 35.85 36.56 59.92
N LEU H 90 35.64 36.27 58.64
CA LEU H 90 34.97 37.23 57.76
C LEU H 90 33.56 37.50 58.24
N CYS H 91 32.84 36.45 58.67
CA CYS H 91 31.49 36.64 59.20
C CYS H 91 31.52 37.45 60.50
N ARG H 92 32.52 37.21 61.35
CA ARG H 92 32.66 38.01 62.56
C ARG H 92 32.90 39.47 62.24
N ALA H 93 33.75 39.73 61.24
CA ALA H 93 34.00 41.11 60.82
C ALA H 93 32.73 41.75 60.29
N LEU H 94 31.95 41.01 59.49
CA LEU H 94 30.70 41.54 58.97
C LEU H 94 29.72 41.85 60.10
N LYS H 95 29.62 40.96 61.08
CA LYS H 95 28.73 41.21 62.22
C LYS H 95 29.19 42.42 63.02
N THR H 96 30.49 42.57 63.22
CA THR H 96 31.00 43.74 63.93
C THR H 96 30.70 45.02 63.17
N PHE H 97 30.86 45.00 61.84
CA PHE H 97 30.60 46.19 61.04
C PHE H 97 29.12 46.55 61.04
N VAL H 98 28.25 45.54 60.98
CA VAL H 98 26.81 45.81 60.99
C VAL H 98 26.35 46.31 62.36
N LYS H 99 26.88 45.71 63.43
CA LYS H 99 26.46 46.10 64.77
C LYS H 99 26.87 47.52 65.12
N ASP H 100 27.90 48.06 64.46
CA ASP H 100 28.33 49.43 64.71
C ASP H 100 27.32 50.47 64.26
N ARG H 101 26.32 50.08 63.47
CA ARG H 101 25.33 51.03 62.97
C ARG H 101 23.92 50.65 63.39
N PHE H 110 24.67 36.63 60.14
CA PHE H 110 25.10 37.27 58.90
C PHE H 110 26.09 36.38 58.16
N TYR H 111 26.03 36.42 56.83
CA TYR H 111 26.86 35.56 55.99
C TYR H 111 27.51 36.41 54.89
N VAL H 112 28.62 35.89 54.36
CA VAL H 112 29.41 36.58 53.34
C VAL H 112 29.41 35.75 52.07
N ALA H 113 29.09 36.39 50.96
CA ALA H 113 29.09 35.74 49.65
C ALA H 113 30.02 36.50 48.71
N PHE H 114 30.70 35.75 47.84
CA PHE H 114 31.65 36.32 46.89
C PHE H 114 31.22 36.01 45.47
N GLN H 115 31.57 36.91 44.55
CA GLN H 115 31.18 36.80 43.15
C GLN H 115 32.30 37.29 42.25
N ASP H 116 32.10 37.08 40.95
CA ASP H 116 32.94 37.64 39.89
C ASP H 116 34.40 37.17 40.01
N LEU H 117 34.58 35.90 40.33
CA LEU H 117 35.92 35.31 40.24
C LEU H 117 36.25 35.09 38.77
N PRO H 118 37.39 35.59 38.29
CA PRO H 118 37.64 35.59 36.84
C PRO H 118 38.10 34.26 36.27
N THR H 119 38.32 33.23 37.07
CA THR H 119 38.81 31.94 36.59
C THR H 119 37.70 30.90 36.65
N ARG H 120 37.44 30.23 35.53
CA ARG H 120 36.50 29.12 35.46
C ARG H 120 37.26 27.80 35.41
N HIS H 121 36.72 26.79 36.09
CA HIS H 121 37.37 25.51 36.22
C HIS H 121 36.43 24.40 35.75
N LYS H 122 37.00 23.24 35.49
CA LYS H 122 36.25 22.05 35.09
C LYS H 122 36.13 21.07 36.24
N ILE H 123 35.07 20.26 36.20
CA ILE H 123 34.85 19.27 37.24
C ILE H 123 35.97 18.25 37.26
N ARG H 124 36.46 17.86 36.07
CA ARG H 124 37.58 16.91 36.01
C ARG H 124 38.88 17.50 36.54
N GLU H 125 38.94 18.82 36.71
CA GLU H 125 40.12 19.47 37.29
C GLU H 125 40.15 19.41 38.81
N LEU H 126 39.06 19.00 39.45
CA LEU H 126 38.96 19.01 40.90
C LEU H 126 39.83 17.92 41.49
N THR H 127 40.90 18.32 42.18
CA THR H 127 41.82 17.40 42.82
C THR H 127 41.95 17.75 44.31
N SER H 128 42.62 16.86 45.05
CA SER H 128 42.81 17.07 46.47
C SER H 128 43.73 18.26 46.75
N SER H 129 44.58 18.65 45.80
CA SER H 129 45.47 19.79 45.99
C SER H 129 44.71 21.11 46.06
N ARG H 130 43.46 21.16 45.65
CA ARG H 130 42.67 22.38 45.62
C ARG H 130 41.71 22.50 46.80
N ILE H 131 41.87 21.66 47.83
CA ILE H 131 40.98 21.73 48.98
C ILE H 131 41.25 23.01 49.74
N GLY H 132 40.18 23.75 50.06
CA GLY H 132 40.30 25.02 50.76
C GLY H 132 40.46 26.24 49.88
N LEU H 133 40.60 26.05 48.57
CA LEU H 133 40.75 27.16 47.65
C LEU H 133 39.38 27.69 47.21
N LEU H 134 39.28 29.01 47.08
CA LEU H 134 38.06 29.64 46.60
C LEU H 134 38.04 29.57 45.07
N THR H 135 37.29 28.61 44.54
CA THR H 135 37.17 28.41 43.10
C THR H 135 35.70 28.33 42.73
N ARG H 136 35.40 28.60 41.45
CA ARG H 136 34.05 28.53 40.95
C ARG H 136 33.96 27.50 39.84
N ILE H 137 32.90 26.70 39.87
CA ILE H 137 32.75 25.54 39.01
C ILE H 137 31.48 25.70 38.18
N SER H 138 31.54 25.26 36.93
CA SER H 138 30.42 25.35 36.00
C SER H 138 29.86 23.96 35.74
N GLY H 139 28.54 23.84 35.82
CA GLY H 139 27.89 22.56 35.59
C GLY H 139 26.41 22.75 35.32
N GLN H 140 25.73 21.62 35.15
CA GLN H 140 24.30 21.59 34.87
C GLN H 140 23.58 20.83 35.97
N VAL H 141 22.55 21.44 36.54
CA VAL H 141 21.80 20.83 37.63
C VAL H 141 20.90 19.74 37.06
N VAL H 142 20.96 18.55 37.67
CA VAL H 142 20.16 17.42 37.20
C VAL H 142 19.13 17.02 38.25
N ARG H 143 19.47 17.14 39.52
CA ARG H 143 18.60 16.71 40.61
C ARG H 143 18.62 17.73 41.74
N THR H 144 17.51 17.80 42.47
CA THR H 144 17.34 18.70 43.61
C THR H 144 16.72 17.95 44.77
N HIS H 145 16.98 18.46 45.98
CA HIS H 145 16.46 17.88 47.21
C HIS H 145 15.77 18.95 48.06
N PRO H 146 14.81 18.57 48.89
CA PRO H 146 14.04 19.57 49.64
C PRO H 146 14.87 20.27 50.71
N VAL H 147 14.29 21.33 51.25
CA VAL H 147 14.97 22.19 52.22
C VAL H 147 14.95 21.50 53.59
N HIS H 148 16.12 21.42 54.22
CA HIS H 148 16.25 20.83 55.54
C HIS H 148 16.86 21.83 56.51
N PRO H 149 16.40 21.85 57.77
CA PRO H 149 17.04 22.69 58.78
C PRO H 149 18.34 22.05 59.27
N GLU H 150 19.41 22.85 59.32
CA GLU H 150 20.71 22.40 59.82
C GLU H 150 21.04 23.16 61.09
N LEU H 151 21.35 22.42 62.16
CA LEU H 151 21.70 23.02 63.44
C LEU H 151 23.19 23.37 63.45
N VAL H 152 23.51 24.62 63.73
CA VAL H 152 24.91 25.06 63.75
C VAL H 152 25.42 25.07 65.18
N SER H 153 24.79 25.87 66.04
CA SER H 153 25.13 25.95 67.46
C SER H 153 23.95 25.46 68.27
N GLY H 154 24.18 24.48 69.14
CA GLY H 154 23.13 23.86 69.93
C GLY H 154 23.34 24.12 71.41
N THR H 155 22.25 24.43 72.10
CA THR H 155 22.26 24.60 73.55
C THR H 155 21.85 23.27 74.18
N PHE H 156 22.81 22.63 74.85
CA PHE H 156 22.61 21.29 75.41
C PHE H 156 22.36 21.38 76.91
N LEU H 157 21.40 20.60 77.38
CA LEU H 157 21.07 20.48 78.80
C LEU H 157 21.56 19.13 79.30
N CYS H 158 22.42 19.14 80.32
CA CYS H 158 22.91 17.90 80.89
C CYS H 158 21.81 17.22 81.68
N LEU H 159 21.67 15.90 81.49
CA LEU H 159 20.64 15.14 82.18
C LEU H 159 21.06 14.70 83.58
N ASP H 160 22.32 14.92 83.96
CA ASP H 160 22.82 14.52 85.26
C ASP H 160 22.88 15.65 86.27
N CYS H 161 23.29 16.85 85.85
CA CYS H 161 23.42 17.99 86.74
C CYS H 161 22.62 19.20 86.28
N GLN H 162 21.81 19.07 85.23
CA GLN H 162 20.96 20.15 84.72
C GLN H 162 21.78 21.39 84.38
N THR H 163 22.95 21.18 83.76
CA THR H 163 23.81 22.26 83.31
C THR H 163 23.54 22.57 81.85
N VAL H 164 23.29 23.84 81.55
CA VAL H 164 23.01 24.27 80.19
C VAL H 164 24.33 24.57 79.50
N ILE H 165 24.62 23.84 78.43
CA ILE H 165 25.82 24.03 77.63
C ILE H 165 25.41 24.70 76.33
N ARG H 166 25.83 25.95 76.15
CA ARG H 166 25.42 26.77 75.02
C ARG H 166 26.55 26.92 74.02
N ASP H 167 26.17 27.27 72.79
CA ASP H 167 27.13 27.57 71.71
C ASP H 167 28.05 26.38 71.44
N VAL H 168 27.45 25.23 71.15
CA VAL H 168 28.19 24.02 70.83
C VAL H 168 28.16 23.85 69.32
N GLU H 169 29.32 23.99 68.68
CA GLU H 169 29.41 23.79 67.24
C GLU H 169 29.23 22.33 66.90
N GLN H 170 28.78 22.08 65.67
CA GLN H 170 28.49 20.73 65.20
C GLN H 170 29.54 20.30 64.18
N GLN H 171 29.92 19.02 64.27
CA GLN H 171 30.98 18.44 63.44
C GLN H 171 30.44 17.65 62.26
N PHE H 172 29.29 18.06 61.73
CA PHE H 172 28.64 17.39 60.60
C PHE H 172 28.34 15.93 60.92
N ASP H 194 18.34 21.57 73.73
CA ASP H 194 17.29 22.60 73.65
C ASP H 194 17.23 23.19 72.24
N THR H 195 16.15 22.85 71.52
CA THR H 195 15.98 23.37 70.17
C THR H 195 15.58 24.84 70.17
N ASN H 196 14.92 25.31 71.23
CA ASN H 196 14.42 26.68 71.26
C ASN H 196 15.56 27.68 71.24
N LYS H 197 16.62 27.44 72.01
CA LYS H 197 17.72 28.38 72.14
C LYS H 197 18.88 28.07 71.20
N SER H 198 18.76 27.04 70.36
CA SER H 198 19.80 26.73 69.39
C SER H 198 19.57 27.51 68.10
N ARG H 199 20.58 27.49 67.23
CA ARG H 199 20.55 28.21 65.96
C ARG H 199 20.44 27.21 64.82
N PHE H 200 19.53 27.46 63.89
CA PHE H 200 19.31 26.61 62.74
C PHE H 200 19.49 27.41 61.46
N VAL H 201 20.01 26.74 60.42
CA VAL H 201 20.25 27.35 59.12
C VAL H 201 19.64 26.46 58.05
N ASP H 202 18.93 27.08 57.09
CA ASP H 202 18.32 26.34 56.00
C ASP H 202 19.39 25.67 55.14
N PHE H 203 19.06 24.50 54.62
CA PHE H 203 19.98 23.72 53.80
C PHE H 203 19.26 23.24 52.54
N GLN H 204 20.03 23.06 51.46
CA GLN H 204 19.55 22.42 50.25
C GLN H 204 20.65 21.56 49.68
N LYS H 205 20.28 20.39 49.15
CA LYS H 205 21.22 19.47 48.53
C LYS H 205 20.99 19.47 47.02
N VAL H 206 22.07 19.65 46.26
CA VAL H 206 22.00 19.73 44.81
C VAL H 206 22.96 18.71 44.22
N ARG H 207 22.48 17.94 43.25
CA ARG H 207 23.29 17.00 42.49
C ARG H 207 23.48 17.56 41.09
N ILE H 208 24.73 17.71 40.67
CA ILE H 208 25.04 18.33 39.39
C ILE H 208 25.75 17.31 38.50
N GLN H 209 25.75 17.58 37.21
CA GLN H 209 26.34 16.71 36.21
C GLN H 209 27.22 17.51 35.28
N GLU H 210 28.26 16.86 34.75
CA GLU H 210 29.20 17.53 33.86
C GLU H 210 28.51 18.00 32.59
N THR H 211 28.96 19.14 32.08
CA THR H 211 28.44 19.67 30.83
C THR H 211 28.87 18.81 29.66
N GLN H 212 28.04 18.82 28.60
CA GLN H 212 28.33 18.00 27.43
C GLN H 212 29.58 18.46 26.71
N ALA H 213 29.79 19.78 26.61
CA ALA H 213 30.94 20.29 25.88
C ALA H 213 32.25 19.89 26.53
N GLU H 214 32.32 20.00 27.86
CA GLU H 214 33.54 19.63 28.58
C GLU H 214 33.71 18.11 28.69
N LEU H 215 32.72 17.33 28.32
CA LEU H 215 32.78 15.89 28.46
C LEU H 215 33.74 15.30 27.42
N PRO H 216 34.82 14.64 27.83
CA PRO H 216 35.70 13.98 26.85
C PRO H 216 35.03 12.76 26.25
N ARG H 217 35.37 12.49 24.99
CA ARG H 217 34.72 11.42 24.26
C ARG H 217 34.98 10.07 24.93
N GLY H 218 33.92 9.29 25.11
CA GLY H 218 34.03 7.99 25.74
C GLY H 218 34.07 8.01 27.26
N SER H 219 33.75 9.14 27.88
CA SER H 219 33.82 9.27 29.33
C SER H 219 32.42 9.49 29.91
N ILE H 220 32.18 8.89 31.06
CA ILE H 220 30.91 9.05 31.76
C ILE H 220 30.94 10.37 32.53
N PRO H 221 29.95 11.25 32.37
CA PRO H 221 29.96 12.53 33.10
C PRO H 221 29.78 12.30 34.59
N ARG H 222 30.80 12.66 35.36
CA ARG H 222 30.74 12.46 36.80
C ARG H 222 29.79 13.46 37.45
N SER H 223 29.28 13.08 38.62
CA SER H 223 28.31 13.89 39.36
C SER H 223 28.93 14.38 40.66
N LEU H 224 28.53 15.59 41.06
CA LEU H 224 29.03 16.23 42.27
C LEU H 224 27.86 16.71 43.11
N GLU H 225 28.01 16.62 44.43
CA GLU H 225 27.00 17.08 45.37
C GLU H 225 27.31 18.49 45.82
N VAL H 226 26.29 19.35 45.86
CA VAL H 226 26.44 20.76 46.16
C VAL H 226 25.55 21.10 47.34
N ILE H 227 26.10 21.83 48.31
CA ILE H 227 25.39 22.24 49.52
C ILE H 227 25.12 23.74 49.43
N LEU H 228 23.86 24.13 49.59
CA LEU H 228 23.45 25.52 49.58
C LEU H 228 22.78 25.85 50.91
N ARG H 229 23.10 27.03 51.45
CA ARG H 229 22.60 27.44 52.75
C ARG H 229 22.10 28.87 52.71
N ALA H 230 21.16 29.17 53.61
CA ALA H 230 20.63 30.52 53.83
C ALA H 230 20.00 31.03 52.55
N GLU H 231 20.47 32.12 51.94
CA GLU H 231 19.82 32.68 50.76
C GLU H 231 20.08 31.86 49.51
N ALA H 232 21.13 31.02 49.51
CA ALA H 232 21.40 30.18 48.36
C ALA H 232 20.39 29.04 48.20
N VAL H 233 19.56 28.79 49.21
CA VAL H 233 18.58 27.72 49.14
C VAL H 233 17.48 28.09 48.15
N GLU H 234 17.06 27.11 47.35
CA GLU H 234 15.99 27.23 46.37
C GLU H 234 16.31 28.21 45.25
N SER H 235 17.57 28.65 45.14
CA SER H 235 17.98 29.54 44.07
C SER H 235 18.33 28.81 42.79
N ALA H 236 18.39 27.48 42.82
CA ALA H 236 18.73 26.67 41.65
C ALA H 236 17.55 25.76 41.30
N GLN H 237 17.34 25.55 40.01
CA GLN H 237 16.25 24.73 39.50
C GLN H 237 16.81 23.59 38.67
N ALA H 238 16.14 22.44 38.73
CA ALA H 238 16.60 21.26 38.00
C ALA H 238 16.57 21.52 36.50
N GLY H 239 17.57 20.98 35.81
CA GLY H 239 17.70 21.15 34.37
C GLY H 239 18.43 22.40 33.94
N ASP H 240 18.87 23.24 34.87
CA ASP H 240 19.54 24.49 34.55
C ASP H 240 21.05 24.33 34.65
N LYS H 241 21.77 25.17 33.90
CA LYS H 241 23.21 25.22 33.93
C LYS H 241 23.66 26.41 34.77
N CYS H 242 24.48 26.15 35.77
CA CYS H 242 24.85 27.18 36.74
C CYS H 242 26.34 27.10 37.05
N ASP H 243 26.90 28.24 37.47
CA ASP H 243 28.26 28.33 37.96
C ASP H 243 28.21 28.62 39.46
N PHE H 244 28.87 27.77 40.24
CA PHE H 244 28.82 27.82 41.70
C PHE H 244 30.16 28.27 42.24
N THR H 245 30.15 29.25 43.14
CA THR H 245 31.36 29.78 43.76
C THR H 245 31.48 29.22 45.17
N GLY H 246 32.62 28.62 45.48
CA GLY H 246 32.83 28.09 46.82
C GLY H 246 34.11 27.30 47.00
N THR H 247 34.03 26.21 47.77
CA THR H 247 35.19 25.39 48.09
C THR H 247 34.80 23.92 48.01
N LEU H 248 35.83 23.07 47.91
CA LEU H 248 35.66 21.63 47.94
C LEU H 248 36.06 21.11 49.32
N ILE H 249 35.07 20.64 50.08
CA ILE H 249 35.30 20.19 51.44
C ILE H 249 35.39 18.68 51.45
N VAL H 250 35.91 18.14 52.56
CA VAL H 250 36.10 16.70 52.72
C VAL H 250 35.05 16.22 53.71
N VAL H 251 34.11 15.41 53.23
CA VAL H 251 33.05 14.84 54.06
C VAL H 251 33.41 13.39 54.37
N PRO H 252 33.26 12.93 55.62
CA PRO H 252 33.54 11.52 55.94
C PRO H 252 32.55 10.56 55.29
N TYR H 294 37.30 8.87 52.32
CA TYR H 294 36.19 9.74 52.68
C TYR H 294 35.30 10.04 51.47
N ARG H 295 34.73 11.24 51.44
CA ARG H 295 33.80 11.64 50.39
C ARG H 295 34.16 13.04 49.92
N LEU H 296 33.80 13.35 48.68
CA LEU H 296 34.10 14.64 48.06
C LEU H 296 32.81 15.40 47.87
N VAL H 297 32.71 16.58 48.50
CA VAL H 297 31.53 17.44 48.41
C VAL H 297 31.99 18.88 48.25
N PHE H 298 31.30 19.62 47.40
CA PHE H 298 31.60 21.02 47.13
C PHE H 298 30.59 21.90 47.87
N LEU H 299 31.11 22.85 48.64
CA LEU H 299 30.28 23.85 49.31
C LEU H 299 30.27 25.12 48.47
N ALA H 300 29.08 25.60 48.12
CA ALA H 300 28.91 26.77 47.29
C ALA H 300 28.26 27.89 48.08
N CYS H 301 28.42 29.12 47.59
CA CYS H 301 27.89 30.29 48.27
C CYS H 301 26.98 31.10 47.34
N CYS H 302 27.32 31.14 46.05
CA CYS H 302 26.57 31.90 45.07
C CYS H 302 26.36 31.07 43.82
N VAL H 303 25.41 31.51 42.99
CA VAL H 303 25.07 30.83 41.75
C VAL H 303 25.11 31.84 40.61
N ALA H 304 25.28 31.31 39.40
CA ALA H 304 25.36 32.10 38.17
C ALA H 304 24.52 31.44 37.10
N PRO H 305 24.07 32.20 36.10
CA PRO H 305 23.29 31.59 35.01
C PRO H 305 24.16 31.18 33.81
N ASN H 327 26.05 47.04 25.29
CA ASN H 327 26.46 48.33 25.82
C ASN H 327 27.92 48.32 26.24
N GLN H 328 28.33 47.23 26.90
CA GLN H 328 29.68 47.11 27.46
C GLN H 328 30.65 46.40 26.53
N MET H 329 30.23 46.07 25.31
CA MET H 329 31.12 45.42 24.36
C MET H 329 32.20 46.40 23.89
N THR H 330 33.34 45.83 23.47
CA THR H 330 34.46 46.66 23.04
C THR H 330 34.09 47.45 21.78
N VAL H 331 34.78 48.58 21.59
CA VAL H 331 34.43 49.52 20.53
C VAL H 331 34.61 48.88 19.15
N LYS H 332 35.72 48.17 18.94
CA LYS H 332 36.01 47.62 17.62
C LYS H 332 35.06 46.48 17.26
N GLU H 333 34.78 45.59 18.21
CA GLU H 333 33.80 44.53 17.95
C GLU H 333 32.43 45.11 17.64
N TRP H 334 32.01 46.12 18.43
CA TRP H 334 30.73 46.76 18.22
C TRP H 334 30.66 47.42 16.85
N GLU H 335 31.75 48.09 16.44
CA GLU H 335 31.77 48.78 15.16
C GLU H 335 31.83 47.79 14.00
N LYS H 336 32.51 46.66 14.19
CA LYS H 336 32.51 45.61 13.16
C LYS H 336 31.12 45.02 12.98
N VAL H 337 30.42 44.80 14.09
CA VAL H 337 29.04 44.32 14.01
C VAL H 337 28.16 45.34 13.30
N PHE H 338 28.32 46.62 13.63
CA PHE H 338 27.54 47.67 13.00
C PHE H 338 27.81 47.75 11.49
N GLU H 339 29.09 47.74 11.11
CA GLU H 339 29.47 47.86 9.71
C GLU H 339 28.94 46.69 8.90
N MET H 340 29.09 45.47 9.44
CA MET H 340 28.58 44.29 8.75
C MET H 340 27.05 44.25 8.74
N SER H 341 26.40 44.90 9.70
CA SER H 341 24.95 44.98 9.70
C SER H 341 24.43 45.87 8.58
N GLN H 342 25.27 46.74 8.02
CA GLN H 342 24.88 47.61 6.92
C GLN H 342 25.19 47.02 5.55
N ASP H 343 25.71 45.80 5.48
CA ASP H 343 26.03 45.20 4.20
C ASP H 343 24.74 44.84 3.47
N LYS H 344 24.68 45.21 2.19
CA LYS H 344 23.50 44.91 1.38
C LYS H 344 23.44 43.44 0.97
N ASN H 345 24.59 42.81 0.76
CA ASN H 345 24.67 41.39 0.41
C ASN H 345 24.98 40.51 1.61
N LEU H 346 24.54 40.93 2.81
CA LEU H 346 24.84 40.16 4.01
C LEU H 346 24.21 38.77 3.96
N TYR H 347 23.02 38.66 3.37
CA TYR H 347 22.31 37.39 3.34
C TYR H 347 23.09 36.36 2.52
N HIS H 348 23.46 36.72 1.29
CA HIS H 348 24.21 35.80 0.43
C HIS H 348 25.61 35.55 0.99
N ASN H 349 26.25 36.58 1.55
CA ASN H 349 27.57 36.40 2.13
C ASN H 349 27.54 35.41 3.30
N LEU H 350 26.53 35.53 4.17
CA LEU H 350 26.38 34.58 5.26
C LEU H 350 26.10 33.18 4.74
N CYS H 351 25.25 33.08 3.70
CA CYS H 351 24.96 31.77 3.13
C CYS H 351 26.22 31.11 2.59
N THR H 352 27.07 31.88 1.90
CA THR H 352 28.31 31.32 1.36
C THR H 352 29.29 30.97 2.48
N SER H 353 29.44 31.85 3.47
CA SER H 353 30.44 31.64 4.52
C SER H 353 30.07 30.49 5.45
N LEU H 354 28.77 30.28 5.70
CA LEU H 354 28.38 29.22 6.64
C LEU H 354 28.66 27.84 6.08
N PHE H 355 28.64 27.67 4.76
CA PHE H 355 28.95 26.39 4.11
C PHE H 355 29.94 26.62 2.99
N PRO H 356 31.21 26.90 3.31
CA PRO H 356 32.19 27.15 2.25
C PRO H 356 32.52 25.92 1.43
N THR H 357 32.40 24.73 2.01
CA THR H 357 32.86 23.50 1.36
C THR H 357 31.74 22.69 0.72
N ILE H 358 30.51 23.19 0.72
CA ILE H 358 29.36 22.48 0.17
C ILE H 358 28.94 23.19 -1.11
N HIS H 359 28.80 22.42 -2.19
CA HIS H 359 28.50 22.97 -3.51
C HIS H 359 27.00 22.93 -3.76
N GLY H 360 26.43 24.08 -4.11
CA GLY H 360 25.03 24.15 -4.48
C GLY H 360 24.09 23.93 -3.31
N ASN H 361 22.83 23.66 -3.65
CA ASN H 361 21.78 23.39 -2.67
C ASN H 361 21.64 24.54 -1.67
N ASP H 362 21.73 25.78 -2.18
CA ASP H 362 21.68 26.95 -1.32
C ASP H 362 20.33 27.16 -0.65
N GLU H 363 19.27 26.53 -1.15
CA GLU H 363 17.96 26.67 -0.51
C GLU H 363 17.97 26.09 0.89
N VAL H 364 18.58 24.91 1.06
CA VAL H 364 18.73 24.32 2.39
C VAL H 364 19.57 25.23 3.28
N LYS H 365 20.59 25.87 2.69
CA LYS H 365 21.40 26.81 3.46
C LYS H 365 20.56 27.96 3.98
N ARG H 366 19.71 28.53 3.12
CA ARG H 366 18.83 29.62 3.55
C ARG H 366 17.87 29.15 4.63
N GLY H 367 17.31 27.94 4.47
CA GLY H 367 16.38 27.43 5.47
C GLY H 367 17.01 27.22 6.82
N VAL H 368 18.21 26.62 6.85
CA VAL H 368 18.87 26.38 8.12
C VAL H 368 19.31 27.69 8.76
N LEU H 369 19.73 28.67 7.95
CA LEU H 369 20.06 29.97 8.50
C LEU H 369 18.83 30.63 9.13
N LEU H 370 17.68 30.53 8.45
CA LEU H 370 16.45 31.09 9.01
C LEU H 370 16.07 30.42 10.32
N MET H 371 16.16 29.10 10.39
CA MET H 371 15.81 28.42 11.63
C MET H 371 16.82 28.73 12.74
N LEU H 372 18.07 29.03 12.37
CA LEU H 372 19.02 29.54 13.36
C LEU H 372 18.57 30.90 13.90
N PHE H 373 18.11 31.79 13.02
CA PHE H 373 17.58 33.06 13.48
C PHE H 373 16.34 32.86 14.35
N GLY H 374 15.36 32.11 13.85
CA GLY H 374 14.15 31.84 14.61
C GLY H 374 13.22 33.03 14.75
N GLY H 375 11.95 32.76 15.05
CA GLY H 375 10.97 33.79 15.27
C GLY H 375 10.81 34.12 16.75
N VAL H 376 9.73 34.82 17.06
CA VAL H 376 9.42 35.24 18.43
C VAL H 376 8.26 34.39 18.95
N PRO H 377 8.35 33.88 20.18
CA PRO H 377 7.18 33.21 20.78
C PRO H 377 6.25 34.22 21.43
N LYS H 378 4.95 33.95 21.33
CA LYS H 378 3.92 34.82 21.90
C LYS H 378 3.00 34.00 22.78
N THR H 379 2.63 34.56 23.93
CA THR H 379 1.68 33.95 24.85
C THR H 379 0.41 34.78 24.89
N THR H 380 -0.72 34.15 24.60
CA THR H 380 -1.99 34.86 24.55
C THR H 380 -2.48 35.18 25.95
N GLY H 381 -3.46 36.07 26.02
CA GLY H 381 -4.13 36.36 27.28
C GLY H 381 -4.83 35.15 27.86
N GLU H 382 -5.18 34.18 27.02
CA GLU H 382 -5.73 32.90 27.46
C GLU H 382 -4.66 31.96 28.00
N GLY H 383 -3.43 32.43 28.17
CA GLY H 383 -2.36 31.61 28.68
C GLY H 383 -1.73 30.65 27.70
N THR H 384 -2.20 30.65 26.44
CA THR H 384 -1.64 29.74 25.44
C THR H 384 -0.42 30.37 24.79
N SER H 385 0.64 29.57 24.66
CA SER H 385 1.91 30.04 24.11
C SER H 385 2.01 29.62 22.64
N LEU H 386 2.41 30.57 21.79
CA LEU H 386 2.60 30.31 20.37
C LEU H 386 4.08 30.08 20.10
N ARG H 387 4.40 28.97 19.43
CA ARG H 387 5.78 28.61 19.20
C ARG H 387 6.45 29.60 18.26
N GLY H 388 7.65 30.06 18.65
CA GLY H 388 8.42 30.98 17.83
C GLY H 388 9.63 30.33 17.19
N ASP H 389 9.59 29.01 17.02
CA ASP H 389 10.70 28.25 16.47
C ASP H 389 10.28 27.62 15.13
N ILE H 390 11.25 27.01 14.45
CA ILE H 390 11.05 26.43 13.13
C ILE H 390 11.58 25.01 13.13
N ASN H 391 10.81 24.09 12.56
CA ASN H 391 11.21 22.69 12.43
C ASN H 391 11.40 22.37 10.95
N VAL H 392 12.50 21.69 10.63
CA VAL H 392 12.91 21.44 9.25
C VAL H 392 13.14 19.95 9.06
N CYS H 393 12.65 19.41 7.94
CA CYS H 393 12.85 18.02 7.56
C CYS H 393 13.56 17.97 6.21
N ILE H 394 14.52 17.06 6.08
CA ILE H 394 15.27 16.86 4.86
C ILE H 394 15.12 15.41 4.44
N VAL H 395 14.59 15.18 3.24
CA VAL H 395 14.50 13.86 2.64
C VAL H 395 15.14 13.93 1.26
N GLY H 396 16.08 13.03 0.99
CA GLY H 396 16.79 13.05 -0.27
C GLY H 396 17.42 11.72 -0.57
N ASP H 397 17.85 11.56 -1.82
CA ASP H 397 18.56 10.36 -2.22
C ASP H 397 19.92 10.29 -1.53
N PRO H 398 20.50 9.09 -1.35
CA PRO H 398 21.76 8.96 -0.61
C PRO H 398 22.89 9.85 -1.09
N SER H 399 22.93 10.13 -2.40
CA SER H 399 24.03 10.89 -2.98
C SER H 399 24.13 12.28 -2.37
N THR H 400 23.00 12.99 -2.27
CA THR H 400 22.97 14.34 -1.73
C THR H 400 23.46 14.36 -0.28
N ALA H 401 24.34 15.30 0.03
CA ALA H 401 24.89 15.39 1.38
C ALA H 401 23.84 15.91 2.35
N LYS H 402 23.55 15.11 3.38
CA LYS H 402 22.58 15.48 4.40
C LYS H 402 23.21 15.54 5.77
N SER H 403 24.01 14.51 6.12
CA SER H 403 24.67 14.49 7.42
C SER H 403 25.70 15.60 7.55
N GLN H 404 26.23 16.10 6.43
CA GLN H 404 27.21 17.18 6.50
C GLN H 404 26.60 18.45 7.08
N PHE H 405 25.35 18.75 6.70
CA PHE H 405 24.67 19.89 7.30
C PHE H 405 24.52 19.71 8.81
N LEU H 406 24.19 18.49 9.24
CA LEU H 406 24.06 18.22 10.66
C LEU H 406 25.39 18.45 11.38
N LYS H 407 26.48 17.94 10.81
CA LYS H 407 27.79 18.13 11.43
C LYS H 407 28.19 19.60 11.48
N HIS H 408 27.92 20.34 10.41
CA HIS H 408 28.27 21.76 10.38
C HIS H 408 27.50 22.54 11.43
N VAL H 409 26.18 22.30 11.51
CA VAL H 409 25.38 23.03 12.49
C VAL H 409 25.72 22.59 13.91
N GLU H 410 26.19 21.34 14.08
CA GLU H 410 26.62 20.89 15.41
C GLU H 410 27.92 21.57 15.82
N GLU H 411 28.90 21.63 14.92
CA GLU H 411 30.18 22.23 15.28
C GLU H 411 30.09 23.75 15.41
N PHE H 412 29.18 24.38 14.67
CA PHE H 412 29.06 25.83 14.74
C PHE H 412 28.31 26.26 16.00
N SER H 413 27.12 25.73 16.20
CA SER H 413 26.30 26.12 17.35
C SER H 413 26.74 25.36 18.59
N PRO H 414 27.16 26.04 19.66
CA PRO H 414 27.53 25.32 20.89
C PRO H 414 26.35 24.64 21.57
N ARG H 415 25.12 25.05 21.26
CA ARG H 415 23.92 24.52 21.89
C ARG H 415 23.23 23.47 21.03
N ALA H 416 24.00 22.67 20.30
CA ALA H 416 23.46 21.66 19.39
C ALA H 416 23.74 20.27 19.93
N VAL H 417 22.78 19.37 19.75
CA VAL H 417 22.88 17.99 20.20
C VAL H 417 22.64 17.06 19.02
N TYR H 418 23.51 16.06 18.87
CA TYR H 418 23.42 15.10 17.79
C TYR H 418 23.07 13.72 18.35
N THR H 419 22.25 12.99 17.61
CA THR H 419 21.82 11.65 18.02
C THR H 419 21.46 10.84 16.79
N SER H 420 21.45 9.51 16.96
CA SER H 420 21.07 8.60 15.89
C SER H 420 19.60 8.21 16.04
N GLY H 421 19.05 7.67 14.95
CA GLY H 421 17.64 7.33 14.92
C GLY H 421 17.23 6.10 15.69
N LYS H 422 17.70 4.92 15.25
CA LYS H 422 17.22 3.68 15.84
C LYS H 422 17.80 3.45 17.24
N ALA H 423 19.03 3.89 17.47
CA ALA H 423 19.68 3.67 18.76
C ALA H 423 19.02 4.43 19.91
N SER H 424 18.16 5.40 19.61
CA SER H 424 17.50 6.18 20.65
C SER H 424 16.11 5.63 20.93
N SER H 425 15.81 5.44 22.22
CA SER H 425 14.51 4.97 22.65
C SER H 425 13.61 6.13 23.06
N ALA H 426 12.35 5.82 23.35
CA ALA H 426 11.41 6.85 23.77
C ALA H 426 11.84 7.49 25.09
N ALA H 427 12.28 6.68 26.05
CA ALA H 427 12.70 7.21 27.35
C ALA H 427 13.93 8.09 27.21
N GLY H 428 14.89 7.69 26.38
CA GLY H 428 16.11 8.44 26.23
C GLY H 428 15.94 9.79 25.56
N LEU H 429 14.86 9.98 24.80
CA LEU H 429 14.66 11.24 24.09
C LEU H 429 14.06 12.30 25.00
N THR H 430 12.93 12.00 25.64
CA THR H 430 12.24 12.99 26.46
C THR H 430 12.68 12.91 27.92
N ALA H 431 12.45 11.77 28.56
CA ALA H 431 12.82 11.54 29.96
C ALA H 431 12.45 10.10 30.33
N ALA H 432 12.96 9.66 31.45
CA ALA H 432 12.67 8.33 31.99
C ALA H 432 12.47 8.42 33.50
N VAL H 433 11.72 7.45 34.03
CA VAL H 433 11.44 7.37 35.46
C VAL H 433 12.28 6.23 36.03
N VAL H 434 13.18 6.56 36.94
CA VAL H 434 14.11 5.60 37.53
C VAL H 434 14.03 5.71 39.04
N ARG H 435 14.07 4.57 39.72
CA ARG H 435 14.00 4.54 41.18
C ARG H 435 15.38 4.83 41.76
N ASP H 436 15.44 5.82 42.66
CA ASP H 436 16.71 6.25 43.23
C ASP H 436 17.14 5.28 44.31
N GLU H 437 18.42 4.89 44.28
CA GLU H 437 18.91 3.85 45.17
C GLU H 437 18.89 4.30 46.63
N GLU H 438 19.45 5.46 46.92
CA GLU H 438 19.56 5.90 48.31
C GLU H 438 18.22 6.39 48.87
N SER H 439 17.46 7.15 48.08
CA SER H 439 16.22 7.72 48.57
C SER H 439 15.07 6.72 48.62
N HIS H 440 15.22 5.58 47.95
CA HIS H 440 14.15 4.57 47.86
C HIS H 440 12.87 5.18 47.31
N GLU H 441 12.99 6.08 46.33
CA GLU H 441 11.85 6.72 45.71
C GLU H 441 12.08 6.73 44.20
N PHE H 442 11.17 7.35 43.47
CA PHE H 442 11.23 7.43 42.02
C PHE H 442 11.56 8.86 41.61
N VAL H 443 12.52 9.01 40.70
CA VAL H 443 12.94 10.30 40.19
C VAL H 443 12.90 10.27 38.66
N ILE H 444 13.25 11.39 38.04
CA ILE H 444 13.21 11.54 36.59
C ILE H 444 14.63 11.83 36.11
N GLU H 445 15.08 11.08 35.11
CA GLU H 445 16.37 11.30 34.47
C GLU H 445 16.14 11.97 33.12
N ALA H 446 16.88 13.04 32.87
CA ALA H 446 16.62 13.90 31.71
C ALA H 446 16.91 13.17 30.40
N GLY H 447 16.12 13.52 29.38
CA GLY H 447 16.32 13.02 28.04
C GLY H 447 17.01 14.02 27.15
N ALA H 448 17.26 13.59 25.91
CA ALA H 448 18.01 14.43 24.96
C ALA H 448 17.26 15.71 24.65
N LEU H 449 15.95 15.62 24.46
CA LEU H 449 15.18 16.79 24.02
C LEU H 449 15.23 17.90 25.06
N MET H 450 15.05 17.57 26.34
CA MET H 450 15.04 18.61 27.37
C MET H 450 16.44 19.15 27.66
N LEU H 451 17.49 18.39 27.34
CA LEU H 451 18.84 18.93 27.46
C LEU H 451 19.14 19.94 26.36
N ALA H 452 18.45 19.84 25.22
CA ALA H 452 18.62 20.76 24.11
C ALA H 452 17.73 22.00 24.24
N ASP H 453 17.30 22.33 25.45
CA ASP H 453 16.38 23.45 25.67
C ASP H 453 16.95 24.74 25.11
N ASN H 454 16.12 25.50 24.39
CA ASN H 454 16.51 26.76 23.77
C ASN H 454 17.69 26.57 22.81
N GLY H 455 17.79 25.40 22.21
CA GLY H 455 18.83 25.08 21.26
C GLY H 455 18.25 24.40 20.02
N VAL H 456 19.07 23.55 19.42
CA VAL H 456 18.69 22.79 18.23
C VAL H 456 19.07 21.32 18.45
N CYS H 457 18.16 20.42 18.10
CA CYS H 457 18.39 18.99 18.19
C CYS H 457 18.37 18.38 16.79
N CYS H 458 19.40 17.59 16.49
CA CYS H 458 19.55 16.98 15.17
C CYS H 458 19.33 15.47 15.28
N ILE H 459 18.47 14.94 14.42
CA ILE H 459 18.16 13.51 14.39
C ILE H 459 18.55 12.97 13.02
N ASP H 460 19.37 11.92 13.00
CA ASP H 460 19.78 11.27 11.77
C ASP H 460 19.05 9.95 11.61
N GLU H 461 18.69 9.62 10.37
CA GLU H 461 17.91 8.43 10.05
C GLU H 461 16.61 8.41 10.84
N PHE H 462 15.81 9.46 10.66
CA PHE H 462 14.53 9.57 11.35
C PHE H 462 13.54 8.50 10.91
N ASP H 463 13.70 7.95 9.71
CA ASP H 463 12.79 6.91 9.23
C ASP H 463 12.93 5.62 10.04
N LYS H 464 14.16 5.25 10.41
CA LYS H 464 14.40 4.01 11.14
C LYS H 464 13.78 4.00 12.52
N MET H 465 13.38 5.15 13.04
CA MET H 465 12.77 5.20 14.37
C MET H 465 11.39 4.53 14.34
N ASP H 466 11.06 3.87 15.44
CA ASP H 466 9.76 3.24 15.55
C ASP H 466 8.67 4.27 15.79
N VAL H 467 7.43 3.89 15.44
CA VAL H 467 6.29 4.77 15.64
C VAL H 467 6.09 5.03 17.13
N ARG H 468 6.40 4.04 17.97
CA ARG H 468 6.27 4.21 19.42
C ARG H 468 7.18 5.33 19.94
N ASP H 469 8.23 5.66 19.19
CA ASP H 469 9.11 6.77 19.56
C ASP H 469 8.58 8.10 19.00
N GLN H 470 8.11 8.08 17.76
CA GLN H 470 7.60 9.30 17.14
C GLN H 470 6.34 9.80 17.84
N VAL H 471 5.49 8.91 18.34
CA VAL H 471 4.31 9.34 19.08
C VAL H 471 4.71 10.07 20.35
N ALA H 472 5.80 9.65 20.99
CA ALA H 472 6.34 10.41 22.12
C ALA H 472 6.88 11.75 21.67
N ILE H 473 7.51 11.79 20.50
CA ILE H 473 8.03 13.07 19.97
C ILE H 473 6.89 14.05 19.70
N HIS H 474 5.73 13.54 19.28
CA HIS H 474 4.56 14.37 18.94
C HIS H 474 4.35 15.56 19.86
N GLU H 475 4.28 15.31 21.17
CA GLU H 475 3.96 16.38 22.11
C GLU H 475 5.02 17.47 22.09
N ALA H 476 6.30 17.09 22.11
CA ALA H 476 7.37 18.07 22.09
C ALA H 476 7.42 18.82 20.76
N MET H 477 6.94 18.19 19.67
CA MET H 477 6.98 18.85 18.37
C MET H 477 6.14 20.13 18.36
N GLU H 478 4.90 20.04 18.79
CA GLU H 478 3.96 21.16 18.72
C GLU H 478 3.79 21.88 20.06
N GLN H 479 3.37 21.16 21.10
CA GLN H 479 3.09 21.80 22.38
C GLN H 479 4.33 22.30 23.09
N GLN H 480 5.52 21.95 22.60
CA GLN H 480 6.81 22.47 23.07
C GLN H 480 7.09 22.07 24.51
N THR H 481 6.29 21.17 25.09
CA THR H 481 6.49 20.68 26.44
C THR H 481 6.28 19.18 26.46
N ILE H 482 6.81 18.52 27.50
CA ILE H 482 6.67 17.09 27.69
C ILE H 482 6.08 16.83 29.07
N SER H 483 5.10 15.94 29.13
CA SER H 483 4.42 15.61 30.37
C SER H 483 4.57 14.12 30.67
N ILE H 484 4.79 13.78 31.94
CA ILE H 484 4.96 12.41 32.39
C ILE H 484 3.97 12.14 33.51
N THR H 485 3.23 11.04 33.40
CA THR H 485 2.24 10.61 34.39
C THR H 485 2.43 9.12 34.71
N LYS H 486 3.67 8.73 34.96
CA LYS H 486 4.05 7.33 35.12
C LYS H 486 4.35 7.02 36.58
N ALA H 487 3.77 5.93 37.07
CA ALA H 487 4.12 5.34 38.38
C ALA H 487 4.04 6.37 39.50
N GLY H 488 2.94 7.10 39.55
CA GLY H 488 2.73 8.05 40.63
C GLY H 488 3.57 9.30 40.55
N VAL H 489 4.23 9.55 39.42
CA VAL H 489 5.03 10.75 39.22
C VAL H 489 4.30 11.60 38.19
N LYS H 490 3.90 12.80 38.60
CA LYS H 490 3.13 13.71 37.75
C LYS H 490 3.92 14.99 37.60
N ALA H 491 4.32 15.30 36.36
CA ALA H 491 5.09 16.51 36.11
C ALA H 491 4.98 16.88 34.64
N THR H 492 5.30 18.14 34.35
CA THR H 492 5.42 18.65 32.99
C THR H 492 6.75 19.36 32.86
N LEU H 493 7.41 19.20 31.72
CA LEU H 493 8.74 19.76 31.52
C LEU H 493 8.78 20.55 30.21
N ASN H 494 9.59 21.60 30.21
CA ASN H 494 9.74 22.43 29.03
C ASN H 494 10.65 21.75 28.00
N ALA H 495 10.27 21.85 26.74
CA ALA H 495 11.02 21.26 25.63
C ALA H 495 11.18 22.27 24.50
N ARG H 496 11.59 23.48 24.86
CA ARG H 496 11.69 24.57 23.89
C ARG H 496 12.87 24.32 22.96
N THR H 497 12.64 23.53 21.92
CA THR H 497 13.70 23.08 21.02
C THR H 497 13.27 23.23 19.57
N SER H 498 14.25 23.33 18.69
CA SER H 498 14.04 23.30 17.25
C SER H 498 14.62 21.99 16.72
N ILE H 499 13.84 21.25 15.95
CA ILE H 499 14.19 19.91 15.51
C ILE H 499 14.59 19.94 14.04
N LEU H 500 15.77 19.43 13.75
CA LEU H 500 16.26 19.26 12.38
C LEU H 500 16.38 17.76 12.11
N ALA H 501 15.55 17.27 11.20
CA ALA H 501 15.44 15.83 10.94
C ALA H 501 15.95 15.51 9.54
N ALA H 502 16.62 14.37 9.42
CA ALA H 502 17.13 13.88 8.14
C ALA H 502 16.63 12.46 7.91
N ALA H 503 16.24 12.16 6.68
CA ALA H 503 15.66 10.86 6.36
C ALA H 503 15.81 10.61 4.87
N ASN H 504 15.59 9.36 4.49
CA ASN H 504 15.60 8.92 3.10
C ASN H 504 14.23 8.38 2.68
N PRO H 505 13.94 8.34 1.38
CA PRO H 505 12.65 7.78 0.94
C PRO H 505 12.56 6.29 1.23
N ILE H 506 11.37 5.73 0.98
CA ILE H 506 11.11 4.34 1.33
C ILE H 506 12.10 3.41 0.64
N SER H 507 12.24 3.56 -0.67
CA SER H 507 13.31 2.92 -1.41
C SER H 507 14.51 3.85 -1.46
N GLY H 508 15.71 3.26 -1.57
CA GLY H 508 16.90 4.07 -1.68
C GLY H 508 16.86 5.02 -2.85
N HIS H 509 16.16 4.65 -3.92
CA HIS H 509 16.00 5.48 -5.10
C HIS H 509 14.58 6.03 -5.15
N TYR H 510 14.45 7.33 -5.41
CA TYR H 510 13.14 7.94 -5.57
C TYR H 510 12.53 7.45 -6.88
N ASP H 511 11.52 6.59 -6.78
CA ASP H 511 10.91 5.97 -7.95
C ASP H 511 9.80 6.89 -8.47
N ARG H 512 10.00 7.44 -9.67
CA ARG H 512 9.00 8.33 -10.26
C ARG H 512 7.78 7.58 -10.77
N SER H 513 7.82 6.26 -10.87
CA SER H 513 6.65 5.50 -11.29
C SER H 513 5.53 5.52 -10.26
N LYS H 514 5.82 5.99 -9.04
CA LYS H 514 4.82 6.10 -7.98
C LYS H 514 4.63 7.57 -7.62
N SER H 515 3.51 7.86 -6.98
CA SER H 515 3.17 9.24 -6.64
C SER H 515 4.06 9.75 -5.51
N LEU H 516 4.03 11.08 -5.33
CA LEU H 516 4.83 11.69 -4.27
C LEU H 516 4.40 11.21 -2.89
N LYS H 517 3.09 11.11 -2.65
CA LYS H 517 2.60 10.65 -1.36
C LYS H 517 3.05 9.22 -1.07
N GLN H 518 3.04 8.36 -2.09
CA GLN H 518 3.44 6.98 -1.90
C GLN H 518 4.91 6.84 -1.53
N ASN H 519 5.74 7.81 -1.94
CA ASN H 519 7.19 7.67 -1.76
C ASN H 519 7.66 7.98 -0.34
N ILE H 520 6.86 8.68 0.46
CA ILE H 520 7.25 9.06 1.82
C ILE H 520 6.38 8.30 2.81
N ASN H 521 7.00 7.51 3.69
CA ASN H 521 6.30 6.76 4.72
C ASN H 521 6.36 7.52 6.05
N LEU H 522 5.63 8.63 6.08
CA LEU H 522 5.52 9.44 7.29
C LEU H 522 4.04 9.72 7.58
N SER H 523 3.72 9.77 8.87
CA SER H 523 2.36 10.03 9.30
C SER H 523 1.95 11.46 8.95
N ALA H 524 0.64 11.65 8.76
CA ALA H 524 0.13 12.95 8.34
C ALA H 524 0.43 14.07 9.34
N PRO H 525 0.17 13.92 10.65
CA PRO H 525 0.55 15.00 11.57
C PRO H 525 2.05 15.28 11.59
N ILE H 526 2.87 14.23 11.48
CA ILE H 526 4.32 14.43 11.42
C ILE H 526 4.69 15.24 10.19
N MET H 527 4.09 14.92 9.04
CA MET H 527 4.32 15.70 7.83
C MET H 527 3.88 17.16 8.02
N SER H 528 2.74 17.36 8.70
CA SER H 528 2.20 18.70 8.87
C SER H 528 3.05 19.55 9.81
N ARG H 529 3.64 18.96 10.85
CA ARG H 529 4.29 19.75 11.89
C ARG H 529 5.70 20.19 11.54
N PHE H 530 6.20 19.90 10.33
CA PHE H 530 7.45 20.50 9.88
C PHE H 530 7.15 21.73 9.04
N ASP H 531 7.85 22.83 9.35
CA ASP H 531 7.58 24.09 8.67
C ASP H 531 8.13 24.07 7.24
N LEU H 532 9.39 23.69 7.07
CA LEU H 532 10.02 23.58 5.77
C LEU H 532 10.31 22.11 5.47
N PHE H 533 9.96 21.68 4.26
CA PHE H 533 10.10 20.27 3.86
C PHE H 533 10.74 20.23 2.47
N PHE H 534 12.03 19.91 2.44
CA PHE H 534 12.78 19.82 1.18
C PHE H 534 12.92 18.37 0.76
N ILE H 535 12.75 18.11 -0.53
CA ILE H 535 12.94 16.80 -1.12
C ILE H 535 14.01 16.93 -2.20
N LEU H 536 15.07 16.12 -2.09
CA LEU H 536 16.20 16.18 -3.00
C LEU H 536 16.20 14.97 -3.91
N VAL H 537 16.36 15.21 -5.21
CA VAL H 537 16.40 14.15 -6.22
C VAL H 537 17.74 14.25 -6.94
N ASP H 538 18.39 13.11 -7.12
CA ASP H 538 19.70 13.06 -7.75
C ASP H 538 19.56 12.83 -9.25
N GLU H 539 20.25 13.65 -10.04
CA GLU H 539 20.19 13.58 -11.48
C GLU H 539 21.61 13.51 -12.06
N CYS H 540 21.72 12.91 -13.24
CA CYS H 540 23.00 12.74 -13.92
C CYS H 540 23.20 13.91 -14.88
N ASN H 541 24.00 14.90 -14.46
CA ASN H 541 24.33 16.04 -15.30
C ASN H 541 25.85 16.19 -15.32
N GLU H 542 26.39 16.45 -16.51
CA GLU H 542 27.83 16.48 -16.67
C GLU H 542 28.46 17.67 -15.97
N VAL H 543 27.84 18.85 -16.07
CA VAL H 543 28.42 20.04 -15.46
C VAL H 543 28.39 19.94 -13.94
N THR H 544 27.31 19.40 -13.38
CA THR H 544 27.24 19.18 -11.94
C THR H 544 28.31 18.19 -11.49
N ASP H 545 28.52 17.12 -12.27
CA ASP H 545 29.55 16.16 -11.95
C ASP H 545 30.93 16.81 -11.95
N TYR H 546 31.21 17.64 -12.97
CA TYR H 546 32.49 18.32 -13.03
C TYR H 546 32.68 19.24 -11.82
N ALA H 547 31.66 20.02 -11.48
CA ALA H 547 31.77 20.94 -10.35
C ALA H 547 31.99 20.19 -9.04
N ILE H 548 31.22 19.13 -8.81
CA ILE H 548 31.35 18.36 -7.58
C ILE H 548 32.73 17.71 -7.50
N ALA H 549 33.19 17.12 -8.61
CA ALA H 549 34.50 16.47 -8.60
C ALA H 549 35.61 17.47 -8.34
N ARG H 550 35.58 18.63 -8.99
CA ARG H 550 36.66 19.60 -8.79
C ARG H 550 36.64 20.13 -7.36
N ARG H 551 35.45 20.38 -6.80
CA ARG H 551 35.38 20.83 -5.41
C ARG H 551 35.95 19.79 -4.46
N ILE H 552 35.56 18.52 -4.64
CA ILE H 552 36.03 17.47 -3.74
C ILE H 552 37.55 17.32 -3.83
N VAL H 553 38.09 17.28 -5.05
CA VAL H 553 39.52 17.07 -5.20
C VAL H 553 40.30 18.28 -4.70
N ASP H 554 39.78 19.50 -4.94
CA ASP H 554 40.44 20.70 -4.42
C ASP H 554 40.46 20.71 -2.90
N LEU H 555 39.36 20.29 -2.27
CA LEU H 555 39.34 20.17 -0.82
C LEU H 555 40.34 19.12 -0.34
N HIS H 556 40.42 17.99 -1.05
CA HIS H 556 41.30 16.91 -0.62
C HIS H 556 42.78 17.27 -0.76
N SER H 557 43.13 18.03 -1.79
CA SER H 557 44.50 18.43 -2.05
C SER H 557 44.87 19.76 -1.42
N ARG H 558 43.96 20.72 -1.43
CA ARG H 558 44.19 22.06 -0.89
C ARG H 558 43.19 22.25 0.25
N ILE H 559 43.60 21.84 1.45
CA ILE H 559 42.67 21.76 2.58
C ILE H 559 42.32 23.15 3.08
N GLU H 560 43.32 24.00 3.31
CA GLU H 560 43.11 25.28 3.96
C GLU H 560 43.03 26.44 2.97
N GLU H 561 43.84 26.43 1.92
CA GLU H 561 43.88 27.54 0.97
C GLU H 561 42.67 27.59 0.05
N SER H 562 41.81 26.57 0.06
CA SER H 562 40.62 26.53 -0.77
C SER H 562 39.38 26.98 -0.01
N ILE H 563 39.55 27.74 1.07
CA ILE H 563 38.45 28.23 1.89
C ILE H 563 38.54 29.75 1.93
N ASP H 564 37.47 30.41 1.48
CA ASP H 564 37.37 31.87 1.49
C ASP H 564 36.08 32.23 2.23
N ARG H 565 36.21 32.63 3.49
CA ARG H 565 35.07 32.97 4.33
C ARG H 565 34.95 34.49 4.41
N VAL H 566 33.79 35.02 4.02
CA VAL H 566 33.58 36.46 4.04
C VAL H 566 33.62 36.99 5.46
N TYR H 567 33.04 36.24 6.41
CA TYR H 567 33.00 36.64 7.80
C TYR H 567 33.47 35.49 8.68
N SER H 568 34.11 35.83 9.79
CA SER H 568 34.57 34.83 10.73
C SER H 568 33.40 34.18 11.44
N LEU H 569 33.58 32.91 11.82
CA LEU H 569 32.52 32.18 12.51
C LEU H 569 32.17 32.84 13.84
N ASP H 570 33.20 33.31 14.57
CA ASP H 570 32.94 34.01 15.82
C ASP H 570 32.18 35.30 15.58
N ASP H 571 32.51 36.02 14.50
CA ASP H 571 31.77 37.24 14.17
C ASP H 571 30.31 36.93 13.86
N ILE H 572 30.05 35.86 13.12
CA ILE H 572 28.68 35.45 12.84
C ILE H 572 27.95 35.11 14.14
N ARG H 573 28.65 34.42 15.05
CA ARG H 573 28.03 34.07 16.33
C ARG H 573 27.69 35.31 17.14
N ARG H 574 28.59 36.29 17.18
CA ARG H 574 28.31 37.53 17.91
C ARG H 574 27.14 38.28 17.29
N TYR H 575 27.10 38.36 15.96
CA TYR H 575 25.98 39.03 15.29
C TYR H 575 24.67 38.32 15.56
N LEU H 576 24.69 36.98 15.54
CA LEU H 576 23.49 36.21 15.82
C LEU H 576 23.02 36.42 17.25
N LEU H 577 23.96 36.47 18.21
CA LEU H 577 23.59 36.74 19.60
C LEU H 577 22.98 38.13 19.74
N PHE H 578 23.56 39.12 19.06
CA PHE H 578 23.02 40.47 19.14
C PHE H 578 21.65 40.57 18.46
N ALA H 579 21.47 39.87 17.35
CA ALA H 579 20.24 40.01 16.56
C ALA H 579 19.06 39.28 17.19
N ARG H 580 19.30 38.16 17.89
CA ARG H 580 18.19 37.34 18.36
C ARG H 580 17.35 38.03 19.43
N GLN H 581 17.88 39.02 20.12
CA GLN H 581 17.13 39.65 21.21
C GLN H 581 16.14 40.69 20.74
N PHE H 582 16.20 41.11 19.48
CA PHE H 582 15.21 42.03 18.95
C PHE H 582 13.91 41.32 18.64
N LYS H 583 12.81 42.05 18.76
CA LYS H 583 11.46 41.55 18.50
C LYS H 583 10.76 42.50 17.55
N PRO H 584 10.87 42.28 16.24
CA PRO H 584 10.28 43.21 15.27
C PRO H 584 8.76 43.17 15.28
N LYS H 585 8.17 44.27 14.84
CA LYS H 585 6.73 44.43 14.74
C LYS H 585 6.27 44.23 13.30
N ILE H 586 5.06 43.71 13.15
CA ILE H 586 4.49 43.44 11.83
C ILE H 586 3.68 44.66 11.38
N SER H 587 3.94 45.12 10.16
CA SER H 587 3.26 46.28 9.61
C SER H 587 1.94 45.88 8.94
N LYS H 588 1.08 46.89 8.75
CA LYS H 588 -0.22 46.65 8.12
C LYS H 588 -0.07 46.24 6.65
N GLU H 589 0.90 46.84 5.95
CA GLU H 589 1.17 46.42 4.57
C GLU H 589 1.61 44.97 4.53
N SER H 590 2.53 44.58 5.42
CA SER H 590 2.87 43.17 5.56
C SER H 590 1.65 42.34 5.93
N GLU H 591 0.75 42.91 6.75
CA GLU H 591 -0.44 42.19 7.17
C GLU H 591 -1.30 41.79 5.97
N ASP H 592 -1.70 42.77 5.15
CA ASP H 592 -2.60 42.43 4.05
C ASP H 592 -1.86 41.68 2.95
N PHE H 593 -0.55 41.91 2.80
CA PHE H 593 0.22 41.10 1.85
C PHE H 593 0.24 39.63 2.26
N ILE H 594 0.44 39.36 3.56
CA ILE H 594 0.39 37.99 4.04
C ILE H 594 -1.00 37.40 3.83
N VAL H 595 -2.04 38.19 4.09
CA VAL H 595 -3.41 37.71 3.89
C VAL H 595 -3.61 37.25 2.45
N GLU H 596 -3.25 38.11 1.49
CA GLU H 596 -3.50 37.76 0.09
C GLU H 596 -2.59 36.62 -0.37
N GLN H 597 -1.34 36.58 0.09
CA GLN H 597 -0.44 35.51 -0.29
C GLN H 597 -0.94 34.17 0.22
N TYR H 598 -1.41 34.12 1.46
CA TYR H 598 -1.96 32.87 2.00
C TYR H 598 -3.26 32.50 1.30
N LYS H 599 -4.07 33.50 0.94
CA LYS H 599 -5.25 33.23 0.13
C LYS H 599 -4.88 32.48 -1.15
N HIS H 600 -3.90 33.02 -1.89
CA HIS H 600 -3.51 32.37 -3.14
C HIS H 600 -2.89 31.00 -2.88
N LEU H 601 -2.08 30.89 -1.84
CA LEU H 601 -1.35 29.64 -1.59
C LEU H 601 -2.29 28.50 -1.19
N ARG H 602 -3.20 28.76 -0.25
CA ARG H 602 -4.07 27.69 0.23
C ARG H 602 -5.10 27.27 -0.80
N GLN H 603 -5.41 28.13 -1.77
CA GLN H 603 -6.35 27.78 -2.82
C GLN H 603 -5.83 26.69 -3.75
N ARG H 604 -4.54 26.39 -3.70
CA ARG H 604 -3.98 25.28 -4.46
C ARG H 604 -3.94 24.02 -3.60
N SER H 613 -1.11 15.89 -1.04
CA SER H 613 -0.51 15.16 0.07
C SER H 613 -0.28 16.08 1.26
N TRP H 614 0.76 16.92 1.16
CA TRP H 614 1.11 17.87 2.22
C TRP H 614 0.13 19.03 2.16
N ARG H 615 -1.01 18.86 2.80
CA ARG H 615 -2.03 19.90 2.84
C ARG H 615 -1.53 21.10 3.64
N ILE H 616 -2.02 22.28 3.26
CA ILE H 616 -1.61 23.53 3.87
C ILE H 616 -2.70 23.99 4.82
N THR H 617 -2.41 23.95 6.12
CA THR H 617 -3.35 24.36 7.16
C THR H 617 -2.81 25.60 7.88
N VAL H 618 -3.49 25.99 8.96
CA VAL H 618 -3.12 27.18 9.72
C VAL H 618 -1.69 27.07 10.25
N ARG H 619 -1.21 25.84 10.46
CA ARG H 619 0.17 25.65 10.91
C ARG H 619 1.16 26.24 9.92
N GLN H 620 0.91 26.06 8.62
CA GLN H 620 1.75 26.67 7.60
C GLN H 620 1.67 28.19 7.63
N LEU H 621 0.49 28.74 7.94
CA LEU H 621 0.38 30.20 8.07
C LEU H 621 1.23 30.70 9.24
N GLU H 622 1.21 29.98 10.37
CA GLU H 622 2.06 30.36 11.49
C GLU H 622 3.53 30.24 11.13
N SER H 623 3.89 29.20 10.37
CA SER H 623 5.27 29.08 9.89
C SER H 623 5.65 30.24 8.99
N MET H 624 4.72 30.69 8.14
CA MET H 624 4.98 31.83 7.27
C MET H 624 5.21 33.10 8.08
N ILE H 625 4.40 33.30 9.12
CA ILE H 625 4.60 34.46 10.00
C ILE H 625 5.96 34.37 10.69
N ARG H 626 6.32 33.17 11.16
CA ARG H 626 7.63 32.99 11.79
C ARG H 626 8.77 33.27 10.82
N LEU H 627 8.62 32.84 9.56
CA LEU H 627 9.65 33.10 8.55
C LEU H 627 9.79 34.59 8.27
N SER H 628 8.65 35.30 8.20
CA SER H 628 8.71 36.74 8.03
C SER H 628 9.42 37.41 9.20
N GLU H 629 9.13 36.96 10.42
CA GLU H 629 9.81 37.50 11.60
C GLU H 629 11.31 37.21 11.56
N ALA H 630 11.69 36.00 11.11
CA ALA H 630 13.10 35.66 11.01
C ALA H 630 13.82 36.53 9.98
N MET H 631 13.18 36.75 8.83
CA MET H 631 13.76 37.66 7.84
C MET H 631 13.90 39.07 8.41
N ALA H 632 12.89 39.53 9.16
CA ALA H 632 12.98 40.85 9.77
C ALA H 632 14.14 40.93 10.76
N ARG H 633 14.32 39.89 11.59
CA ARG H 633 15.42 39.87 12.54
C ARG H 633 16.77 39.80 11.84
N MET H 634 16.83 39.14 10.67
CA MET H 634 18.10 39.02 9.96
C MET H 634 18.65 40.38 9.55
N HIS H 635 17.78 41.27 9.09
CA HIS H 635 18.19 42.56 8.55
C HIS H 635 18.27 43.65 9.61
N CYS H 636 18.08 43.29 10.89
CA CYS H 636 18.13 44.25 11.99
C CYS H 636 17.12 45.39 11.80
N CYS H 637 15.93 45.05 11.30
CA CYS H 637 14.87 46.01 11.09
C CYS H 637 13.84 45.89 12.21
N ASP H 638 13.48 47.02 12.81
CA ASP H 638 12.53 47.02 13.91
C ASP H 638 11.10 46.74 13.47
N GLU H 639 10.83 46.73 12.17
CA GLU H 639 9.51 46.45 11.65
C GLU H 639 9.61 45.48 10.48
N VAL H 640 8.53 44.73 10.26
CA VAL H 640 8.48 43.71 9.22
C VAL H 640 7.96 44.34 7.93
N GLN H 641 8.63 44.03 6.81
CA GLN H 641 8.29 44.58 5.52
C GLN H 641 7.81 43.48 4.57
N PRO H 642 6.96 43.82 3.59
CA PRO H 642 6.44 42.80 2.67
C PRO H 642 7.51 42.09 1.86
N LYS H 643 8.69 42.68 1.69
CA LYS H 643 9.77 42.03 0.95
C LYS H 643 10.14 40.70 1.59
N HIS H 644 10.12 40.65 2.92
CA HIS H 644 10.37 39.40 3.63
C HIS H 644 9.31 38.36 3.27
N VAL H 645 8.05 38.78 3.18
CA VAL H 645 6.97 37.88 2.83
C VAL H 645 7.17 37.33 1.41
N LYS H 646 7.53 38.20 0.47
CA LYS H 646 7.78 37.74 -0.89
C LYS H 646 8.95 36.76 -0.93
N GLU H 647 9.99 37.02 -0.15
CA GLU H 647 11.13 36.09 -0.12
C GLU H 647 10.73 34.73 0.44
N ALA H 648 9.95 34.72 1.53
CA ALA H 648 9.59 33.46 2.17
C ALA H 648 8.57 32.67 1.34
N PHE H 649 7.77 33.36 0.52
CA PHE H 649 6.75 32.67 -0.27
C PHE H 649 7.39 31.66 -1.23
N ARG H 650 8.48 32.05 -1.88
CA ARG H 650 9.18 31.13 -2.78
C ARG H 650 9.67 29.90 -2.02
N LEU H 651 10.37 30.11 -0.91
CA LEU H 651 10.94 29.00 -0.15
C LEU H 651 9.86 28.05 0.34
N LEU H 652 8.69 28.59 0.70
CA LEU H 652 7.58 27.70 1.06
C LEU H 652 7.07 26.95 -0.15
N ASN H 653 7.08 27.58 -1.33
CA ASN H 653 6.52 26.94 -2.52
C ASN H 653 7.39 25.82 -3.08
N LYS H 654 8.73 25.96 -3.01
CA LYS H 654 9.60 25.20 -3.90
C LYS H 654 9.46 23.69 -3.71
N SER H 655 9.37 23.22 -2.47
CA SER H 655 9.28 21.79 -2.19
C SER H 655 10.43 21.02 -2.83
N ILE H 656 10.10 20.15 -3.79
CA ILE H 656 11.13 19.36 -4.47
C ILE H 656 12.08 20.30 -5.20
N ILE H 657 13.39 20.09 -4.99
CA ILE H 657 14.42 21.00 -5.48
C ILE H 657 15.57 20.19 -6.06
N ARG H 658 16.05 20.60 -7.23
CA ARG H 658 17.18 19.95 -7.88
C ARG H 658 18.49 20.37 -7.22
N VAL H 659 19.57 19.67 -7.58
CA VAL H 659 20.89 20.02 -7.08
C VAL H 659 21.32 21.39 -7.61
N GLU H 660 21.21 21.58 -8.93
CA GLU H 660 21.58 22.83 -9.57
C GLU H 660 20.78 22.99 -10.86
N THR H 661 20.35 24.22 -11.13
CA THR H 661 19.66 24.51 -12.36
C THR H 661 20.66 24.57 -13.53
N PRO H 662 20.27 24.11 -14.71
CA PRO H 662 21.18 24.16 -15.85
C PRO H 662 21.33 25.58 -16.38
N ASP H 663 22.44 25.80 -17.08
CA ASP H 663 22.75 27.10 -17.62
C ASP H 663 21.88 27.40 -18.85
N VAL H 664 21.72 28.69 -19.13
CA VAL H 664 20.95 29.17 -20.27
C VAL H 664 21.85 30.07 -21.11
N ASN H 665 21.91 29.81 -22.40
CA ASN H 665 22.76 30.57 -23.31
C ASN H 665 22.19 31.96 -23.55
N LEU H 713 29.24 32.73 -22.28
CA LEU H 713 28.25 33.55 -21.59
C LEU H 713 27.01 32.73 -21.29
N ARG H 714 26.76 32.49 -19.99
CA ARG H 714 25.60 31.73 -19.55
C ARG H 714 24.99 32.41 -18.34
N LEU H 715 23.68 32.20 -18.16
CA LEU H 715 22.95 32.87 -17.09
C LEU H 715 21.97 31.88 -16.48
N GLY H 716 21.72 32.06 -15.17
CA GLY H 716 20.93 31.09 -14.42
C GLY H 716 19.44 31.23 -14.67
N PHE H 717 18.74 30.10 -14.50
CA PHE H 717 17.29 30.08 -14.73
C PHE H 717 16.56 30.99 -13.76
N SER H 718 16.96 30.99 -12.48
CA SER H 718 16.31 31.85 -11.50
C SER H 718 16.48 33.32 -11.86
N GLU H 719 17.68 33.71 -12.28
CA GLU H 719 17.92 35.10 -12.69
C GLU H 719 17.09 35.44 -13.93
N TYR H 720 16.98 34.49 -14.87
CA TYR H 720 16.16 34.69 -16.05
C TYR H 720 14.71 34.97 -15.68
N CYS H 721 14.16 34.15 -14.78
CA CYS H 721 12.79 34.36 -14.31
C CYS H 721 12.66 35.68 -13.57
N ARG H 722 13.66 36.05 -12.78
CA ARG H 722 13.62 37.31 -12.05
C ARG H 722 13.54 38.50 -13.01
N ILE H 723 14.39 38.48 -14.04
CA ILE H 723 14.38 39.57 -15.02
C ILE H 723 13.05 39.61 -15.75
N SER H 724 12.54 38.44 -16.17
CA SER H 724 11.26 38.40 -16.86
C SER H 724 10.14 38.95 -16.00
N ASN H 725 10.10 38.55 -14.72
CA ASN H 725 9.06 39.04 -13.83
C ASN H 725 9.16 40.55 -13.64
N LEU H 726 10.37 41.07 -13.45
CA LEU H 726 10.52 42.51 -13.25
C LEU H 726 10.06 43.28 -14.48
N ILE H 727 10.48 42.84 -15.67
CA ILE H 727 10.14 43.57 -16.88
C ILE H 727 8.65 43.51 -17.16
N VAL H 728 8.03 42.34 -16.96
CA VAL H 728 6.59 42.21 -17.18
C VAL H 728 5.82 43.07 -16.20
N LEU H 729 6.24 43.07 -14.92
CA LEU H 729 5.56 43.90 -13.93
C LEU H 729 5.65 45.38 -14.28
N HIS H 730 6.83 45.84 -14.71
CA HIS H 730 6.94 47.25 -15.07
C HIS H 730 6.10 47.60 -16.29
N LEU H 731 6.11 46.75 -17.32
CA LEU H 731 5.30 47.05 -18.50
C LEU H 731 3.82 47.06 -18.16
N ARG H 732 3.37 46.09 -17.36
CA ARG H 732 1.96 46.01 -16.99
C ARG H 732 1.57 47.20 -16.12
N LYS H 733 2.47 47.66 -15.25
CA LYS H 733 2.20 48.85 -14.45
C LYS H 733 2.10 50.10 -15.33
N VAL H 734 3.01 50.25 -16.30
CA VAL H 734 2.97 51.39 -17.19
C VAL H 734 1.73 51.38 -18.07
N GLU H 735 1.14 50.20 -18.32
CA GLU H 735 -0.08 50.14 -19.13
C GLU H 735 -1.17 51.05 -18.57
N GLU H 736 -1.25 51.21 -17.26
CA GLU H 736 -2.16 52.18 -16.67
C GLU H 736 -1.37 53.40 -16.17
N LEU H 743 5.74 50.56 -24.14
CA LEU H 743 6.79 51.57 -24.04
C LEU H 743 7.79 51.43 -25.19
N LYS H 744 8.95 52.06 -25.02
CA LYS H 744 10.03 52.01 -25.99
C LYS H 744 11.15 51.12 -25.47
N ARG H 745 11.88 50.51 -26.40
CA ARG H 745 12.96 49.61 -26.03
C ARG H 745 14.04 50.37 -25.26
N SER H 746 14.52 51.49 -25.81
CA SER H 746 15.58 52.25 -25.17
C SER H 746 15.12 52.82 -23.83
N GLU H 747 13.88 53.30 -23.76
CA GLU H 747 13.36 53.85 -22.50
C GLU H 747 13.30 52.77 -21.42
N LEU H 748 12.86 51.57 -21.78
CA LEU H 748 12.78 50.48 -20.79
C LEU H 748 14.17 50.05 -20.35
N VAL H 749 15.12 49.98 -21.28
CA VAL H 749 16.51 49.67 -20.91
C VAL H 749 17.06 50.73 -19.98
N ASN H 750 16.76 52.01 -20.25
CA ASN H 750 17.21 53.09 -19.38
C ASN H 750 16.62 52.94 -17.98
N TRP H 751 15.33 52.60 -17.89
CA TRP H 751 14.74 52.36 -16.58
C TRP H 751 15.45 51.22 -15.85
N TYR H 752 15.71 50.12 -16.56
CA TYR H 752 16.36 48.98 -15.92
C TYR H 752 17.74 49.35 -15.39
N LEU H 753 18.52 50.07 -16.21
CA LEU H 753 19.83 50.52 -15.75
C LEU H 753 19.73 51.49 -14.58
N LYS H 754 18.67 52.31 -14.54
CA LYS H 754 18.44 53.15 -13.38
C LYS H 754 18.14 52.32 -12.13
N GLU H 755 17.36 51.26 -12.27
CA GLU H 755 16.96 50.45 -11.13
C GLU H 755 18.09 49.59 -10.59
N ILE H 756 18.96 49.10 -11.47
CA ILE H 756 20.05 48.20 -11.09
C ILE H 756 21.32 48.98 -10.71
N GLU H 757 21.22 50.30 -10.60
CA GLU H 757 22.38 51.13 -10.28
C GLU H 757 22.99 50.78 -8.93
N SER H 758 22.20 50.27 -8.00
CA SER H 758 22.69 49.99 -6.66
C SER H 758 23.67 48.82 -6.60
N GLU H 759 23.80 48.04 -7.68
CA GLU H 759 24.65 46.86 -7.70
C GLU H 759 25.89 47.01 -8.56
N ILE H 760 25.78 47.68 -9.72
CA ILE H 760 26.91 47.83 -10.61
C ILE H 760 27.94 48.76 -9.98
N ASP H 761 29.22 48.37 -10.04
CA ASP H 761 30.30 49.16 -9.49
C ASP H 761 31.42 49.45 -10.48
N SER H 762 31.32 48.97 -11.71
CA SER H 762 32.38 49.18 -12.69
C SER H 762 31.78 49.26 -14.09
N GLU H 763 32.57 49.85 -15.01
CA GLU H 763 32.13 49.99 -16.40
C GLU H 763 31.96 48.63 -17.07
N GLU H 764 32.84 47.68 -16.77
CA GLU H 764 32.74 46.35 -17.34
C GLU H 764 31.42 45.69 -16.94
N GLU H 765 31.00 45.86 -15.68
CA GLU H 765 29.70 45.34 -15.27
C GLU H 765 28.57 46.02 -16.02
N LEU H 766 28.69 47.33 -16.30
CA LEU H 766 27.66 48.01 -17.05
C LEU H 766 27.53 47.45 -18.47
N ILE H 767 28.67 47.26 -19.15
CA ILE H 767 28.60 46.73 -20.51
C ILE H 767 28.09 45.29 -20.50
N ASN H 768 28.47 44.50 -19.48
CA ASN H 768 27.94 43.15 -19.37
C ASN H 768 26.43 43.15 -19.17
N LYS H 769 25.94 44.05 -18.32
CA LYS H 769 24.50 44.14 -18.08
C LYS H 769 23.76 44.58 -19.34
N LYS H 770 24.36 45.50 -20.10
CA LYS H 770 23.76 45.91 -21.38
C LYS H 770 23.66 44.72 -22.33
N ARG H 771 24.75 43.94 -22.44
CA ARG H 771 24.73 42.75 -23.27
C ARG H 771 23.63 41.80 -22.82
N ILE H 772 23.54 41.56 -21.51
CA ILE H 772 22.58 40.60 -20.97
C ILE H 772 21.15 41.06 -21.24
N ILE H 773 20.86 42.33 -21.00
CA ILE H 773 19.49 42.81 -21.17
C ILE H 773 19.10 42.81 -22.65
N GLU H 774 20.02 43.18 -23.53
CA GLU H 774 19.72 43.12 -24.96
C GLU H 774 19.42 41.70 -25.39
N LYS H 775 20.25 40.74 -24.95
CA LYS H 775 20.03 39.34 -25.31
C LYS H 775 18.71 38.83 -24.76
N VAL H 776 18.39 39.18 -23.51
CA VAL H 776 17.15 38.70 -22.90
C VAL H 776 15.93 39.27 -23.60
N ILE H 777 15.96 40.56 -23.93
CA ILE H 777 14.83 41.17 -24.63
C ILE H 777 14.65 40.53 -26.00
N HIS H 778 15.74 40.33 -26.74
CA HIS H 778 15.63 39.70 -28.05
C HIS H 778 15.11 38.27 -27.94
N ARG H 779 15.60 37.53 -26.95
CA ARG H 779 15.18 36.14 -26.78
C ARG H 779 13.70 36.06 -26.42
N LEU H 780 13.24 36.91 -25.50
CA LEU H 780 11.83 36.92 -25.15
C LEU H 780 10.97 37.32 -26.34
N THR H 781 11.46 38.25 -27.16
CA THR H 781 10.70 38.68 -28.33
C THR H 781 10.56 37.56 -29.35
N HIS H 782 11.64 36.81 -29.61
CA HIS H 782 11.66 35.92 -30.77
C HIS H 782 11.56 34.43 -30.43
N TYR H 783 11.64 34.02 -29.17
CA TYR H 783 11.56 32.61 -28.83
C TYR H 783 10.40 32.29 -27.90
N ASP H 784 10.26 33.04 -26.81
CA ASP H 784 9.19 32.79 -25.85
C ASP H 784 7.88 33.49 -26.21
N HIS H 785 7.92 34.45 -27.13
CA HIS H 785 6.75 35.16 -27.65
C HIS H 785 5.97 35.91 -26.59
N VAL H 786 6.52 36.05 -25.38
CA VAL H 786 5.84 36.81 -24.33
C VAL H 786 5.81 38.30 -24.63
N LEU H 787 6.74 38.79 -25.46
CA LEU H 787 6.80 40.20 -25.85
C LEU H 787 6.56 40.31 -27.34
N ILE H 788 5.69 41.24 -27.73
CA ILE H 788 5.27 41.41 -29.12
C ILE H 788 5.77 42.76 -29.62
N GLU H 789 6.42 42.76 -30.77
CA GLU H 789 6.96 43.97 -31.39
C GLU H 789 5.89 44.63 -32.26
N LEU H 790 5.78 45.95 -32.15
CA LEU H 790 4.84 46.74 -32.94
C LEU H 790 5.61 47.83 -33.67
N THR H 791 5.33 47.97 -34.96
CA THR H 791 5.99 48.99 -35.78
C THR H 791 5.16 50.27 -35.84
N GLU H 807 14.12 51.96 -35.15
CA GLU H 807 15.28 51.58 -34.34
C GLU H 807 14.88 51.44 -32.87
N ASP H 808 13.73 52.00 -32.52
CA ASP H 808 13.18 51.92 -31.17
C ASP H 808 11.74 51.42 -31.25
N PRO H 809 11.55 50.13 -31.51
CA PRO H 809 10.20 49.61 -31.65
C PRO H 809 9.45 49.59 -30.32
N TYR H 810 8.12 49.70 -30.42
CA TYR H 810 7.27 49.58 -29.25
C TYR H 810 7.15 48.12 -28.83
N LEU H 811 7.16 47.88 -27.52
CA LEU H 811 7.06 46.54 -26.96
C LEU H 811 5.79 46.44 -26.13
N VAL H 812 5.05 45.35 -26.32
CA VAL H 812 3.83 45.10 -25.58
C VAL H 812 3.86 43.67 -25.06
N VAL H 813 3.12 43.44 -23.98
CA VAL H 813 3.09 42.14 -23.31
C VAL H 813 2.01 41.26 -23.94
N ASN H 814 2.34 40.00 -24.15
CA ASN H 814 1.37 39.01 -24.60
C ASN H 814 0.25 38.95 -23.56
N PRO H 815 -1.01 39.17 -23.95
CA PRO H 815 -2.09 39.34 -22.95
C PRO H 815 -2.41 38.07 -22.16
N ASN H 816 -1.69 36.97 -22.36
CA ASN H 816 -1.95 35.75 -21.61
C ASN H 816 -0.82 35.38 -20.67
N TYR H 817 -0.04 36.36 -20.22
CA TYR H 817 0.97 36.15 -19.18
C TYR H 817 0.48 36.76 -17.88
N LEU H 818 0.51 35.98 -16.81
CA LEU H 818 0.00 36.42 -15.52
C LEU H 818 1.14 36.71 -14.55
N LEU I 319 48.10 -56.47 21.45
CA LEU I 319 47.50 -57.79 21.53
C LEU I 319 48.57 -58.87 21.54
N THR I 320 48.16 -60.10 21.83
CA THR I 320 48.95 -61.26 21.46
C THR I 320 48.76 -61.49 19.96
N ARG I 321 49.88 -61.67 19.25
CA ARG I 321 49.82 -61.71 17.79
C ARG I 321 48.95 -62.85 17.29
N GLU I 322 48.82 -63.92 18.09
CA GLU I 322 47.93 -65.01 17.71
C GLU I 322 46.48 -64.56 17.63
N GLU I 323 46.07 -63.67 18.53
CA GLU I 323 44.72 -63.10 18.44
C GLU I 323 44.56 -62.25 17.19
N LEU I 324 45.58 -61.50 16.82
CA LEU I 324 45.53 -60.71 15.59
C LEU I 324 45.40 -61.62 14.37
N ARG I 325 46.10 -62.76 14.39
CA ARG I 325 45.91 -63.76 13.34
C ARG I 325 44.50 -64.31 13.35
N GLN I 326 43.96 -64.56 14.54
CA GLN I 326 42.56 -64.99 14.68
C GLN I 326 41.58 -63.95 14.17
N ILE I 327 42.04 -62.70 14.03
CA ILE I 327 41.24 -61.68 13.36
C ILE I 327 41.46 -61.70 11.84
N ALA I 328 42.64 -62.15 11.39
CA ALA I 328 43.09 -61.95 10.02
C ALA I 328 42.83 -63.16 9.10
N GLU I 329 41.74 -63.89 9.29
CA GLU I 329 41.37 -64.91 8.33
C GLU I 329 40.81 -64.27 7.06
N GLU I 330 40.39 -65.12 6.12
CA GLU I 330 39.80 -64.64 4.88
C GLU I 330 38.49 -63.92 5.14
N ASP I 331 38.21 -62.91 4.31
CA ASP I 331 37.02 -62.07 4.46
C ASP I 331 36.95 -61.41 5.83
N PHE I 332 38.10 -61.07 6.39
CA PHE I 332 38.15 -60.51 7.75
C PHE I 332 37.37 -59.20 7.84
N TYR I 333 37.33 -58.42 6.75
CA TYR I 333 36.56 -57.19 6.77
C TYR I 333 35.08 -57.45 6.97
N GLU I 334 34.53 -58.46 6.29
CA GLU I 334 33.13 -58.80 6.46
C GLU I 334 32.85 -59.30 7.86
N LYS I 335 33.74 -60.14 8.42
CA LYS I 335 33.54 -60.64 9.78
C LYS I 335 33.57 -59.50 10.79
N LEU I 336 34.51 -58.56 10.63
CA LEU I 336 34.56 -57.41 11.53
C LEU I 336 33.32 -56.54 11.41
N ALA I 337 32.85 -56.32 10.18
CA ALA I 337 31.64 -55.53 9.98
C ALA I 337 30.42 -56.19 10.62
N ALA I 338 30.29 -57.51 10.45
CA ALA I 338 29.15 -58.22 11.01
C ALA I 338 29.26 -58.37 12.52
N SER I 339 30.47 -58.33 13.06
CA SER I 339 30.67 -58.48 14.50
C SER I 339 30.10 -57.30 15.28
N ILE I 340 29.92 -56.15 14.64
CA ILE I 340 29.35 -54.98 15.31
C ILE I 340 27.83 -55.09 15.26
N ALA I 341 27.21 -55.21 16.43
CA ALA I 341 25.77 -55.37 16.56
C ALA I 341 25.22 -56.51 15.68
N PRO I 342 25.66 -57.75 15.93
CA PRO I 342 25.12 -58.86 15.13
C PRO I 342 23.66 -59.19 15.42
N GLU I 343 23.12 -58.71 16.54
CA GLU I 343 21.75 -59.03 16.91
C GLU I 343 20.74 -58.38 15.99
N ILE I 344 21.13 -57.34 15.24
CA ILE I 344 20.24 -56.65 14.31
C ILE I 344 20.57 -57.13 12.91
N TYR I 345 19.61 -57.80 12.26
CA TYR I 345 19.86 -58.40 10.96
C TYR I 345 20.03 -57.34 9.89
N GLY I 346 20.95 -57.60 8.95
CA GLY I 346 21.17 -56.70 7.84
C GLY I 346 21.90 -55.43 8.24
N HIS I 347 21.71 -54.40 7.40
CA HIS I 347 22.32 -53.10 7.60
C HIS I 347 23.85 -53.20 7.70
N GLU I 348 24.43 -53.99 6.80
CA GLU I 348 25.89 -54.15 6.81
C GLU I 348 26.61 -52.87 6.42
N ASP I 349 25.99 -52.03 5.58
CA ASP I 349 26.61 -50.77 5.19
C ASP I 349 26.74 -49.84 6.39
N VAL I 350 25.70 -49.75 7.21
CA VAL I 350 25.78 -48.93 8.42
C VAL I 350 26.81 -49.51 9.39
N LYS I 351 26.91 -50.84 9.44
CA LYS I 351 27.93 -51.47 10.27
C LYS I 351 29.33 -51.10 9.81
N LYS I 352 29.55 -51.11 8.49
CA LYS I 352 30.86 -50.70 7.95
C LYS I 352 31.14 -49.24 8.24
N ALA I 353 30.13 -48.38 8.13
CA ALA I 353 30.31 -46.97 8.46
C ALA I 353 30.69 -46.78 9.92
N LEU I 354 30.02 -47.51 10.83
CA LEU I 354 30.36 -47.42 12.24
C LEU I 354 31.76 -47.98 12.51
N LEU I 355 32.15 -49.04 11.79
CA LEU I 355 33.50 -49.58 11.95
C LEU I 355 34.55 -48.57 11.52
N LEU I 356 34.31 -47.89 10.39
CA LEU I 356 35.24 -46.86 9.95
C LEU I 356 35.27 -45.67 10.91
N LEU I 357 34.12 -45.32 11.48
CA LEU I 357 34.08 -44.29 12.51
C LEU I 357 34.92 -44.70 13.72
N LEU I 358 34.84 -45.98 14.11
CA LEU I 358 35.67 -46.49 15.20
C LEU I 358 37.14 -46.39 14.84
N VAL I 359 37.50 -46.74 13.60
CA VAL I 359 38.89 -46.61 13.16
C VAL I 359 39.28 -45.14 13.03
N GLY I 360 38.57 -44.41 12.19
CA GLY I 360 38.82 -43.00 12.01
C GLY I 360 39.96 -42.72 11.05
N GLY I 361 39.99 -41.48 10.56
CA GLY I 361 41.01 -41.05 9.62
C GLY I 361 42.25 -40.56 10.33
N VAL I 362 43.05 -39.78 9.59
CA VAL I 362 44.30 -39.24 10.11
C VAL I 362 44.16 -37.75 10.29
N ASP I 363 44.91 -37.21 11.25
CA ASP I 363 44.92 -35.78 11.55
C ASP I 363 46.24 -35.18 11.08
N GLN I 364 46.17 -34.12 10.28
CA GLN I 364 47.35 -33.43 9.77
C GLN I 364 47.16 -31.93 9.92
N SER I 365 48.28 -31.22 9.99
CA SER I 365 48.30 -29.76 10.07
C SER I 365 49.26 -29.21 9.02
N PRO I 366 48.89 -29.29 7.74
CA PRO I 366 49.80 -28.83 6.69
C PRO I 366 49.64 -27.35 6.35
N ARG I 367 50.76 -26.63 6.32
CA ARG I 367 50.81 -25.25 5.83
C ARG I 367 49.89 -24.32 6.62
N GLY I 368 49.86 -24.49 7.94
CA GLY I 368 49.19 -23.56 8.82
C GLY I 368 47.74 -23.86 9.13
N MET I 369 47.12 -24.80 8.43
CA MET I 369 45.74 -25.17 8.67
C MET I 369 45.67 -26.59 9.23
N LYS I 370 44.68 -26.84 10.07
CA LYS I 370 44.49 -28.14 10.69
C LYS I 370 43.30 -28.84 10.03
N ILE I 371 43.51 -30.09 9.63
CA ILE I 371 42.47 -30.90 9.01
C ILE I 371 42.01 -31.94 10.01
N ARG I 372 40.77 -32.39 9.84
CA ARG I 372 40.17 -33.37 10.74
C ARG I 372 40.25 -34.77 10.14
N GLY I 373 40.34 -35.75 11.03
CA GLY I 373 40.30 -37.14 10.62
C GLY I 373 39.12 -37.86 11.26
N ASN I 374 38.42 -37.16 12.15
CA ASN I 374 37.25 -37.73 12.81
C ASN I 374 36.13 -37.93 11.81
N ILE I 375 35.41 -39.04 11.95
CA ILE I 375 34.28 -39.38 11.09
C ILE I 375 33.00 -39.13 11.87
N ASN I 376 32.16 -38.25 11.36
CA ASN I 376 30.88 -37.91 11.98
C ASN I 376 29.75 -38.39 11.08
N ILE I 377 28.89 -39.25 11.63
CA ILE I 377 27.84 -39.91 10.86
C ILE I 377 26.50 -39.58 11.48
N CYS I 378 25.54 -39.19 10.63
CA CYS I 378 24.17 -38.92 11.06
C CYS I 378 23.25 -39.99 10.48
N LEU I 379 22.57 -40.71 11.36
CA LEU I 379 21.63 -41.76 10.96
C LEU I 379 20.21 -41.29 11.26
N MET I 380 19.38 -41.21 10.24
CA MET I 380 17.97 -40.82 10.40
C MET I 380 17.08 -41.88 9.78
N GLY I 381 15.98 -42.19 10.47
CA GLY I 381 15.01 -43.14 9.97
C GLY I 381 13.75 -43.10 10.80
N ASP I 382 12.74 -43.80 10.31
CA ASP I 382 11.48 -43.88 11.03
C ASP I 382 11.69 -44.59 12.37
N PRO I 383 10.95 -44.20 13.40
CA PRO I 383 11.11 -44.86 14.71
C PRO I 383 10.80 -46.35 14.63
N GLY I 384 11.58 -47.14 15.35
CA GLY I 384 11.46 -48.58 15.33
C GLY I 384 12.43 -49.30 14.41
N VAL I 385 13.44 -48.62 13.89
CA VAL I 385 14.44 -49.26 13.05
C VAL I 385 15.70 -49.61 13.86
N ALA I 386 15.59 -49.66 15.19
CA ALA I 386 16.66 -50.13 16.07
C ALA I 386 17.89 -49.22 16.03
N LYS I 387 17.65 -47.90 15.99
CA LYS I 387 18.76 -46.97 16.08
C LYS I 387 19.30 -46.87 17.50
N SER I 388 18.41 -46.86 18.50
CA SER I 388 18.83 -46.72 19.89
C SER I 388 19.67 -47.90 20.34
N GLN I 389 19.32 -49.12 19.91
CA GLN I 389 20.13 -50.29 20.25
C GLN I 389 21.51 -50.21 19.61
N LEU I 390 21.60 -49.72 18.37
CA LEU I 390 22.90 -49.51 17.75
C LEU I 390 23.71 -48.49 18.52
N LEU I 391 23.07 -47.41 18.96
CA LEU I 391 23.78 -46.40 19.74
C LEU I 391 24.28 -46.97 21.06
N SER I 392 23.45 -47.76 21.74
CA SER I 392 23.88 -48.39 22.99
C SER I 392 25.04 -49.35 22.76
N TYR I 393 24.98 -50.14 21.69
CA TYR I 393 26.07 -51.07 21.40
C TYR I 393 27.37 -50.33 21.10
N ILE I 394 27.30 -49.27 20.31
CA ILE I 394 28.52 -48.53 19.98
C ILE I 394 29.04 -47.77 21.21
N ASP I 395 28.14 -47.35 22.11
CA ASP I 395 28.58 -46.77 23.37
C ASP I 395 29.32 -47.79 24.22
N ARG I 396 28.80 -49.04 24.25
CA ARG I 396 29.48 -50.08 25.00
C ARG I 396 30.84 -50.42 24.41
N LEU I 397 30.91 -50.53 23.08
CA LEU I 397 32.13 -51.02 22.43
C LEU I 397 33.23 -49.97 22.38
N ALA I 398 32.87 -48.70 22.18
CA ALA I 398 33.89 -47.67 22.05
C ALA I 398 34.63 -47.49 23.38
N PRO I 399 35.96 -47.32 23.34
CA PRO I 399 36.69 -47.12 24.61
C PRO I 399 36.28 -45.86 25.34
N ARG I 400 36.32 -44.71 24.68
CA ARG I 400 35.81 -43.47 25.23
C ARG I 400 34.52 -43.13 24.50
N SER I 401 33.39 -43.31 25.17
CA SER I 401 32.09 -43.10 24.56
C SER I 401 31.17 -42.38 25.54
N GLN I 402 30.42 -41.42 25.04
CA GLN I 402 29.47 -40.65 25.84
C GLN I 402 28.10 -40.73 25.17
N TYR I 403 27.14 -41.35 25.84
CA TYR I 403 25.78 -41.51 25.31
C TYR I 403 24.88 -40.50 26.00
N THR I 404 24.26 -39.62 25.21
CA THR I 404 23.42 -38.56 25.74
C THR I 404 22.21 -38.37 24.83
N THR I 405 21.18 -37.74 25.36
CA THR I 405 19.96 -37.44 24.64
C THR I 405 19.84 -35.95 24.38
N GLY I 406 18.84 -35.59 23.58
CA GLY I 406 18.58 -34.20 23.27
C GLY I 406 18.27 -33.37 24.50
N ARG I 407 17.14 -33.65 25.15
CA ARG I 407 16.77 -32.90 26.35
C ARG I 407 17.75 -33.14 27.48
N GLY I 408 18.26 -34.37 27.60
CA GLY I 408 19.12 -34.73 28.71
C GLY I 408 20.47 -34.02 28.75
N SER I 409 20.76 -33.22 27.73
CA SER I 409 22.01 -32.48 27.70
C SER I 409 21.79 -31.07 27.14
N ALA I 433 29.59 -32.75 28.08
CA ALA I 433 29.55 -34.10 27.52
C ALA I 433 30.50 -34.20 26.33
N LEU I 434 30.56 -33.15 25.52
CA LEU I 434 31.45 -33.14 24.37
C LEU I 434 32.92 -33.20 24.80
N VAL I 435 33.27 -32.45 25.84
CA VAL I 435 34.65 -32.47 26.34
C VAL I 435 34.96 -33.83 26.97
N LEU I 436 33.97 -34.42 27.66
CA LEU I 436 34.21 -35.70 28.33
C LEU I 436 34.53 -36.81 27.35
N ALA I 437 34.09 -36.68 26.10
CA ALA I 437 34.31 -37.69 25.07
C ALA I 437 35.47 -37.33 24.14
N ASP I 438 36.44 -36.57 24.63
CA ASP I 438 37.59 -36.21 23.82
C ASP I 438 38.38 -37.45 23.43
N GLN I 439 38.83 -37.49 22.17
CA GLN I 439 39.51 -38.64 21.59
C GLN I 439 38.65 -39.90 21.70
N GLY I 440 37.35 -39.73 21.51
CA GLY I 440 36.40 -40.83 21.60
C GLY I 440 35.24 -40.63 20.67
N VAL I 441 34.08 -41.17 21.06
CA VAL I 441 32.86 -41.11 20.25
C VAL I 441 31.75 -40.53 21.10
N CYS I 442 31.05 -39.52 20.57
CA CYS I 442 29.92 -38.91 21.25
C CYS I 442 28.63 -39.39 20.57
N CYS I 443 27.90 -40.27 21.25
CA CYS I 443 26.66 -40.82 20.73
C CYS I 443 25.50 -40.00 21.26
N ILE I 444 24.80 -39.33 20.36
CA ILE I 444 23.66 -38.47 20.71
C ILE I 444 22.46 -38.89 19.88
N ASP I 445 21.31 -39.03 20.52
CA ASP I 445 20.06 -39.36 19.86
C ASP I 445 19.04 -38.25 20.07
N GLU I 446 17.94 -38.34 19.32
CA GLU I 446 16.92 -37.29 19.29
C GLU I 446 17.53 -35.93 18.95
N PHE I 447 18.42 -35.95 17.96
CA PHE I 447 19.04 -34.70 17.49
C PHE I 447 17.99 -33.76 16.92
N ASP I 448 17.00 -34.31 16.21
CA ASP I 448 15.92 -33.51 15.66
C ASP I 448 14.99 -32.95 16.73
N LYS I 449 15.11 -33.42 17.97
CA LYS I 449 14.25 -33.00 19.07
C LYS I 449 15.00 -32.07 20.03
N MET I 450 15.85 -31.21 19.48
CA MET I 450 16.65 -30.28 20.28
C MET I 450 16.49 -28.88 19.73
N ALA I 451 16.61 -27.89 20.62
CA ALA I 451 16.51 -26.50 20.24
C ALA I 451 17.69 -26.10 19.35
N GLU I 452 17.46 -25.08 18.52
CA GLU I 452 18.49 -24.62 17.59
C GLU I 452 19.64 -23.91 18.28
N ALA I 453 19.44 -23.43 19.51
CA ALA I 453 20.50 -22.71 20.22
C ALA I 453 21.70 -23.60 20.45
N ASP I 454 21.47 -24.84 20.89
CA ASP I 454 22.57 -25.79 21.04
C ASP I 454 23.13 -26.19 19.67
N ARG I 455 22.24 -26.33 18.68
CA ARG I 455 22.68 -26.64 17.32
C ARG I 455 23.69 -25.63 16.80
N THR I 456 23.51 -24.35 17.15
CA THR I 456 24.45 -23.32 16.70
C THR I 456 25.86 -23.58 17.23
N ALA I 457 25.96 -23.93 18.53
CA ALA I 457 27.26 -24.25 19.09
C ALA I 457 27.82 -25.57 18.56
N ILE I 458 26.95 -26.48 18.11
CA ILE I 458 27.43 -27.74 17.56
C ILE I 458 28.24 -27.52 16.28
N HIS I 459 27.95 -26.44 15.54
CA HIS I 459 28.66 -26.20 14.29
C HIS I 459 30.16 -25.98 14.50
N GLU I 460 30.51 -25.22 15.54
CA GLU I 460 31.94 -24.98 15.81
C GLU I 460 32.64 -26.28 16.18
N VAL I 461 32.00 -27.12 16.98
CA VAL I 461 32.58 -28.41 17.35
C VAL I 461 32.77 -29.27 16.10
N MET I 462 31.78 -29.28 15.21
CA MET I 462 31.91 -30.07 13.98
C MET I 462 33.03 -29.55 13.09
N GLU I 463 33.14 -28.23 12.95
CA GLU I 463 34.08 -27.65 12.00
C GLU I 463 35.52 -27.67 12.50
N GLN I 464 35.76 -27.42 13.80
CA GLN I 464 37.12 -27.25 14.29
C GLN I 464 37.49 -28.21 15.42
N GLN I 465 36.57 -29.05 15.89
CA GLN I 465 36.82 -29.97 16.99
C GLN I 465 37.28 -29.23 18.24
N THR I 466 36.79 -28.00 18.44
CA THR I 466 37.16 -27.18 19.57
C THR I 466 35.93 -26.48 20.11
N ILE I 467 36.00 -26.11 21.38
CA ILE I 467 34.90 -25.39 22.04
C ILE I 467 35.41 -24.06 22.59
N LEU I 478 38.68 -24.90 24.60
CA LEU I 478 38.89 -26.32 24.90
C LEU I 478 38.80 -27.16 23.63
N ASN I 479 39.41 -28.34 23.66
CA ASN I 479 39.41 -29.24 22.52
C ASN I 479 38.24 -30.21 22.60
N ALA I 480 37.62 -30.47 21.46
CA ALA I 480 36.48 -31.39 21.35
C ALA I 480 36.73 -32.39 20.23
N ARG I 481 37.93 -32.95 20.19
CA ARG I 481 38.34 -33.91 19.16
C ARG I 481 37.58 -35.22 19.39
N CYS I 482 36.36 -35.27 18.88
CA CYS I 482 35.49 -36.42 19.08
C CYS I 482 34.74 -36.75 17.79
N SER I 483 34.31 -37.99 17.69
CA SER I 483 33.49 -38.44 16.57
C SER I 483 32.02 -38.35 16.96
N ILE I 484 31.28 -37.51 16.25
CA ILE I 484 29.88 -37.25 16.57
C ILE I 484 29.00 -38.21 15.81
N LEU I 485 28.16 -38.96 16.52
CA LEU I 485 27.20 -39.88 15.94
C LEU I 485 25.81 -39.44 16.37
N ALA I 486 25.07 -38.81 15.44
CA ALA I 486 23.77 -38.22 15.74
C ALA I 486 22.66 -39.07 15.16
N ALA I 487 21.53 -39.11 15.87
CA ALA I 487 20.34 -39.83 15.45
C ALA I 487 19.18 -38.86 15.32
N ALA I 488 18.45 -38.97 14.22
CA ALA I 488 17.34 -38.08 13.93
C ALA I 488 16.13 -38.90 13.47
N ASN I 489 14.96 -38.26 13.53
CA ASN I 489 13.70 -38.88 13.13
C ASN I 489 12.94 -37.93 12.23
N PRO I 490 12.06 -38.46 11.37
CA PRO I 490 11.22 -37.58 10.54
C PRO I 490 10.24 -36.79 11.39
N ALA I 491 9.87 -35.62 10.86
CA ALA I 491 8.99 -34.72 11.61
C ALA I 491 7.62 -35.34 11.85
N TYR I 492 7.07 -36.02 10.85
CA TYR I 492 5.72 -36.59 10.95
C TYR I 492 5.72 -38.02 11.48
N GLY I 493 6.88 -38.57 11.83
CA GLY I 493 6.99 -39.94 12.25
C GLY I 493 7.24 -40.92 11.12
N ARG I 494 7.01 -40.51 9.88
CA ARG I 494 7.30 -41.30 8.69
C ARG I 494 8.07 -40.45 7.71
N TYR I 495 9.10 -41.04 7.08
CA TYR I 495 9.84 -40.32 6.07
C TYR I 495 9.02 -40.22 4.79
N ASN I 496 8.87 -38.99 4.29
CA ASN I 496 8.12 -38.76 3.06
C ASN I 496 9.08 -38.50 1.92
N PRO I 497 9.24 -39.42 0.96
CA PRO I 497 10.13 -39.14 -0.18
C PRO I 497 9.65 -37.99 -1.05
N ARG I 498 8.36 -37.64 -0.99
CA ARG I 498 7.87 -36.49 -1.74
C ARG I 498 8.50 -35.20 -1.24
N ARG I 499 8.59 -35.04 0.08
CA ARG I 499 9.21 -33.85 0.65
C ARG I 499 10.73 -33.91 0.49
N SER I 500 11.35 -32.74 0.49
CA SER I 500 12.79 -32.66 0.36
C SER I 500 13.46 -33.19 1.62
N LEU I 501 14.75 -33.53 1.48
CA LEU I 501 15.50 -34.10 2.59
C LEU I 501 15.60 -33.13 3.75
N GLU I 502 15.90 -31.86 3.46
CA GLU I 502 16.04 -30.87 4.53
C GLU I 502 14.74 -30.67 5.29
N GLN I 503 13.61 -30.62 4.57
CA GLN I 503 12.32 -30.48 5.25
C GLN I 503 12.01 -31.71 6.09
N ASN I 504 12.31 -32.90 5.59
CA ASN I 504 12.08 -34.12 6.35
C ASN I 504 13.00 -34.23 7.56
N ILE I 505 14.15 -33.54 7.53
CA ILE I 505 15.09 -33.55 8.66
C ILE I 505 14.94 -32.31 9.54
N GLN I 506 14.27 -31.26 9.04
CA GLN I 506 14.12 -29.95 9.69
C GLN I 506 15.43 -29.49 10.34
N LEU I 507 16.53 -29.64 9.61
CA LEU I 507 17.84 -29.15 10.01
C LEU I 507 18.45 -28.38 8.85
N PRO I 508 19.35 -27.43 9.14
CA PRO I 508 19.97 -26.65 8.07
C PRO I 508 20.84 -27.52 7.16
N ALA I 509 20.96 -27.09 5.91
CA ALA I 509 21.74 -27.84 4.94
C ALA I 509 23.22 -27.87 5.31
N ALA I 510 23.73 -26.78 5.89
CA ALA I 510 25.13 -26.75 6.29
C ALA I 510 25.44 -27.80 7.35
N LEU I 511 24.54 -27.95 8.33
CA LEU I 511 24.74 -28.95 9.38
C LEU I 511 24.79 -30.36 8.80
N LEU I 512 23.89 -30.67 7.87
CA LEU I 512 23.92 -31.98 7.23
C LEU I 512 25.18 -32.15 6.40
N SER I 513 25.63 -31.10 5.72
CA SER I 513 26.85 -31.18 4.93
C SER I 513 28.07 -31.46 5.81
N ARG I 514 28.10 -30.87 7.00
CA ARG I 514 29.22 -31.10 7.91
C ARG I 514 29.31 -32.55 8.37
N PHE I 515 28.19 -33.28 8.33
CA PHE I 515 28.23 -34.73 8.56
C PHE I 515 28.78 -35.40 7.31
N ASP I 516 29.87 -36.14 7.46
CA ASP I 516 30.54 -36.74 6.30
C ASP I 516 29.77 -37.92 5.74
N LEU I 517 28.90 -38.56 6.53
CA LEU I 517 28.12 -39.69 6.05
C LEU I 517 26.68 -39.56 6.51
N LEU I 518 25.75 -39.79 5.59
CA LEU I 518 24.32 -39.80 5.87
C LEU I 518 23.74 -41.14 5.43
N TRP I 519 23.04 -41.82 6.33
CA TRP I 519 22.42 -43.11 6.04
C TRP I 519 20.94 -43.04 6.37
N LEU I 520 20.11 -43.32 5.37
CA LEU I 520 18.65 -43.35 5.53
C LEU I 520 18.17 -44.79 5.60
N ILE I 521 17.40 -45.11 6.64
CA ILE I 521 16.77 -46.42 6.79
C ILE I 521 15.26 -46.21 6.84
N GLN I 522 14.56 -46.82 5.90
CA GLN I 522 13.10 -46.73 5.81
C GLN I 522 12.50 -48.09 6.10
N ASP I 523 11.38 -48.09 6.82
CA ASP I 523 10.68 -49.33 7.18
C ASP I 523 9.79 -49.76 6.02
N ARG I 524 10.43 -50.18 4.94
CA ARG I 524 9.72 -50.60 3.74
C ARG I 524 9.10 -51.98 3.98
N PRO I 525 7.80 -52.15 3.77
CA PRO I 525 7.15 -53.43 4.04
C PRO I 525 7.40 -54.43 2.92
N ASP I 526 8.18 -55.48 3.23
CA ASP I 526 8.41 -56.59 2.32
C ASP I 526 8.07 -57.88 3.04
N ARG I 527 7.27 -58.72 2.40
CA ARG I 527 6.75 -59.92 3.07
C ARG I 527 7.88 -60.87 3.46
N ASP I 528 8.75 -61.21 2.50
CA ASP I 528 9.84 -62.14 2.78
C ASP I 528 10.81 -61.56 3.80
N ASN I 529 11.15 -60.28 3.66
CA ASN I 529 12.04 -59.64 4.62
C ASN I 529 11.40 -59.59 6.01
N ASP I 530 10.09 -59.32 6.07
CA ASP I 530 9.39 -59.31 7.34
C ASP I 530 9.42 -60.69 8.00
N LEU I 531 9.20 -61.74 7.21
CA LEU I 531 9.25 -63.09 7.77
C LEU I 531 10.65 -63.43 8.27
N ARG I 532 11.68 -63.07 7.50
CA ARG I 532 13.05 -63.33 7.94
C ARG I 532 13.38 -62.58 9.23
N LEU I 533 13.00 -61.30 9.30
CA LEU I 533 13.25 -60.53 10.51
C LEU I 533 12.49 -61.12 11.69
N ALA I 534 11.24 -61.54 11.47
CA ALA I 534 10.45 -62.11 12.56
C ALA I 534 11.07 -63.40 13.07
N GLN I 535 11.50 -64.29 12.17
CA GLN I 535 12.08 -65.54 12.62
C GLN I 535 13.40 -65.32 13.34
N HIS I 536 14.23 -64.39 12.85
CA HIS I 536 15.47 -64.09 13.54
C HIS I 536 15.20 -63.51 14.93
N ILE I 537 14.20 -62.63 15.04
CA ILE I 537 13.85 -62.05 16.34
C ILE I 537 13.35 -63.14 17.30
N THR I 538 12.55 -64.08 16.79
CA THR I 538 12.07 -65.16 17.64
C THR I 538 13.22 -66.03 18.12
N TYR I 539 14.17 -66.34 17.24
CA TYR I 539 15.35 -67.10 17.68
C TYR I 539 16.13 -66.34 18.74
N VAL I 540 16.30 -65.04 18.55
CA VAL I 540 17.03 -64.23 19.53
C VAL I 540 16.32 -64.26 20.88
N HIS I 541 14.99 -64.12 20.87
CA HIS I 541 14.23 -64.17 22.12
C HIS I 541 14.35 -65.52 22.80
N GLN I 542 14.12 -66.61 22.06
CA GLN I 542 14.08 -67.93 22.68
C GLN I 542 15.46 -68.38 23.16
N HIS I 543 16.47 -68.25 22.31
CA HIS I 543 17.78 -68.78 22.63
C HIS I 543 18.67 -67.81 23.39
N SER I 544 18.25 -66.55 23.55
CA SER I 544 19.05 -65.50 24.18
C SER I 544 20.39 -65.31 23.47
N ARG I 545 20.46 -65.69 22.20
CA ARG I 545 21.68 -65.63 21.42
C ARG I 545 21.35 -65.26 19.99
N GLN I 546 22.36 -64.83 19.25
CA GLN I 546 22.18 -64.47 17.85
C GLN I 546 21.90 -65.72 17.02
N PRO I 547 21.23 -65.57 15.88
CA PRO I 547 21.06 -66.71 14.98
C PRO I 547 22.41 -67.15 14.45
N PRO I 548 22.57 -68.44 14.15
CA PRO I 548 23.88 -68.94 13.72
C PRO I 548 24.26 -68.45 12.32
N SER I 549 25.25 -67.55 12.27
CA SER I 549 25.73 -67.01 11.02
C SER I 549 26.89 -67.86 10.50
N GLN I 550 27.53 -67.40 9.42
CA GLN I 550 28.64 -68.16 8.85
C GLN I 550 29.83 -68.19 9.81
N PHE I 551 30.12 -67.06 10.46
CA PHE I 551 31.26 -66.96 11.37
C PHE I 551 30.84 -66.29 12.66
N GLU I 552 31.27 -66.86 13.78
CA GLU I 552 30.92 -66.31 15.08
C GLU I 552 31.63 -64.98 15.30
N PRO I 553 30.93 -63.95 15.77
CA PRO I 553 31.56 -62.63 15.91
C PRO I 553 32.63 -62.62 16.99
N LEU I 554 33.60 -61.74 16.81
CA LEU I 554 34.70 -61.62 17.76
C LEU I 554 34.23 -60.98 19.06
N ASP I 555 35.02 -61.19 20.11
CA ASP I 555 34.71 -60.64 21.42
C ASP I 555 34.88 -59.12 21.41
N MET I 556 34.19 -58.47 22.36
CA MET I 556 34.26 -57.01 22.45
C MET I 556 35.66 -56.53 22.81
N LYS I 557 36.32 -57.21 23.75
CA LYS I 557 37.66 -56.81 24.14
C LYS I 557 38.64 -56.95 22.98
N LEU I 558 38.53 -58.04 22.23
CA LEU I 558 39.41 -58.25 21.09
C LEU I 558 39.22 -57.17 20.03
N MET I 559 37.96 -56.82 19.74
CA MET I 559 37.68 -55.77 18.77
C MET I 559 38.20 -54.42 19.25
N ARG I 560 38.03 -54.12 20.55
CA ARG I 560 38.53 -52.88 21.10
C ARG I 560 40.05 -52.79 20.97
N ARG I 561 40.75 -53.87 21.30
CA ARG I 561 42.20 -53.88 21.19
C ARG I 561 42.64 -53.74 19.73
N TYR I 562 41.96 -54.43 18.82
CA TYR I 562 42.31 -54.33 17.40
C TYR I 562 42.10 -52.92 16.87
N ILE I 563 41.01 -52.26 17.28
CA ILE I 563 40.79 -50.87 16.88
C ILE I 563 41.86 -49.96 17.49
N ALA I 564 42.27 -50.24 18.73
CA ALA I 564 43.32 -49.45 19.36
C ALA I 564 44.63 -49.55 18.59
N MET I 565 45.00 -50.77 18.17
CA MET I 565 46.24 -50.94 17.43
C MET I 565 46.16 -50.33 16.03
N CYS I 566 45.03 -50.50 15.34
CA CYS I 566 44.92 -49.95 13.99
C CYS I 566 44.92 -48.43 14.01
N ARG I 567 44.47 -47.82 15.11
CA ARG I 567 44.52 -46.36 15.24
C ARG I 567 45.95 -45.86 15.40
N GLU I 568 46.88 -46.71 15.80
CA GLU I 568 48.26 -46.27 16.07
C GLU I 568 49.02 -45.96 14.79
N LYS I 569 48.55 -46.44 13.64
CA LYS I 569 49.29 -46.27 12.39
C LYS I 569 48.80 -45.05 11.63
N GLN I 570 49.72 -44.42 10.91
CA GLN I 570 49.45 -43.19 10.16
C GLN I 570 49.85 -43.41 8.71
N PRO I 571 48.97 -43.99 7.90
CA PRO I 571 49.30 -44.22 6.49
C PRO I 571 49.52 -42.92 5.74
N MET I 572 50.41 -42.97 4.75
CA MET I 572 50.73 -41.84 3.90
C MET I 572 50.12 -42.05 2.52
N VAL I 573 49.41 -41.03 2.03
CA VAL I 573 48.73 -41.13 0.74
C VAL I 573 49.75 -41.03 -0.39
N PRO I 574 49.84 -42.02 -1.27
CA PRO I 574 50.74 -41.92 -2.42
C PRO I 574 50.26 -40.88 -3.42
N GLU I 575 51.21 -40.33 -4.17
CA GLU I 575 50.88 -39.33 -5.17
C GLU I 575 50.35 -39.94 -6.46
N SER I 576 50.53 -41.24 -6.66
CA SER I 576 50.05 -41.88 -7.88
C SER I 576 48.53 -41.90 -7.96
N LEU I 577 47.87 -42.13 -6.81
CA LEU I 577 46.42 -42.25 -6.77
C LEU I 577 45.72 -40.89 -6.79
N ALA I 578 46.46 -39.78 -6.73
CA ALA I 578 45.83 -38.47 -6.68
C ALA I 578 45.03 -38.20 -7.95
N ASP I 579 45.58 -38.57 -9.11
CA ASP I 579 44.89 -38.30 -10.38
C ASP I 579 43.56 -39.04 -10.45
N TYR I 580 43.55 -40.31 -10.05
CA TYR I 580 42.30 -41.07 -10.04
C TYR I 580 41.32 -40.48 -9.04
N ILE I 581 41.81 -40.04 -7.89
CA ILE I 581 40.94 -39.39 -6.91
C ILE I 581 40.37 -38.10 -7.48
N THR I 582 41.20 -37.33 -8.19
CA THR I 582 40.70 -36.08 -8.79
C THR I 582 39.61 -36.37 -9.81
N ALA I 583 39.83 -37.36 -10.68
CA ALA I 583 38.84 -37.70 -11.69
C ALA I 583 37.54 -38.19 -11.06
N ALA I 584 37.64 -39.03 -10.03
CA ALA I 584 36.44 -39.53 -9.36
C ALA I 584 35.68 -38.40 -8.67
N TYR I 585 36.40 -37.49 -8.02
CA TYR I 585 35.74 -36.36 -7.38
C TYR I 585 35.07 -35.46 -8.41
N VAL I 586 35.72 -35.25 -9.56
CA VAL I 586 35.10 -34.45 -10.62
C VAL I 586 33.83 -35.11 -11.11
N GLU I 587 33.87 -36.42 -11.32
CA GLU I 587 32.68 -37.14 -11.77
C GLU I 587 31.54 -37.03 -10.76
N MET I 588 31.85 -37.24 -9.48
CA MET I 588 30.82 -37.16 -8.44
C MET I 588 30.25 -35.77 -8.32
N ARG I 589 31.11 -34.74 -8.40
CA ARG I 589 30.63 -33.37 -8.27
C ARG I 589 29.82 -32.95 -9.50
N ARG I 590 30.19 -33.44 -10.68
CA ARG I 590 29.38 -33.19 -11.86
C ARG I 590 28.01 -33.84 -11.74
N GLU I 591 27.95 -35.07 -11.23
CA GLU I 591 26.67 -35.72 -11.01
C GLU I 591 25.84 -34.96 -9.98
N ALA I 592 26.47 -34.48 -8.91
CA ALA I 592 25.75 -33.72 -7.90
C ALA I 592 25.30 -32.35 -8.42
N TRP I 593 26.03 -31.80 -9.40
CA TRP I 593 25.63 -30.54 -10.00
C TRP I 593 24.47 -30.73 -10.96
N ALA I 594 24.43 -31.87 -11.66
CA ALA I 594 23.32 -32.16 -12.55
C ALA I 594 22.02 -32.41 -11.78
N SER I 595 22.11 -32.94 -10.56
CA SER I 595 20.94 -33.24 -9.74
C SER I 595 20.75 -32.14 -8.71
N LYS I 596 19.60 -31.48 -8.74
CA LYS I 596 19.36 -30.35 -7.85
C LYS I 596 19.11 -30.81 -6.42
N ASP I 597 18.60 -32.03 -6.23
CA ASP I 597 18.28 -32.54 -4.90
C ASP I 597 19.48 -33.16 -4.19
N ALA I 598 20.63 -33.24 -4.85
CA ALA I 598 21.82 -33.80 -4.23
C ALA I 598 22.44 -32.80 -3.26
N THR I 599 23.13 -33.33 -2.24
CA THR I 599 23.80 -32.48 -1.28
C THR I 599 24.95 -31.72 -1.94
N TYR I 600 25.23 -30.53 -1.43
CA TYR I 600 26.29 -29.69 -1.97
C TYR I 600 27.65 -30.34 -1.77
N THR I 601 28.28 -30.76 -2.87
CA THR I 601 29.56 -31.48 -2.81
C THR I 601 30.70 -30.47 -2.89
N SER I 602 30.99 -29.86 -1.76
CA SER I 602 32.12 -28.95 -1.63
C SER I 602 33.39 -29.75 -1.36
N ALA I 603 34.48 -29.07 -0.99
CA ALA I 603 35.71 -29.76 -0.65
C ALA I 603 35.55 -30.66 0.56
N ARG I 604 34.51 -30.45 1.36
CA ARG I 604 34.27 -31.32 2.52
C ARG I 604 34.03 -32.76 2.09
N THR I 605 33.40 -32.98 0.94
CA THR I 605 33.23 -34.34 0.44
C THR I 605 34.57 -34.99 0.11
N LEU I 606 35.48 -34.23 -0.51
CA LEU I 606 36.82 -34.76 -0.78
C LEU I 606 37.56 -35.07 0.52
N LEU I 607 37.44 -34.19 1.52
CA LEU I 607 38.05 -34.47 2.81
C LEU I 607 37.46 -35.73 3.43
N ALA I 608 36.14 -35.92 3.31
CA ALA I 608 35.48 -37.09 3.87
C ALA I 608 35.96 -38.37 3.19
N ILE I 609 36.07 -38.36 1.86
CA ILE I 609 36.51 -39.58 1.17
C ILE I 609 37.98 -39.86 1.45
N LEU I 610 38.80 -38.81 1.60
CA LEU I 610 40.19 -39.01 2.00
C LEU I 610 40.27 -39.61 3.39
N ARG I 611 39.43 -39.14 4.32
CA ARG I 611 39.39 -39.71 5.66
C ARG I 611 38.95 -41.18 5.61
N LEU I 612 37.98 -41.49 4.76
CA LEU I 612 37.54 -42.87 4.62
C LEU I 612 38.66 -43.76 4.10
N SER I 613 39.41 -43.26 3.10
CA SER I 613 40.54 -44.04 2.58
C SER I 613 41.60 -44.25 3.64
N THR I 614 41.92 -43.21 4.42
CA THR I 614 42.92 -43.36 5.48
C THR I 614 42.44 -44.32 6.55
N ALA I 615 41.16 -44.28 6.90
CA ALA I 615 40.61 -45.21 7.89
C ALA I 615 40.67 -46.64 7.37
N LEU I 616 40.37 -46.85 6.09
CA LEU I 616 40.48 -48.18 5.51
C LEU I 616 41.93 -48.67 5.52
N ALA I 617 42.86 -47.77 5.22
CA ALA I 617 44.28 -48.13 5.25
C ALA I 617 44.71 -48.52 6.66
N ARG I 618 44.24 -47.79 7.67
CA ARG I 618 44.50 -48.18 9.05
C ARG I 618 43.89 -49.53 9.37
N LEU I 619 42.68 -49.79 8.87
CA LEU I 619 42.00 -51.06 9.13
C LEU I 619 42.78 -52.23 8.54
N ARG I 620 43.32 -52.07 7.34
CA ARG I 620 44.07 -53.14 6.70
C ARG I 620 45.53 -53.20 7.16
N MET I 621 45.95 -52.28 8.02
CA MET I 621 47.30 -52.26 8.58
C MET I 621 48.34 -52.16 7.45
N VAL I 622 48.27 -51.05 6.73
CA VAL I 622 49.23 -50.72 5.68
C VAL I 622 49.58 -49.24 5.81
N ASP I 623 50.86 -48.92 5.66
CA ASP I 623 51.33 -47.55 5.76
C ASP I 623 51.13 -46.74 4.48
N VAL I 624 50.64 -47.36 3.42
CA VAL I 624 50.36 -46.68 2.16
C VAL I 624 48.93 -46.99 1.75
N VAL I 625 48.17 -45.95 1.41
CA VAL I 625 46.79 -46.13 0.98
C VAL I 625 46.77 -46.62 -0.46
N GLU I 626 46.06 -47.71 -0.70
CA GLU I 626 45.96 -48.28 -2.04
C GLU I 626 44.63 -47.93 -2.69
N LYS I 627 44.54 -48.23 -3.98
CA LYS I 627 43.35 -47.91 -4.75
C LYS I 627 42.12 -48.68 -4.28
N GLU I 628 42.31 -49.83 -3.62
CA GLU I 628 41.19 -50.57 -3.08
C GLU I 628 40.46 -49.75 -2.01
N ASP I 629 41.22 -49.05 -1.16
CA ASP I 629 40.59 -48.19 -0.16
C ASP I 629 39.80 -47.06 -0.81
N VAL I 630 40.33 -46.47 -1.87
CA VAL I 630 39.62 -45.40 -2.58
C VAL I 630 38.34 -45.95 -3.20
N ASN I 631 38.43 -47.13 -3.81
CA ASN I 631 37.23 -47.74 -4.41
C ASN I 631 36.18 -48.05 -3.36
N GLU I 632 36.61 -48.58 -2.20
CA GLU I 632 35.65 -48.87 -1.13
C GLU I 632 35.02 -47.59 -0.59
N ALA I 633 35.80 -46.53 -0.44
CA ALA I 633 35.26 -45.26 0.02
C ALA I 633 34.24 -44.70 -0.98
N ILE I 634 34.56 -44.77 -2.27
CA ILE I 634 33.62 -44.30 -3.29
C ILE I 634 32.35 -45.14 -3.26
N ARG I 635 32.49 -46.46 -3.11
CA ARG I 635 31.32 -47.34 -3.05
C ARG I 635 30.46 -47.01 -1.85
N LEU I 636 31.08 -46.78 -0.68
CA LEU I 636 30.33 -46.45 0.52
C LEU I 636 29.62 -45.11 0.37
N MET I 637 30.29 -44.12 -0.20
CA MET I 637 29.66 -42.82 -0.39
C MET I 637 28.50 -42.91 -1.37
N GLU I 638 28.67 -43.69 -2.44
CA GLU I 638 27.59 -43.87 -3.40
C GLU I 638 26.40 -44.59 -2.78
N MET I 639 26.66 -45.60 -1.93
CA MET I 639 25.57 -46.27 -1.24
C MET I 639 24.86 -45.32 -0.28
N SER I 640 25.63 -44.50 0.45
CA SER I 640 25.02 -43.56 1.38
C SER I 640 24.15 -42.54 0.66
N LYS I 641 24.61 -42.03 -0.48
CA LYS I 641 23.81 -41.06 -1.23
C LYS I 641 22.64 -41.74 -1.95
N ASP I 642 22.77 -43.03 -2.27
CA ASP I 642 21.68 -43.76 -2.90
C ASP I 642 20.57 -44.10 -1.90
N SER I 643 20.90 -44.18 -0.61
CA SER I 643 19.88 -44.42 0.41
C SER I 643 18.95 -43.23 0.59
N LEU I 644 19.27 -42.08 0.02
CA LEU I 644 18.44 -40.88 0.15
C LEU I 644 17.49 -40.76 -1.03
N ARG I 656 29.74 -54.83 -34.81
CA ARG I 656 29.97 -55.59 -36.04
C ARG I 656 31.13 -55.00 -36.83
N PRO I 657 31.79 -55.83 -37.64
CA PRO I 657 32.88 -55.31 -38.50
C PRO I 657 32.41 -54.20 -39.43
N ALA I 658 31.13 -54.21 -39.84
CA ALA I 658 30.64 -53.17 -40.73
C ALA I 658 30.74 -51.79 -40.10
N ASP I 659 30.30 -51.67 -38.85
CA ASP I 659 30.35 -50.38 -38.16
C ASP I 659 31.80 -49.94 -37.94
N VAL I 660 32.67 -50.87 -37.57
CA VAL I 660 34.07 -50.51 -37.34
C VAL I 660 34.73 -50.04 -38.62
N ILE I 661 34.47 -50.73 -39.73
CA ILE I 661 35.05 -50.32 -41.01
C ILE I 661 34.46 -48.99 -41.47
N PHE I 662 33.17 -48.77 -41.23
CA PHE I 662 32.57 -47.48 -41.56
C PHE I 662 33.22 -46.35 -40.76
N ALA I 663 33.48 -46.59 -39.47
CA ALA I 663 34.18 -45.58 -38.67
C ALA I 663 35.61 -45.38 -39.16
N THR I 664 36.27 -46.46 -39.58
CA THR I 664 37.65 -46.36 -40.06
C THR I 664 37.71 -45.52 -41.33
N VAL I 665 36.80 -45.75 -42.27
CA VAL I 665 36.77 -44.94 -43.48
C VAL I 665 36.20 -43.55 -43.19
N ARG I 666 35.41 -43.41 -42.12
CA ARG I 666 34.94 -42.09 -41.72
C ARG I 666 36.10 -41.23 -41.21
N GLU I 667 37.12 -41.86 -40.63
CA GLU I 667 38.30 -41.13 -40.18
C GLU I 667 39.06 -40.49 -41.33
N LEU I 668 38.88 -40.99 -42.55
CA LEU I 668 39.54 -40.45 -43.74
C LEU I 668 38.67 -39.44 -44.47
N VAL I 669 37.76 -38.76 -43.77
CA VAL I 669 36.85 -37.82 -44.40
C VAL I 669 37.26 -36.44 -43.92
N SER I 670 38.55 -36.28 -43.61
CA SER I 670 39.05 -35.01 -43.10
C SER I 670 39.11 -33.96 -44.21
N GLY I 671 37.94 -33.44 -44.61
CA GLY I 671 37.86 -32.38 -45.59
C GLY I 671 37.72 -32.82 -47.02
N GLY I 672 37.48 -34.10 -47.28
CA GLY I 672 37.34 -34.59 -48.64
C GLY I 672 36.10 -35.42 -48.81
N ARG I 673 35.52 -35.32 -50.00
CA ARG I 673 34.33 -36.11 -50.35
C ARG I 673 34.68 -37.48 -50.89
N SER I 674 35.82 -37.62 -51.56
CA SER I 674 36.24 -38.88 -52.15
C SER I 674 37.48 -39.39 -51.41
N VAL I 675 37.53 -40.70 -51.20
CA VAL I 675 38.62 -41.35 -50.47
C VAL I 675 39.21 -42.44 -51.35
N ARG I 676 40.53 -42.50 -51.40
CA ARG I 676 41.21 -43.51 -52.19
C ARG I 676 40.94 -44.90 -51.65
N PHE I 677 40.78 -45.86 -52.57
CA PHE I 677 40.52 -47.23 -52.18
C PHE I 677 41.71 -47.86 -51.48
N SER I 678 42.93 -47.61 -52.00
CA SER I 678 44.11 -48.25 -51.45
C SER I 678 44.38 -47.82 -50.01
N GLU I 679 44.23 -46.52 -49.73
CA GLU I 679 44.50 -46.03 -48.38
C GLU I 679 43.52 -46.62 -47.37
N ALA I 680 42.23 -46.63 -47.71
CA ALA I 680 41.23 -47.21 -46.82
C ALA I 680 41.44 -48.71 -46.64
N GLU I 681 41.80 -49.41 -47.72
CA GLU I 681 42.07 -50.83 -47.63
C GLU I 681 43.26 -51.11 -46.70
N GLN I 682 44.33 -50.33 -46.83
CA GLN I 682 45.49 -50.52 -45.99
C GLN I 682 45.18 -50.21 -44.54
N ARG I 683 44.42 -49.13 -44.29
CA ARG I 683 44.10 -48.76 -42.92
C ARG I 683 43.18 -49.77 -42.26
N CYS I 684 42.21 -50.31 -43.00
CA CYS I 684 41.29 -51.29 -42.43
C CYS I 684 42.00 -52.59 -42.09
N VAL I 685 42.92 -53.03 -42.96
CA VAL I 685 43.67 -54.26 -42.70
C VAL I 685 44.57 -54.07 -41.48
N SER I 686 45.17 -52.89 -41.33
CA SER I 686 46.01 -52.62 -40.18
C SER I 686 45.24 -52.66 -38.87
N ARG I 687 43.93 -52.49 -38.91
CA ARG I 687 43.11 -52.58 -37.70
C ARG I 687 42.79 -54.01 -37.29
N GLY I 688 43.10 -54.99 -38.14
CA GLY I 688 42.89 -56.39 -37.80
C GLY I 688 41.71 -57.02 -38.49
N PHE I 689 41.35 -56.52 -39.68
CA PHE I 689 40.23 -57.04 -40.44
C PHE I 689 40.72 -57.56 -41.79
N THR I 690 40.22 -58.72 -42.19
CA THR I 690 40.58 -59.28 -43.47
C THR I 690 39.93 -58.48 -44.61
N PRO I 691 40.51 -58.51 -45.81
CA PRO I 691 39.89 -57.80 -46.93
C PRO I 691 38.50 -58.29 -47.27
N ALA I 692 38.18 -59.55 -46.98
CA ALA I 692 36.83 -60.05 -47.23
C ALA I 692 35.80 -59.31 -46.37
N GLN I 693 36.12 -59.11 -45.09
CA GLN I 693 35.23 -58.34 -44.23
C GLN I 693 35.16 -56.88 -44.67
N PHE I 694 36.28 -56.32 -45.16
CA PHE I 694 36.25 -54.97 -45.68
C PHE I 694 35.31 -54.85 -46.87
N GLN I 695 35.37 -55.81 -47.79
CA GLN I 695 34.47 -55.81 -48.94
C GLN I 695 33.02 -55.99 -48.50
N ALA I 696 32.79 -56.88 -47.52
CA ALA I 696 31.43 -57.09 -47.03
C ALA I 696 30.86 -55.83 -46.39
N ALA I 697 31.67 -55.13 -45.59
CA ALA I 697 31.21 -53.89 -44.98
C ALA I 697 30.98 -52.81 -46.04
N LEU I 698 31.87 -52.73 -47.03
CA LEU I 698 31.68 -51.78 -48.13
C LEU I 698 30.38 -52.03 -48.85
N ASP I 699 30.09 -53.30 -49.17
CA ASP I 699 28.83 -53.64 -49.82
C ASP I 699 27.63 -53.31 -48.93
N GLU I 700 27.72 -53.60 -47.63
CA GLU I 700 26.57 -53.42 -46.75
C GLU I 700 26.22 -51.94 -46.59
N TYR I 701 27.22 -51.09 -46.37
CA TYR I 701 26.97 -49.65 -46.33
C TYR I 701 26.75 -49.06 -47.71
N GLU I 702 27.11 -49.79 -48.76
CA GLU I 702 26.88 -49.35 -50.13
C GLU I 702 25.45 -49.58 -50.55
N GLU I 703 24.81 -50.62 -50.00
CA GLU I 703 23.39 -50.86 -50.22
C GLU I 703 22.54 -49.71 -49.68
N LEU I 704 22.89 -49.20 -48.49
CA LEU I 704 22.22 -48.02 -47.96
C LEU I 704 22.48 -46.77 -48.78
N ASN I 705 23.34 -46.88 -49.81
CA ASN I 705 23.71 -45.79 -50.69
C ASN I 705 24.30 -44.60 -49.93
N VAL I 706 25.05 -44.87 -48.85
CA VAL I 706 25.75 -43.78 -48.19
C VAL I 706 26.83 -43.22 -49.12
N TRP I 707 27.39 -44.07 -49.99
CA TRP I 707 28.40 -43.67 -50.95
C TRP I 707 28.32 -44.55 -52.19
N GLN I 708 29.12 -44.19 -53.21
CA GLN I 708 29.26 -44.98 -54.43
C GLN I 708 30.73 -45.30 -54.69
N VAL I 709 31.01 -46.54 -55.09
CA VAL I 709 32.37 -46.99 -55.38
C VAL I 709 32.57 -47.06 -56.89
N ASN I 710 33.69 -46.50 -57.36
CA ASN I 710 34.10 -46.68 -58.75
C ASN I 710 34.48 -48.14 -59.04
N ALA I 711 34.06 -48.62 -60.23
CA ALA I 711 34.26 -50.00 -60.65
C ALA I 711 35.74 -50.33 -60.81
N SER I 712 36.57 -49.31 -61.03
CA SER I 712 38.01 -49.49 -61.04
C SER I 712 38.55 -49.76 -59.65
N ARG I 713 37.70 -49.66 -58.63
CA ARG I 713 38.06 -49.94 -57.24
C ARG I 713 39.27 -49.11 -56.83
N THR I 714 39.31 -47.87 -57.29
CA THR I 714 40.37 -46.92 -56.98
C THR I 714 39.92 -45.73 -56.15
N ARG I 715 38.67 -45.29 -56.29
CA ARG I 715 38.17 -44.15 -55.55
C ARG I 715 36.72 -44.40 -55.16
N ILE I 716 36.33 -43.85 -54.02
CA ILE I 716 34.97 -43.95 -53.51
C ILE I 716 34.45 -42.54 -53.25
N THR I 717 33.37 -42.17 -53.93
CA THR I 717 32.74 -40.87 -53.73
C THR I 717 31.60 -41.03 -52.74
N PHE I 718 31.65 -40.26 -51.66
CA PHE I 718 30.69 -40.40 -50.58
C PHE I 718 29.49 -39.54 -50.92
N VAL I 719 28.36 -40.19 -51.12
CA VAL I 719 27.10 -39.54 -51.37
C VAL I 719 26.63 -38.71 -50.15
N THR J 3 -56.66 -25.67 -38.72
CA THR J 3 -55.87 -25.10 -39.81
C THR J 3 -54.87 -24.09 -39.28
N SER J 4 -55.01 -23.73 -38.00
CA SER J 4 -54.14 -22.74 -37.36
C SER J 4 -53.10 -23.39 -36.45
N SER J 5 -52.74 -24.66 -36.70
CA SER J 5 -51.77 -25.34 -35.88
C SER J 5 -50.80 -26.19 -36.69
N MET J 6 -50.64 -25.91 -37.98
CA MET J 6 -49.76 -26.69 -38.83
C MET J 6 -48.31 -26.26 -38.64
N SER J 7 -47.40 -27.02 -39.25
CA SER J 7 -45.97 -26.71 -39.15
C SER J 7 -45.65 -25.36 -39.78
N LYS J 8 -46.25 -25.06 -40.93
CA LYS J 8 -46.01 -23.78 -41.59
C LYS J 8 -46.60 -22.64 -40.76
N GLY J 9 -45.80 -21.61 -40.52
CA GLY J 9 -46.21 -20.51 -39.68
C GLY J 9 -47.03 -19.44 -40.36
N CYS J 10 -47.21 -19.52 -41.68
CA CYS J 10 -47.94 -18.50 -42.43
C CYS J 10 -49.35 -19.03 -42.76
N PHE J 11 -50.36 -18.37 -42.20
CA PHE J 11 -51.76 -18.71 -42.44
C PHE J 11 -52.51 -17.47 -42.87
N VAL J 12 -53.42 -17.63 -43.83
CA VAL J 12 -54.17 -16.51 -44.40
C VAL J 12 -55.53 -17.03 -44.82
N PHE J 13 -56.55 -16.19 -44.64
CA PHE J 13 -57.94 -16.57 -44.88
C PHE J 13 -58.64 -15.50 -45.70
N LYS J 14 -59.60 -15.93 -46.52
CA LYS J 14 -60.38 -15.03 -47.35
C LYS J 14 -61.87 -15.32 -47.18
N PRO J 15 -62.71 -14.28 -47.13
CA PRO J 15 -64.16 -14.46 -47.00
C PRO J 15 -64.83 -14.84 -48.32
N PRO J 25 -71.67 -1.06 -41.31
CA PRO J 25 -71.47 0.36 -41.02
C PRO J 25 -70.58 0.59 -39.80
N ILE J 26 -69.98 1.78 -39.72
CA ILE J 26 -69.01 2.06 -38.66
C ILE J 26 -69.72 2.18 -37.31
N GLU J 27 -70.84 2.88 -37.28
CA GLU J 27 -71.49 3.22 -36.01
C GLU J 27 -72.11 2.00 -35.33
N ASP J 28 -72.51 0.98 -36.12
CA ASP J 28 -73.17 -0.18 -35.54
C ASP J 28 -72.26 -0.92 -34.55
N TYR J 29 -70.94 -0.83 -34.74
CA TYR J 29 -70.02 -1.44 -33.79
C TYR J 29 -70.08 -0.76 -32.42
N PHE J 30 -70.53 0.49 -32.36
CA PHE J 30 -70.60 1.23 -31.10
C PHE J 30 -71.81 0.84 -30.26
N ASN J 31 -72.78 0.15 -30.85
CA ASN J 31 -73.98 -0.25 -30.12
C ASN J 31 -73.78 -1.58 -29.40
N PRO J 37 -79.46 3.38 -29.97
CA PRO J 37 -78.57 3.46 -31.14
C PRO J 37 -78.66 4.80 -31.86
N GLU J 38 -79.85 5.39 -31.89
CA GLU J 38 -79.99 6.73 -32.47
C GLU J 38 -79.18 7.75 -31.69
N ASP J 39 -79.29 7.71 -30.35
CA ASP J 39 -78.43 8.54 -29.53
C ASP J 39 -76.96 8.17 -29.72
N SER J 40 -76.69 6.89 -29.90
CA SER J 40 -75.32 6.47 -30.21
C SER J 40 -74.85 7.03 -31.54
N LYS J 41 -75.72 7.06 -32.55
CA LYS J 41 -75.36 7.66 -33.83
C LYS J 41 -75.06 9.14 -33.68
N LEU J 42 -75.90 9.86 -32.93
CA LEU J 42 -75.64 11.29 -32.71
C LEU J 42 -74.34 11.50 -31.94
N ARG J 43 -74.08 10.65 -30.94
CA ARG J 43 -72.84 10.75 -30.18
C ARG J 43 -71.62 10.50 -31.07
N PHE J 44 -71.71 9.52 -31.96
CA PHE J 44 -70.61 9.26 -32.89
C PHE J 44 -70.39 10.44 -33.84
N GLU J 45 -71.47 11.03 -34.35
CA GLU J 45 -71.34 12.19 -35.22
C GLU J 45 -70.69 13.36 -34.48
N THR J 46 -71.13 13.62 -33.25
CA THR J 46 -70.53 14.69 -32.46
C THR J 46 -69.08 14.41 -32.14
N TYR J 47 -68.75 13.15 -31.84
CA TYR J 47 -67.35 12.77 -31.62
C TYR J 47 -66.49 13.08 -32.83
N GLN J 48 -66.96 12.68 -34.02
CA GLN J 48 -66.19 12.94 -35.23
C GLN J 48 -66.02 14.44 -35.46
N LEU J 49 -67.10 15.21 -35.29
CA LEU J 49 -67.02 16.66 -35.52
C LEU J 49 -66.06 17.32 -34.54
N ILE J 50 -66.15 16.94 -33.26
CA ILE J 50 -65.30 17.55 -32.24
C ILE J 50 -63.84 17.18 -32.46
N TRP J 51 -63.56 15.92 -32.81
CA TRP J 51 -62.18 15.53 -33.09
C TRP J 51 -61.64 16.28 -34.31
N GLN J 52 -62.47 16.42 -35.34
CA GLN J 52 -62.06 17.20 -36.52
C GLN J 52 -61.68 18.62 -36.12
N GLN J 53 -62.55 19.29 -35.37
CA GLN J 53 -62.25 20.65 -34.95
C GLN J 53 -61.00 20.72 -34.08
N MET J 54 -60.85 19.77 -33.15
CA MET J 54 -59.70 19.78 -32.24
C MET J 54 -58.39 19.63 -33.00
N LYS J 55 -58.32 18.66 -33.93
CA LYS J 55 -57.08 18.46 -34.64
C LYS J 55 -56.82 19.56 -35.66
N SER J 56 -57.87 20.15 -36.23
CA SER J 56 -57.68 21.31 -37.10
C SER J 56 -57.10 22.49 -36.34
N GLU J 57 -57.61 22.74 -35.12
CA GLU J 57 -57.06 23.81 -34.30
C GLU J 57 -55.62 23.51 -33.89
N ASN J 58 -55.32 22.23 -33.62
CA ASN J 58 -53.95 21.85 -33.30
C ASN J 58 -53.02 22.16 -34.47
N GLU J 59 -53.44 21.82 -35.69
CA GLU J 59 -52.62 22.13 -36.87
C GLU J 59 -52.46 23.64 -37.05
N ARG J 60 -53.54 24.40 -36.84
CA ARG J 60 -53.47 25.85 -36.95
C ARG J 60 -52.46 26.42 -35.96
N LEU J 61 -52.48 25.94 -34.72
CA LEU J 61 -51.49 26.39 -33.73
C LEU J 61 -50.08 25.96 -34.14
N GLN J 62 -49.94 24.76 -34.70
CA GLN J 62 -48.63 24.28 -35.11
C GLN J 62 -48.02 25.16 -36.19
N GLU J 63 -48.82 25.57 -37.18
CA GLU J 63 -48.29 26.41 -38.24
C GLU J 63 -47.94 27.81 -37.76
N GLU J 64 -48.70 28.34 -36.80
CA GLU J 64 -48.54 29.74 -36.40
C GLU J 64 -47.23 29.98 -35.66
N LEU J 65 -46.81 29.03 -34.83
CA LEU J 65 -45.74 29.26 -33.87
C LEU J 65 -44.33 29.07 -34.44
N ASN J 66 -44.15 29.18 -35.76
CA ASN J 66 -42.83 28.99 -36.36
C ASN J 66 -42.48 30.06 -37.40
N LYS J 67 -43.28 31.13 -37.52
CA LYS J 67 -42.99 32.16 -38.50
C LYS J 67 -41.68 32.88 -38.21
N ASN J 68 -41.45 33.21 -36.93
CA ASN J 68 -40.28 33.99 -36.53
C ASN J 68 -38.96 33.26 -36.79
N LEU J 69 -38.99 31.95 -37.03
CA LEU J 69 -37.82 31.18 -37.42
C LEU J 69 -37.81 30.88 -38.92
N PHE J 70 -38.98 30.65 -39.50
CA PHE J 70 -39.07 30.37 -40.93
C PHE J 70 -38.61 31.57 -41.75
N ASP J 71 -39.00 32.78 -41.35
CA ASP J 71 -38.53 33.97 -42.07
C ASP J 71 -37.02 34.12 -41.97
N ASN J 72 -36.44 33.83 -40.80
CA ASN J 72 -35.00 33.89 -40.63
C ASN J 72 -34.30 32.87 -41.52
N LEU J 73 -34.85 31.65 -41.60
CA LEU J 73 -34.29 30.65 -42.52
C LEU J 73 -34.35 31.12 -43.97
N ILE J 74 -35.49 31.70 -44.38
CA ILE J 74 -35.63 32.16 -45.76
C ILE J 74 -34.61 33.26 -46.06
N GLU J 75 -34.45 34.21 -45.14
CA GLU J 75 -33.52 35.30 -45.39
C GLU J 75 -32.08 34.79 -45.39
N PHE J 76 -31.76 33.80 -44.54
CA PHE J 76 -30.42 33.23 -44.54
C PHE J 76 -30.13 32.50 -45.86
N LEU J 77 -31.10 31.73 -46.35
CA LEU J 77 -30.91 31.05 -47.64
C LEU J 77 -30.75 32.07 -48.77
N GLN J 78 -31.56 33.13 -48.77
CA GLN J 78 -31.43 34.16 -49.80
C GLN J 78 -30.07 34.82 -49.75
N LYS J 79 -29.60 35.16 -48.54
CA LYS J 79 -28.29 35.76 -48.40
C LYS J 79 -27.18 34.83 -48.87
N SER J 80 -27.29 33.54 -48.53
CA SER J 80 -26.27 32.58 -48.94
C SER J 80 -26.23 32.42 -50.46
N HIS J 81 -27.41 32.32 -51.10
CA HIS J 81 -27.43 32.13 -52.54
C HIS J 81 -27.11 33.41 -53.30
N SER J 82 -27.19 34.58 -52.64
CA SER J 82 -26.79 35.82 -53.29
C SER J 82 -25.33 35.78 -53.70
N GLY J 83 -24.47 35.15 -52.88
CA GLY J 83 -23.06 35.09 -53.20
C GLY J 83 -22.76 34.31 -54.46
N PHE J 84 -23.49 33.22 -54.69
CA PHE J 84 -23.22 32.37 -55.86
C PHE J 84 -23.55 33.09 -57.15
N GLN J 85 -24.58 33.93 -57.14
CA GLN J 85 -24.98 34.69 -58.32
C GLN J 85 -23.89 35.67 -58.74
N GLU J 99 -16.09 26.50 -49.36
CA GLU J 99 -17.06 27.18 -48.50
C GLU J 99 -18.48 26.78 -48.86
N ILE J 100 -19.09 25.99 -47.98
CA ILE J 100 -20.47 25.53 -48.15
C ILE J 100 -21.32 26.18 -47.06
N PRO J 101 -22.29 27.02 -47.41
CA PRO J 101 -23.16 27.59 -46.38
C PRO J 101 -24.01 26.51 -45.73
N THR J 102 -24.16 26.61 -44.40
CA THR J 102 -24.86 25.60 -43.64
C THR J 102 -25.52 26.27 -42.44
N ALA J 103 -26.76 25.87 -42.14
CA ALA J 103 -27.51 26.37 -41.01
C ALA J 103 -27.74 25.24 -40.02
N ALA J 104 -27.46 25.50 -38.74
CA ALA J 104 -27.65 24.52 -37.68
C ALA J 104 -28.94 24.83 -36.95
N LEU J 105 -29.83 23.82 -36.88
CA LEU J 105 -31.13 23.98 -36.27
C LEU J 105 -31.26 23.00 -35.10
N VAL J 106 -31.43 23.55 -33.90
CA VAL J 106 -31.58 22.74 -32.69
C VAL J 106 -33.07 22.50 -32.46
N LEU J 107 -33.44 21.24 -32.25
CA LEU J 107 -34.84 20.87 -32.15
C LEU J 107 -35.19 20.08 -30.89
N GLY J 108 -34.23 19.86 -30.00
CA GLY J 108 -34.51 19.21 -28.74
C GLY J 108 -34.74 17.72 -28.85
N VAL J 109 -35.24 17.15 -27.74
CA VAL J 109 -35.44 15.71 -27.62
C VAL J 109 -36.79 15.28 -28.17
N ASN J 110 -37.67 16.22 -28.52
CA ASN J 110 -39.05 15.93 -28.87
C ASN J 110 -39.08 15.23 -30.23
N VAL J 111 -38.76 13.93 -30.22
CA VAL J 111 -38.58 13.17 -31.45
C VAL J 111 -39.87 13.13 -32.27
N THR J 112 -41.03 13.24 -31.62
CA THR J 112 -42.29 13.19 -32.37
C THR J 112 -42.58 14.49 -33.10
N ASP J 113 -42.13 15.63 -32.57
CA ASP J 113 -42.49 16.91 -33.15
C ASP J 113 -41.72 17.18 -34.44
N HIS J 114 -40.59 16.50 -34.63
CA HIS J 114 -39.71 16.77 -35.76
C HIS J 114 -40.42 16.58 -37.09
N ASP J 115 -41.22 15.51 -37.23
CA ASP J 115 -41.85 15.24 -38.52
C ASP J 115 -42.84 16.33 -38.90
N LEU J 116 -43.69 16.76 -37.96
CA LEU J 116 -44.63 17.84 -38.24
C LEU J 116 -43.90 19.13 -38.54
N THR J 117 -42.87 19.45 -37.75
CA THR J 117 -42.09 20.66 -37.99
C THR J 117 -41.45 20.64 -39.36
N PHE J 118 -40.95 19.47 -39.77
CA PHE J 118 -40.29 19.33 -41.07
C PHE J 118 -41.29 19.43 -42.21
N GLY J 119 -42.50 18.90 -42.02
CA GLY J 119 -43.55 19.08 -43.00
C GLY J 119 -43.85 20.55 -43.22
N SER J 120 -44.02 21.29 -42.13
CA SER J 120 -44.25 22.73 -42.26
C SER J 120 -43.05 23.42 -42.91
N LEU J 121 -41.84 23.01 -42.52
CA LEU J 121 -40.63 23.62 -43.05
C LEU J 121 -40.54 23.45 -44.56
N THR J 122 -40.76 22.24 -45.05
CA THR J 122 -40.69 22.01 -46.49
C THR J 122 -41.86 22.67 -47.21
N GLU J 123 -43.04 22.76 -46.57
CA GLU J 123 -44.13 23.52 -47.17
C GLU J 123 -43.80 25.00 -47.28
N ALA J 124 -42.90 25.51 -46.43
CA ALA J 124 -42.50 26.90 -46.54
C ALA J 124 -41.52 27.14 -47.69
N LEU J 125 -40.47 26.31 -47.78
CA LEU J 125 -39.41 26.57 -48.75
C LEU J 125 -39.88 26.37 -50.18
N GLN J 126 -40.56 25.24 -50.45
CA GLN J 126 -40.98 24.96 -51.81
C GLN J 126 -42.01 25.96 -52.32
N ASN J 127 -42.69 26.66 -51.40
CA ASN J 127 -43.66 27.68 -51.78
C ASN J 127 -43.01 29.04 -52.01
N ASN J 128 -41.82 29.28 -51.48
CA ASN J 128 -41.22 30.61 -51.48
C ASN J 128 -39.96 30.69 -52.33
N VAL J 129 -38.95 29.86 -52.05
CA VAL J 129 -37.61 30.07 -52.57
C VAL J 129 -37.21 28.99 -53.58
N THR J 130 -37.43 27.71 -53.25
CA THR J 130 -36.89 26.66 -54.09
C THR J 130 -37.76 25.41 -54.09
N PRO J 131 -38.17 24.92 -55.26
CA PRO J 131 -38.97 23.69 -55.32
C PRO J 131 -38.17 22.41 -55.25
N TYR J 132 -36.91 22.45 -54.84
CA TYR J 132 -36.05 21.27 -54.73
C TYR J 132 -35.68 21.09 -53.26
N VAL J 133 -36.42 20.24 -52.55
CA VAL J 133 -36.15 19.91 -51.16
C VAL J 133 -36.11 18.39 -51.03
N VAL J 134 -35.04 17.88 -50.42
CA VAL J 134 -34.84 16.44 -50.26
C VAL J 134 -34.50 16.17 -48.80
N SER J 135 -35.41 15.51 -48.10
CA SER J 135 -35.20 15.09 -46.73
C SER J 135 -34.79 13.61 -46.70
N LEU J 136 -33.82 13.29 -45.85
CA LEU J 136 -33.21 11.97 -45.85
C LEU J 136 -33.12 11.42 -44.43
N GLN J 137 -33.18 10.10 -44.32
CA GLN J 137 -33.03 9.38 -43.06
C GLN J 137 -31.62 8.84 -42.93
N ALA J 138 -31.27 8.44 -41.71
CA ALA J 138 -30.03 7.72 -41.47
C ALA J 138 -30.21 6.21 -41.57
N LYS J 139 -31.43 5.72 -41.33
CA LYS J 139 -31.69 4.29 -41.42
C LYS J 139 -31.52 3.77 -42.84
N ASP J 140 -31.98 4.54 -43.82
CA ASP J 140 -32.00 4.09 -45.21
C ASP J 140 -30.72 4.41 -45.96
N CYS J 141 -29.72 4.99 -45.31
CA CYS J 141 -28.45 5.36 -45.94
C CYS J 141 -27.29 4.81 -45.13
N PRO J 142 -27.07 3.49 -45.16
CA PRO J 142 -25.91 2.92 -44.47
C PRO J 142 -24.62 3.04 -45.25
N ASP J 143 -24.69 3.15 -46.58
CA ASP J 143 -23.50 3.25 -47.41
C ASP J 143 -23.65 4.44 -48.35
N MET J 144 -22.50 4.98 -48.78
CA MET J 144 -22.51 6.14 -49.65
C MET J 144 -23.10 5.81 -51.02
N LYS J 145 -22.92 4.57 -51.48
CA LYS J 145 -23.55 4.15 -52.74
C LYS J 145 -25.07 4.24 -52.65
N HIS J 146 -25.65 3.63 -51.61
CA HIS J 146 -27.09 3.72 -51.42
C HIS J 146 -27.52 5.15 -51.14
N PHE J 147 -26.69 5.91 -50.44
CA PHE J 147 -26.97 7.33 -50.20
C PHE J 147 -27.15 8.09 -51.50
N LEU J 148 -26.19 7.94 -52.42
CA LEU J 148 -26.27 8.63 -53.71
C LEU J 148 -27.44 8.11 -54.53
N GLN J 149 -27.69 6.80 -54.48
CA GLN J 149 -28.82 6.24 -55.22
C GLN J 149 -30.13 6.86 -54.78
N LYS J 150 -30.37 6.90 -53.47
CA LYS J 150 -31.60 7.49 -52.95
C LYS J 150 -31.67 8.98 -53.25
N LEU J 151 -30.54 9.68 -53.13
CA LEU J 151 -30.51 11.11 -53.40
C LEU J 151 -30.93 11.40 -54.84
N ILE J 152 -30.31 10.72 -55.80
CA ILE J 152 -30.64 10.97 -57.20
C ILE J 152 -32.05 10.50 -57.52
N SER J 153 -32.50 9.39 -56.92
CA SER J 153 -33.84 8.90 -57.17
C SER J 153 -34.89 9.91 -56.71
N GLN J 154 -34.68 10.53 -55.54
CA GLN J 154 -35.64 11.53 -55.07
C GLN J 154 -35.52 12.84 -55.83
N LEU J 155 -34.31 13.23 -56.23
CA LEU J 155 -34.16 14.41 -57.08
C LEU J 155 -34.87 14.21 -58.42
N MET J 156 -34.95 12.97 -58.89
CA MET J 156 -35.60 12.72 -60.17
C MET J 156 -37.09 13.07 -60.13
N ASP J 157 -37.78 12.68 -59.06
CA ASP J 157 -39.22 12.91 -58.97
C ASP J 157 -39.60 14.12 -58.12
N CYS J 158 -38.63 14.88 -57.61
CA CYS J 158 -38.97 16.17 -57.01
C CYS J 158 -39.54 17.13 -58.05
N CYS J 159 -39.02 17.09 -59.27
CA CYS J 159 -39.51 17.95 -60.34
C CYS J 159 -40.95 17.62 -60.71
N HIS J 178 -25.01 2.76 -63.23
CA HIS J 178 -24.45 3.29 -62.00
C HIS J 178 -24.62 4.81 -61.94
N TYR J 179 -24.70 5.35 -60.73
CA TYR J 179 -24.96 6.76 -60.50
C TYR J 179 -23.77 7.38 -59.77
N SER J 180 -23.31 8.53 -60.25
CA SER J 180 -22.19 9.24 -59.66
C SER J 180 -22.48 10.73 -59.67
N MET J 181 -21.52 11.51 -59.15
CA MET J 181 -21.69 12.95 -59.07
C MET J 181 -21.76 13.58 -60.46
N ASP J 182 -21.08 13.01 -61.44
CA ASP J 182 -21.18 13.52 -62.80
C ASP J 182 -22.60 13.41 -63.34
N SER J 183 -23.27 12.29 -63.05
CA SER J 183 -24.66 12.14 -63.45
C SER J 183 -25.55 13.18 -62.77
N LEU J 184 -25.32 13.45 -61.49
CA LEU J 184 -26.09 14.47 -60.79
C LEU J 184 -25.86 15.84 -61.40
N SER J 185 -24.61 16.16 -61.74
CA SER J 185 -24.30 17.44 -62.37
C SER J 185 -24.98 17.56 -63.73
N SER J 186 -24.94 16.48 -64.52
CA SER J 186 -25.60 16.50 -65.82
C SER J 186 -27.12 16.68 -65.68
N TRP J 187 -27.71 15.99 -64.70
CA TRP J 187 -29.15 16.15 -64.47
C TRP J 187 -29.49 17.58 -64.07
N TYR J 188 -28.67 18.18 -63.20
CA TYR J 188 -28.90 19.58 -62.82
C TYR J 188 -28.77 20.50 -64.02
N MET J 189 -27.78 20.24 -64.88
CA MET J 189 -27.61 21.06 -66.08
C MET J 189 -28.82 20.94 -67.00
N THR J 190 -29.33 19.73 -67.18
CA THR J 190 -30.50 19.52 -68.05
C THR J 190 -31.73 20.22 -67.48
N VAL J 191 -31.98 20.07 -66.18
CA VAL J 191 -33.18 20.69 -65.60
C VAL J 191 -33.04 22.20 -65.56
N THR J 192 -31.82 22.72 -65.41
CA THR J 192 -31.61 24.17 -65.38
C THR J 192 -31.76 24.77 -66.77
N GLN J 193 -31.27 24.07 -67.79
CA GLN J 193 -31.34 24.56 -69.16
C GLN J 193 -32.77 24.46 -69.67
N SER J 212 -31.62 30.84 -61.28
CA SER J 212 -30.98 29.56 -60.98
C SER J 212 -31.25 29.15 -59.54
N PRO J 213 -32.20 28.26 -59.34
CA PRO J 213 -32.54 27.81 -57.99
C PRO J 213 -31.48 26.88 -57.44
N PRO J 214 -31.16 26.97 -56.15
CA PRO J 214 -30.23 26.02 -55.54
C PRO J 214 -30.91 24.71 -55.20
N VAL J 215 -30.21 23.81 -54.52
CA VAL J 215 -30.77 22.54 -54.07
C VAL J 215 -30.68 22.48 -52.56
N VAL J 216 -31.73 21.97 -51.93
CA VAL J 216 -31.84 21.88 -50.47
C VAL J 216 -31.90 20.40 -50.09
N VAL J 217 -31.03 20.00 -49.17
CA VAL J 217 -31.01 18.64 -48.64
C VAL J 217 -31.17 18.73 -47.13
N ILE J 218 -32.01 17.83 -46.59
CA ILE J 218 -32.34 17.82 -45.17
C ILE J 218 -31.82 16.52 -44.57
N LEU J 219 -30.99 16.63 -43.55
CA LEU J 219 -30.50 15.48 -42.78
C LEU J 219 -31.24 15.49 -41.44
N LYS J 220 -32.11 14.51 -41.24
CA LYS J 220 -32.98 14.52 -40.08
C LYS J 220 -32.26 14.06 -38.82
N ASP J 221 -31.77 12.82 -38.81
CA ASP J 221 -31.13 12.22 -37.64
C ASP J 221 -29.68 11.92 -37.99
N MET J 222 -28.80 12.87 -37.70
CA MET J 222 -27.37 12.70 -37.96
C MET J 222 -26.65 11.90 -36.87
N GLU J 223 -27.31 11.68 -35.72
CA GLU J 223 -26.69 10.89 -34.67
C GLU J 223 -26.46 9.46 -35.15
N SER J 224 -27.40 8.90 -35.90
CA SER J 224 -27.27 7.55 -36.42
C SER J 224 -26.43 7.47 -37.69
N PHE J 225 -26.14 8.60 -38.33
CA PHE J 225 -25.30 8.58 -39.52
C PHE J 225 -23.87 8.17 -39.18
N ALA J 226 -23.30 7.31 -40.02
CA ALA J 226 -21.87 7.02 -39.92
C ALA J 226 -21.07 8.23 -40.38
N THR J 227 -19.91 8.44 -39.74
CA THR J 227 -19.09 9.60 -40.05
C THR J 227 -18.56 9.55 -41.47
N LYS J 228 -18.03 8.38 -41.87
CA LYS J 228 -17.23 8.29 -43.09
C LYS J 228 -18.00 8.79 -44.31
N VAL J 229 -19.27 8.40 -44.45
CA VAL J 229 -20.06 8.90 -45.56
C VAL J 229 -20.24 10.40 -45.46
N LEU J 230 -20.34 10.93 -44.25
CA LEU J 230 -20.47 12.38 -44.08
C LEU J 230 -19.23 13.10 -44.59
N GLN J 231 -18.04 12.68 -44.16
CA GLN J 231 -16.83 13.37 -44.63
C GLN J 231 -16.67 13.21 -46.13
N ASP J 232 -16.97 12.01 -46.67
CA ASP J 232 -16.85 11.81 -48.11
C ASP J 232 -17.78 12.74 -48.88
N PHE J 233 -19.03 12.85 -48.44
CA PHE J 233 -19.97 13.73 -49.14
C PHE J 233 -19.55 15.18 -49.05
N ILE J 234 -19.05 15.60 -47.88
CA ILE J 234 -18.61 16.99 -47.73
C ILE J 234 -17.43 17.29 -48.64
N ILE J 235 -16.43 16.39 -48.67
CA ILE J 235 -15.23 16.67 -49.46
C ILE J 235 -15.52 16.60 -50.96
N ILE J 236 -16.38 15.66 -51.39
CA ILE J 236 -16.70 15.58 -52.82
C ILE J 236 -17.48 16.81 -53.26
N SER J 237 -18.49 17.20 -52.48
CA SER J 237 -19.33 18.34 -52.85
C SER J 237 -18.57 19.66 -52.82
N SER J 238 -17.48 19.75 -52.05
CA SER J 238 -16.74 20.99 -51.97
C SER J 238 -16.10 21.35 -53.30
N GLN J 239 -15.63 20.36 -54.05
CA GLN J 239 -14.93 20.60 -55.30
C GLN J 239 -15.86 20.85 -56.48
N HIS J 240 -17.17 20.77 -56.29
CA HIS J 240 -18.13 20.96 -57.37
C HIS J 240 -19.20 21.99 -57.01
N LEU J 241 -18.86 22.92 -56.12
CA LEU J 241 -19.79 23.99 -55.79
C LEU J 241 -20.05 24.89 -57.00
N HIS J 242 -19.01 25.14 -57.81
CA HIS J 242 -19.18 25.93 -59.02
C HIS J 242 -20.12 25.25 -60.00
N GLU J 243 -20.06 23.91 -60.08
CA GLU J 243 -20.94 23.19 -60.98
C GLU J 243 -22.40 23.38 -60.61
N PHE J 244 -22.72 23.28 -59.32
CA PHE J 244 -24.09 23.45 -58.85
C PHE J 244 -24.06 23.86 -57.38
N PRO J 245 -24.89 24.81 -56.97
CA PRO J 245 -24.88 25.22 -55.56
C PRO J 245 -25.43 24.13 -54.65
N LEU J 246 -24.95 24.14 -53.41
CA LEU J 246 -25.38 23.18 -52.40
C LEU J 246 -25.41 23.86 -51.05
N ILE J 247 -26.50 23.63 -50.30
CA ILE J 247 -26.66 24.16 -48.95
C ILE J 247 -27.14 23.04 -48.05
N LEU J 248 -26.64 23.02 -46.82
CA LEU J 248 -26.94 21.96 -45.87
C LEU J 248 -27.76 22.52 -44.70
N ILE J 249 -28.75 21.75 -44.27
CA ILE J 249 -29.56 22.07 -43.10
C ILE J 249 -29.40 20.93 -42.10
N PHE J 250 -28.99 21.26 -40.88
CA PHE J 250 -28.72 20.28 -39.84
C PHE J 250 -29.77 20.36 -38.76
N GLY J 251 -30.39 19.21 -38.46
CA GLY J 251 -31.30 19.10 -37.34
C GLY J 251 -30.69 18.26 -36.23
N ILE J 252 -30.37 18.89 -35.10
CA ILE J 252 -29.63 18.25 -34.02
C ILE J 252 -30.51 18.19 -32.79
N ALA J 253 -30.69 16.98 -32.23
CA ALA J 253 -31.49 16.81 -31.03
C ALA J 253 -30.72 17.22 -29.79
N THR J 254 -29.41 16.98 -29.77
CA THR J 254 -28.57 17.24 -28.61
C THR J 254 -28.01 18.66 -28.76
N SER J 255 -27.08 19.05 -27.88
CA SER J 255 -26.47 20.37 -27.98
C SER J 255 -25.62 20.47 -29.25
N PRO J 256 -25.42 21.69 -29.76
CA PRO J 256 -24.64 21.85 -31.00
C PRO J 256 -23.19 21.39 -30.87
N ILE J 257 -22.69 21.15 -29.66
CA ILE J 257 -21.30 20.73 -29.47
C ILE J 257 -21.02 19.43 -30.21
N ILE J 258 -22.05 18.60 -30.45
CA ILE J 258 -21.85 17.28 -31.03
C ILE J 258 -21.24 17.36 -32.42
N ILE J 259 -21.45 18.48 -33.14
CA ILE J 259 -20.91 18.58 -34.49
C ILE J 259 -19.39 18.57 -34.48
N HIS J 260 -18.78 19.08 -33.40
CA HIS J 260 -17.33 19.07 -33.30
C HIS J 260 -16.77 17.67 -33.04
N ARG J 261 -17.59 16.76 -32.51
CA ARG J 261 -17.15 15.41 -32.21
C ARG J 261 -17.40 14.43 -33.34
N LEU J 262 -17.98 14.89 -34.45
CA LEU J 262 -18.32 14.03 -35.58
C LEU J 262 -17.47 14.29 -36.82
N LEU J 263 -17.09 15.54 -37.07
CA LEU J 263 -16.35 15.90 -38.27
C LEU J 263 -14.94 16.32 -37.91
N PRO J 264 -13.91 15.68 -38.47
CA PRO J 264 -12.54 16.19 -38.28
C PRO J 264 -12.40 17.60 -38.85
N HIS J 265 -11.49 18.35 -38.24
CA HIS J 265 -11.34 19.76 -38.60
C HIS J 265 -10.97 19.95 -40.06
N ALA J 266 -10.24 19.00 -40.65
CA ALA J 266 -9.92 19.07 -42.07
C ALA J 266 -11.19 19.11 -42.92
N VAL J 267 -12.25 18.46 -42.46
CA VAL J 267 -13.55 18.54 -43.13
C VAL J 267 -14.38 19.70 -42.59
N SER J 268 -14.29 19.97 -41.28
CA SER J 268 -15.07 21.05 -40.69
C SER J 268 -14.65 22.42 -41.21
N SER J 269 -13.39 22.56 -41.63
CA SER J 269 -12.89 23.86 -42.11
C SER J 269 -13.54 24.29 -43.41
N LEU J 270 -14.24 23.39 -44.11
CA LEU J 270 -14.86 23.70 -45.40
C LEU J 270 -16.30 24.17 -45.26
N LEU J 271 -16.82 24.30 -44.04
CA LEU J 271 -18.21 24.64 -43.80
C LEU J 271 -18.31 25.97 -43.05
N CYS J 272 -19.28 26.79 -43.46
CA CYS J 272 -19.61 28.04 -42.79
C CYS J 272 -20.92 27.82 -42.04
N ILE J 273 -20.80 27.36 -40.80
CA ILE J 273 -21.96 26.93 -40.02
C ILE J 273 -22.56 28.13 -39.30
N GLU J 274 -23.88 28.14 -39.18
CA GLU J 274 -24.61 29.18 -38.46
C GLU J 274 -25.73 28.51 -37.68
N LEU J 275 -26.07 29.08 -36.53
CA LEU J 275 -26.89 28.41 -35.52
C LEU J 275 -28.24 29.10 -35.37
N PHE J 276 -29.32 28.31 -35.50
CA PHE J 276 -30.66 28.69 -35.08
C PHE J 276 -31.12 27.77 -33.94
N GLN J 277 -32.18 28.20 -33.26
CA GLN J 277 -32.79 27.44 -32.18
C GLN J 277 -34.31 27.47 -32.34
N SER J 278 -34.96 26.40 -31.89
CA SER J 278 -36.39 26.22 -32.09
C SER J 278 -37.17 26.49 -30.81
N LEU J 279 -38.49 26.42 -30.90
CA LEU J 279 -39.36 26.72 -29.78
C LEU J 279 -39.26 25.66 -28.71
N SER J 280 -39.34 26.10 -27.45
CA SER J 280 -39.34 25.19 -26.32
C SER J 280 -40.68 24.46 -26.23
N CYS J 281 -40.63 23.22 -25.74
CA CYS J 281 -41.84 22.40 -25.65
C CYS J 281 -42.80 22.92 -24.58
N LYS J 282 -42.27 23.49 -23.49
CA LYS J 282 -43.14 23.94 -22.39
C LYS J 282 -44.05 25.08 -22.85
N GLU J 283 -43.51 26.05 -23.59
CA GLU J 283 -44.35 27.14 -24.10
C GLU J 283 -45.40 26.61 -25.06
N HIS J 284 -45.02 25.64 -25.90
CA HIS J 284 -45.98 25.01 -26.80
C HIS J 284 -47.11 24.36 -26.02
N LEU J 285 -46.78 23.62 -24.95
CA LEU J 285 -47.81 22.99 -24.14
C LEU J 285 -48.73 24.03 -23.50
N THR J 286 -48.14 25.12 -22.97
CA THR J 286 -48.96 26.15 -22.35
C THR J 286 -49.91 26.78 -23.36
N THR J 287 -49.43 27.08 -24.57
CA THR J 287 -50.30 27.66 -25.59
C THR J 287 -51.41 26.69 -25.98
N VAL J 288 -51.08 25.41 -26.16
CA VAL J 288 -52.10 24.43 -26.53
C VAL J 288 -53.15 24.29 -25.42
N LEU J 289 -52.70 24.23 -24.17
CA LEU J 289 -53.62 24.09 -23.05
C LEU J 289 -54.54 25.31 -22.94
N ASP J 290 -53.98 26.51 -23.12
CA ASP J 290 -54.79 27.72 -23.07
C ASP J 290 -55.80 27.75 -24.20
N LYS J 291 -55.39 27.35 -25.41
CA LYS J 291 -56.26 27.47 -26.57
C LYS J 291 -57.35 26.40 -26.62
N LEU J 292 -57.08 25.20 -26.09
CA LEU J 292 -57.98 24.08 -26.31
C LEU J 292 -58.75 23.63 -25.07
N LEU J 293 -58.34 24.04 -23.88
CA LEU J 293 -59.07 23.59 -22.69
C LEU J 293 -59.58 24.73 -21.83
N LEU J 294 -58.85 25.84 -21.74
CA LEU J 294 -59.26 26.99 -20.94
C LEU J 294 -60.15 27.95 -21.72
N THR J 295 -60.58 27.58 -22.91
CA THR J 295 -61.47 28.41 -23.72
C THR J 295 -62.91 27.94 -23.57
N THR J 296 -63.81 28.78 -24.07
CA THR J 296 -65.25 28.54 -23.98
C THR J 296 -65.84 27.96 -25.26
N GLN J 297 -64.99 27.66 -26.25
CA GLN J 297 -65.47 27.21 -27.56
C GLN J 297 -65.73 25.71 -27.62
N PHE J 298 -65.41 24.97 -26.56
CA PHE J 298 -65.57 23.53 -26.55
C PHE J 298 -66.36 23.11 -25.31
N PRO J 299 -67.42 22.31 -25.47
CA PRO J 299 -68.26 21.98 -24.31
C PRO J 299 -67.66 20.95 -23.35
N PHE J 300 -66.70 20.15 -23.81
CA PHE J 300 -66.15 19.09 -22.97
C PHE J 300 -65.13 19.65 -21.97
N LYS J 301 -65.17 19.11 -20.75
CA LYS J 301 -64.22 19.47 -19.71
C LYS J 301 -63.75 18.19 -19.01
N ILE J 302 -62.70 18.33 -18.21
CA ILE J 302 -62.00 17.19 -17.61
C ILE J 302 -61.88 17.40 -16.11
N ASN J 303 -62.01 16.31 -15.35
CA ASN J 303 -61.78 16.36 -13.92
C ASN J 303 -60.28 16.51 -13.62
N GLU J 304 -59.97 16.74 -12.35
CA GLU J 304 -58.59 17.05 -11.96
C GLU J 304 -57.67 15.84 -12.06
N LYS J 305 -58.18 14.63 -11.79
CA LYS J 305 -57.32 13.45 -11.75
C LYS J 305 -56.66 13.18 -13.10
N VAL J 306 -57.44 13.26 -14.17
CA VAL J 306 -56.90 13.02 -15.50
C VAL J 306 -55.88 14.10 -15.88
N LEU J 307 -56.17 15.35 -15.53
CA LEU J 307 -55.20 16.41 -15.81
C LEU J 307 -53.89 16.15 -15.09
N GLN J 308 -53.96 15.74 -13.81
CA GLN J 308 -52.72 15.47 -13.07
C GLN J 308 -51.95 14.30 -13.66
N VAL J 309 -52.65 13.22 -14.04
CA VAL J 309 -51.92 12.07 -14.56
C VAL J 309 -51.29 12.38 -15.92
N LEU J 310 -52.02 13.10 -16.78
CA LEU J 310 -51.45 13.48 -18.07
C LEU J 310 -50.27 14.42 -17.90
N THR J 311 -50.38 15.39 -16.98
CA THR J 311 -49.26 16.29 -16.73
C THR J 311 -48.05 15.54 -16.18
N ASN J 312 -48.29 14.58 -15.28
CA ASN J 312 -47.20 13.76 -14.76
C ASN J 312 -46.49 13.01 -15.88
N ILE J 313 -47.27 12.34 -16.74
CA ILE J 313 -46.68 11.60 -17.85
C ILE J 313 -45.86 12.53 -18.74
N PHE J 314 -46.46 13.66 -19.13
CA PHE J 314 -45.78 14.59 -20.02
C PHE J 314 -44.47 15.10 -19.41
N LEU J 315 -44.54 15.61 -18.18
CA LEU J 315 -43.39 16.27 -17.57
C LEU J 315 -42.33 15.27 -17.09
N TYR J 316 -42.68 14.00 -16.92
CA TYR J 316 -41.71 13.05 -16.42
C TYR J 316 -41.15 12.12 -17.49
N HIS J 317 -41.78 11.99 -18.65
CA HIS J 317 -41.39 10.93 -19.59
C HIS J 317 -40.89 11.46 -20.92
N ASP J 318 -41.67 12.23 -21.66
CA ASP J 318 -41.37 12.48 -23.07
C ASP J 318 -41.35 13.95 -23.48
N PHE J 319 -42.03 14.84 -22.77
CA PHE J 319 -42.16 16.25 -23.18
C PHE J 319 -42.78 16.35 -24.58
N SER J 320 -43.71 15.46 -24.90
CA SER J 320 -44.33 15.41 -26.21
C SER J 320 -45.79 15.83 -26.12
N VAL J 321 -46.25 16.53 -27.15
CA VAL J 321 -47.63 17.01 -27.18
C VAL J 321 -48.57 16.03 -27.86
N GLN J 322 -48.08 15.23 -28.81
CA GLN J 322 -48.94 14.27 -29.50
C GLN J 322 -49.47 13.21 -28.55
N ASN J 323 -48.66 12.77 -27.58
CA ASN J 323 -49.15 11.83 -26.59
C ASN J 323 -50.27 12.44 -25.76
N PHE J 324 -50.14 13.71 -25.40
CA PHE J 324 -51.19 14.41 -24.66
C PHE J 324 -52.47 14.51 -25.49
N ILE J 325 -52.33 14.81 -26.79
CA ILE J 325 -53.50 14.87 -27.66
C ILE J 325 -54.17 13.50 -27.76
N LYS J 326 -53.36 12.43 -27.84
CA LYS J 326 -53.91 11.09 -27.86
C LYS J 326 -54.68 10.77 -26.58
N GLY J 327 -54.13 11.17 -25.43
CA GLY J 327 -54.84 10.97 -24.18
C GLY J 327 -56.15 11.73 -24.13
N LEU J 328 -56.15 12.98 -24.62
CA LEU J 328 -57.39 13.76 -24.68
C LEU J 328 -58.43 13.09 -25.57
N GLN J 329 -58.00 12.60 -26.75
CA GLN J 329 -58.93 11.95 -27.65
C GLN J 329 -59.51 10.67 -27.05
N LEU J 330 -58.65 9.88 -26.38
CA LEU J 330 -59.14 8.67 -25.72
C LEU J 330 -60.13 9.01 -24.61
N SER J 331 -59.85 10.09 -23.86
CA SER J 331 -60.79 10.52 -22.83
C SER J 331 -62.14 10.89 -23.42
N LEU J 332 -62.15 11.63 -24.53
CA LEU J 332 -63.40 11.97 -25.19
C LEU J 332 -64.14 10.73 -25.66
N LEU J 333 -63.41 9.78 -26.26
CA LEU J 333 -64.03 8.55 -26.77
C LEU J 333 -64.66 7.76 -25.63
N GLU J 334 -63.93 7.61 -24.51
CA GLU J 334 -64.47 6.86 -23.38
C GLU J 334 -65.64 7.58 -22.74
N HIS J 335 -65.61 8.91 -22.70
CA HIS J 335 -66.74 9.66 -22.16
C HIS J 335 -68.00 9.45 -22.99
N PHE J 336 -67.87 9.48 -24.32
CA PHE J 336 -69.04 9.23 -25.16
C PHE J 336 -69.45 7.76 -25.17
N TYR J 337 -68.54 6.84 -24.87
CA TYR J 337 -68.93 5.43 -24.77
C TYR J 337 -69.68 5.16 -23.48
N SER J 338 -69.27 5.79 -22.38
CA SER J 338 -69.80 5.44 -21.06
C SER J 338 -71.17 6.05 -20.82
N GLN J 339 -71.25 7.37 -20.84
CA GLN J 339 -72.47 8.07 -20.41
C GLN J 339 -73.47 8.12 -21.56
N PRO J 340 -74.65 7.50 -21.42
CA PRO J 340 -75.70 7.70 -22.43
C PRO J 340 -76.18 9.13 -22.52
N LEU J 341 -76.18 9.86 -21.40
CA LEU J 341 -76.65 11.24 -21.35
C LEU J 341 -75.64 12.23 -21.94
N SER J 342 -74.45 11.77 -22.30
CA SER J 342 -73.44 12.66 -22.91
C SER J 342 -73.81 13.10 -24.32
N VAL J 343 -75.00 12.75 -24.80
CA VAL J 343 -75.42 13.17 -26.14
C VAL J 343 -75.50 14.68 -26.25
N LEU J 344 -75.76 15.36 -25.14
CA LEU J 344 -75.84 16.83 -25.13
C LEU J 344 -74.46 17.45 -25.36
N LEU J 348 -73.71 24.80 -28.11
CA LEU J 348 -74.70 25.17 -27.10
C LEU J 348 -76.16 25.05 -27.61
N PRO J 349 -76.50 25.69 -28.73
CA PRO J 349 -77.90 25.58 -29.21
C PRO J 349 -78.31 24.15 -29.55
N GLU J 350 -77.36 23.29 -29.89
CA GLU J 350 -77.68 21.90 -30.19
C GLU J 350 -78.30 21.22 -28.97
N ALA J 351 -77.68 21.41 -27.80
CA ALA J 351 -78.26 20.88 -26.56
C ALA J 351 -79.57 21.56 -26.23
N LYS J 352 -79.71 22.84 -26.58
CA LYS J 352 -80.97 23.53 -26.35
C LYS J 352 -82.10 22.87 -27.11
N ARG J 353 -81.86 22.53 -28.38
CA ARG J 353 -82.88 21.86 -29.19
C ARG J 353 -83.01 20.38 -28.86
N ARG J 354 -81.91 19.72 -28.48
CA ARG J 354 -81.95 18.30 -28.19
C ARG J 354 -82.75 17.97 -26.94
N ILE J 355 -82.96 18.94 -26.05
CA ILE J 355 -83.73 18.70 -24.83
C ILE J 355 -85.18 18.35 -25.17
N ASN J 356 -85.74 19.00 -26.19
CA ASN J 356 -87.14 18.76 -26.54
C ASN J 356 -87.38 17.33 -26.98
N PHE J 357 -86.36 16.66 -27.56
CA PHE J 357 -86.50 15.31 -28.06
C PHE J 357 -86.06 14.25 -27.05
N LEU J 358 -86.17 14.54 -25.76
CA LEU J 358 -85.71 13.62 -24.73
C LEU J 358 -86.71 12.48 -24.56
N SER J 359 -86.20 11.32 -24.14
CA SER J 359 -86.99 10.12 -23.99
C SER J 359 -87.25 9.82 -22.51
N ASN J 360 -88.33 9.06 -22.26
CA ASN J 360 -88.75 8.80 -20.89
C ASN J 360 -87.71 8.01 -20.11
N ASN J 361 -87.09 7.02 -20.74
CA ASN J 361 -86.03 6.26 -20.07
C ASN J 361 -84.85 7.17 -19.73
N GLN J 362 -84.53 8.11 -20.61
CA GLN J 362 -83.51 9.10 -20.31
C GLN J 362 -83.96 10.06 -19.21
N CYS J 363 -85.26 10.37 -19.16
CA CYS J 363 -85.79 11.17 -18.06
C CYS J 363 -85.56 10.46 -16.73
N GLU J 364 -85.81 9.15 -16.68
CA GLU J 364 -85.51 8.38 -15.48
C GLU J 364 -84.01 8.37 -15.21
N ASN J 365 -83.20 8.29 -16.25
CA ASN J 365 -81.75 8.32 -16.08
C ASN J 365 -81.29 9.66 -15.49
N ILE J 366 -81.88 10.76 -15.96
CA ILE J 366 -81.57 12.07 -15.37
C ILE J 366 -82.05 12.11 -13.92
N ARG J 367 -83.19 11.50 -13.64
CA ARG J 367 -83.70 11.42 -12.27
C ARG J 367 -82.76 10.67 -11.34
N ARG J 368 -81.87 9.83 -11.90
CA ARG J 368 -80.99 8.98 -11.13
C ARG J 368 -79.64 9.64 -10.82
N LEU J 369 -79.38 10.83 -11.34
CA LEU J 369 -78.05 11.44 -11.19
C LEU J 369 -77.80 11.81 -9.73
N PRO J 370 -76.56 11.64 -9.24
CA PRO J 370 -76.26 11.98 -7.84
C PRO J 370 -76.31 13.48 -7.58
N SER J 371 -75.70 14.28 -8.47
CA SER J 371 -75.79 15.72 -8.33
C SER J 371 -77.23 16.19 -8.46
N PHE J 372 -77.97 15.60 -9.40
CA PHE J 372 -79.38 15.95 -9.56
C PHE J 372 -80.19 15.59 -8.31
N ARG J 373 -79.93 14.42 -7.72
CA ARG J 373 -80.69 14.05 -6.54
C ARG J 373 -80.32 14.92 -5.34
N ARG J 374 -79.06 15.33 -5.21
CA ARG J 374 -78.72 16.28 -4.16
C ARG J 374 -79.40 17.62 -4.37
N TYR J 375 -79.45 18.10 -5.62
CA TYR J 375 -80.13 19.36 -5.90
C TYR J 375 -81.61 19.26 -5.60
N VAL J 376 -82.23 18.12 -5.94
CA VAL J 376 -83.64 17.92 -5.63
C VAL J 376 -83.86 17.89 -4.12
N GLU J 377 -82.97 17.23 -3.39
CA GLU J 377 -83.05 17.25 -1.93
C GLU J 377 -82.90 18.67 -1.39
N LYS J 378 -82.13 19.51 -2.06
CA LYS J 378 -81.99 20.91 -1.64
C LYS J 378 -83.32 21.65 -1.76
N GLN J 379 -84.09 21.38 -2.81
CA GLN J 379 -85.33 22.09 -3.05
C GLN J 379 -86.44 21.56 -2.12
N ALA J 380 -87.60 22.19 -2.20
CA ALA J 380 -88.72 21.88 -1.32
C ALA J 380 -89.38 20.56 -1.72
N SER J 381 -90.23 20.05 -0.83
CA SER J 381 -90.91 18.79 -1.07
C SER J 381 -91.87 18.89 -2.26
N GLU J 382 -92.60 19.99 -2.38
CA GLU J 382 -93.50 20.16 -3.50
C GLU J 382 -92.75 20.19 -4.82
N LYS J 383 -91.65 20.97 -4.87
CA LYS J 383 -90.79 20.96 -6.05
C LYS J 383 -90.17 19.59 -6.26
N GLN J 384 -89.85 18.88 -5.18
CA GLN J 384 -89.34 17.52 -5.29
C GLN J 384 -90.31 16.62 -6.03
N VAL J 385 -91.58 16.63 -5.61
CA VAL J 385 -92.59 15.80 -6.25
C VAL J 385 -92.80 16.24 -7.69
N ALA J 386 -92.84 17.54 -7.94
CA ALA J 386 -93.04 18.04 -9.30
C ALA J 386 -91.92 17.58 -10.22
N LEU J 387 -90.66 17.66 -9.76
CA LEU J 387 -89.54 17.19 -10.57
C LEU J 387 -89.58 15.69 -10.78
N LEU J 388 -89.93 14.93 -9.72
CA LEU J 388 -89.92 13.48 -9.84
C LEU J 388 -91.08 12.94 -10.67
N THR J 389 -92.15 13.72 -10.86
CA THR J 389 -93.31 13.26 -11.60
C THR J 389 -93.44 13.88 -12.99
N ASN J 390 -93.21 15.18 -13.13
CA ASN J 390 -93.41 15.86 -14.40
C ASN J 390 -92.14 15.79 -15.26
N GLU J 391 -92.33 15.86 -16.57
CA GLU J 391 -91.25 15.76 -17.53
C GLU J 391 -90.89 17.08 -18.19
N ARG J 392 -91.88 17.81 -18.70
CA ARG J 392 -91.60 19.08 -19.39
C ARG J 392 -91.01 20.11 -18.43
N TYR J 393 -91.54 20.18 -17.21
CA TYR J 393 -90.95 21.04 -16.19
C TYR J 393 -89.52 20.61 -15.88
N LEU J 394 -89.29 19.30 -15.82
CA LEU J 394 -87.93 18.79 -15.63
C LEU J 394 -87.02 19.22 -16.78
N LYS J 395 -87.52 19.14 -18.01
CA LYS J 395 -86.72 19.57 -19.17
C LYS J 395 -86.37 21.04 -19.08
N GLU J 396 -87.35 21.88 -18.73
CA GLU J 396 -87.10 23.31 -18.64
C GLU J 396 -86.12 23.63 -17.52
N GLU J 397 -86.25 22.98 -16.37
CA GLU J 397 -85.34 23.24 -15.26
C GLU J 397 -83.92 22.76 -15.59
N THR J 398 -83.79 21.62 -16.25
CA THR J 398 -82.47 21.15 -16.67
C THR J 398 -81.87 22.11 -17.70
N GLN J 399 -82.71 22.67 -18.58
CA GLN J 399 -82.25 23.68 -19.53
C GLN J 399 -81.70 24.90 -18.80
N LEU J 400 -82.42 25.38 -17.78
CA LEU J 400 -81.96 26.51 -17.00
C LEU J 400 -80.65 26.19 -16.29
N LEU J 401 -80.54 24.99 -15.73
CA LEU J 401 -79.30 24.59 -15.06
C LEU J 401 -78.13 24.53 -16.05
N LEU J 402 -78.40 24.06 -17.27
CA LEU J 402 -77.35 24.03 -18.29
C LEU J 402 -76.89 25.45 -18.64
N GLU J 403 -77.83 26.39 -18.76
CA GLU J 403 -77.44 27.78 -18.99
C GLU J 403 -76.62 28.32 -17.83
N ASN J 404 -77.01 28.00 -16.60
CA ASN J 404 -76.24 28.43 -15.43
C ASN J 404 -74.84 27.86 -15.45
N LEU J 405 -74.70 26.58 -15.83
CA LEU J 405 -73.38 25.97 -15.94
C LEU J 405 -72.55 26.66 -17.02
N HIS J 406 -73.18 27.03 -18.14
CA HIS J 406 -72.48 27.78 -19.17
C HIS J 406 -71.94 29.09 -18.63
N VAL J 407 -72.78 29.84 -17.93
CA VAL J 407 -72.36 31.13 -17.36
C VAL J 407 -71.22 30.92 -16.36
N TYR J 408 -71.33 29.87 -15.54
CA TYR J 408 -70.27 29.57 -14.58
C TYR J 408 -68.96 29.26 -15.28
N HIS J 409 -69.00 28.50 -16.38
CA HIS J 409 -67.79 28.24 -17.13
C HIS J 409 -67.18 29.53 -17.66
N MET J 410 -68.03 30.41 -18.21
CA MET J 410 -67.54 31.67 -18.77
C MET J 410 -66.81 32.48 -17.71
N ASN J 411 -67.48 32.74 -16.58
CA ASN J 411 -66.89 33.64 -15.60
C ASN J 411 -65.72 32.98 -14.87
N TYR J 412 -65.75 31.66 -14.70
CA TYR J 412 -64.60 30.96 -14.14
C TYR J 412 -63.37 31.14 -15.01
N PHE J 413 -63.50 30.92 -16.32
CA PHE J 413 -62.34 31.10 -17.20
C PHE J 413 -61.84 32.54 -17.18
N LEU J 414 -62.76 33.52 -17.25
CA LEU J 414 -62.33 34.91 -17.27
C LEU J 414 -61.63 35.30 -15.97
N VAL J 415 -62.20 34.90 -14.83
CA VAL J 415 -61.61 35.26 -13.54
C VAL J 415 -60.26 34.60 -13.37
N LEU J 416 -60.13 33.33 -13.77
CA LEU J 416 -58.84 32.66 -13.65
C LEU J 416 -57.78 33.33 -14.52
N ARG J 417 -58.15 33.72 -15.74
CA ARG J 417 -57.19 34.39 -16.61
C ARG J 417 -56.75 35.72 -16.01
N CYS J 418 -57.70 36.50 -15.50
CA CYS J 418 -57.34 37.77 -14.86
C CYS J 418 -56.45 37.56 -13.64
N LEU J 419 -56.76 36.55 -12.83
CA LEU J 419 -55.97 36.27 -11.63
C LEU J 419 -54.55 35.87 -12.00
N HIS J 420 -54.39 35.04 -13.03
CA HIS J 420 -53.03 34.69 -13.47
C HIS J 420 -52.30 35.91 -13.99
N LYS J 421 -53.01 36.82 -14.66
CA LYS J 421 -52.39 38.08 -15.07
C LYS J 421 -51.89 38.87 -13.86
N PHE J 422 -52.68 38.91 -12.79
CA PHE J 422 -52.19 39.51 -11.54
C PHE J 422 -51.03 38.73 -10.97
N THR J 423 -51.11 37.40 -11.01
CA THR J 423 -50.11 36.55 -10.35
C THR J 423 -48.80 36.48 -11.13
N SER J 424 -48.82 36.77 -12.43
CA SER J 424 -47.64 36.54 -13.26
C SER J 424 -46.45 37.39 -12.84
N SER J 425 -46.70 38.57 -12.26
CA SER J 425 -45.62 39.47 -11.87
C SER J 425 -45.19 39.30 -10.42
N LEU J 426 -45.77 38.36 -9.69
CA LEU J 426 -45.42 38.17 -8.28
C LEU J 426 -44.06 37.50 -8.16
N PRO J 427 -43.15 38.03 -7.34
CA PRO J 427 -41.84 37.40 -7.16
C PRO J 427 -41.96 36.05 -6.48
N LYS J 428 -41.02 35.16 -6.81
CA LYS J 428 -40.89 33.82 -6.24
C LYS J 428 -42.05 32.92 -6.63
N TYR J 429 -43.05 33.49 -7.32
CA TYR J 429 -44.22 32.78 -7.84
C TYR J 429 -44.82 31.83 -6.80
N PRO J 430 -45.47 32.35 -5.77
CA PRO J 430 -46.02 31.47 -4.72
C PRO J 430 -47.02 30.45 -5.23
N LEU J 431 -47.79 30.79 -6.26
CA LEU J 431 -48.84 29.90 -6.78
C LEU J 431 -48.54 29.46 -8.22
N GLY J 432 -47.27 29.44 -8.60
CA GLY J 432 -46.86 28.96 -9.90
C GLY J 432 -46.61 30.08 -10.89
N ARG J 433 -46.19 29.69 -12.09
CA ARG J 433 -45.85 30.61 -13.16
C ARG J 433 -46.85 30.60 -14.31
N GLN J 434 -47.31 29.43 -14.74
CA GLN J 434 -48.11 29.29 -15.94
C GLN J 434 -49.57 29.05 -15.57
N ILE J 435 -50.40 28.92 -16.62
CA ILE J 435 -51.83 28.69 -16.42
C ILE J 435 -52.09 27.35 -15.75
N ARG J 436 -51.36 26.31 -16.16
CA ARG J 436 -51.69 24.95 -15.75
C ARG J 436 -51.59 24.77 -14.24
N GLU J 437 -50.55 25.32 -13.61
CA GLU J 437 -50.33 25.09 -12.20
C GLU J 437 -51.40 25.78 -11.35
N LEU J 438 -51.68 27.05 -11.65
CA LEU J 438 -52.74 27.75 -10.94
C LEU J 438 -54.09 27.09 -11.19
N TYR J 439 -54.35 26.67 -12.42
CA TYR J 439 -55.61 26.03 -12.75
C TYR J 439 -55.80 24.73 -11.97
N CYS J 440 -54.75 23.91 -11.89
CA CYS J 440 -54.89 22.63 -11.20
C CYS J 440 -54.97 22.81 -9.69
N THR J 441 -54.21 23.77 -9.14
CA THR J 441 -54.31 24.02 -7.71
C THR J 441 -55.64 24.67 -7.32
N CYS J 442 -56.30 25.35 -8.26
CA CYS J 442 -57.66 25.82 -8.01
C CYS J 442 -58.67 24.69 -8.14
N LEU J 443 -58.45 23.78 -9.09
CA LEU J 443 -59.37 22.66 -9.27
C LEU J 443 -59.29 21.69 -8.10
N GLU J 444 -58.12 21.54 -7.49
CA GLU J 444 -57.96 20.59 -6.38
C GLU J 444 -58.89 20.94 -5.23
N LYS J 445 -58.68 22.10 -4.61
CA LYS J 445 -59.53 22.59 -3.53
C LYS J 445 -59.66 24.09 -3.66
N ASN J 446 -60.44 24.69 -2.77
CA ASN J 446 -60.56 26.14 -2.74
C ASN J 446 -59.22 26.75 -2.32
N ILE J 447 -58.76 27.73 -3.10
CA ILE J 447 -57.51 28.41 -2.75
C ILE J 447 -57.69 29.21 -1.47
N TRP J 448 -58.84 29.87 -1.32
CA TRP J 448 -59.06 30.77 -0.19
C TRP J 448 -59.09 30.04 1.15
N ASP J 449 -59.28 28.72 1.17
CA ASP J 449 -59.27 27.99 2.43
C ASP J 449 -57.87 27.61 2.89
N SER J 450 -56.83 27.95 2.13
CA SER J 450 -55.47 27.61 2.47
C SER J 450 -54.72 28.85 2.94
N GLU J 451 -53.77 28.63 3.85
CA GLU J 451 -52.92 29.73 4.34
C GLU J 451 -52.04 30.29 3.23
N GLU J 452 -51.75 29.51 2.20
CA GLU J 452 -51.00 30.03 1.06
C GLU J 452 -51.74 31.18 0.39
N TYR J 453 -53.08 31.16 0.41
CA TYR J 453 -53.84 32.28 -0.10
C TYR J 453 -53.56 33.55 0.70
N ALA J 454 -53.50 33.42 2.03
CA ALA J 454 -53.17 34.58 2.87
C ALA J 454 -51.75 35.06 2.60
N SER J 455 -50.81 34.14 2.40
CA SER J 455 -49.44 34.53 2.09
C SER J 455 -49.38 35.28 0.76
N VAL J 456 -50.12 34.81 -0.24
CA VAL J 456 -50.15 35.49 -1.53
C VAL J 456 -50.76 36.89 -1.37
N LEU J 457 -51.84 36.99 -0.60
CA LEU J 457 -52.47 38.30 -0.39
C LEU J 457 -51.53 39.27 0.30
N GLN J 458 -50.81 38.82 1.32
CA GLN J 458 -49.90 39.72 2.03
C GLN J 458 -48.66 40.04 1.21
N LEU J 459 -48.26 39.15 0.29
CA LEU J 459 -47.21 39.49 -0.67
C LEU J 459 -47.72 40.48 -1.70
N LEU J 460 -49.00 40.36 -2.09
CA LEU J 460 -49.59 41.30 -3.04
C LEU J 460 -49.65 42.70 -2.45
N ARG J 461 -49.83 42.81 -1.15
CA ARG J 461 -49.99 44.09 -0.45
C ARG J 461 -48.68 44.86 -0.30
N MET J 462 -47.57 44.39 -0.88
CA MET J 462 -46.28 45.07 -0.78
C MET J 462 -45.80 45.60 -2.14
N LEU J 463 -46.63 45.56 -3.17
CA LEU J 463 -46.20 45.95 -4.50
C LEU J 463 -46.01 47.46 -4.60
N ALA J 464 -45.03 47.87 -5.41
CA ALA J 464 -44.78 49.27 -5.68
C ALA J 464 -45.86 49.82 -6.60
N LYS J 465 -46.03 51.15 -6.55
CA LYS J 465 -47.10 51.79 -7.30
C LYS J 465 -46.90 51.67 -8.81
N ASP J 466 -45.66 51.79 -9.27
CA ASP J 466 -45.39 51.70 -10.70
C ASP J 466 -45.63 50.28 -11.22
N GLU J 467 -45.13 49.28 -10.50
CA GLU J 467 -45.41 47.90 -10.88
C GLU J 467 -46.89 47.57 -10.74
N LEU J 468 -47.55 48.13 -9.72
CA LEU J 468 -48.99 47.93 -9.57
C LEU J 468 -49.76 48.47 -10.75
N MET J 469 -49.39 49.67 -11.23
CA MET J 469 -50.11 50.24 -12.37
C MET J 469 -49.75 49.53 -13.67
N THR J 470 -48.54 48.98 -13.78
CA THR J 470 -48.22 48.16 -14.94
C THR J 470 -49.06 46.88 -14.95
N ILE J 471 -49.19 46.22 -13.80
CA ILE J 471 -50.05 45.04 -13.70
C ILE J 471 -51.49 45.41 -14.01
N LEU J 472 -51.94 46.56 -13.51
CA LEU J 472 -53.30 47.02 -13.80
C LEU J 472 -53.48 47.32 -15.27
N GLU J 473 -52.46 47.83 -15.95
CA GLU J 473 -52.55 48.07 -17.38
C GLU J 473 -52.66 46.76 -18.15
N LYS J 474 -51.89 45.74 -17.76
CA LYS J 474 -52.02 44.44 -18.40
C LYS J 474 -53.41 43.85 -18.17
N CYS J 475 -53.91 43.95 -16.94
CA CYS J 475 -55.25 43.44 -16.65
C CYS J 475 -56.31 44.22 -17.41
N PHE J 476 -56.12 45.54 -17.55
CA PHE J 476 -57.05 46.35 -18.33
C PHE J 476 -57.02 45.96 -19.81
N LYS J 477 -55.84 45.60 -20.32
CA LYS J 477 -55.77 45.04 -21.66
C LYS J 477 -56.61 43.77 -21.74
N VAL J 478 -56.53 42.91 -20.72
CA VAL J 478 -57.33 41.70 -20.70
C VAL J 478 -58.83 42.03 -20.70
N PHE J 479 -59.22 43.01 -19.87
CA PHE J 479 -60.63 43.43 -19.82
C PHE J 479 -61.11 43.94 -21.16
N LYS J 480 -60.32 44.81 -21.80
CA LYS J 480 -60.71 45.37 -23.09
C LYS J 480 -60.71 44.29 -24.17
N SER J 481 -59.91 43.24 -24.01
CA SER J 481 -59.87 42.18 -25.00
C SER J 481 -61.10 41.27 -24.90
N TYR J 482 -61.30 40.63 -23.73
CA TYR J 482 -62.35 39.63 -23.67
C TYR J 482 -63.17 39.63 -22.37
N CYS J 483 -63.08 40.67 -21.54
CA CYS J 483 -64.05 40.85 -20.46
C CYS J 483 -65.12 41.80 -20.97
N GLU J 484 -66.18 41.24 -21.55
CA GLU J 484 -67.13 42.01 -22.34
C GLU J 484 -68.54 42.04 -21.76
N ASN J 485 -68.89 41.14 -20.85
CA ASN J 485 -70.27 41.00 -20.40
C ASN J 485 -70.51 41.47 -18.97
N HIS J 486 -69.48 41.49 -18.12
CA HIS J 486 -69.69 41.80 -16.72
C HIS J 486 -68.55 42.64 -16.17
N LEU J 487 -68.90 43.60 -15.31
CA LEU J 487 -67.95 44.37 -14.50
C LEU J 487 -66.96 45.15 -15.37
N GLY J 488 -67.52 46.06 -16.18
CA GLY J 488 -66.70 47.13 -16.73
C GLY J 488 -66.35 48.18 -15.70
N SER J 489 -67.12 48.25 -14.62
CA SER J 489 -66.78 49.13 -13.51
C SER J 489 -65.43 48.77 -12.90
N THR J 490 -65.01 47.51 -13.02
CA THR J 490 -63.67 47.14 -12.57
C THR J 490 -62.60 47.91 -13.34
N ALA J 491 -62.72 47.91 -14.68
CA ALA J 491 -61.79 48.70 -15.48
C ALA J 491 -61.93 50.19 -15.22
N LYS J 492 -63.16 50.64 -14.94
CA LYS J 492 -63.37 52.05 -14.59
C LYS J 492 -62.62 52.40 -13.31
N ARG J 493 -62.69 51.54 -12.30
CA ARG J 493 -61.93 51.76 -11.07
C ARG J 493 -60.43 51.73 -11.34
N ILE J 494 -59.98 50.79 -12.16
CA ILE J 494 -58.56 50.70 -12.50
C ILE J 494 -58.10 52.02 -13.13
N GLU J 495 -58.91 52.59 -14.01
CA GLU J 495 -58.61 53.90 -14.55
C GLU J 495 -58.59 54.97 -13.46
N GLU J 496 -59.51 54.87 -12.51
CA GLU J 496 -59.56 55.86 -11.43
C GLU J 496 -58.29 55.84 -10.60
N PHE J 497 -57.78 54.65 -10.26
CA PHE J 497 -56.58 54.55 -9.44
C PHE J 497 -55.34 54.89 -10.26
N GLU J 549 -51.67 53.45 -0.13
CA GLU J 549 -51.89 52.20 0.58
C GLU J 549 -53.37 51.88 0.69
N VAL J 550 -54.18 52.91 0.96
CA VAL J 550 -55.62 52.71 1.09
C VAL J 550 -56.22 52.24 -0.23
N LEU J 551 -55.83 52.88 -1.34
CA LEU J 551 -56.33 52.47 -2.65
C LEU J 551 -55.83 51.06 -3.00
N ARG J 552 -54.58 50.76 -2.68
CA ARG J 552 -54.04 49.43 -2.93
C ARG J 552 -54.78 48.39 -2.09
N GLU J 553 -55.06 48.69 -0.83
CA GLU J 553 -55.81 47.77 0.01
C GLU J 553 -57.23 47.57 -0.51
N ASN J 554 -57.86 48.64 -0.99
CA ASN J 554 -59.19 48.51 -1.57
C ASN J 554 -59.18 47.61 -2.80
N VAL J 555 -58.17 47.78 -3.65
CA VAL J 555 -58.05 46.93 -4.84
C VAL J 555 -57.85 45.47 -4.43
N VAL J 556 -56.99 45.23 -3.44
CA VAL J 556 -56.73 43.87 -2.98
C VAL J 556 -58.00 43.25 -2.41
N ASN J 557 -58.75 44.02 -1.62
CA ASN J 557 -60.00 43.50 -1.06
C ASN J 557 -61.01 43.19 -2.14
N PHE J 558 -61.10 44.04 -3.16
CA PHE J 558 -62.02 43.77 -4.26
C PHE J 558 -61.62 42.51 -5.02
N ILE J 559 -60.32 42.33 -5.26
CA ILE J 559 -59.84 41.11 -5.91
C ILE J 559 -60.16 39.88 -5.06
N ASP J 560 -59.98 40.00 -3.74
CA ASP J 560 -60.31 38.90 -2.84
C ASP J 560 -61.79 38.56 -2.89
N CYS J 561 -62.65 39.58 -2.93
CA CYS J 561 -64.08 39.35 -3.04
C CYS J 561 -64.41 38.63 -4.35
N LEU J 562 -63.78 39.05 -5.45
CA LEU J 562 -63.98 38.34 -6.71
C LEU J 562 -63.55 36.89 -6.62
N VAL J 563 -62.41 36.64 -5.96
CA VAL J 563 -61.90 35.27 -5.85
C VAL J 563 -62.88 34.41 -5.07
N ARG J 564 -63.38 34.93 -3.94
CA ARG J 564 -64.35 34.16 -3.15
C ARG J 564 -65.65 33.94 -3.92
N GLU J 565 -66.09 34.94 -4.68
CA GLU J 565 -67.38 34.83 -5.36
C GLU J 565 -67.32 33.85 -6.54
N TYR J 566 -66.26 33.94 -7.35
CA TYR J 566 -66.27 33.28 -8.65
C TYR J 566 -65.42 32.02 -8.74
N LEU J 567 -64.43 31.85 -7.86
CA LEU J 567 -63.56 30.67 -7.91
C LEU J 567 -64.18 29.58 -7.05
N LEU J 568 -64.97 28.72 -7.68
CA LEU J 568 -65.63 27.61 -7.00
C LEU J 568 -65.44 26.33 -7.81
N PRO J 569 -65.30 25.19 -7.13
CA PRO J 569 -65.10 23.92 -7.85
C PRO J 569 -66.33 23.56 -8.66
N PRO J 570 -66.15 23.03 -9.87
CA PRO J 570 -67.31 22.59 -10.68
C PRO J 570 -68.08 21.44 -10.05
N GLU J 571 -67.46 20.67 -9.16
CA GLU J 571 -68.15 19.56 -8.50
C GLU J 571 -69.28 20.04 -7.60
N THR J 572 -69.28 21.31 -7.20
CA THR J 572 -70.30 21.85 -6.32
C THR J 572 -71.61 22.17 -7.04
N GLN J 573 -71.65 22.08 -8.36
CA GLN J 573 -72.85 22.40 -9.10
C GLN J 573 -73.49 21.14 -9.67
N PRO J 574 -74.82 21.10 -9.76
CA PRO J 574 -75.48 19.91 -10.31
C PRO J 574 -75.31 19.81 -11.81
N LEU J 575 -75.51 18.59 -12.32
CA LEU J 575 -75.44 18.26 -13.74
C LEU J 575 -74.05 18.47 -14.32
N HIS J 576 -73.03 18.52 -13.47
CA HIS J 576 -71.66 18.70 -13.96
C HIS J 576 -71.14 17.42 -14.63
N GLU J 577 -71.67 16.26 -14.24
CA GLU J 577 -71.15 14.99 -14.76
C GLU J 577 -71.37 14.84 -16.26
N VAL J 578 -72.24 15.64 -16.85
CA VAL J 578 -72.49 15.55 -18.29
C VAL J 578 -71.23 15.97 -19.06
N VAL J 579 -70.49 16.94 -18.54
CA VAL J 579 -69.35 17.51 -19.27
C VAL J 579 -68.05 17.23 -18.53
N TYR J 580 -67.98 16.13 -17.79
CA TYR J 580 -66.77 15.76 -17.07
C TYR J 580 -66.60 14.25 -17.10
N PHE J 581 -65.33 13.82 -17.00
CA PHE J 581 -64.96 12.42 -17.03
C PHE J 581 -64.07 12.12 -15.83
N SER J 582 -64.27 10.96 -15.20
CA SER J 582 -63.60 10.67 -13.94
C SER J 582 -62.97 9.29 -13.83
N ALA J 583 -63.04 8.45 -14.86
CA ALA J 583 -62.48 7.10 -14.80
C ALA J 583 -60.98 7.15 -15.15
N ALA J 584 -60.20 7.67 -14.20
CA ALA J 584 -58.78 7.87 -14.43
C ALA J 584 -57.98 6.58 -14.32
N HIS J 585 -58.40 5.66 -13.45
CA HIS J 585 -57.64 4.43 -13.25
C HIS J 585 -57.62 3.58 -14.52
N ALA J 586 -58.75 3.51 -15.23
CA ALA J 586 -58.77 2.80 -16.50
C ALA J 586 -57.84 3.46 -17.51
N LEU J 587 -57.78 4.79 -17.51
CA LEU J 587 -56.86 5.50 -18.40
C LEU J 587 -55.41 5.15 -18.07
N ARG J 588 -55.07 5.12 -16.79
CA ARG J 588 -53.74 4.69 -16.37
C ARG J 588 -53.42 3.29 -16.87
N GLU J 589 -54.33 2.35 -16.61
CA GLU J 589 -54.07 0.95 -16.95
C GLU J 589 -54.11 0.70 -18.46
N HIS J 590 -54.70 1.61 -19.23
CA HIS J 590 -54.75 1.45 -20.68
C HIS J 590 -53.63 2.21 -21.39
N LEU J 591 -53.02 3.20 -20.75
CA LEU J 591 -51.91 3.93 -21.33
C LEU J 591 -50.57 3.59 -20.70
N ASN J 592 -50.48 3.60 -19.38
CA ASN J 592 -49.24 3.27 -18.67
C ASN J 592 -49.43 1.90 -18.02
N ALA J 593 -49.12 0.85 -18.78
CA ALA J 593 -49.24 -0.51 -18.30
C ALA J 593 -48.08 -0.86 -17.36
N ALA J 594 -48.32 -1.82 -16.48
CA ALA J 594 -47.32 -2.31 -15.53
C ALA J 594 -47.27 -3.83 -15.64
N PRO J 595 -46.65 -4.36 -16.70
CA PRO J 595 -46.63 -5.81 -16.88
C PRO J 595 -46.00 -6.57 -15.72
N ARG J 596 -44.91 -6.04 -15.15
CA ARG J 596 -44.27 -6.71 -14.03
C ARG J 596 -45.19 -6.75 -12.81
N ILE J 597 -45.83 -5.61 -12.50
CA ILE J 597 -46.71 -5.55 -11.34
C ILE J 597 -47.90 -6.48 -11.51
N ALA J 598 -48.52 -6.46 -12.69
CA ALA J 598 -49.65 -7.34 -12.95
C ALA J 598 -49.26 -8.81 -12.89
N LEU J 599 -48.12 -9.16 -13.48
CA LEU J 599 -47.67 -10.54 -13.45
C LEU J 599 -47.35 -11.00 -12.04
N HIS J 600 -46.71 -10.14 -11.25
CA HIS J 600 -46.39 -10.50 -9.86
C HIS J 600 -47.67 -10.62 -9.02
N THR J 601 -48.65 -9.76 -9.28
CA THR J 601 -49.94 -9.88 -8.59
C THR J 601 -50.62 -11.19 -8.94
N ALA J 602 -50.59 -11.57 -10.22
CA ALA J 602 -51.17 -12.85 -10.63
C ALA J 602 -50.44 -14.02 -9.97
N LEU J 603 -49.12 -13.93 -9.88
CA LEU J 603 -48.34 -15.05 -9.34
C LEU J 603 -48.49 -15.17 -7.83
N ASN J 604 -48.51 -14.04 -7.12
CA ASN J 604 -48.43 -14.05 -5.66
C ASN J 604 -49.78 -14.39 -5.02
N ASN J 605 -50.81 -13.60 -5.34
CA ASN J 605 -52.12 -13.71 -4.69
C ASN J 605 -53.22 -13.89 -5.72
N PRO J 606 -53.37 -15.10 -6.27
CA PRO J 606 -54.45 -15.36 -7.23
C PRO J 606 -55.85 -15.27 -6.63
N TYR J 607 -55.97 -15.06 -5.32
CA TYR J 607 -57.28 -14.85 -4.72
C TYR J 607 -57.99 -13.65 -5.32
N TYR J 608 -57.24 -12.58 -5.59
CA TYR J 608 -57.83 -11.37 -6.18
C TYR J 608 -58.43 -11.65 -7.55
N TYR J 609 -57.98 -12.71 -8.24
CA TYR J 609 -58.54 -13.09 -9.53
C TYR J 609 -59.55 -14.21 -9.44
N LEU J 610 -59.57 -14.97 -8.35
CA LEU J 610 -60.41 -16.15 -8.23
C LEU J 610 -61.44 -16.07 -7.10
N LYS J 611 -61.15 -15.32 -6.03
CA LYS J 611 -62.05 -15.18 -4.90
C LYS J 611 -62.39 -16.54 -4.28
N ASN J 612 -61.39 -17.42 -4.20
CA ASN J 612 -61.56 -18.74 -3.60
C ASN J 612 -60.96 -18.70 -2.20
N GLU J 613 -61.80 -18.95 -1.19
CA GLU J 613 -61.37 -18.85 0.20
C GLU J 613 -60.22 -19.79 0.53
N ALA J 614 -60.04 -20.85 -0.25
CA ALA J 614 -58.92 -21.76 -0.03
C ALA J 614 -57.56 -21.07 -0.21
N LEU J 615 -57.52 -19.94 -0.92
CA LEU J 615 -56.28 -19.21 -1.12
C LEU J 615 -56.02 -18.16 -0.05
N LYS J 616 -56.99 -17.90 0.83
CA LYS J 616 -56.84 -16.89 1.89
C LYS J 616 -56.31 -17.56 3.14
N SER J 617 -54.98 -17.61 3.25
CA SER J 617 -54.33 -18.06 4.49
C SER J 617 -53.54 -16.94 5.14
N GLU J 618 -52.54 -16.39 4.46
CA GLU J 618 -51.72 -15.28 4.94
C GLU J 618 -51.14 -14.56 3.72
N GLU J 619 -50.15 -13.70 3.98
CA GLU J 619 -49.32 -13.12 2.94
C GLU J 619 -47.90 -13.66 3.11
N GLY J 620 -47.37 -14.28 2.07
CA GLY J 620 -46.06 -14.89 2.11
C GLY J 620 -46.05 -16.36 2.46
N CYS J 621 -47.14 -16.89 3.02
CA CYS J 621 -47.23 -18.31 3.32
C CYS J 621 -47.54 -19.10 2.05
N ILE J 622 -47.64 -20.42 2.19
CA ILE J 622 -47.77 -21.31 1.05
C ILE J 622 -49.16 -21.93 1.01
N PRO J 623 -50.08 -21.43 0.17
CA PRO J 623 -51.34 -22.14 -0.07
C PRO J 623 -51.13 -23.29 -1.03
N ASN J 624 -51.19 -24.52 -0.49
CA ASN J 624 -50.99 -25.70 -1.32
C ASN J 624 -52.11 -25.89 -2.34
N ILE J 625 -53.29 -25.35 -2.06
CA ILE J 625 -54.42 -25.49 -2.96
C ILE J 625 -54.25 -24.64 -4.22
N ALA J 626 -53.31 -23.70 -4.21
CA ALA J 626 -53.07 -22.84 -5.35
C ALA J 626 -52.59 -23.66 -6.55
N PRO J 627 -52.80 -23.16 -7.77
CA PRO J 627 -52.37 -23.89 -8.96
C PRO J 627 -50.88 -24.20 -8.95
N ASP J 628 -50.48 -25.11 -9.85
CA ASP J 628 -49.11 -25.59 -9.88
C ASP J 628 -48.12 -24.48 -10.18
N ILE J 629 -48.45 -23.59 -11.11
CA ILE J 629 -47.53 -22.52 -11.49
C ILE J 629 -47.28 -21.57 -10.32
N CYS J 630 -48.34 -21.24 -9.57
CA CYS J 630 -48.20 -20.29 -8.47
C CYS J 630 -47.33 -20.87 -7.36
N ILE J 631 -47.59 -22.12 -6.96
CA ILE J 631 -46.81 -22.74 -5.90
C ILE J 631 -45.37 -22.97 -6.35
N ALA J 632 -45.18 -23.30 -7.63
CA ALA J 632 -43.81 -23.47 -8.14
C ALA J 632 -43.05 -22.14 -8.08
N TYR J 633 -43.69 -21.05 -8.50
CA TYR J 633 -43.03 -19.75 -8.45
C TYR J 633 -42.73 -19.34 -7.02
N LYS J 634 -43.66 -19.60 -6.10
CA LYS J 634 -43.44 -19.23 -4.70
C LYS J 634 -42.33 -20.08 -4.08
N LEU J 635 -42.21 -21.35 -4.46
CA LEU J 635 -41.07 -22.15 -4.01
C LEU J 635 -39.78 -21.62 -4.58
N HIS J 636 -39.79 -21.16 -5.84
CA HIS J 636 -38.59 -20.59 -6.44
C HIS J 636 -38.16 -19.33 -5.71
N LEU J 637 -39.12 -18.51 -5.27
CA LEU J 637 -38.79 -17.23 -4.64
C LEU J 637 -37.94 -17.42 -3.39
N GLU J 638 -38.29 -18.39 -2.54
CA GLU J 638 -37.61 -18.57 -1.27
C GLU J 638 -36.24 -19.22 -1.39
N CYS J 639 -35.93 -19.85 -2.52
CA CYS J 639 -34.68 -20.58 -2.66
C CYS J 639 -33.54 -19.62 -3.04
N SER J 640 -32.37 -20.19 -3.25
CA SER J 640 -31.17 -19.41 -3.53
C SER J 640 -31.19 -18.88 -4.96
N ARG J 641 -30.10 -18.22 -5.36
CA ARG J 641 -29.97 -17.65 -6.69
C ARG J 641 -29.71 -18.72 -7.75
N LEU J 642 -29.31 -19.91 -7.36
CA LEU J 642 -29.18 -21.05 -8.28
C LEU J 642 -30.15 -22.13 -7.83
N ILE J 643 -30.99 -22.60 -8.75
CA ILE J 643 -32.11 -23.46 -8.43
C ILE J 643 -31.79 -24.87 -8.90
N ASN J 644 -31.63 -25.79 -7.94
CA ASN J 644 -31.38 -27.18 -8.28
C ASN J 644 -32.70 -27.86 -8.65
N LEU J 645 -32.76 -28.43 -9.86
CA LEU J 645 -34.02 -28.94 -10.37
C LEU J 645 -34.52 -30.14 -9.58
N VAL J 646 -33.61 -31.03 -9.15
CA VAL J 646 -34.04 -32.21 -8.41
C VAL J 646 -34.56 -31.82 -7.03
N ASP J 647 -33.86 -30.92 -6.34
CA ASP J 647 -34.33 -30.45 -5.03
C ASP J 647 -35.64 -29.68 -5.17
N TRP J 648 -35.75 -28.85 -6.21
CA TRP J 648 -36.99 -28.13 -6.46
C TRP J 648 -38.14 -29.09 -6.74
N SER J 649 -37.89 -30.14 -7.52
CA SER J 649 -38.93 -31.13 -7.80
C SER J 649 -39.34 -31.87 -6.53
N GLU J 650 -38.38 -32.21 -5.68
CA GLU J 650 -38.70 -32.86 -4.41
C GLU J 650 -39.56 -31.95 -3.54
N ALA J 651 -39.21 -30.66 -3.46
CA ALA J 651 -40.01 -29.72 -2.68
C ALA J 651 -41.42 -29.58 -3.26
N PHE J 652 -41.54 -29.51 -4.59
CA PHE J 652 -42.84 -29.40 -5.22
C PHE J 652 -43.69 -30.64 -4.95
N ALA J 653 -43.08 -31.83 -5.02
CA ALA J 653 -43.80 -33.06 -4.72
C ALA J 653 -44.25 -33.08 -3.26
N THR J 654 -43.39 -32.63 -2.35
CA THR J 654 -43.76 -32.58 -0.94
C THR J 654 -44.94 -31.63 -0.72
N VAL J 655 -44.92 -30.47 -1.39
CA VAL J 655 -46.01 -29.52 -1.24
C VAL J 655 -47.32 -30.09 -1.79
N VAL J 656 -47.28 -30.66 -3.00
CA VAL J 656 -48.51 -31.14 -3.62
C VAL J 656 -49.03 -32.42 -2.96
N THR J 657 -48.17 -33.16 -2.25
CA THR J 657 -48.62 -34.37 -1.58
C THR J 657 -49.64 -34.05 -0.49
N ALA J 658 -49.38 -33.00 0.28
CA ALA J 658 -50.28 -32.59 1.36
C ALA J 658 -51.55 -31.95 0.81
N GLU J 671 -46.95 -44.20 -10.61
CA GLU J 671 -48.10 -43.60 -11.27
C GLU J 671 -48.30 -42.15 -10.82
N MET J 672 -48.46 -41.95 -9.51
CA MET J 672 -48.60 -40.61 -8.96
C MET J 672 -47.33 -39.80 -9.17
N ASN J 673 -46.16 -40.43 -9.01
CA ASN J 673 -44.90 -39.73 -9.17
C ASN J 673 -44.75 -39.18 -10.58
N GLU J 674 -45.15 -39.96 -11.59
CA GLU J 674 -45.03 -39.50 -12.96
C GLU J 674 -45.95 -38.30 -13.23
N ILE J 675 -47.16 -38.32 -12.68
CA ILE J 675 -48.07 -37.18 -12.86
C ILE J 675 -47.51 -35.93 -12.20
N ILE J 676 -47.00 -36.07 -10.97
CA ILE J 676 -46.42 -34.93 -10.28
C ILE J 676 -45.22 -34.38 -11.05
N HIS J 677 -44.38 -35.28 -11.56
CA HIS J 677 -43.23 -34.87 -12.34
C HIS J 677 -43.65 -34.18 -13.64
N ALA J 678 -44.74 -34.64 -14.25
CA ALA J 678 -45.27 -33.99 -15.45
C ALA J 678 -45.70 -32.57 -15.16
N ARG J 679 -46.45 -32.38 -14.06
CA ARG J 679 -46.85 -31.03 -13.69
C ARG J 679 -45.64 -30.15 -13.40
N PHE J 680 -44.63 -30.70 -12.73
CA PHE J 680 -43.42 -29.94 -12.44
C PHE J 680 -42.72 -29.52 -13.73
N ILE J 681 -42.61 -30.43 -14.71
CA ILE J 681 -41.94 -30.11 -15.96
C ILE J 681 -42.72 -29.03 -16.72
N ARG J 682 -44.05 -29.14 -16.73
CA ARG J 682 -44.85 -28.12 -17.41
C ARG J 682 -44.68 -26.76 -16.77
N ALA J 683 -44.68 -26.71 -15.42
CA ALA J 683 -44.50 -25.45 -14.73
C ALA J 683 -43.11 -24.87 -15.00
N VAL J 684 -42.08 -25.71 -15.00
CA VAL J 684 -40.72 -25.25 -15.27
C VAL J 684 -40.62 -24.67 -16.67
N SER J 685 -41.21 -25.36 -17.66
CA SER J 685 -41.16 -24.87 -19.04
C SER J 685 -41.91 -23.55 -19.17
N GLU J 686 -43.07 -23.42 -18.52
CA GLU J 686 -43.80 -22.16 -18.56
C GLU J 686 -42.99 -21.02 -17.96
N LEU J 687 -42.37 -21.26 -16.80
CA LEU J 687 -41.57 -20.22 -16.17
C LEU J 687 -40.35 -19.86 -17.01
N GLU J 688 -39.74 -20.84 -17.66
CA GLU J 688 -38.62 -20.54 -18.56
C GLU J 688 -39.07 -19.71 -19.74
N LEU J 689 -40.24 -20.00 -20.29
CA LEU J 689 -40.78 -19.19 -21.38
C LEU J 689 -41.04 -17.76 -20.92
N LEU J 690 -41.57 -17.58 -19.72
CA LEU J 690 -41.88 -16.24 -19.22
C LEU J 690 -40.64 -15.40 -18.95
N GLY J 691 -39.45 -16.00 -18.90
CA GLY J 691 -38.22 -15.26 -18.74
C GLY J 691 -37.62 -15.29 -17.35
N PHE J 692 -38.34 -15.78 -16.35
CA PHE J 692 -37.78 -15.88 -15.00
C PHE J 692 -36.67 -16.92 -14.89
N ILE J 693 -36.54 -17.79 -15.88
CA ILE J 693 -35.57 -18.89 -15.85
C ILE J 693 -34.58 -18.72 -17.00
N LYS J 694 -33.30 -18.75 -16.68
CA LYS J 694 -32.24 -18.82 -17.67
C LYS J 694 -31.34 -19.99 -17.30
N PRO J 695 -31.16 -20.97 -18.19
CA PRO J 695 -30.36 -22.15 -17.84
C PRO J 695 -28.89 -21.83 -17.70
N THR J 696 -28.22 -22.56 -16.82
CA THR J 696 -26.79 -22.40 -16.57
C THR J 696 -26.10 -23.74 -16.67
N LYS J 697 -24.87 -23.71 -17.20
CA LYS J 697 -24.05 -24.91 -17.33
C LYS J 697 -22.95 -24.99 -16.29
N GLN J 698 -22.84 -23.99 -15.41
CA GLN J 698 -21.86 -24.05 -14.33
C GLN J 698 -22.16 -25.23 -13.40
N LYS J 699 -23.42 -25.39 -13.01
CA LYS J 699 -23.86 -26.50 -12.20
C LYS J 699 -25.02 -27.18 -12.92
N THR J 700 -24.99 -28.51 -12.98
CA THR J 700 -26.04 -29.25 -13.65
C THR J 700 -27.38 -28.99 -12.99
N ASP J 701 -28.39 -28.70 -13.82
CA ASP J 701 -29.76 -28.43 -13.35
C ASP J 701 -29.81 -27.23 -12.40
N HIS J 702 -29.29 -26.10 -12.86
CA HIS J 702 -29.31 -24.88 -12.08
C HIS J 702 -29.67 -23.69 -12.95
N VAL J 703 -30.33 -22.71 -12.34
CA VAL J 703 -30.88 -21.56 -13.05
C VAL J 703 -30.75 -20.33 -12.16
N ALA J 704 -30.41 -19.19 -12.76
CA ALA J 704 -30.31 -17.92 -12.07
C ALA J 704 -31.50 -17.04 -12.44
N ARG J 705 -31.68 -15.97 -11.67
CA ARG J 705 -32.78 -15.03 -11.90
C ARG J 705 -32.26 -13.78 -12.61
N ILE K 283 -4.15 -71.44 50.10
CA ILE K 283 -3.36 -72.18 49.12
C ILE K 283 -4.19 -73.29 48.49
N ALA K 284 -4.88 -74.07 49.33
CA ALA K 284 -5.72 -75.14 48.83
C ALA K 284 -6.88 -74.60 48.00
N LYS K 285 -7.49 -73.49 48.44
CA LYS K 285 -8.59 -72.90 47.69
C LYS K 285 -8.13 -72.41 46.32
N ILE K 286 -6.95 -71.79 46.26
CA ILE K 286 -6.42 -71.31 45.00
C ILE K 286 -6.19 -72.46 44.03
N LYS K 287 -5.58 -73.54 44.53
CA LYS K 287 -5.34 -74.71 43.68
C LYS K 287 -6.65 -75.32 43.21
N LYS K 288 -7.64 -75.43 44.09
CA LYS K 288 -8.93 -76.00 43.71
C LYS K 288 -9.61 -75.14 42.65
N PHE K 289 -9.58 -73.82 42.82
CA PHE K 289 -10.19 -72.93 41.84
C PHE K 289 -9.48 -73.01 40.50
N SER K 290 -8.15 -73.10 40.52
CA SER K 290 -7.40 -73.21 39.27
C SER K 290 -7.67 -74.53 38.56
N LYS K 291 -7.76 -75.63 39.32
CA LYS K 291 -7.98 -76.93 38.70
C LYS K 291 -9.40 -77.08 38.18
N THR K 292 -10.39 -76.63 38.95
CA THR K 292 -11.78 -76.71 38.51
C THR K 292 -12.03 -75.77 37.33
N ARG K 293 -11.80 -74.48 37.54
CA ARG K 293 -11.91 -73.49 36.47
C ARG K 293 -10.58 -73.44 35.73
N SER K 294 -10.48 -74.23 34.66
CA SER K 294 -9.23 -74.28 33.90
C SER K 294 -9.11 -73.09 32.95
N LYS K 295 -10.05 -72.96 32.02
CA LYS K 295 -10.05 -71.86 31.07
C LYS K 295 -10.88 -70.68 31.51
N ASP K 296 -11.66 -70.81 32.57
CA ASP K 296 -12.58 -69.77 33.01
C ASP K 296 -11.94 -68.73 33.92
N ILE K 297 -10.67 -68.89 34.28
CA ILE K 297 -10.03 -67.96 35.20
C ILE K 297 -9.93 -66.57 34.56
N PHE K 298 -9.42 -66.51 33.33
CA PHE K 298 -9.23 -65.22 32.67
C PHE K 298 -10.56 -64.56 32.35
N ASP K 299 -11.59 -65.36 32.04
CA ASP K 299 -12.91 -64.79 31.79
C ASP K 299 -13.54 -64.27 33.07
N GLN K 300 -13.43 -65.04 34.17
CA GLN K 300 -14.09 -64.66 35.41
C GLN K 300 -13.42 -63.46 36.07
N LEU K 301 -12.08 -63.42 36.10
CA LEU K 301 -11.40 -62.31 36.73
C LEU K 301 -11.69 -61.00 36.00
N ALA K 302 -11.73 -61.04 34.67
CA ALA K 302 -12.13 -59.85 33.92
C ALA K 302 -13.59 -59.52 34.16
N LYS K 303 -14.45 -60.54 34.24
CA LYS K 303 -15.87 -60.30 34.49
C LYS K 303 -16.11 -59.71 35.88
N SER K 304 -15.44 -60.27 36.89
CA SER K 304 -15.61 -59.84 38.27
C SER K 304 -14.64 -58.72 38.66
N LEU K 305 -14.01 -58.08 37.67
CA LEU K 305 -13.04 -57.02 37.98
C LEU K 305 -13.71 -55.84 38.65
N ALA K 306 -14.80 -55.34 38.07
CA ALA K 306 -15.49 -54.16 38.58
C ALA K 306 -16.99 -54.32 38.38
N PRO K 307 -17.70 -54.87 39.36
CA PRO K 307 -19.16 -54.97 39.25
C PRO K 307 -19.85 -53.61 39.12
N SER K 308 -19.28 -52.56 39.73
CA SER K 308 -19.90 -51.24 39.68
C SER K 308 -19.80 -50.59 38.31
N ILE K 309 -18.98 -51.12 37.41
CA ILE K 309 -18.81 -50.59 36.06
C ILE K 309 -19.36 -51.61 35.07
N HIS K 310 -20.25 -51.15 34.20
CA HIS K 310 -20.93 -52.02 33.24
C HIS K 310 -20.24 -51.96 31.88
N GLY K 311 -20.05 -53.13 31.28
CA GLY K 311 -19.46 -53.20 29.96
C GLY K 311 -17.95 -53.05 29.98
N HIS K 312 -17.41 -52.76 28.78
CA HIS K 312 -15.98 -52.57 28.58
C HIS K 312 -15.19 -53.82 28.98
N ASP K 313 -15.55 -54.94 28.35
CA ASP K 313 -14.88 -56.21 28.64
C ASP K 313 -13.43 -56.19 28.19
N TYR K 314 -13.14 -55.58 27.03
CA TYR K 314 -11.77 -55.49 26.55
C TYR K 314 -10.91 -54.65 27.47
N VAL K 315 -11.46 -53.54 27.98
CA VAL K 315 -10.72 -52.70 28.91
C VAL K 315 -10.43 -53.46 30.20
N LYS K 316 -11.42 -54.23 30.68
CA LYS K 316 -11.20 -55.05 31.88
C LYS K 316 -10.13 -56.11 31.64
N LYS K 317 -10.13 -56.72 30.45
CA LYS K 317 -9.10 -57.70 30.13
C LYS K 317 -7.72 -57.05 30.09
N ALA K 318 -7.63 -55.85 29.52
CA ALA K 318 -6.34 -55.14 29.49
C ALA K 318 -5.88 -54.79 30.90
N ILE K 319 -6.79 -54.36 31.76
CA ILE K 319 -6.44 -54.04 33.14
C ILE K 319 -5.96 -55.30 33.86
N LEU K 320 -6.63 -56.43 33.63
CA LEU K 320 -6.20 -57.69 34.21
C LEU K 320 -4.80 -58.07 33.73
N CYS K 321 -4.54 -57.88 32.44
CA CYS K 321 -3.21 -58.18 31.90
C CYS K 321 -2.15 -57.28 32.55
N LEU K 322 -2.47 -56.01 32.76
CA LEU K 322 -1.55 -55.12 33.45
C LEU K 322 -1.30 -55.58 34.88
N LEU K 323 -2.35 -56.01 35.58
CA LEU K 323 -2.16 -56.51 36.94
C LEU K 323 -1.28 -57.76 36.96
N LEU K 324 -1.48 -58.65 36.00
CA LEU K 324 -0.64 -59.85 35.92
C LEU K 324 0.79 -59.49 35.52
N GLY K 325 0.95 -58.67 34.49
CA GLY K 325 2.25 -58.22 34.05
C GLY K 325 2.94 -59.21 33.13
N GLY K 326 4.03 -58.73 32.54
CA GLY K 326 4.85 -59.54 31.65
C GLY K 326 6.03 -60.15 32.38
N VAL K 327 7.07 -60.47 31.60
CA VAL K 327 8.30 -61.06 32.11
C VAL K 327 9.46 -60.19 31.67
N GLU K 328 10.29 -59.78 32.63
CA GLU K 328 11.50 -59.02 32.32
C GLU K 328 12.64 -59.98 32.04
N ARG K 329 13.32 -59.76 30.92
CA ARG K 329 14.39 -60.65 30.46
C ARG K 329 15.71 -59.89 30.41
N ASP K 330 16.75 -60.47 31.00
CA ASP K 330 18.10 -59.96 30.94
C ASP K 330 18.98 -60.94 30.17
N LEU K 331 19.80 -60.41 29.28
CA LEU K 331 20.61 -61.22 28.38
C LEU K 331 22.07 -61.25 28.85
N GLU K 332 22.86 -62.07 28.15
CA GLU K 332 24.28 -62.20 28.48
C GLU K 332 25.01 -60.88 28.24
N ASN K 333 24.68 -60.18 27.16
CA ASN K 333 25.31 -58.90 26.85
C ASN K 333 24.85 -57.78 27.79
N GLY K 334 23.85 -58.03 28.62
CA GLY K 334 23.35 -57.02 29.55
C GLY K 334 22.24 -56.14 29.01
N SER K 335 21.81 -56.36 27.76
CA SER K 335 20.72 -55.56 27.21
C SER K 335 19.43 -55.84 27.96
N HIS K 336 18.65 -54.78 28.19
CA HIS K 336 17.40 -54.86 28.92
C HIS K 336 16.23 -54.74 27.97
N ILE K 337 15.24 -55.62 28.14
CA ILE K 337 14.02 -55.62 27.34
C ILE K 337 12.85 -55.35 28.27
N ARG K 338 12.04 -54.35 27.93
CA ARG K 338 10.93 -53.95 28.79
C ARG K 338 9.89 -55.06 28.91
N GLY K 339 9.33 -55.21 30.10
CA GLY K 339 8.30 -56.19 30.35
C GLY K 339 7.00 -55.56 30.81
N ASP K 340 6.89 -54.25 30.65
CA ASP K 340 5.70 -53.51 31.03
C ASP K 340 4.85 -53.18 29.81
N ILE K 341 3.59 -52.87 30.06
CA ILE K 341 2.61 -52.57 29.02
C ILE K 341 2.04 -51.18 29.27
N ASN K 342 1.90 -50.41 28.20
CA ASN K 342 1.33 -49.06 28.25
C ASN K 342 0.03 -49.04 27.48
N ILE K 343 -1.03 -48.53 28.10
CA ILE K 343 -2.37 -48.49 27.52
C ILE K 343 -2.91 -47.07 27.64
N LEU K 344 -3.45 -46.55 26.53
CA LEU K 344 -4.03 -45.22 26.49
C LEU K 344 -5.52 -45.34 26.15
N LEU K 345 -6.36 -44.68 26.95
CA LEU K 345 -7.80 -44.68 26.75
C LEU K 345 -8.26 -43.29 26.34
N ILE K 346 -8.94 -43.21 25.20
CA ILE K 346 -9.49 -41.96 24.70
C ILE K 346 -10.97 -42.19 24.36
N GLY K 347 -11.82 -41.26 24.77
CA GLY K 347 -13.23 -41.41 24.50
C GLY K 347 -14.02 -40.21 24.98
N ASP K 348 -15.33 -40.30 24.80
CA ASP K 348 -16.23 -39.24 25.19
C ASP K 348 -16.32 -39.14 26.71
N PRO K 349 -16.74 -38.00 27.24
CA PRO K 349 -16.94 -37.89 28.69
C PRO K 349 -18.09 -38.77 29.17
N SER K 350 -18.00 -39.16 30.45
CA SER K 350 -19.03 -39.95 31.12
C SER K 350 -19.19 -41.33 30.48
N VAL K 351 -18.07 -42.03 30.34
CA VAL K 351 -18.06 -43.43 29.91
C VAL K 351 -17.36 -44.29 30.97
N ALA K 352 -17.33 -43.82 32.22
CA ALA K 352 -16.76 -44.56 33.35
C ALA K 352 -15.29 -44.88 33.12
N LYS K 353 -14.52 -43.82 32.86
CA LYS K 353 -13.07 -43.92 32.71
C LYS K 353 -12.33 -43.53 33.98
N SER K 354 -12.74 -42.43 34.62
CA SER K 354 -12.16 -42.05 35.90
C SER K 354 -12.45 -43.08 36.98
N GLN K 355 -13.62 -43.73 36.91
CA GLN K 355 -13.94 -44.78 37.86
C GLN K 355 -12.96 -45.94 37.76
N LEU K 356 -12.61 -46.33 36.53
CA LEU K 356 -11.62 -47.39 36.34
C LEU K 356 -10.27 -46.99 36.90
N LEU K 357 -9.86 -45.74 36.67
CA LEU K 357 -8.59 -45.27 37.20
C LEU K 357 -8.57 -45.31 38.72
N ARG K 358 -9.65 -44.84 39.35
CA ARG K 358 -9.73 -44.87 40.82
C ARG K 358 -9.73 -46.30 41.34
N TYR K 359 -10.44 -47.20 40.67
CA TYR K 359 -10.45 -48.60 41.09
C TYR K 359 -9.06 -49.22 41.00
N VAL K 360 -8.34 -48.95 39.91
CA VAL K 360 -6.99 -49.48 39.77
C VAL K 360 -6.07 -48.90 40.84
N LEU K 361 -6.22 -47.60 41.13
CA LEU K 361 -5.44 -46.98 42.19
C LEU K 361 -5.69 -47.67 43.53
N CYS K 362 -6.97 -47.97 43.81
CA CYS K 362 -7.29 -48.65 45.07
C CYS K 362 -6.72 -50.07 45.11
N THR K 363 -6.83 -50.81 44.00
CA THR K 363 -6.44 -52.22 44.01
C THR K 363 -4.93 -52.41 43.91
N ALA K 364 -4.25 -51.58 43.13
CA ALA K 364 -2.83 -51.78 42.90
C ALA K 364 -2.04 -51.53 44.18
N PRO K 365 -0.99 -52.32 44.44
CA PRO K 365 -0.18 -52.10 45.66
C PRO K 365 0.58 -50.79 45.63
N ARG K 366 1.29 -50.53 44.54
CA ARG K 366 2.06 -49.30 44.36
C ARG K 366 1.42 -48.52 43.21
N ALA K 367 0.42 -47.70 43.53
CA ALA K 367 -0.28 -46.88 42.57
C ALA K 367 -0.15 -45.41 42.96
N ILE K 368 0.29 -44.60 42.01
CA ILE K 368 0.51 -43.18 42.24
C ILE K 368 -0.29 -42.41 41.19
N PRO K 369 -1.26 -41.57 41.58
CA PRO K 369 -1.99 -40.78 40.59
C PRO K 369 -1.29 -39.46 40.27
N THR K 370 -1.03 -39.21 38.99
CA THR K 370 -0.40 -37.98 38.54
C THR K 370 -1.21 -37.42 37.38
N THR K 371 -1.89 -36.29 37.61
CA THR K 371 -2.71 -35.68 36.58
C THR K 371 -1.82 -35.04 35.51
N GLY K 372 -2.45 -34.45 34.51
CA GLY K 372 -1.74 -33.83 33.41
C GLY K 372 -0.85 -32.68 33.82
N ARG K 373 -1.46 -31.60 34.29
CA ARG K 373 -0.71 -30.41 34.73
C ARG K 373 -0.44 -30.41 36.22
N GLY K 374 -0.87 -31.43 36.95
CA GLY K 374 -0.58 -31.47 38.39
C GLY K 374 0.89 -31.65 38.67
N SER K 375 1.57 -32.50 37.90
CA SER K 375 2.99 -32.76 38.06
C SER K 375 3.70 -32.49 36.74
N SER K 376 4.79 -31.73 36.78
CA SER K 376 5.58 -31.41 35.61
C SER K 376 6.71 -32.42 35.45
N GLY K 377 7.64 -32.12 34.55
CA GLY K 377 8.79 -33.00 34.38
C GLY K 377 9.63 -33.10 35.63
N VAL K 378 9.73 -32.01 36.39
CA VAL K 378 10.47 -32.03 37.65
C VAL K 378 9.81 -32.97 38.64
N GLY K 379 8.48 -32.95 38.71
CA GLY K 379 7.78 -33.88 39.59
C GLY K 379 7.90 -35.33 39.15
N LEU K 380 7.80 -35.56 37.84
CA LEU K 380 7.82 -36.93 37.33
C LEU K 380 9.22 -37.52 37.31
N THR K 381 10.23 -36.70 37.02
CA THR K 381 11.60 -37.17 36.89
C THR K 381 12.43 -36.69 38.07
N ALA K 382 13.26 -37.59 38.61
CA ALA K 382 14.10 -37.25 39.75
C ALA K 382 15.04 -36.11 39.42
N ALA K 383 15.30 -35.26 40.41
CA ALA K 383 16.11 -34.06 40.24
C ALA K 383 17.27 -34.08 41.23
N VAL K 384 18.14 -33.09 41.09
CA VAL K 384 19.33 -32.94 41.93
C VAL K 384 19.21 -31.62 42.69
N THR K 385 19.42 -31.69 44.00
CA THR K 385 19.40 -30.50 44.86
C THR K 385 20.71 -30.41 45.61
N THR K 386 21.30 -29.22 45.62
CA THR K 386 22.56 -29.00 46.32
C THR K 386 22.29 -28.73 47.80
N ASP K 387 22.78 -29.60 48.66
CA ASP K 387 22.57 -29.46 50.10
C ASP K 387 23.48 -28.36 50.65
N GLN K 388 22.88 -27.38 51.31
CA GLN K 388 23.65 -26.27 51.86
C GLN K 388 24.43 -26.66 53.11
N GLU K 389 23.95 -27.66 53.86
CA GLU K 389 24.59 -28.02 55.11
C GLU K 389 25.99 -28.58 54.89
N THR K 390 26.17 -29.42 53.87
CA THR K 390 27.45 -30.05 53.59
C THR K 390 28.09 -29.61 52.28
N GLY K 391 27.34 -28.98 51.39
CA GLY K 391 27.88 -28.53 50.12
C GLY K 391 27.87 -29.56 49.01
N GLU K 392 27.45 -30.79 49.29
CA GLU K 392 27.40 -31.83 48.28
C GLU K 392 26.04 -31.83 47.57
N ARG K 393 25.96 -32.61 46.50
CA ARG K 393 24.74 -32.73 45.70
C ARG K 393 24.13 -34.11 45.93
N ARG K 394 22.84 -34.13 46.23
CA ARG K 394 22.10 -35.36 46.47
C ARG K 394 20.98 -35.52 45.45
N LEU K 395 20.51 -36.75 45.32
CA LEU K 395 19.46 -37.10 44.37
C LEU K 395 18.15 -37.31 45.11
N GLU K 396 17.10 -36.64 44.65
CA GLU K 396 15.75 -36.79 45.19
C GLU K 396 14.88 -37.50 44.17
N ALA K 397 14.26 -38.60 44.58
CA ALA K 397 13.50 -39.43 43.65
C ALA K 397 12.26 -38.71 43.15
N GLY K 398 11.93 -38.96 41.88
CA GLY K 398 10.73 -38.41 41.27
C GLY K 398 9.52 -39.28 41.49
N ALA K 399 8.43 -38.92 40.80
CA ALA K 399 7.19 -39.67 40.92
C ALA K 399 7.34 -41.09 40.36
N MET K 400 7.97 -41.21 39.19
CA MET K 400 8.10 -42.53 38.57
C MET K 400 9.17 -43.39 39.24
N VAL K 401 10.19 -42.76 39.82
CA VAL K 401 11.25 -43.53 40.47
C VAL K 401 10.70 -44.29 41.67
N LEU K 402 9.87 -43.64 42.48
CA LEU K 402 9.29 -44.30 43.65
C LEU K 402 8.37 -45.43 43.24
N ALA K 403 7.60 -45.25 42.17
CA ALA K 403 6.64 -46.24 41.71
C ALA K 403 7.36 -47.28 40.85
N ASP K 404 8.15 -48.11 41.53
CA ASP K 404 8.89 -49.20 40.87
C ASP K 404 8.03 -50.46 40.88
N ARG K 405 7.90 -51.09 39.71
CA ARG K 405 7.08 -52.29 39.54
C ARG K 405 5.65 -52.07 40.00
N GLY K 406 5.10 -50.89 39.67
CA GLY K 406 3.76 -50.52 40.05
C GLY K 406 2.97 -50.02 38.86
N VAL K 407 1.95 -49.22 39.15
CA VAL K 407 1.06 -48.65 38.14
C VAL K 407 0.96 -47.15 38.38
N VAL K 408 1.09 -46.37 37.31
CA VAL K 408 0.96 -44.93 37.37
C VAL K 408 -0.23 -44.53 36.50
N CYS K 409 -1.20 -43.84 37.09
CA CYS K 409 -2.40 -43.43 36.40
C CYS K 409 -2.32 -41.94 36.09
N ILE K 410 -2.54 -41.57 34.83
CA ILE K 410 -2.46 -40.19 34.37
C ILE K 410 -3.78 -39.84 33.70
N ASP K 411 -4.59 -39.04 34.39
CA ASP K 411 -5.82 -38.52 33.82
C ASP K 411 -5.55 -37.20 33.08
N GLU K 412 -6.38 -36.92 32.08
CA GLU K 412 -6.24 -35.73 31.24
C GLU K 412 -4.85 -35.66 30.61
N PHE K 413 -4.45 -36.77 29.98
CA PHE K 413 -3.13 -36.83 29.36
C PHE K 413 -3.01 -35.86 28.19
N ASP K 414 -4.13 -35.52 27.55
CA ASP K 414 -4.10 -34.58 26.44
C ASP K 414 -3.63 -33.21 26.89
N LYS K 415 -3.99 -32.81 28.12
CA LYS K 415 -3.57 -31.51 28.64
C LYS K 415 -2.08 -31.46 28.95
N MET K 416 -1.42 -32.61 29.05
CA MET K 416 0.01 -32.63 29.35
C MET K 416 0.81 -32.07 28.19
N SER K 417 1.88 -31.34 28.52
CA SER K 417 2.73 -30.75 27.52
C SER K 417 3.59 -31.81 26.84
N ASP K 418 4.18 -31.42 25.71
CA ASP K 418 5.03 -32.35 24.95
C ASP K 418 6.33 -32.65 25.69
N MET K 419 6.85 -31.69 26.47
CA MET K 419 8.10 -31.90 27.18
C MET K 419 7.97 -33.04 28.20
N ASP K 420 6.86 -33.06 28.94
CA ASP K 420 6.63 -34.17 29.87
C ASP K 420 6.46 -35.49 29.13
N ARG K 421 5.86 -35.46 27.94
CA ARG K 421 5.76 -36.67 27.13
C ARG K 421 7.14 -37.19 26.74
N THR K 422 8.03 -36.30 26.33
CA THR K 422 9.39 -36.71 26.00
C THR K 422 10.12 -37.25 27.23
N ALA K 423 9.89 -36.63 28.39
CA ALA K 423 10.49 -37.14 29.62
C ALA K 423 9.98 -38.54 29.95
N ILE K 424 8.67 -38.76 29.78
CA ILE K 424 8.09 -40.07 30.04
C ILE K 424 8.49 -41.10 28.98
N HIS K 425 8.93 -40.63 27.81
CA HIS K 425 9.31 -41.54 26.73
C HIS K 425 10.45 -42.46 27.14
N GLU K 426 11.45 -41.94 27.85
CA GLU K 426 12.57 -42.77 28.28
C GLU K 426 12.11 -43.89 29.20
N VAL K 427 11.21 -43.56 30.14
CA VAL K 427 10.67 -44.58 31.04
C VAL K 427 9.86 -45.60 30.27
N MET K 428 9.03 -45.13 29.32
CA MET K 428 8.21 -46.05 28.53
C MET K 428 9.02 -46.91 27.59
N GLU K 429 10.22 -46.48 27.22
CA GLU K 429 11.07 -47.24 26.31
C GLU K 429 11.95 -48.23 27.05
N GLN K 430 12.78 -47.75 27.99
CA GLN K 430 13.74 -48.60 28.66
C GLN K 430 13.54 -48.71 30.17
N GLY K 431 12.58 -47.97 30.73
CA GLY K 431 12.35 -48.04 32.16
C GLY K 431 13.51 -47.57 33.00
N ARG K 432 14.18 -46.50 32.58
CA ARG K 432 15.32 -45.97 33.30
C ARG K 432 15.37 -44.45 33.13
N VAL K 433 15.99 -43.78 34.10
CA VAL K 433 16.16 -42.34 34.06
C VAL K 433 17.65 -42.04 34.27
N THR K 434 18.24 -41.30 33.35
CA THR K 434 19.65 -40.94 33.42
C THR K 434 19.76 -39.47 33.82
N ILE K 435 20.52 -39.21 34.89
CA ILE K 435 20.69 -37.86 35.43
C ILE K 435 22.17 -37.55 35.52
N ALA K 436 22.56 -36.36 35.05
CA ALA K 436 23.96 -35.97 35.08
C ALA K 436 24.03 -34.46 35.32
N LYS K 437 24.47 -34.08 36.52
CA LYS K 437 24.74 -32.69 36.87
C LYS K 437 26.13 -32.62 37.46
N ALA K 438 26.87 -31.57 37.12
CA ALA K 438 28.28 -31.42 37.43
C ALA K 438 28.60 -31.84 38.87
N GLY K 439 29.44 -32.86 39.01
CA GLY K 439 29.84 -33.36 40.31
C GLY K 439 29.20 -34.69 40.70
N ILE K 440 28.17 -35.14 40.00
CA ILE K 440 27.50 -36.39 40.34
C ILE K 440 26.77 -36.91 39.11
N HIS K 441 26.72 -38.24 38.99
CA HIS K 441 25.98 -38.87 37.91
C HIS K 441 25.57 -40.27 38.35
N ALA K 442 24.33 -40.64 38.05
CA ALA K 442 23.80 -41.93 38.43
C ALA K 442 22.64 -42.30 37.52
N ARG K 443 22.28 -43.58 37.55
CA ARG K 443 21.17 -44.11 36.75
C ARG K 443 20.20 -44.81 37.69
N LEU K 444 18.92 -44.49 37.56
CA LEU K 444 17.88 -45.04 38.42
C LEU K 444 16.88 -45.84 37.59
N ASN K 445 16.35 -46.90 38.18
CA ASN K 445 15.40 -47.77 37.51
C ASN K 445 14.00 -47.18 37.55
N ALA K 446 13.29 -47.26 36.43
CA ALA K 446 11.93 -46.75 36.33
C ALA K 446 11.05 -47.77 35.58
N ARG K 447 11.19 -49.03 35.95
CA ARG K 447 10.40 -50.10 35.33
C ARG K 447 8.99 -50.06 35.92
N CYS K 448 8.07 -49.45 35.17
CA CYS K 448 6.71 -49.26 35.64
C CYS K 448 5.74 -49.30 34.47
N SER K 449 4.47 -49.51 34.79
CA SER K 449 3.39 -49.51 33.82
C SER K 449 2.52 -48.28 34.03
N VAL K 450 1.98 -47.73 32.93
CA VAL K 450 1.29 -46.46 32.94
C VAL K 450 -0.12 -46.62 32.40
N LEU K 451 -1.10 -46.10 33.13
CA LEU K 451 -2.45 -45.91 32.62
C LEU K 451 -2.68 -44.44 32.30
N ALA K 452 -3.25 -44.18 31.13
CA ALA K 452 -3.50 -42.82 30.68
C ALA K 452 -4.93 -42.70 30.18
N ALA K 453 -5.62 -41.64 30.60
CA ALA K 453 -6.96 -41.33 30.15
C ALA K 453 -6.97 -39.92 29.60
N ALA K 454 -7.46 -39.75 28.37
CA ALA K 454 -7.44 -38.46 27.70
C ALA K 454 -8.75 -38.26 26.95
N ASN K 455 -9.07 -36.99 26.68
CA ASN K 455 -10.25 -36.57 25.95
C ASN K 455 -9.87 -36.14 24.54
N PRO K 456 -10.79 -36.27 23.57
CA PRO K 456 -10.49 -35.86 22.21
C PRO K 456 -10.31 -34.35 22.10
N VAL K 457 -9.62 -33.94 21.03
CA VAL K 457 -9.32 -32.53 20.82
C VAL K 457 -10.60 -31.72 20.62
N TYR K 458 -11.61 -32.31 20.00
CA TYR K 458 -12.88 -31.64 19.77
C TYR K 458 -13.85 -31.76 20.94
N GLY K 459 -13.44 -32.42 22.01
CA GLY K 459 -14.32 -32.64 23.16
C GLY K 459 -15.11 -33.92 23.06
N ARG K 460 -15.73 -34.17 21.90
CA ARG K 460 -16.43 -35.40 21.62
C ARG K 460 -15.80 -36.05 20.39
N TYR K 461 -15.67 -37.38 20.44
CA TYR K 461 -15.06 -38.10 19.34
C TYR K 461 -15.90 -37.96 18.08
N ASP K 462 -15.25 -37.63 16.96
CA ASP K 462 -15.94 -37.44 15.69
C ASP K 462 -15.97 -38.75 14.93
N GLN K 463 -17.17 -39.22 14.61
CA GLN K 463 -17.30 -40.48 13.88
C GLN K 463 -16.78 -40.35 12.45
N TYR K 464 -17.06 -39.21 11.80
CA TYR K 464 -16.68 -39.05 10.40
C TYR K 464 -15.18 -38.83 10.26
N LYS K 465 -14.59 -38.01 11.12
CA LYS K 465 -13.17 -37.71 11.02
C LYS K 465 -12.33 -38.93 11.41
N THR K 466 -11.13 -39.01 10.84
CA THR K 466 -10.25 -40.14 11.07
C THR K 466 -9.75 -40.14 12.52
N PRO K 467 -9.41 -41.31 13.06
CA PRO K 467 -8.88 -41.36 14.43
C PRO K 467 -7.60 -40.56 14.60
N MET K 468 -6.80 -40.38 13.54
CA MET K 468 -5.57 -39.63 13.65
C MET K 468 -5.83 -38.18 14.05
N GLU K 469 -6.85 -37.55 13.44
CA GLU K 469 -7.18 -36.19 13.80
C GLU K 469 -7.77 -36.10 15.21
N ASN K 470 -8.60 -37.08 15.59
CA ASN K 470 -9.24 -37.05 16.89
C ASN K 470 -8.23 -37.23 18.02
N ILE K 471 -7.30 -38.18 17.88
CA ILE K 471 -6.30 -38.42 18.92
C ILE K 471 -5.35 -37.24 19.01
N GLY K 472 -4.82 -36.78 17.87
CA GLY K 472 -3.93 -35.65 17.84
C GLY K 472 -2.63 -35.84 18.60
N LEU K 473 -1.99 -37.00 18.40
CA LEU K 473 -0.74 -37.32 19.07
C LEU K 473 0.30 -37.77 18.05
N GLN K 474 1.56 -37.62 18.42
CA GLN K 474 2.66 -37.97 17.54
C GLN K 474 2.76 -39.48 17.35
N ASP K 475 3.42 -39.88 16.26
CA ASP K 475 3.54 -41.30 15.94
C ASP K 475 4.40 -42.02 16.96
N SER K 476 5.46 -41.39 17.46
CA SER K 476 6.36 -42.05 18.40
C SER K 476 5.64 -42.38 19.70
N LEU K 477 4.85 -41.44 20.22
CA LEU K 477 4.11 -41.68 21.45
C LEU K 477 3.12 -42.83 21.30
N LEU K 478 2.40 -42.86 20.18
CA LEU K 478 1.45 -43.94 19.94
C LEU K 478 2.15 -45.28 19.80
N SER K 479 3.30 -45.30 19.09
CA SER K 479 4.04 -46.54 18.92
C SER K 479 4.58 -47.06 20.25
N ARG K 480 5.06 -46.16 21.11
CA ARG K 480 5.54 -46.59 22.42
C ARG K 480 4.42 -47.15 23.27
N PHE K 481 3.20 -46.64 23.10
CA PHE K 481 2.04 -47.25 23.75
C PHE K 481 1.76 -48.62 23.13
N ASP K 482 1.39 -49.57 23.98
CA ASP K 482 1.15 -50.93 23.52
C ASP K 482 -0.28 -51.14 23.05
N LEU K 483 -1.26 -50.59 23.77
CA LEU K 483 -2.67 -50.77 23.43
C LEU K 483 -3.38 -49.42 23.40
N LEU K 484 -4.26 -49.25 22.42
CA LEU K 484 -5.08 -48.06 22.29
C LEU K 484 -6.55 -48.46 22.27
N PHE K 485 -7.35 -47.85 23.15
CA PHE K 485 -8.77 -48.11 23.22
C PHE K 485 -9.53 -46.81 22.98
N ILE K 486 -10.55 -46.89 22.12
CA ILE K 486 -11.42 -45.76 21.82
C ILE K 486 -12.83 -46.12 22.28
N MET K 487 -13.41 -45.28 23.14
CA MET K 487 -14.71 -45.53 23.73
C MET K 487 -15.71 -44.52 23.18
N LEU K 488 -16.90 -45.00 22.81
CA LEU K 488 -17.94 -44.17 22.22
C LEU K 488 -19.20 -44.25 23.05
N ASP K 489 -19.84 -43.10 23.27
CA ASP K 489 -21.08 -43.02 24.05
C ASP K 489 -22.27 -43.21 23.11
N GLN K 490 -22.43 -44.45 22.65
CA GLN K 490 -23.53 -44.81 21.76
C GLN K 490 -24.82 -44.86 22.56
N MET K 491 -25.81 -44.05 22.17
CA MET K 491 -27.07 -43.93 22.89
C MET K 491 -28.12 -44.89 22.32
N ASP K 492 -27.77 -46.18 22.31
CA ASP K 492 -28.71 -47.21 21.90
C ASP K 492 -29.80 -47.37 22.96
N PRO K 493 -31.05 -47.62 22.57
CA PRO K 493 -32.11 -47.74 23.58
C PRO K 493 -31.84 -48.83 24.60
N GLU K 494 -31.37 -49.99 24.14
CA GLU K 494 -31.10 -51.07 25.08
C GLU K 494 -29.89 -50.73 25.93
N GLN K 495 -28.84 -50.18 25.32
CA GLN K 495 -27.66 -49.83 26.11
C GLN K 495 -27.99 -48.77 27.15
N ASP K 496 -28.72 -47.72 26.75
CA ASP K 496 -29.11 -46.71 27.72
C ASP K 496 -29.98 -47.30 28.82
N ARG K 497 -30.92 -48.17 28.46
CA ARG K 497 -31.78 -48.75 29.47
C ARG K 497 -30.98 -49.59 30.45
N GLU K 498 -30.03 -50.39 29.95
CA GLU K 498 -29.22 -51.23 30.82
C GLU K 498 -28.32 -50.40 31.73
N ILE K 499 -27.69 -49.36 31.18
CA ILE K 499 -26.81 -48.51 31.99
C ILE K 499 -27.62 -47.80 33.08
N SER K 500 -28.79 -47.27 32.71
CA SER K 500 -29.62 -46.59 33.69
C SER K 500 -30.09 -47.56 34.77
N ASP K 501 -30.50 -48.76 34.39
CA ASP K 501 -30.94 -49.75 35.38
C ASP K 501 -29.81 -50.13 36.32
N HIS K 502 -28.60 -50.33 35.79
CA HIS K 502 -27.46 -50.67 36.63
C HIS K 502 -27.11 -49.54 37.59
N VAL K 503 -27.08 -48.29 37.09
CA VAL K 503 -26.76 -47.16 37.94
C VAL K 503 -27.82 -46.97 39.02
N LEU K 504 -29.09 -47.17 38.65
CA LEU K 504 -30.19 -47.01 39.60
C LEU K 504 -30.15 -48.10 40.67
N ARG K 505 -29.85 -49.34 40.27
CA ARG K 505 -29.73 -50.43 41.23
C ARG K 505 -28.58 -50.18 42.20
N MET K 506 -27.45 -49.68 41.68
CA MET K 506 -26.34 -49.34 42.56
C MET K 506 -26.70 -48.18 43.50
N HIS K 507 -27.43 -47.20 42.99
CA HIS K 507 -27.83 -46.05 43.82
C HIS K 507 -28.77 -46.48 44.94
N ARG K 508 -29.75 -47.33 44.64
CA ARG K 508 -30.70 -47.76 45.67
C ARG K 508 -30.08 -48.73 46.66
N TYR K 509 -28.92 -49.30 46.36
CA TYR K 509 -28.29 -50.25 47.28
C TYR K 509 -27.80 -49.55 48.53
N ARG K 510 -27.97 -50.22 49.67
CA ARG K 510 -27.48 -49.73 50.95
C ARG K 510 -26.74 -50.87 51.65
N ALA K 511 -25.67 -50.52 52.36
CA ALA K 511 -24.87 -51.53 53.04
C ALA K 511 -25.68 -52.21 54.13
N PRO K 512 -25.62 -53.54 54.22
CA PRO K 512 -26.35 -54.23 55.29
C PRO K 512 -25.80 -53.90 56.66
N GLY K 513 -26.68 -53.96 57.66
CA GLY K 513 -26.32 -53.62 59.02
C GLY K 513 -26.45 -52.15 59.36
N GLU K 514 -26.81 -51.31 58.40
CA GLU K 514 -26.98 -49.88 58.62
C GLU K 514 -28.46 -49.53 58.53
N GLN K 515 -28.93 -48.75 59.50
CA GLN K 515 -30.34 -48.36 59.53
C GLN K 515 -30.68 -47.47 58.34
N ASP K 516 -31.86 -47.66 57.78
CA ASP K 516 -32.29 -46.87 56.64
C ASP K 516 -32.49 -45.41 57.03
N GLY K 517 -32.02 -44.51 56.17
CA GLY K 517 -32.14 -43.09 56.41
C GLY K 517 -31.08 -42.51 57.32
N ASP K 518 -30.13 -43.31 57.81
CA ASP K 518 -29.09 -42.81 58.68
C ASP K 518 -28.03 -42.05 57.87
N ALA K 519 -27.54 -40.96 58.45
CA ALA K 519 -26.52 -40.17 57.78
C ALA K 519 -25.14 -40.80 57.99
N MET K 520 -24.17 -40.29 57.24
CA MET K 520 -22.80 -40.80 57.31
C MET K 520 -21.79 -39.69 57.06
N THR K 544 -12.04 -66.11 53.85
CA THR K 544 -12.69 -65.41 52.76
C THR K 544 -13.13 -66.37 51.65
N GLN K 545 -14.43 -66.41 51.38
CA GLN K 545 -14.95 -67.27 50.35
C GLN K 545 -14.49 -66.80 48.97
N ILE K 546 -14.29 -67.77 48.07
CA ILE K 546 -13.84 -67.44 46.72
C ILE K 546 -14.89 -66.61 45.99
N TYR K 547 -16.16 -67.00 46.11
CA TYR K 547 -17.25 -66.33 45.42
C TYR K 547 -17.98 -65.40 46.38
N GLU K 548 -18.24 -64.18 45.93
CA GLU K 548 -18.93 -63.19 46.75
C GLU K 548 -20.37 -63.61 46.98
N LYS K 549 -20.88 -63.26 48.17
CA LYS K 549 -22.28 -63.54 48.49
C LYS K 549 -23.21 -62.81 47.53
N HIS K 550 -24.20 -63.54 47.02
CA HIS K 550 -25.13 -62.95 46.06
C HIS K 550 -26.01 -61.91 46.73
N ASP K 551 -26.25 -60.81 46.03
CA ASP K 551 -27.11 -59.73 46.50
C ASP K 551 -28.18 -59.44 45.45
N ASN K 552 -29.40 -59.18 45.92
CA ASN K 552 -30.51 -58.94 45.00
C ASN K 552 -30.33 -57.64 44.22
N LEU K 553 -29.59 -56.68 44.76
CA LEU K 553 -29.38 -55.39 44.11
C LEU K 553 -28.05 -55.33 43.38
N LEU K 554 -26.96 -55.76 44.03
CA LEU K 554 -25.64 -55.71 43.38
C LEU K 554 -25.58 -56.65 42.18
N HIS K 555 -26.11 -57.86 42.32
CA HIS K 555 -26.09 -58.85 41.25
C HIS K 555 -27.39 -58.88 40.45
N GLY K 556 -28.52 -59.09 41.12
CA GLY K 556 -29.80 -59.15 40.46
C GLY K 556 -30.34 -60.58 40.37
N THR K 557 -31.64 -60.66 40.09
CA THR K 557 -32.28 -61.97 39.99
C THR K 557 -31.74 -62.77 38.82
N LYS K 558 -31.50 -62.12 37.69
CA LYS K 558 -31.00 -62.82 36.51
C LYS K 558 -29.58 -63.35 36.74
N LYS K 559 -28.75 -62.59 37.46
CA LYS K 559 -27.37 -62.96 37.71
C LYS K 559 -27.21 -63.98 38.84
N LYS K 560 -28.30 -64.63 39.26
CA LYS K 560 -28.19 -65.66 40.28
C LYS K 560 -27.41 -66.88 39.78
N LYS K 561 -27.31 -67.07 38.47
CA LYS K 561 -26.61 -68.21 37.91
C LYS K 561 -25.10 -68.08 37.98
N GLU K 562 -24.57 -66.88 38.26
CA GLU K 562 -23.14 -66.65 38.30
C GLU K 562 -22.80 -65.86 39.56
N LYS K 563 -21.55 -66.03 40.02
CA LYS K 563 -21.07 -65.36 41.21
C LYS K 563 -19.76 -64.65 40.93
N MET K 564 -19.50 -63.58 41.68
CA MET K 564 -18.30 -62.77 41.52
C MET K 564 -17.24 -63.17 42.55
N VAL K 565 -15.99 -63.02 42.15
CA VAL K 565 -14.86 -63.38 43.00
C VAL K 565 -14.63 -62.29 44.04
N SER K 566 -14.29 -62.70 45.26
CA SER K 566 -14.03 -61.75 46.33
C SER K 566 -12.73 -60.99 46.06
N ALA K 567 -12.64 -59.78 46.61
CA ALA K 567 -11.50 -58.91 46.34
C ALA K 567 -10.20 -59.48 46.91
N ALA K 568 -10.25 -59.97 48.16
CA ALA K 568 -9.03 -60.48 48.80
C ALA K 568 -8.49 -61.71 48.08
N PHE K 569 -9.39 -62.65 47.73
CA PHE K 569 -8.97 -63.84 47.00
C PHE K 569 -8.41 -63.46 45.63
N MET K 570 -9.04 -62.48 44.97
CA MET K 570 -8.53 -62.02 43.69
C MET K 570 -7.14 -61.43 43.81
N LYS K 571 -6.90 -60.63 44.86
CA LYS K 571 -5.58 -60.05 45.07
C LYS K 571 -4.54 -61.14 45.33
N LYS K 572 -4.87 -62.12 46.17
CA LYS K 572 -3.93 -63.20 46.45
C LYS K 572 -3.62 -64.00 45.19
N TYR K 573 -4.65 -64.31 44.38
CA TYR K 573 -4.41 -65.05 43.15
C TYR K 573 -3.59 -64.24 42.17
N ILE K 574 -3.83 -62.93 42.09
CA ILE K 574 -3.05 -62.07 41.21
C ILE K 574 -1.58 -62.07 41.62
N HIS K 575 -1.33 -61.97 42.93
CA HIS K 575 0.05 -62.00 43.41
C HIS K 575 0.73 -63.33 43.08
N VAL K 576 0.02 -64.44 43.32
CA VAL K 576 0.59 -65.77 43.03
C VAL K 576 0.87 -65.91 41.54
N ALA K 577 -0.06 -65.45 40.70
CA ALA K 577 0.14 -65.52 39.25
C ALA K 577 1.34 -64.67 38.82
N LYS K 578 1.48 -63.47 39.40
CA LYS K 578 2.63 -62.63 39.08
C LYS K 578 3.93 -63.29 39.51
N ILE K 579 3.89 -64.12 40.56
CA ILE K 579 5.08 -64.88 40.93
C ILE K 579 5.44 -65.89 39.84
N ILE K 580 4.43 -66.47 39.19
CA ILE K 580 4.66 -67.54 38.22
C ILE K 580 5.43 -67.03 37.02
N LYS K 581 6.38 -67.84 36.54
CA LYS K 581 7.22 -67.49 35.40
C LYS K 581 6.92 -68.43 34.23
N PRO K 582 6.15 -67.99 33.24
CA PRO K 582 5.83 -68.86 32.10
C PRO K 582 7.01 -68.97 31.13
N VAL K 583 6.93 -69.98 30.27
CA VAL K 583 7.94 -70.22 29.23
C VAL K 583 7.22 -70.36 27.89
N LEU K 584 7.71 -69.63 26.89
CA LEU K 584 7.13 -69.66 25.56
C LEU K 584 7.46 -70.97 24.85
N THR K 585 6.54 -71.44 24.01
CA THR K 585 6.69 -72.67 23.26
C THR K 585 6.98 -72.39 21.80
N GLN K 586 7.44 -73.43 21.10
CA GLN K 586 7.77 -73.29 19.68
C GLN K 586 6.53 -73.25 18.81
N GLU K 587 5.46 -73.96 19.20
CA GLU K 587 4.26 -74.00 18.38
C GLU K 587 3.62 -72.62 18.25
N SER K 588 3.57 -71.87 19.35
CA SER K 588 2.95 -70.54 19.32
C SER K 588 3.82 -69.52 18.60
N ALA K 589 5.14 -69.73 18.55
CA ALA K 589 6.02 -68.74 17.95
C ALA K 589 5.75 -68.58 16.46
N THR K 590 5.62 -69.69 15.74
CA THR K 590 5.35 -69.64 14.30
C THR K 590 3.99 -69.02 14.02
N TYR K 591 2.99 -69.38 14.83
CA TYR K 591 1.65 -68.82 14.65
C TYR K 591 1.66 -67.30 14.88
N ILE K 592 2.36 -66.85 15.92
CA ILE K 592 2.44 -65.42 16.20
C ILE K 592 3.18 -64.70 15.09
N ALA K 593 4.26 -65.31 14.57
CA ALA K 593 5.00 -64.70 13.47
C ALA K 593 4.14 -64.57 12.22
N GLU K 594 3.38 -65.62 11.90
CA GLU K 594 2.51 -65.56 10.72
C GLU K 594 1.42 -64.52 10.90
N GLU K 595 0.83 -64.43 12.09
CA GLU K 595 -0.19 -63.41 12.33
C GLU K 595 0.40 -62.01 12.31
N TYR K 596 1.63 -61.83 12.79
CA TYR K 596 2.29 -60.53 12.69
C TYR K 596 2.55 -60.16 11.24
N SER K 597 2.97 -61.13 10.42
CA SER K 597 3.17 -60.86 9.00
C SER K 597 1.85 -60.49 8.34
N ARG K 598 0.76 -61.16 8.70
CA ARG K 598 -0.55 -60.81 8.18
C ARG K 598 -0.95 -59.39 8.60
N LEU K 599 -0.67 -59.03 9.85
CA LEU K 599 -0.97 -57.68 10.33
C LEU K 599 -0.18 -56.63 9.55
N ARG K 600 1.11 -56.90 9.31
CA ARG K 600 1.91 -55.95 8.55
C ARG K 600 1.44 -55.86 7.10
N SER K 601 1.03 -56.98 6.53
CA SER K 601 0.54 -57.02 5.15
C SER K 601 -0.93 -56.62 5.03
N GLN K 602 -1.59 -56.35 6.15
CA GLN K 602 -3.00 -55.96 6.12
C GLN K 602 -3.21 -54.57 5.52
N ASP K 603 -2.14 -53.81 5.28
CA ASP K 603 -2.28 -52.49 4.68
C ASP K 603 -2.98 -52.57 3.32
N SER K 604 -2.75 -53.63 2.57
CA SER K 604 -3.47 -53.86 1.31
C SER K 604 -4.82 -54.51 1.52
N MET K 605 -5.13 -54.97 2.75
CA MET K 605 -6.40 -55.60 3.06
C MET K 605 -7.19 -54.80 4.11
N SER K 606 -6.84 -53.53 4.30
CA SER K 606 -7.52 -52.72 5.32
C SER K 606 -8.95 -52.38 4.93
N SER K 607 -9.29 -52.48 3.65
CA SER K 607 -10.64 -52.15 3.13
C SER K 607 -10.93 -50.69 3.50
N ASP K 608 -12.14 -50.38 3.96
CA ASP K 608 -12.48 -49.02 4.36
C ASP K 608 -12.12 -48.72 5.82
N THR K 609 -11.67 -49.72 6.57
CA THR K 609 -11.31 -49.51 7.97
C THR K 609 -9.96 -48.80 8.07
N ALA K 610 -9.86 -47.90 9.03
CA ALA K 610 -8.64 -47.16 9.30
C ALA K 610 -7.95 -47.71 10.54
N ARG K 611 -6.67 -47.39 10.68
CA ARG K 611 -5.86 -47.85 11.81
C ARG K 611 -5.68 -46.72 12.81
N THR K 612 -5.84 -47.05 14.10
CA THR K 612 -5.66 -46.05 15.15
C THR K 612 -4.18 -45.79 15.43
N SER K 613 -3.36 -46.83 15.37
CA SER K 613 -1.94 -46.71 15.67
C SER K 613 -1.12 -47.41 14.59
N PRO K 614 0.06 -46.89 14.28
CA PRO K 614 0.95 -47.58 13.33
C PRO K 614 1.45 -48.90 13.90
N VAL K 615 1.70 -49.85 13.00
CA VAL K 615 2.19 -51.17 13.36
C VAL K 615 3.69 -51.18 13.12
N THR K 616 4.46 -51.37 14.20
CA THR K 616 5.91 -51.38 14.13
C THR K 616 6.47 -52.65 14.76
N ALA K 617 7.79 -52.71 14.94
CA ALA K 617 8.41 -53.87 15.56
C ALA K 617 8.00 -54.04 17.01
N ARG K 618 7.55 -52.96 17.67
CA ARG K 618 7.11 -53.05 19.05
C ARG K 618 5.81 -53.84 19.19
N THR K 619 5.04 -53.99 18.11
CA THR K 619 3.80 -54.77 18.18
C THR K 619 4.08 -56.24 18.43
N LEU K 620 5.14 -56.79 17.84
CA LEU K 620 5.50 -58.19 18.10
C LEU K 620 5.87 -58.38 19.57
N GLU K 621 6.64 -57.46 20.13
CA GLU K 621 6.94 -57.50 21.56
C GLU K 621 5.65 -57.34 22.37
N THR K 622 4.74 -56.48 21.90
CA THR K 622 3.45 -56.35 22.56
C THR K 622 2.66 -57.65 22.51
N LEU K 623 2.68 -58.34 21.36
CA LEU K 623 2.00 -59.62 21.25
C LEU K 623 2.59 -60.64 22.22
N ILE K 624 3.92 -60.71 22.30
CA ILE K 624 4.57 -61.65 23.20
C ILE K 624 4.24 -61.32 24.65
N ARG K 625 4.24 -60.04 25.00
CA ARG K 625 3.95 -59.64 26.38
C ARG K 625 2.51 -59.93 26.76
N LEU K 626 1.57 -59.67 25.83
CA LEU K 626 0.17 -60.00 26.11
C LEU K 626 -0.03 -61.50 26.24
N ALA K 627 0.66 -62.29 25.41
CA ALA K 627 0.61 -63.74 25.55
C ALA K 627 1.16 -64.17 26.90
N THR K 628 2.26 -63.56 27.35
CA THR K 628 2.82 -63.89 28.65
C THR K 628 1.85 -63.55 29.78
N ALA K 629 1.18 -62.39 29.68
CA ALA K 629 0.19 -62.03 30.69
C ALA K 629 -0.98 -63.00 30.71
N HIS K 630 -1.47 -63.39 29.52
CA HIS K 630 -2.56 -64.36 29.46
C HIS K 630 -2.13 -65.72 30.01
N ALA K 631 -0.88 -66.11 29.78
CA ALA K 631 -0.37 -67.34 30.38
C ALA K 631 -0.26 -67.22 31.89
N LYS K 632 0.06 -66.01 32.38
CA LYS K 632 0.04 -65.76 33.83
C LYS K 632 -1.37 -65.82 34.39
N ALA K 633 -2.40 -65.55 33.57
CA ALA K 633 -3.77 -65.54 34.08
C ALA K 633 -4.16 -66.90 34.65
N ARG K 634 -3.81 -67.98 33.96
CA ARG K 634 -4.11 -69.34 34.41
C ARG K 634 -2.79 -70.02 34.79
N MET K 635 -2.78 -70.66 35.95
CA MET K 635 -1.56 -71.27 36.46
C MET K 635 -1.09 -72.40 35.55
N SER K 636 0.00 -72.15 34.82
CA SER K 636 0.55 -73.13 33.89
C SER K 636 2.05 -72.89 33.78
N LYS K 637 2.68 -73.53 32.80
CA LYS K 637 4.12 -73.40 32.60
C LYS K 637 4.45 -73.10 31.15
N THR K 638 3.54 -73.43 30.24
CA THR K 638 3.78 -73.30 28.81
C THR K 638 2.72 -72.42 28.15
N VAL K 639 3.04 -71.93 26.97
CA VAL K 639 2.16 -71.08 26.17
C VAL K 639 1.44 -71.94 25.16
N ASP K 640 0.12 -71.82 25.10
CA ASP K 640 -0.72 -72.59 24.19
C ASP K 640 -1.22 -71.70 23.05
N LEU K 641 -1.99 -72.30 22.15
CA LEU K 641 -2.46 -71.58 20.97
C LEU K 641 -3.50 -70.53 21.35
N GLN K 642 -4.48 -70.89 22.17
CA GLN K 642 -5.49 -69.92 22.60
C GLN K 642 -4.88 -68.78 23.38
N ASP K 643 -3.74 -69.02 24.03
CA ASP K 643 -3.04 -67.96 24.74
C ASP K 643 -2.64 -66.84 23.80
N ALA K 644 -2.10 -67.18 22.63
CA ALA K 644 -1.78 -66.18 21.63
C ALA K 644 -3.02 -65.68 20.89
N GLU K 645 -4.04 -66.54 20.74
CA GLU K 645 -5.25 -66.13 20.04
C GLU K 645 -5.98 -65.02 20.78
N GLU K 646 -6.01 -65.08 22.11
CA GLU K 646 -6.64 -64.02 22.89
C GLU K 646 -5.94 -62.68 22.67
N ALA K 647 -4.61 -62.68 22.70
CA ALA K 647 -3.86 -61.46 22.45
C ALA K 647 -4.08 -60.96 21.03
N VAL K 648 -4.15 -61.87 20.06
CA VAL K 648 -4.40 -61.47 18.68
C VAL K 648 -5.78 -60.84 18.54
N GLU K 649 -6.78 -61.41 19.20
CA GLU K 649 -8.12 -60.83 19.18
C GLU K 649 -8.12 -59.44 19.81
N LEU K 650 -7.40 -59.27 20.92
CA LEU K 650 -7.31 -57.95 21.55
C LEU K 650 -6.66 -56.94 20.61
N VAL K 651 -5.60 -57.35 19.91
CA VAL K 651 -4.93 -56.47 18.97
C VAL K 651 -5.86 -56.12 17.81
N GLN K 652 -6.62 -57.10 17.31
CA GLN K 652 -7.57 -56.84 16.23
C GLN K 652 -8.62 -55.83 16.67
N TYR K 653 -9.16 -55.97 17.88
CA TYR K 653 -10.15 -55.03 18.36
C TYR K 653 -9.56 -53.63 18.54
N ALA K 654 -8.37 -53.54 19.13
CA ALA K 654 -7.81 -52.23 19.49
C ALA K 654 -7.29 -51.48 18.27
N TYR K 655 -6.60 -52.18 17.36
CA TYR K 655 -5.86 -51.49 16.30
C TYR K 655 -6.74 -50.97 15.19
N PHE K 656 -7.80 -51.69 14.83
CA PHE K 656 -8.63 -51.36 13.68
C PHE K 656 -9.99 -50.85 14.12
N LYS K 657 -10.42 -49.75 13.53
CA LYS K 657 -11.73 -49.16 13.77
C LYS K 657 -12.36 -48.77 12.44
N LYS K 658 -13.67 -49.00 12.33
CA LYS K 658 -14.39 -48.65 11.10
C LYS K 658 -14.73 -47.17 11.07
N SER L 486 25.71 -37.00 -84.31
CA SER L 486 26.71 -37.35 -83.30
C SER L 486 26.14 -38.33 -82.29
N VAL L 487 27.03 -39.04 -81.61
CA VAL L 487 26.61 -40.00 -80.59
C VAL L 487 25.90 -39.28 -79.45
N LEU L 488 26.43 -38.14 -79.02
CA LEU L 488 25.79 -37.38 -77.95
C LEU L 488 24.41 -36.90 -78.37
N GLU L 489 24.27 -36.45 -79.62
CA GLU L 489 22.95 -36.05 -80.12
C GLU L 489 21.98 -37.21 -80.14
N GLU L 490 22.44 -38.40 -80.56
CA GLU L 490 21.58 -39.57 -80.55
C GLU L 490 21.15 -39.93 -79.12
N ALA L 491 22.08 -39.86 -78.18
CA ALA L 491 21.75 -40.15 -76.78
C ALA L 491 20.74 -39.14 -76.25
N ARG L 492 20.91 -37.86 -76.60
CA ARG L 492 19.94 -36.84 -76.19
C ARG L 492 18.56 -37.13 -76.77
N LEU L 493 18.51 -37.54 -78.03
CA LEU L 493 17.22 -37.87 -78.65
C LEU L 493 16.57 -39.08 -77.96
N ARG L 494 17.35 -40.10 -77.62
CA ARG L 494 16.79 -41.28 -76.98
C ARG L 494 16.32 -40.99 -75.56
N LEU L 495 16.99 -40.09 -74.85
CA LEU L 495 16.73 -39.86 -73.43
C LEU L 495 15.63 -38.83 -73.17
N HIS L 496 14.99 -38.30 -74.21
CA HIS L 496 13.96 -37.30 -74.01
C HIS L 496 12.73 -37.91 -73.34
N VAL L 497 12.01 -37.09 -72.59
CA VAL L 497 10.90 -37.59 -71.79
C VAL L 497 9.77 -38.08 -72.68
N SER L 498 9.40 -37.29 -73.69
CA SER L 498 8.26 -37.64 -74.54
C SER L 498 8.52 -38.84 -75.43
N ALA L 499 9.77 -39.27 -75.57
CA ALA L 499 10.11 -40.44 -76.38
C ALA L 499 9.71 -41.70 -75.61
N VAL L 500 8.42 -42.00 -75.66
CA VAL L 500 7.88 -43.14 -74.91
C VAL L 500 8.32 -44.44 -75.58
N PRO L 501 8.79 -45.43 -74.83
CA PRO L 501 9.10 -46.73 -75.42
C PRO L 501 7.84 -47.52 -75.73
N GLU L 502 7.99 -48.51 -76.62
CA GLU L 502 6.85 -49.34 -77.00
C GLU L 502 6.35 -50.15 -75.81
N SER L 503 7.24 -50.88 -75.15
CA SER L 503 6.86 -51.68 -73.99
C SER L 503 8.10 -52.10 -73.19
N LEU L 504 8.15 -51.75 -71.91
CA LEU L 504 9.25 -52.14 -71.05
C LEU L 504 8.77 -53.13 -70.00
N PRO L 505 9.34 -54.34 -69.96
CA PRO L 505 8.86 -55.35 -68.99
C PRO L 505 9.10 -55.01 -67.53
N CYS L 506 9.64 -53.83 -67.22
CA CYS L 506 9.87 -53.47 -65.82
C CYS L 506 8.57 -53.44 -65.02
N ARG L 507 7.46 -53.11 -65.67
CA ARG L 507 6.14 -53.14 -65.05
C ARG L 507 5.24 -54.21 -65.67
N GLU L 508 5.84 -55.27 -66.23
CA GLU L 508 5.07 -56.25 -66.99
C GLU L 508 4.06 -56.97 -66.11
N GLN L 509 4.38 -57.17 -64.83
CA GLN L 509 3.46 -57.82 -63.90
C GLN L 509 2.18 -56.99 -63.71
N GLU L 510 2.35 -55.69 -63.43
CA GLU L 510 1.19 -54.81 -63.28
C GLU L 510 0.41 -54.72 -64.59
N PHE L 511 1.13 -54.63 -65.71
CA PHE L 511 0.50 -54.66 -67.02
C PHE L 511 -0.35 -55.91 -67.19
N GLN L 512 0.20 -57.08 -66.81
CA GLN L 512 -0.53 -58.33 -66.94
C GLN L 512 -1.77 -58.35 -66.06
N ASP L 513 -1.67 -57.85 -64.84
CA ASP L 513 -2.83 -57.81 -63.95
C ASP L 513 -3.94 -56.94 -64.55
N ILE L 514 -3.59 -55.73 -65.00
CA ILE L 514 -4.57 -54.86 -65.62
C ILE L 514 -5.13 -55.50 -66.89
N TYR L 515 -4.28 -56.20 -67.64
CA TYR L 515 -4.69 -56.87 -68.86
C TYR L 515 -5.70 -57.99 -68.58
N ASN L 516 -5.55 -58.70 -67.47
CA ASN L 516 -6.57 -59.68 -67.09
C ASN L 516 -7.86 -58.99 -66.69
N PHE L 517 -7.78 -57.96 -65.85
CA PHE L 517 -8.98 -57.33 -65.33
C PHE L 517 -9.82 -56.73 -66.46
N VAL L 518 -9.21 -55.88 -67.29
CA VAL L 518 -9.95 -55.20 -68.34
C VAL L 518 -10.46 -56.20 -69.38
N GLU L 519 -9.66 -57.23 -69.67
CA GLU L 519 -10.10 -58.26 -70.61
C GLU L 519 -11.34 -58.97 -70.09
N SER L 520 -11.35 -59.29 -68.78
CA SER L 520 -12.53 -59.93 -68.20
C SER L 520 -13.74 -59.01 -68.26
N LYS L 521 -13.54 -57.72 -67.97
CA LYS L 521 -14.65 -56.77 -68.07
C LYS L 521 -15.12 -56.57 -69.50
N LEU L 522 -14.27 -56.77 -70.49
CA LEU L 522 -14.67 -56.61 -71.88
C LEU L 522 -15.33 -57.86 -72.45
N LEU L 523 -14.97 -59.04 -71.95
CA LEU L 523 -15.55 -60.28 -72.48
C LEU L 523 -16.95 -60.56 -71.98
N ASP L 524 -17.29 -60.10 -70.77
CA ASP L 524 -18.58 -60.42 -70.15
C ASP L 524 -19.64 -59.36 -70.40
N HIS L 525 -19.31 -58.29 -71.12
CA HIS L 525 -20.24 -57.16 -71.33
C HIS L 525 -20.75 -56.61 -70.00
N THR L 526 -19.85 -56.48 -69.04
CA THR L 526 -20.18 -55.96 -67.72
C THR L 526 -19.14 -54.93 -67.32
N GLY L 527 -19.61 -53.86 -66.66
CA GLY L 527 -18.72 -52.79 -66.24
C GLY L 527 -17.91 -53.15 -65.01
N GLY L 528 -17.01 -52.24 -64.66
CA GLY L 528 -16.16 -52.42 -63.49
C GLY L 528 -15.43 -51.14 -63.16
N CYS L 529 -14.76 -51.16 -62.02
CA CYS L 529 -14.00 -50.01 -61.55
C CYS L 529 -12.75 -50.48 -60.83
N MET L 530 -11.64 -49.76 -61.07
CA MET L 530 -10.39 -50.01 -60.39
C MET L 530 -9.75 -48.69 -59.98
N TYR L 531 -9.20 -48.66 -58.78
CA TYR L 531 -8.49 -47.50 -58.25
C TYR L 531 -7.00 -47.82 -58.18
N ILE L 532 -6.19 -46.97 -58.79
CA ILE L 532 -4.74 -47.15 -58.82
C ILE L 532 -4.11 -45.91 -58.20
N SER L 533 -3.28 -46.12 -57.17
CA SER L 533 -2.60 -45.05 -56.48
C SER L 533 -1.09 -45.26 -56.56
N GLY L 534 -0.36 -44.18 -56.86
CA GLY L 534 1.08 -44.25 -56.94
C GLY L 534 1.73 -42.89 -57.01
N VAL L 535 2.98 -42.80 -56.55
CA VAL L 535 3.73 -41.55 -56.55
C VAL L 535 4.02 -41.13 -58.00
N PRO L 536 4.18 -39.85 -58.28
CA PRO L 536 4.44 -39.44 -59.67
C PRO L 536 5.77 -39.97 -60.16
N GLY L 537 5.84 -40.21 -61.46
CA GLY L 537 7.03 -40.77 -62.08
C GLY L 537 7.06 -42.28 -62.14
N THR L 538 5.99 -42.96 -61.76
CA THR L 538 5.92 -44.42 -61.82
C THR L 538 5.38 -44.93 -63.15
N GLY L 539 5.10 -44.04 -64.09
CA GLY L 539 4.60 -44.47 -65.39
C GLY L 539 3.16 -44.91 -65.41
N LYS L 540 2.33 -44.37 -64.52
CA LYS L 540 0.92 -44.77 -64.48
C LYS L 540 0.21 -44.40 -65.77
N THR L 541 0.34 -43.14 -66.20
CA THR L 541 -0.32 -42.70 -67.43
C THR L 541 0.23 -43.45 -68.64
N ALA L 542 1.55 -43.63 -68.70
CA ALA L 542 2.14 -44.36 -69.81
C ALA L 542 1.66 -45.81 -69.84
N THR L 543 1.59 -46.46 -68.67
CA THR L 543 1.12 -47.84 -68.62
C THR L 543 -0.34 -47.94 -69.05
N VAL L 544 -1.19 -47.02 -68.58
CA VAL L 544 -2.60 -47.04 -68.96
C VAL L 544 -2.74 -46.82 -70.46
N HIS L 545 -1.99 -45.88 -71.02
CA HIS L 545 -2.08 -45.61 -72.45
C HIS L 545 -1.58 -46.81 -73.27
N GLU L 546 -0.53 -47.49 -72.79
CA GLU L 546 -0.03 -48.67 -73.50
C GLU L 546 -1.06 -49.80 -73.45
N VAL L 547 -1.72 -49.97 -72.29
CA VAL L 547 -2.77 -50.98 -72.19
C VAL L 547 -3.92 -50.66 -73.13
N ILE L 548 -4.29 -49.37 -73.21
CA ILE L 548 -5.35 -48.95 -74.13
C ILE L 548 -4.92 -49.22 -75.58
N ARG L 549 -3.65 -48.98 -75.89
CA ARG L 549 -3.13 -49.28 -77.22
C ARG L 549 -3.26 -50.77 -77.54
N CYS L 550 -2.89 -51.62 -76.58
CA CYS L 550 -2.99 -53.06 -76.79
C CYS L 550 -4.43 -53.50 -76.96
N LEU L 551 -5.34 -52.92 -76.16
CA LEU L 551 -6.77 -53.25 -76.29
C LEU L 551 -7.31 -52.83 -77.65
N GLN L 552 -6.93 -51.63 -78.10
CA GLN L 552 -7.38 -51.16 -79.41
C GLN L 552 -6.83 -52.03 -80.53
N GLN L 553 -5.57 -52.46 -80.39
CA GLN L 553 -4.99 -53.37 -81.39
C GLN L 553 -5.73 -54.69 -81.41
N ALA L 554 -6.08 -55.22 -80.23
CA ALA L 554 -6.85 -56.47 -80.17
C ALA L 554 -8.22 -56.29 -80.81
N ALA L 555 -8.86 -55.15 -80.58
CA ALA L 555 -10.14 -54.88 -81.21
C ALA L 555 -10.01 -54.80 -82.73
N GLN L 556 -8.92 -54.16 -83.20
CA GLN L 556 -8.67 -54.08 -84.64
C GLN L 556 -8.47 -55.46 -85.26
N ALA L 557 -7.99 -56.41 -84.47
CA ALA L 557 -7.80 -57.79 -84.91
C ALA L 557 -9.01 -58.67 -84.59
N ASN L 558 -10.20 -58.07 -84.58
CA ASN L 558 -11.52 -58.70 -84.38
C ASN L 558 -11.50 -59.85 -83.38
N ASP L 559 -10.76 -59.66 -82.28
CA ASP L 559 -10.77 -60.61 -81.17
C ASP L 559 -11.56 -60.11 -79.97
N VAL L 560 -11.73 -58.80 -79.84
CA VAL L 560 -12.49 -58.19 -78.75
C VAL L 560 -13.63 -57.40 -79.38
N PRO L 561 -14.83 -57.42 -78.79
CA PRO L 561 -15.91 -56.59 -79.34
C PRO L 561 -15.52 -55.12 -79.32
N PRO L 562 -15.98 -54.34 -80.29
CA PRO L 562 -15.53 -52.95 -80.40
C PRO L 562 -15.97 -52.13 -79.20
N PHE L 563 -15.13 -51.15 -78.85
CA PHE L 563 -15.33 -50.33 -77.66
C PHE L 563 -15.03 -48.88 -77.99
N GLN L 564 -15.63 -47.99 -77.22
CA GLN L 564 -15.42 -46.54 -77.33
C GLN L 564 -14.55 -46.09 -76.17
N TYR L 565 -13.46 -45.39 -76.50
CA TYR L 565 -12.51 -44.93 -75.49
C TYR L 565 -12.64 -43.43 -75.31
N ILE L 566 -12.79 -43.00 -74.05
CA ILE L 566 -12.89 -41.59 -73.69
C ILE L 566 -11.89 -41.31 -72.57
N GLU L 567 -11.10 -40.25 -72.73
CA GLU L 567 -10.10 -39.86 -71.75
C GLU L 567 -10.35 -38.42 -71.32
N VAL L 568 -10.34 -38.19 -70.01
CA VAL L 568 -10.53 -36.85 -69.44
C VAL L 568 -9.47 -36.63 -68.38
N ASN L 569 -9.00 -35.38 -68.27
CA ASN L 569 -8.03 -34.98 -67.27
C ASN L 569 -8.70 -33.99 -66.32
N GLY L 570 -8.59 -34.25 -65.02
CA GLY L 570 -9.25 -33.40 -64.04
C GLY L 570 -8.68 -32.00 -63.99
N MET L 571 -7.35 -31.87 -64.05
CA MET L 571 -6.70 -30.58 -63.91
C MET L 571 -6.72 -29.78 -65.21
N LYS L 572 -7.18 -30.36 -66.31
CA LYS L 572 -7.32 -29.65 -67.58
C LYS L 572 -8.72 -29.06 -67.75
N LEU L 573 -9.50 -28.97 -66.69
CA LEU L 573 -10.87 -28.48 -66.75
C LEU L 573 -10.99 -27.21 -65.91
N THR L 574 -11.62 -26.18 -66.47
CA THR L 574 -11.78 -24.92 -65.76
C THR L 574 -12.69 -25.07 -64.54
N GLU L 575 -13.76 -25.86 -64.68
CA GLU L 575 -14.69 -26.08 -63.58
C GLU L 575 -14.94 -27.57 -63.38
N PRO L 576 -15.22 -27.99 -62.15
CA PRO L 576 -15.50 -29.43 -61.92
C PRO L 576 -16.74 -29.92 -62.64
N HIS L 577 -17.85 -29.18 -62.57
CA HIS L 577 -19.09 -29.65 -63.18
C HIS L 577 -18.99 -29.72 -64.70
N GLN L 578 -18.01 -29.05 -65.28
CA GLN L 578 -17.87 -29.07 -66.74
C GLN L 578 -17.44 -30.43 -67.27
N VAL L 579 -17.01 -31.35 -66.40
CA VAL L 579 -16.62 -32.69 -66.86
C VAL L 579 -17.83 -33.39 -67.47
N TYR L 580 -19.03 -33.06 -67.01
CA TYR L 580 -20.24 -33.62 -67.61
C TYR L 580 -20.37 -33.21 -69.07
N VAL L 581 -20.03 -31.95 -69.37
CA VAL L 581 -20.08 -31.47 -70.75
C VAL L 581 -19.02 -32.16 -71.59
N GLN L 582 -17.83 -32.35 -71.01
CA GLN L 582 -16.72 -32.95 -71.77
C GLN L 582 -17.05 -34.37 -72.20
N ILE L 583 -17.55 -35.20 -71.28
CA ILE L 583 -17.85 -36.59 -71.61
C ILE L 583 -18.96 -36.66 -72.65
N LEU L 584 -20.02 -35.86 -72.45
CA LEU L 584 -21.13 -35.85 -73.38
C LEU L 584 -20.69 -35.44 -74.78
N GLN L 585 -19.92 -34.35 -74.86
CA GLN L 585 -19.40 -33.91 -76.15
C GLN L 585 -18.46 -34.93 -76.77
N LYS L 586 -17.76 -35.71 -75.96
CA LYS L 586 -16.90 -36.76 -76.49
C LYS L 586 -17.70 -37.94 -77.03
N LEU L 587 -18.88 -38.21 -76.47
CA LEU L 587 -19.67 -39.35 -76.90
C LEU L 587 -20.74 -39.00 -77.92
N THR L 588 -21.33 -37.80 -77.85
CA THR L 588 -22.36 -37.41 -78.81
C THR L 588 -22.13 -36.04 -79.44
N GLY L 589 -21.22 -35.23 -78.94
CA GLY L 589 -20.95 -33.94 -79.52
C GLY L 589 -21.98 -32.87 -79.23
N GLN L 590 -22.88 -33.10 -78.29
CA GLN L 590 -23.93 -32.14 -77.96
C GLN L 590 -23.44 -31.15 -76.92
N LYS L 591 -23.90 -29.91 -77.02
CA LYS L 591 -23.56 -28.86 -76.07
C LYS L 591 -24.76 -28.61 -75.15
N ALA L 592 -24.51 -28.67 -73.85
CA ALA L 592 -25.57 -28.48 -72.87
C ALA L 592 -24.96 -27.95 -71.58
N THR L 593 -25.83 -27.48 -70.69
CA THR L 593 -25.38 -26.94 -69.42
C THR L 593 -24.83 -28.08 -68.55
N ALA L 594 -24.12 -27.70 -67.49
CA ALA L 594 -23.55 -28.70 -66.60
C ALA L 594 -24.62 -29.60 -66.01
N ASN L 595 -25.68 -29.00 -65.46
CA ASN L 595 -26.76 -29.80 -64.88
C ASN L 595 -27.51 -30.57 -65.95
N HIS L 596 -27.78 -29.96 -67.10
CA HIS L 596 -28.49 -30.67 -68.16
C HIS L 596 -27.63 -31.78 -68.77
N ALA L 597 -26.32 -31.53 -68.91
CA ALA L 597 -25.43 -32.59 -69.38
C ALA L 597 -25.40 -33.75 -68.39
N ALA L 598 -25.36 -33.43 -67.10
CA ALA L 598 -25.41 -34.49 -66.08
C ALA L 598 -26.71 -35.27 -66.17
N GLU L 599 -27.84 -34.57 -66.35
CA GLU L 599 -29.13 -35.23 -66.45
C GLU L 599 -29.19 -36.12 -67.68
N LEU L 600 -28.69 -35.65 -68.82
CA LEU L 600 -28.70 -36.46 -70.04
C LEU L 600 -27.80 -37.68 -69.91
N LEU L 601 -26.62 -37.52 -69.30
CA LEU L 601 -25.75 -38.66 -69.06
C LEU L 601 -26.41 -39.65 -68.12
N ALA L 602 -27.10 -39.16 -67.09
CA ALA L 602 -27.83 -40.03 -66.19
C ALA L 602 -28.92 -40.81 -66.92
N LYS L 603 -29.66 -40.13 -67.78
CA LYS L 603 -30.71 -40.79 -68.56
C LYS L 603 -30.13 -41.85 -69.48
N GLN L 604 -28.99 -41.56 -70.10
CA GLN L 604 -28.37 -42.53 -71.00
C GLN L 604 -27.86 -43.74 -70.24
N PHE L 605 -27.29 -43.53 -69.05
CA PHE L 605 -26.67 -44.61 -68.30
C PHE L 605 -27.62 -45.32 -67.35
N CYS L 606 -28.86 -44.86 -67.20
CA CYS L 606 -29.82 -45.54 -66.33
C CYS L 606 -30.97 -46.18 -67.09
N THR L 607 -31.27 -45.73 -68.30
CA THR L 607 -32.38 -46.24 -69.10
C THR L 607 -31.88 -47.27 -70.11
N ARG L 608 -32.70 -48.27 -70.37
CA ARG L 608 -32.35 -49.31 -71.34
C ARG L 608 -32.45 -48.75 -72.75
N GLY L 609 -31.37 -48.15 -73.23
CA GLY L 609 -31.32 -47.60 -74.57
C GLY L 609 -30.85 -48.60 -75.59
N SER L 610 -30.42 -48.08 -76.74
CA SER L 610 -29.89 -48.93 -77.79
C SER L 610 -28.59 -49.60 -77.33
N PRO L 611 -28.35 -50.84 -77.76
CA PRO L 611 -27.10 -51.51 -77.36
C PRO L 611 -25.88 -50.83 -77.94
N GLN L 612 -25.08 -50.22 -77.07
CA GLN L 612 -23.90 -49.47 -77.47
C GLN L 612 -22.63 -50.26 -77.18
N GLU L 613 -21.54 -49.80 -77.78
CA GLU L 613 -20.23 -50.41 -77.52
C GLU L 613 -19.82 -50.16 -76.07
N THR L 614 -19.03 -51.09 -75.54
CA THR L 614 -18.53 -50.93 -74.18
C THR L 614 -17.70 -49.65 -74.07
N THR L 615 -17.97 -48.87 -73.03
CA THR L 615 -17.35 -47.56 -72.87
C THR L 615 -16.17 -47.68 -71.90
N VAL L 616 -15.00 -47.26 -72.36
CA VAL L 616 -13.79 -47.24 -71.54
C VAL L 616 -13.52 -45.79 -71.17
N LEU L 617 -13.70 -45.47 -69.90
CA LEU L 617 -13.53 -44.11 -69.39
C LEU L 617 -12.26 -44.03 -68.57
N LEU L 618 -11.39 -43.08 -68.91
CA LEU L 618 -10.18 -42.80 -68.17
C LEU L 618 -10.27 -41.40 -67.58
N VAL L 619 -10.11 -41.31 -66.26
CA VAL L 619 -10.13 -40.03 -65.56
C VAL L 619 -8.77 -39.84 -64.92
N ASP L 620 -8.12 -38.73 -65.23
CA ASP L 620 -6.81 -38.41 -64.70
C ASP L 620 -6.92 -37.37 -63.60
N GLU L 621 -6.05 -37.51 -62.60
CA GLU L 621 -5.96 -36.57 -61.47
C GLU L 621 -7.30 -36.52 -60.72
N LEU L 622 -7.66 -37.66 -60.13
CA LEU L 622 -8.97 -37.80 -59.50
C LEU L 622 -9.13 -36.84 -58.31
N ASP L 623 -8.08 -36.67 -57.52
CA ASP L 623 -8.19 -35.90 -56.29
C ASP L 623 -8.59 -34.45 -56.52
N LEU L 624 -8.42 -33.94 -57.73
CA LEU L 624 -8.76 -32.57 -58.06
C LEU L 624 -10.23 -32.39 -58.45
N LEU L 625 -11.01 -33.47 -58.48
CA LEU L 625 -12.44 -33.42 -58.74
C LEU L 625 -13.26 -33.34 -57.47
N TRP L 626 -12.61 -33.16 -56.32
CA TRP L 626 -13.31 -33.16 -55.04
C TRP L 626 -14.28 -31.99 -54.94
N THR L 627 -15.41 -32.24 -54.28
CA THR L 627 -16.43 -31.23 -54.04
C THR L 627 -17.00 -31.46 -52.65
N HIS L 628 -17.42 -30.37 -52.00
CA HIS L 628 -17.95 -30.47 -50.64
C HIS L 628 -19.19 -31.35 -50.59
N LYS L 629 -19.94 -31.45 -51.68
CA LYS L 629 -21.11 -32.31 -51.73
C LYS L 629 -20.79 -33.72 -52.20
N GLN L 630 -19.62 -33.93 -52.84
CA GLN L 630 -19.17 -35.24 -53.29
C GLN L 630 -20.15 -35.89 -54.26
N ASP L 631 -20.92 -35.07 -54.98
CA ASP L 631 -21.89 -35.62 -55.92
C ASP L 631 -21.20 -36.17 -57.17
N ILE L 632 -20.20 -35.45 -57.68
CA ILE L 632 -19.53 -35.86 -58.91
C ILE L 632 -18.80 -37.18 -58.70
N MET L 633 -18.06 -37.29 -57.59
CA MET L 633 -17.33 -38.52 -57.30
C MET L 633 -18.27 -39.69 -57.07
N TYR L 634 -19.37 -39.46 -56.35
CA TYR L 634 -20.35 -40.51 -56.12
C TYR L 634 -20.95 -40.99 -57.43
N ASN L 635 -21.30 -40.06 -58.32
CA ASN L 635 -21.83 -40.46 -59.62
C ASN L 635 -20.79 -41.21 -60.44
N LEU L 636 -19.54 -40.74 -60.43
CA LEU L 636 -18.50 -41.37 -61.24
C LEU L 636 -18.25 -42.80 -60.79
N PHE L 637 -18.22 -43.05 -59.49
CA PHE L 637 -17.94 -44.39 -58.99
C PHE L 637 -19.19 -45.20 -58.69
N ASP L 638 -20.38 -44.65 -58.97
CA ASP L 638 -21.62 -45.40 -58.80
C ASP L 638 -22.27 -45.79 -60.11
N TRP L 639 -22.03 -45.03 -61.18
CA TRP L 639 -22.67 -45.33 -62.46
C TRP L 639 -22.26 -46.67 -63.05
N PRO L 640 -20.99 -47.08 -63.05
CA PRO L 640 -20.65 -48.40 -63.58
C PRO L 640 -21.29 -49.55 -62.81
N THR L 641 -21.73 -49.33 -61.58
CA THR L 641 -22.41 -50.38 -60.84
C THR L 641 -23.68 -50.83 -61.54
N HIS L 642 -24.35 -49.92 -62.25
CA HIS L 642 -25.51 -50.28 -63.04
C HIS L 642 -25.13 -51.25 -64.16
N LYS L 643 -25.96 -52.27 -64.36
CA LYS L 643 -25.69 -53.25 -65.40
C LYS L 643 -25.73 -52.63 -66.79
N GLU L 644 -26.68 -51.72 -67.01
CA GLU L 644 -26.87 -51.09 -68.33
C GLU L 644 -25.75 -50.12 -68.68
N ALA L 645 -24.89 -49.76 -67.73
CA ALA L 645 -23.87 -48.74 -68.00
C ALA L 645 -22.84 -49.22 -69.01
N ARG L 646 -22.38 -50.47 -68.88
CA ARG L 646 -21.29 -50.99 -69.71
C ARG L 646 -20.07 -50.08 -69.65
N LEU L 647 -19.78 -49.59 -68.45
CA LEU L 647 -18.73 -48.59 -68.25
C LEU L 647 -17.63 -49.15 -67.36
N VAL L 648 -16.39 -49.01 -67.81
CA VAL L 648 -15.21 -49.40 -67.04
C VAL L 648 -14.41 -48.14 -66.75
N VAL L 649 -14.16 -47.88 -65.47
CA VAL L 649 -13.53 -46.65 -65.02
C VAL L 649 -12.26 -46.99 -64.27
N LEU L 650 -11.15 -46.34 -64.64
CA LEU L 650 -9.88 -46.47 -63.95
C LEU L 650 -9.51 -45.10 -63.39
N ALA L 651 -9.26 -45.03 -62.09
CA ALA L 651 -8.97 -43.78 -61.39
C ALA L 651 -7.49 -43.77 -61.02
N ILE L 652 -6.75 -42.81 -61.55
CA ILE L 652 -5.33 -42.65 -61.27
C ILE L 652 -5.15 -41.51 -60.29
N ALA L 653 -4.44 -41.77 -59.19
CA ALA L 653 -4.21 -40.78 -58.15
C ALA L 653 -2.86 -41.06 -57.49
N ASN L 654 -2.42 -40.11 -56.67
CA ASN L 654 -1.16 -40.24 -55.96
C ASN L 654 -1.31 -40.70 -54.52
N THR L 655 -2.44 -40.40 -53.88
CA THR L 655 -2.66 -40.76 -52.48
C THR L 655 -3.51 -42.03 -52.39
N MET L 656 -3.00 -43.00 -51.64
CA MET L 656 -3.73 -44.24 -51.40
C MET L 656 -4.76 -44.11 -50.28
N ASP L 657 -4.68 -43.05 -49.49
CA ASP L 657 -5.61 -42.81 -48.39
C ASP L 657 -6.93 -42.23 -48.88
N LEU L 658 -6.97 -41.74 -50.12
CA LEU L 658 -8.16 -41.07 -50.66
C LEU L 658 -9.46 -41.85 -50.47
N PRO L 659 -9.56 -43.14 -50.83
CA PRO L 659 -10.84 -43.83 -50.65
C PRO L 659 -11.23 -44.04 -49.20
N GLU L 660 -10.33 -43.78 -48.25
CA GLU L 660 -10.61 -43.95 -46.83
C GLU L 660 -11.03 -42.65 -46.15
N ARG L 661 -10.17 -41.63 -46.23
CA ARG L 661 -10.43 -40.38 -45.54
C ARG L 661 -11.08 -39.31 -46.41
N ILE L 662 -11.12 -39.49 -47.73
CA ILE L 662 -11.76 -38.54 -48.62
C ILE L 662 -13.09 -39.08 -49.16
N MET L 663 -13.25 -40.38 -49.28
CA MET L 663 -14.43 -41.01 -49.86
C MET L 663 -15.30 -41.60 -48.75
N MET L 664 -16.61 -41.40 -48.87
CA MET L 664 -17.54 -41.87 -47.86
C MET L 664 -17.74 -43.38 -47.97
N ASN L 665 -18.50 -43.93 -47.02
CA ASN L 665 -18.45 -45.37 -46.76
C ASN L 665 -18.96 -46.19 -47.93
N ARG L 666 -20.11 -45.83 -48.49
CA ARG L 666 -20.72 -46.66 -49.53
C ARG L 666 -19.86 -46.71 -50.79
N VAL L 667 -19.25 -45.58 -51.17
CA VAL L 667 -18.36 -45.59 -52.33
C VAL L 667 -16.98 -46.13 -51.98
N SER L 668 -16.55 -45.99 -50.72
CA SER L 668 -15.30 -46.60 -50.28
C SER L 668 -15.36 -48.12 -50.42
N SER L 669 -16.49 -48.72 -50.05
CA SER L 669 -16.67 -50.15 -50.27
C SER L 669 -16.79 -50.49 -51.75
N ARG L 670 -17.19 -49.51 -52.58
CA ARG L 670 -17.27 -49.75 -54.02
C ARG L 670 -15.89 -49.82 -54.65
N LEU L 671 -14.97 -48.96 -54.20
CA LEU L 671 -13.59 -49.05 -54.63
C LEU L 671 -12.73 -49.92 -53.71
N GLY L 672 -13.31 -50.50 -52.67
CA GLY L 672 -12.52 -51.31 -51.76
C GLY L 672 -12.01 -52.57 -52.44
N LEU L 673 -10.82 -53.02 -52.01
CA LEU L 673 -10.17 -54.26 -52.43
C LEU L 673 -9.78 -54.26 -53.90
N THR L 674 -9.83 -53.11 -54.57
CA THR L 674 -9.39 -52.98 -55.96
C THR L 674 -8.39 -51.84 -56.08
N ARG L 675 -7.43 -51.79 -55.16
CA ARG L 675 -6.45 -50.71 -55.09
C ARG L 675 -5.09 -51.24 -55.54
N MET L 676 -4.57 -50.68 -56.62
CA MET L 676 -3.27 -51.05 -57.15
C MET L 676 -2.25 -49.98 -56.73
N CYS L 677 -1.17 -50.42 -56.09
CA CYS L 677 -0.10 -49.54 -55.64
C CYS L 677 1.16 -49.85 -56.43
N PHE L 678 1.73 -48.82 -57.06
CA PHE L 678 2.93 -48.96 -57.86
C PHE L 678 4.13 -48.54 -57.02
N GLN L 679 4.94 -49.52 -56.63
CA GLN L 679 6.14 -49.23 -55.85
C GLN L 679 7.19 -48.55 -56.73
N PRO L 680 8.05 -47.72 -56.15
CA PRO L 680 9.09 -47.06 -56.95
C PRO L 680 10.10 -48.07 -57.48
N TYR L 681 10.69 -47.73 -58.62
CA TYR L 681 11.67 -48.60 -59.24
C TYR L 681 12.91 -48.75 -58.37
N THR L 682 13.37 -49.99 -58.23
CA THR L 682 14.65 -50.25 -57.58
C THR L 682 15.78 -49.82 -58.51
N TYR L 683 16.97 -49.59 -57.92
CA TYR L 683 18.11 -49.17 -58.72
C TYR L 683 18.41 -50.15 -59.84
N SER L 684 18.14 -51.43 -59.64
CA SER L 684 18.27 -52.39 -60.72
C SER L 684 17.26 -52.10 -61.83
N GLN L 685 16.02 -51.79 -61.46
CA GLN L 685 15.01 -51.42 -62.46
C GLN L 685 15.42 -50.16 -63.20
N LEU L 686 15.94 -49.16 -62.48
CA LEU L 686 16.38 -47.93 -63.12
C LEU L 686 17.53 -48.19 -64.08
N GLN L 687 18.48 -49.04 -63.69
CA GLN L 687 19.59 -49.38 -64.57
C GLN L 687 19.09 -50.12 -65.81
N GLN L 688 18.13 -51.03 -65.63
CA GLN L 688 17.55 -51.73 -66.78
C GLN L 688 16.86 -50.75 -67.72
N ILE L 689 16.12 -49.79 -67.17
CA ILE L 689 15.44 -48.79 -68.00
C ILE L 689 16.46 -47.95 -68.77
N LEU L 690 17.53 -47.52 -68.08
CA LEU L 690 18.55 -46.72 -68.75
C LEU L 690 19.25 -47.52 -69.85
N ARG L 691 19.54 -48.80 -69.58
CA ARG L 691 20.15 -49.64 -70.60
C ARG L 691 19.23 -49.80 -71.81
N SER L 692 17.93 -49.97 -71.57
CA SER L 692 16.98 -50.06 -72.68
C SER L 692 16.91 -48.75 -73.46
N ARG L 693 17.05 -47.61 -72.78
CA ARG L 693 17.08 -46.33 -73.49
C ARG L 693 18.30 -46.23 -74.41
N LEU L 694 19.44 -46.76 -73.97
CA LEU L 694 20.70 -46.60 -74.68
C LEU L 694 21.21 -47.91 -75.26
N LYS L 695 20.32 -48.71 -75.85
CA LYS L 695 20.75 -49.93 -76.53
C LYS L 695 21.55 -49.58 -77.77
N HIS L 696 22.59 -50.39 -78.04
CA HIS L 696 23.44 -50.27 -79.22
C HIS L 696 24.17 -48.92 -79.28
N LEU L 697 24.28 -48.23 -78.15
CA LEU L 697 24.94 -46.92 -78.09
C LEU L 697 25.90 -46.92 -76.91
N LYS L 698 27.19 -46.77 -77.19
CA LYS L 698 28.22 -46.71 -76.15
C LYS L 698 28.63 -45.26 -75.97
N ALA L 699 27.86 -44.55 -75.14
CA ALA L 699 28.11 -43.14 -74.86
C ALA L 699 28.44 -42.86 -73.41
N PHE L 700 27.84 -43.59 -72.46
CA PHE L 700 28.09 -43.38 -71.04
C PHE L 700 28.84 -44.58 -70.47
N GLU L 701 29.70 -44.30 -69.50
CA GLU L 701 30.36 -45.35 -68.75
C GLU L 701 29.39 -45.95 -67.73
N ASP L 702 29.58 -47.23 -67.42
CA ASP L 702 28.69 -47.92 -66.49
C ASP L 702 28.67 -47.26 -65.12
N ASP L 703 29.78 -46.62 -64.74
CA ASP L 703 29.89 -46.06 -63.39
C ASP L 703 28.98 -44.87 -63.21
N ALA L 704 28.96 -43.97 -64.21
CA ALA L 704 28.03 -42.84 -64.19
C ALA L 704 26.59 -43.32 -64.15
N ILE L 705 26.25 -44.32 -64.97
CA ILE L 705 24.88 -44.83 -65.01
C ILE L 705 24.49 -45.42 -63.66
N GLN L 706 25.37 -46.23 -63.08
CA GLN L 706 25.07 -46.85 -61.79
C GLN L 706 24.88 -45.79 -60.70
N LEU L 707 25.75 -44.78 -60.68
CA LEU L 707 25.66 -43.74 -59.67
C LEU L 707 24.37 -42.92 -59.84
N VAL L 708 23.99 -42.62 -61.08
CA VAL L 708 22.78 -41.84 -61.30
C VAL L 708 21.56 -42.61 -60.85
N ALA L 709 21.49 -43.89 -61.24
CA ALA L 709 20.38 -44.74 -60.81
C ALA L 709 20.37 -44.88 -59.29
N ARG L 710 21.53 -44.91 -58.66
CA ARG L 710 21.56 -45.08 -57.22
C ARG L 710 21.11 -43.81 -56.50
N LYS L 711 21.54 -42.64 -56.99
CA LYS L 711 21.05 -41.38 -56.45
C LYS L 711 19.55 -41.24 -56.61
N VAL L 712 19.03 -41.63 -57.78
CA VAL L 712 17.59 -41.58 -58.01
C VAL L 712 16.87 -42.52 -57.05
N ALA L 713 17.39 -43.72 -56.85
CA ALA L 713 16.76 -44.64 -55.90
C ALA L 713 16.73 -44.06 -54.50
N ALA L 714 17.83 -43.40 -54.09
CA ALA L 714 17.97 -42.94 -52.71
C ALA L 714 17.26 -41.61 -52.47
N LEU L 715 16.85 -40.91 -53.53
CA LEU L 715 16.22 -39.61 -53.41
C LEU L 715 14.73 -39.68 -53.72
N SER L 716 14.34 -40.10 -54.93
CA SER L 716 12.94 -40.23 -55.28
C SER L 716 12.60 -41.49 -56.05
N GLY L 717 13.55 -42.11 -56.74
CA GLY L 717 13.25 -43.23 -57.60
C GLY L 717 12.38 -42.86 -58.79
N ASP L 718 12.66 -41.72 -59.41
CA ASP L 718 11.86 -41.19 -60.51
C ASP L 718 12.69 -41.19 -61.79
N ALA L 719 12.07 -41.66 -62.88
CA ALA L 719 12.76 -41.71 -64.15
C ALA L 719 12.87 -40.34 -64.80
N ARG L 720 11.95 -39.42 -64.48
CA ARG L 720 11.97 -38.11 -65.12
C ARG L 720 13.22 -37.33 -64.74
N ARG L 721 13.50 -37.23 -63.44
CA ARG L 721 14.71 -36.54 -63.01
C ARG L 721 15.97 -37.31 -63.40
N CYS L 722 15.88 -38.63 -63.53
CA CYS L 722 17.01 -39.40 -64.04
C CYS L 722 17.33 -39.00 -65.48
N LEU L 723 16.29 -38.86 -66.32
CA LEU L 723 16.50 -38.42 -67.69
C LEU L 723 17.04 -37.00 -67.74
N ASP L 724 16.54 -36.13 -66.85
CA ASP L 724 17.07 -34.77 -66.79
C ASP L 724 18.55 -34.77 -66.42
N ILE L 725 18.93 -35.59 -65.45
CA ILE L 725 20.33 -35.68 -65.03
C ILE L 725 21.19 -36.21 -66.17
N CYS L 726 20.70 -37.23 -66.88
CA CYS L 726 21.47 -37.77 -68.01
C CYS L 726 21.64 -36.72 -69.11
N ARG L 727 20.59 -35.97 -69.41
CA ARG L 727 20.69 -34.92 -70.42
C ARG L 727 21.68 -33.83 -69.99
N ARG L 728 21.63 -33.43 -68.72
CA ARG L 728 22.58 -32.43 -68.23
C ARG L 728 24.01 -32.95 -68.26
N ALA L 729 24.19 -34.24 -67.95
CA ALA L 729 25.52 -34.84 -68.04
C ALA L 729 26.03 -34.84 -69.47
N THR L 730 25.16 -35.13 -70.43
CA THR L 730 25.54 -35.04 -71.84
C THR L 730 25.93 -33.61 -72.20
N GLU L 731 25.15 -32.63 -71.74
CA GLU L 731 25.45 -31.24 -72.04
C GLU L 731 26.81 -30.83 -71.46
N ILE L 732 27.10 -31.25 -70.22
CA ILE L 732 28.37 -30.90 -69.61
C ILE L 732 29.53 -31.61 -70.32
N CYS L 733 29.32 -32.87 -70.73
CA CYS L 733 30.34 -33.58 -71.48
C CYS L 733 30.61 -32.90 -72.82
N GLU L 734 29.58 -32.29 -73.41
CA GLU L 734 29.79 -31.52 -74.63
C GLU L 734 30.73 -30.34 -74.39
N PHE L 735 30.60 -29.70 -73.22
CA PHE L 735 31.43 -28.54 -72.87
C PHE L 735 32.91 -28.92 -72.84
N THR L 747 31.95 -38.61 -67.86
CA THR L 747 32.52 -39.17 -66.65
C THR L 747 31.56 -39.01 -65.47
N ILE L 748 31.97 -39.54 -64.31
CA ILE L 748 31.17 -39.39 -63.10
C ILE L 748 31.06 -37.94 -62.68
N ALA L 749 32.05 -37.11 -63.03
CA ALA L 749 32.02 -35.70 -62.66
C ALA L 749 30.80 -34.99 -63.25
N HIS L 750 30.44 -35.34 -64.49
CA HIS L 750 29.28 -34.72 -65.12
C HIS L 750 28.00 -35.05 -64.36
N SER L 751 27.84 -36.32 -63.99
CA SER L 751 26.65 -36.73 -63.23
C SER L 751 26.62 -36.07 -61.86
N MET L 752 27.78 -35.98 -61.20
CA MET L 752 27.85 -35.32 -59.89
C MET L 752 27.47 -33.85 -60.01
N GLU L 753 27.97 -33.18 -61.04
CA GLU L 753 27.62 -31.78 -61.26
C GLU L 753 26.13 -31.63 -61.52
N ALA L 754 25.55 -32.51 -62.33
CA ALA L 754 24.12 -32.43 -62.60
C ALA L 754 23.31 -32.61 -61.33
N VAL L 755 23.66 -33.61 -60.51
CA VAL L 755 22.86 -33.93 -59.35
C VAL L 755 23.00 -32.85 -58.27
N ASP L 756 24.21 -32.32 -58.09
CA ASP L 756 24.39 -31.29 -57.07
C ASP L 756 24.09 -29.88 -57.57
N GLU L 757 23.77 -29.72 -58.85
CA GLU L 757 23.30 -28.44 -59.35
C GLU L 757 21.78 -28.38 -59.45
N MET L 758 21.13 -29.49 -59.78
CA MET L 758 19.67 -29.52 -59.94
C MET L 758 18.94 -29.95 -58.67
N PHE L 759 19.66 -30.23 -57.59
CA PHE L 759 19.01 -30.65 -56.34
C PHE L 759 19.42 -29.78 -55.16
N SER L 760 20.68 -29.35 -55.13
CA SER L 760 21.18 -28.61 -54.00
C SER L 760 20.59 -27.20 -53.94
N SER L 761 20.55 -26.64 -52.74
CA SER L 761 19.99 -25.32 -52.50
C SER L 761 21.04 -24.24 -52.73
N SER L 762 20.58 -23.07 -53.16
CA SER L 762 21.45 -21.94 -53.45
C SER L 762 21.44 -20.89 -52.35
N TYR L 763 20.91 -21.21 -51.17
CA TYR L 763 20.89 -20.24 -50.08
C TYR L 763 22.30 -19.88 -49.63
N ILE L 764 23.20 -20.87 -49.56
CA ILE L 764 24.54 -20.62 -49.06
C ILE L 764 25.28 -19.64 -49.96
N THR L 765 25.25 -19.88 -51.27
CA THR L 765 25.95 -18.98 -52.19
C THR L 765 25.28 -17.62 -52.27
N ALA L 766 23.94 -17.56 -52.12
CA ALA L 766 23.26 -16.28 -52.09
C ALA L 766 23.69 -15.46 -50.88
N ILE L 767 23.83 -16.12 -49.72
CA ILE L 767 24.34 -15.43 -48.53
C ILE L 767 25.79 -15.01 -48.75
N LYS L 768 26.58 -15.86 -49.41
CA LYS L 768 27.98 -15.54 -49.66
C LYS L 768 28.12 -14.30 -50.53
N ASN L 769 27.28 -14.18 -51.56
CA ASN L 769 27.32 -13.04 -52.46
C ASN L 769 26.57 -11.82 -51.93
N SER L 770 26.09 -11.88 -50.69
CA SER L 770 25.39 -10.75 -50.09
C SER L 770 26.36 -9.61 -49.80
N SER L 771 25.79 -8.43 -49.58
CA SER L 771 26.59 -7.24 -49.30
C SER L 771 27.08 -7.25 -47.85
N VAL L 772 28.01 -6.33 -47.57
CA VAL L 772 28.60 -6.26 -46.23
C VAL L 772 27.55 -5.85 -45.20
N LEU L 773 26.71 -4.86 -45.54
CA LEU L 773 25.68 -4.43 -44.60
C LEU L 773 24.68 -5.54 -44.32
N GLU L 774 24.33 -6.33 -45.33
CA GLU L 774 23.44 -7.46 -45.12
C GLU L 774 24.08 -8.50 -44.21
N GLN L 775 25.39 -8.74 -44.37
CA GLN L 775 26.08 -9.66 -43.46
C GLN L 775 26.08 -9.13 -42.03
N SER L 776 26.29 -7.82 -41.86
CA SER L 776 26.22 -7.24 -40.52
C SER L 776 24.83 -7.36 -39.92
N PHE L 777 23.80 -7.16 -40.75
CA PHE L 777 22.42 -7.34 -40.29
C PHE L 777 22.17 -8.78 -39.84
N LEU L 778 22.65 -9.76 -40.61
CA LEU L 778 22.49 -11.15 -40.24
C LEU L 778 23.22 -11.46 -38.93
N ARG L 779 24.43 -10.93 -38.77
CA ARG L 779 25.18 -11.14 -37.53
C ARG L 779 24.46 -10.51 -36.35
N ALA L 780 23.89 -9.32 -36.53
CA ALA L 780 23.13 -8.70 -35.46
C ALA L 780 21.91 -9.53 -35.09
N ILE L 781 21.21 -10.08 -36.09
CA ILE L 781 20.06 -10.94 -35.82
C ILE L 781 20.49 -12.16 -35.03
N LEU L 782 21.60 -12.79 -35.43
CA LEU L 782 22.09 -13.97 -34.73
C LEU L 782 22.47 -13.64 -33.29
N ALA L 783 23.15 -12.51 -33.08
CA ALA L 783 23.55 -12.12 -31.74
C ALA L 783 22.33 -11.85 -30.86
N GLU L 784 21.33 -11.15 -31.40
CA GLU L 784 20.12 -10.88 -30.63
C GLU L 784 19.39 -12.17 -30.30
N PHE L 785 19.34 -13.11 -31.25
CA PHE L 785 18.69 -14.38 -31.00
C PHE L 785 19.41 -15.17 -29.91
N ARG L 786 20.75 -15.17 -29.95
CA ARG L 786 21.51 -15.85 -28.92
C ARG L 786 21.30 -15.22 -27.55
N ARG L 787 21.22 -13.88 -27.51
CA ARG L 787 20.98 -13.19 -26.25
C ARG L 787 19.60 -13.53 -25.69
N SER L 788 18.59 -13.57 -26.56
CA SER L 788 17.20 -13.77 -26.13
C SER L 788 16.80 -15.24 -26.13
N GLY L 789 17.13 -15.97 -27.19
CA GLY L 789 16.71 -17.36 -27.34
C GLY L 789 15.42 -17.55 -28.11
N LEU L 790 14.72 -16.48 -28.43
CA LEU L 790 13.46 -16.56 -29.16
C LEU L 790 13.72 -16.51 -30.67
N GLU L 791 12.76 -17.06 -31.42
CA GLU L 791 12.83 -17.07 -32.87
C GLU L 791 12.11 -15.90 -33.51
N GLU L 792 11.57 -14.98 -32.72
CA GLU L 792 10.94 -13.77 -33.21
C GLU L 792 11.50 -12.56 -32.47
N ALA L 793 11.80 -11.50 -33.23
CA ALA L 793 12.38 -10.30 -32.66
C ALA L 793 11.85 -9.07 -33.38
N THR L 794 11.60 -8.01 -32.62
CA THR L 794 11.14 -6.76 -33.21
C THR L 794 12.28 -6.07 -33.96
N PHE L 795 11.89 -5.15 -34.84
CA PHE L 795 12.88 -4.45 -35.65
C PHE L 795 13.74 -3.50 -34.83
N GLN L 796 13.23 -3.00 -33.69
CA GLN L 796 13.97 -2.03 -32.90
C GLN L 796 15.21 -2.65 -32.26
N GLN L 797 15.05 -3.82 -31.64
CA GLN L 797 16.19 -4.49 -31.02
C GLN L 797 17.21 -4.92 -32.06
N ILE L 798 16.75 -5.39 -33.23
CA ILE L 798 17.66 -5.75 -34.30
C ILE L 798 18.42 -4.52 -34.78
N TYR L 799 17.74 -3.38 -34.89
CA TYR L 799 18.41 -2.14 -35.27
C TYR L 799 19.45 -1.73 -34.23
N SER L 800 19.13 -1.86 -32.96
CA SER L 800 20.10 -1.54 -31.91
C SER L 800 21.32 -2.44 -31.99
N GLN L 801 21.11 -3.74 -32.19
CA GLN L 801 22.23 -4.67 -32.31
C GLN L 801 23.07 -4.34 -33.54
N HIS L 802 22.42 -3.98 -34.65
CA HIS L 802 23.15 -3.60 -35.86
C HIS L 802 23.98 -2.35 -35.64
N VAL L 803 23.42 -1.37 -34.93
CA VAL L 803 24.16 -0.15 -34.63
C VAL L 803 25.38 -0.48 -33.76
N ALA L 804 25.19 -1.34 -32.76
CA ALA L 804 26.31 -1.73 -31.91
C ALA L 804 27.39 -2.44 -32.71
N LEU L 805 26.99 -3.34 -33.60
CA LEU L 805 27.96 -4.06 -34.44
C LEU L 805 28.70 -3.11 -35.37
N CYS L 806 27.98 -2.13 -35.94
CA CYS L 806 28.63 -1.15 -36.81
C CYS L 806 29.62 -0.30 -36.04
N ARG L 807 29.26 0.10 -34.81
CA ARG L 807 30.19 0.84 -33.97
C ARG L 807 31.43 0.02 -33.65
N MET L 808 31.23 -1.28 -33.38
CA MET L 808 32.38 -2.16 -33.14
C MET L 808 33.25 -2.28 -34.39
N GLU L 809 32.63 -2.36 -35.57
CA GLU L 809 33.36 -2.53 -36.81
C GLU L 809 33.92 -1.24 -37.37
N GLY L 810 33.56 -0.09 -36.80
CA GLY L 810 34.00 1.18 -37.34
C GLY L 810 33.22 1.69 -38.53
N LEU L 811 32.13 1.01 -38.90
CA LEU L 811 31.33 1.44 -40.03
C LEU L 811 30.60 2.74 -39.69
N PRO L 812 30.24 3.53 -40.70
CA PRO L 812 29.49 4.77 -40.43
C PRO L 812 28.13 4.48 -39.84
N TYR L 813 27.63 5.42 -39.06
CA TYR L 813 26.36 5.26 -38.37
C TYR L 813 25.23 5.10 -39.38
N PRO L 814 24.45 4.02 -39.33
CA PRO L 814 23.37 3.82 -40.29
C PRO L 814 22.06 4.48 -39.86
N THR L 815 21.35 5.00 -40.84
CA THR L 815 20.05 5.58 -40.58
C THR L 815 18.98 4.50 -40.52
N MET L 816 17.83 4.84 -39.92
CA MET L 816 16.73 3.88 -39.82
C MET L 816 16.19 3.53 -41.20
N SER L 817 16.10 4.51 -42.10
CA SER L 817 15.58 4.26 -43.44
C SER L 817 16.49 3.29 -44.21
N GLU L 818 17.81 3.44 -44.07
CA GLU L 818 18.73 2.53 -44.74
C GLU L 818 18.55 1.10 -44.26
N THR L 819 18.45 0.91 -42.95
CA THR L 819 18.24 -0.43 -42.39
C THR L 819 16.90 -1.00 -42.85
N MET L 820 15.86 -0.16 -42.88
CA MET L 820 14.56 -0.64 -43.34
C MET L 820 14.59 -1.05 -44.81
N ALA L 821 15.31 -0.28 -45.64
CA ALA L 821 15.45 -0.63 -47.04
C ALA L 821 16.19 -1.95 -47.21
N VAL L 822 17.27 -2.15 -46.44
CA VAL L 822 18.01 -3.41 -46.51
C VAL L 822 17.12 -4.58 -46.09
N CYS L 823 16.36 -4.40 -45.00
CA CYS L 823 15.46 -5.45 -44.55
C CYS L 823 14.39 -5.76 -45.58
N SER L 824 13.84 -4.72 -46.22
CA SER L 824 12.84 -4.94 -47.26
C SER L 824 13.42 -5.69 -48.44
N HIS L 825 14.66 -5.37 -48.83
CA HIS L 825 15.31 -6.10 -49.91
C HIS L 825 15.53 -7.55 -49.53
N LEU L 826 15.96 -7.80 -48.28
CA LEU L 826 16.18 -9.17 -47.84
C LEU L 826 14.88 -9.96 -47.81
N GLY L 827 13.78 -9.32 -47.37
CA GLY L 827 12.50 -9.99 -47.35
C GLY L 827 11.94 -10.25 -48.73
N SER L 828 12.37 -9.47 -49.72
CA SER L 828 11.87 -9.67 -51.09
C SER L 828 12.33 -11.00 -51.67
N CYS L 829 13.55 -11.42 -51.36
CA CYS L 829 14.08 -12.69 -51.87
C CYS L 829 13.78 -13.85 -50.93
N ARG L 830 12.84 -13.67 -50.01
CA ARG L 830 12.35 -14.73 -49.12
C ARG L 830 13.49 -15.34 -48.29
N LEU L 831 14.40 -14.48 -47.82
CA LEU L 831 15.37 -14.90 -46.81
C LEU L 831 14.89 -14.63 -45.40
N LEU L 832 13.93 -13.72 -45.23
CA LEU L 832 13.36 -13.43 -43.93
C LEU L 832 11.84 -13.47 -44.01
N LEU L 833 11.16 -13.08 -42.93
CA LEU L 833 9.70 -13.01 -42.90
C LEU L 833 9.31 -11.72 -42.20
N VAL L 834 8.51 -10.90 -42.88
CA VAL L 834 8.17 -9.56 -42.38
C VAL L 834 6.94 -9.07 -43.13
N GLU L 835 6.20 -8.16 -42.51
CA GLU L 835 5.04 -7.52 -43.12
C GLU L 835 5.20 -6.01 -42.99
N PRO L 836 6.12 -5.41 -43.74
CA PRO L 836 6.46 -4.00 -43.55
C PRO L 836 5.56 -3.02 -44.27
N SER L 837 4.37 -3.44 -44.72
CA SER L 837 3.50 -2.52 -45.45
C SER L 837 3.06 -1.35 -44.57
N ARG L 838 2.67 -1.62 -43.32
CA ARG L 838 2.20 -0.59 -42.41
C ARG L 838 3.07 -0.48 -41.16
N ASN L 839 3.40 -1.60 -40.52
CA ASN L 839 4.28 -1.58 -39.36
C ASN L 839 5.71 -1.35 -39.81
N ASP L 840 6.41 -0.46 -39.10
CA ASP L 840 7.79 -0.13 -39.42
C ASP L 840 8.77 -0.51 -38.32
N LEU L 841 8.52 -0.06 -37.09
CA LEU L 841 9.43 -0.32 -35.98
C LEU L 841 9.05 -1.56 -35.17
N LEU L 842 7.89 -2.16 -35.44
CA LEU L 842 7.41 -3.29 -34.67
C LEU L 842 7.23 -4.51 -35.55
N LEU L 843 8.22 -4.82 -36.38
CA LEU L 843 8.13 -5.89 -37.36
C LEU L 843 8.75 -7.16 -36.80
N ARG L 844 7.97 -8.25 -36.82
CA ARG L 844 8.47 -9.55 -36.40
C ARG L 844 9.31 -10.15 -37.52
N VAL L 845 10.48 -10.67 -37.17
CA VAL L 845 11.42 -11.24 -38.14
C VAL L 845 11.67 -12.70 -37.79
N ARG L 846 11.54 -13.57 -38.78
CA ARG L 846 11.80 -15.00 -38.61
C ARG L 846 12.74 -15.46 -39.72
N LEU L 847 13.72 -16.28 -39.35
CA LEU L 847 14.68 -16.79 -40.32
C LEU L 847 14.02 -17.83 -41.22
N ASN L 848 14.28 -17.71 -42.52
CA ASN L 848 13.77 -18.66 -43.50
C ASN L 848 14.68 -19.86 -43.70
N VAL L 849 15.87 -19.86 -43.11
CA VAL L 849 16.81 -20.96 -43.22
C VAL L 849 17.32 -21.33 -41.83
N SER L 850 17.91 -22.52 -41.74
CA SER L 850 18.40 -23.01 -40.47
C SER L 850 19.57 -22.18 -39.97
N GLN L 851 19.69 -22.09 -38.64
CA GLN L 851 20.75 -21.29 -38.03
C GLN L 851 22.13 -21.84 -38.35
N ASP L 852 22.28 -23.17 -38.34
CA ASP L 852 23.57 -23.77 -38.61
C ASP L 852 24.05 -23.51 -40.02
N ASP L 853 23.13 -23.46 -41.00
CA ASP L 853 23.51 -23.09 -42.35
C ASP L 853 24.04 -21.66 -42.40
N VAL L 854 23.38 -20.74 -41.68
CA VAL L 854 23.85 -19.36 -41.62
C VAL L 854 25.24 -19.30 -40.99
N LEU L 855 25.46 -20.06 -39.91
CA LEU L 855 26.76 -20.07 -39.27
C LEU L 855 27.83 -20.61 -40.20
N TYR L 856 27.53 -21.69 -40.92
CA TYR L 856 28.51 -22.29 -41.83
C TYR L 856 28.79 -21.39 -43.02
N ALA L 857 27.80 -20.59 -43.44
CA ALA L 857 28.04 -19.65 -44.52
C ALA L 857 28.82 -18.43 -44.06
N LEU L 858 28.59 -17.98 -42.83
CA LEU L 858 29.20 -16.76 -42.32
C LEU L 858 30.56 -16.97 -41.69
N LYS L 859 30.93 -18.21 -41.35
CA LYS L 859 32.26 -18.43 -40.79
C LYS L 859 33.35 -18.13 -41.80
N ASP L 860 33.12 -18.47 -43.07
CA ASP L 860 34.08 -18.18 -44.12
C ASP L 860 34.09 -16.69 -44.45
N HIS M 13 27.40 23.93 -78.60
CA HIS M 13 26.72 24.82 -77.66
C HIS M 13 25.42 24.20 -77.16
N THR M 14 24.31 24.94 -77.31
CA THR M 14 23.04 24.50 -76.78
C THR M 14 22.55 23.21 -77.44
N GLU M 15 22.76 23.08 -78.76
CA GLU M 15 22.28 21.91 -79.47
C GLU M 15 22.96 20.64 -78.98
N CYS M 16 24.28 20.71 -78.74
CA CYS M 16 25.00 19.54 -78.23
C CYS M 16 24.49 19.14 -76.85
N LEU M 17 24.25 20.13 -75.98
CA LEU M 17 23.71 19.83 -74.66
C LEU M 17 22.34 19.19 -74.75
N SER M 18 21.48 19.70 -75.63
CA SER M 18 20.16 19.10 -75.79
C SER M 18 20.25 17.67 -76.29
N GLN M 19 21.13 17.42 -77.27
CA GLN M 19 21.25 16.06 -77.80
C GLN M 19 21.78 15.10 -76.75
N VAL M 20 22.82 15.49 -76.00
CA VAL M 20 23.37 14.59 -75.00
C VAL M 20 22.36 14.38 -73.86
N GLN M 21 21.61 15.41 -73.51
CA GLN M 21 20.55 15.27 -72.51
C GLN M 21 19.52 14.25 -72.97
N ARG M 22 19.09 14.35 -74.24
CA ARG M 22 18.11 13.40 -74.76
C ARG M 22 18.66 11.98 -74.76
N ILE M 23 19.91 11.80 -75.20
CA ILE M 23 20.49 10.47 -75.28
C ILE M 23 20.60 9.84 -73.90
N LEU M 24 21.11 10.61 -72.92
CA LEU M 24 21.27 10.04 -71.58
C LEU M 24 19.93 9.81 -70.90
N ARG M 25 18.95 10.69 -71.13
CA ARG M 25 17.61 10.48 -70.59
C ARG M 25 16.99 9.21 -71.16
N GLU M 26 17.17 8.97 -72.45
CA GLU M 26 16.71 7.72 -73.06
C GLU M 26 17.44 6.53 -72.47
N ARG M 27 18.75 6.68 -72.22
CA ARG M 27 19.54 5.58 -71.67
C ARG M 27 19.06 5.20 -70.27
N PHE M 28 18.80 6.19 -69.41
CA PHE M 28 18.46 5.91 -68.02
C PHE M 28 16.96 5.65 -67.83
N CYS M 29 16.11 6.62 -68.21
CA CYS M 29 14.70 6.54 -67.87
C CYS M 29 14.02 5.36 -68.55
N ARG M 30 14.16 5.24 -69.87
CA ARG M 30 13.50 4.18 -70.61
C ARG M 30 14.28 2.86 -70.58
N GLN M 31 15.56 2.90 -70.19
CA GLN M 31 16.42 1.71 -70.14
C GLN M 31 16.52 1.07 -71.53
N SER M 32 16.98 1.87 -72.49
CA SER M 32 17.14 1.38 -73.84
C SER M 32 18.25 0.32 -73.90
N PRO M 33 18.13 -0.65 -74.81
CA PRO M 33 19.14 -1.71 -74.88
C PRO M 33 20.52 -1.17 -75.23
N HIS M 34 21.54 -1.78 -74.64
CA HIS M 34 22.93 -1.42 -74.89
C HIS M 34 23.76 -2.69 -75.02
N SER M 35 24.79 -2.62 -75.86
CA SER M 35 25.64 -3.78 -76.11
C SER M 35 26.48 -4.17 -74.90
N ASN M 36 26.63 -3.27 -73.94
CA ASN M 36 27.48 -3.53 -72.78
C ASN M 36 26.79 -4.48 -71.80
N LEU M 37 27.47 -5.57 -71.46
CA LEU M 37 26.98 -6.54 -70.49
C LEU M 37 28.06 -6.76 -69.44
N PHE M 38 27.64 -6.84 -68.18
CA PHE M 38 28.57 -6.87 -67.05
C PHE M 38 28.38 -8.16 -66.26
N GLY M 39 29.42 -8.99 -66.23
CA GLY M 39 29.41 -10.18 -65.39
C GLY M 39 28.31 -11.16 -65.69
N VAL M 40 27.80 -11.16 -66.92
CA VAL M 40 26.70 -12.05 -67.29
C VAL M 40 27.06 -12.81 -68.56
N GLN M 41 28.36 -12.97 -68.81
CA GLN M 41 28.81 -13.63 -70.03
C GLN M 41 28.38 -15.09 -70.06
N VAL M 42 28.63 -15.83 -68.98
CA VAL M 42 28.30 -17.25 -68.94
C VAL M 42 26.79 -17.45 -69.00
N GLN M 43 26.05 -16.66 -68.22
CA GLN M 43 24.60 -16.80 -68.18
C GLN M 43 23.98 -16.48 -69.54
N TYR M 44 24.42 -15.39 -70.16
CA TYR M 44 23.91 -15.02 -71.48
C TYR M 44 24.29 -16.07 -72.52
N LYS M 45 25.50 -16.60 -72.45
CA LYS M 45 25.92 -17.64 -73.38
C LYS M 45 25.02 -18.87 -73.25
N HIS M 46 24.76 -19.30 -72.01
CA HIS M 46 23.89 -20.45 -71.79
C HIS M 46 22.49 -20.19 -72.32
N LEU M 47 21.93 -19.02 -72.00
CA LEU M 47 20.56 -18.72 -72.41
C LEU M 47 20.44 -18.63 -73.93
N SER M 48 21.40 -17.99 -74.59
CA SER M 48 21.37 -17.89 -76.04
C SER M 48 21.56 -19.25 -76.70
N GLU M 49 22.46 -20.08 -76.16
CA GLU M 49 22.64 -21.42 -76.71
C GLU M 49 21.36 -22.23 -76.61
N LEU M 50 20.68 -22.17 -75.46
CA LEU M 50 19.46 -22.96 -75.31
C LEU M 50 18.34 -22.40 -76.18
N LEU M 51 18.27 -21.08 -76.33
CA LEU M 51 17.28 -20.50 -77.24
C LEU M 51 17.51 -20.95 -78.67
N LYS M 52 18.78 -20.99 -79.10
CA LYS M 52 19.09 -21.46 -80.45
C LYS M 52 18.72 -22.93 -80.61
N ARG M 53 18.98 -23.74 -79.59
CA ARG M 53 18.58 -25.14 -79.64
C ARG M 53 17.08 -25.29 -79.76
N THR M 54 16.32 -24.49 -79.00
CA THR M 54 14.86 -24.58 -79.05
C THR M 54 14.30 -24.03 -80.35
N ALA M 55 15.01 -23.10 -81.00
CA ALA M 55 14.52 -22.50 -82.23
C ALA M 55 14.84 -23.34 -83.46
N LEU M 56 16.10 -23.76 -83.62
CA LEU M 56 16.49 -24.51 -84.80
C LEU M 56 15.98 -25.94 -84.81
N HIS M 57 15.43 -26.43 -83.70
CA HIS M 57 14.93 -27.79 -83.62
C HIS M 57 13.59 -27.78 -82.91
N GLY M 58 12.92 -28.92 -82.91
CA GLY M 58 11.62 -29.09 -82.29
C GLY M 58 11.64 -29.39 -80.81
N GLU M 59 12.80 -29.25 -80.17
CA GLU M 59 12.94 -29.59 -78.75
C GLU M 59 12.40 -28.45 -77.89
N SER M 60 11.87 -28.82 -76.72
CA SER M 60 11.27 -27.87 -75.79
C SER M 60 12.04 -27.84 -74.48
N ASN M 61 12.08 -26.66 -73.85
CA ASN M 61 12.78 -26.47 -72.59
C ASN M 61 12.03 -25.44 -71.77
N SER M 62 12.27 -25.48 -70.46
CA SER M 62 11.68 -24.53 -69.52
C SER M 62 12.75 -24.01 -68.58
N VAL M 63 12.84 -22.69 -68.46
CA VAL M 63 13.90 -22.03 -67.69
C VAL M 63 13.27 -20.96 -66.80
N LEU M 64 13.79 -20.84 -65.58
CA LEU M 64 13.44 -19.77 -64.66
C LEU M 64 14.68 -18.96 -64.33
N ILE M 65 14.54 -17.64 -64.29
CA ILE M 65 15.64 -16.73 -64.00
C ILE M 65 15.34 -16.05 -62.66
N ILE M 66 16.29 -16.14 -61.73
CA ILE M 66 16.11 -15.64 -60.37
C ILE M 66 17.13 -14.55 -60.11
N GLY M 67 16.66 -13.42 -59.59
CA GLY M 67 17.52 -12.31 -59.25
C GLY M 67 16.78 -11.23 -58.50
N PRO M 68 17.52 -10.32 -57.87
CA PRO M 68 16.86 -9.18 -57.22
C PRO M 68 16.26 -8.22 -58.23
N ARG M 69 15.21 -7.52 -57.81
CA ARG M 69 14.54 -6.58 -58.69
C ARG M 69 15.47 -5.44 -59.07
N GLY M 70 15.40 -5.02 -60.33
CA GLY M 70 16.29 -4.00 -60.84
C GLY M 70 17.65 -4.48 -61.28
N SER M 71 17.84 -5.79 -61.40
CA SER M 71 19.12 -6.36 -61.83
C SER M 71 19.16 -6.70 -63.31
N GLY M 72 18.30 -6.08 -64.11
CA GLY M 72 18.29 -6.33 -65.55
C GLY M 72 17.86 -7.72 -65.96
N LYS M 73 16.84 -8.26 -65.30
CA LYS M 73 16.30 -9.56 -65.70
C LYS M 73 15.75 -9.51 -67.12
N THR M 74 14.99 -8.45 -67.42
CA THR M 74 14.38 -8.33 -68.75
C THR M 74 15.42 -8.04 -69.81
N MET M 75 16.52 -7.37 -69.44
CA MET M 75 17.54 -6.98 -70.42
C MET M 75 18.21 -8.20 -71.05
N LEU M 76 18.49 -9.22 -70.25
CA LEU M 76 19.12 -10.43 -70.79
C LEU M 76 18.24 -11.07 -71.86
N ILE M 77 16.94 -11.22 -71.56
CA ILE M 77 16.01 -11.81 -72.51
C ILE M 77 15.90 -10.96 -73.76
N ASN M 78 15.79 -9.63 -73.59
CA ASN M 78 15.65 -8.75 -74.74
C ASN M 78 16.88 -8.80 -75.64
N HIS M 79 18.07 -8.76 -75.03
CA HIS M 79 19.31 -8.81 -75.81
C HIS M 79 19.45 -10.15 -76.53
N ALA M 80 19.12 -11.26 -75.85
CA ALA M 80 19.20 -12.56 -76.49
C ALA M 80 18.23 -12.67 -77.66
N LEU M 81 17.00 -12.16 -77.47
CA LEU M 81 16.02 -12.21 -78.55
C LEU M 81 16.47 -11.36 -79.74
N LYS M 82 16.98 -10.16 -79.47
CA LYS M 82 17.47 -9.32 -80.56
C LYS M 82 18.67 -9.95 -81.26
N GLU M 83 19.47 -10.73 -80.54
CA GLU M 83 20.62 -11.39 -81.14
C GLU M 83 20.21 -12.59 -81.99
N LEU M 84 19.21 -13.35 -81.55
CA LEU M 84 18.92 -14.64 -82.17
C LEU M 84 17.72 -14.64 -83.11
N MET M 85 16.77 -13.72 -82.94
CA MET M 85 15.62 -13.69 -83.86
C MET M 85 16.06 -13.37 -85.29
N GLU M 86 16.97 -12.41 -85.44
CA GLU M 86 17.38 -11.95 -86.76
C GLU M 86 18.46 -12.81 -87.40
N ILE M 87 18.72 -14.00 -86.86
CA ILE M 87 19.76 -14.86 -87.45
C ILE M 87 19.35 -15.31 -88.85
N GLU M 88 18.13 -15.82 -88.99
CA GLU M 88 17.66 -16.36 -90.27
C GLU M 88 16.15 -16.12 -90.34
N GLU M 89 15.49 -16.82 -91.27
CA GLU M 89 14.04 -16.76 -91.41
C GLU M 89 13.30 -17.55 -90.34
N VAL M 90 14.01 -18.06 -89.33
CA VAL M 90 13.37 -18.79 -88.25
C VAL M 90 12.39 -17.90 -87.49
N SER M 91 12.69 -16.59 -87.41
CA SER M 91 11.79 -15.66 -86.73
C SER M 91 10.41 -15.64 -87.38
N GLU M 92 10.33 -15.91 -88.68
CA GLU M 92 9.03 -16.02 -89.33
C GLU M 92 8.23 -17.19 -88.76
N ASN M 93 8.89 -18.32 -88.53
CA ASN M 93 8.23 -19.46 -87.90
C ASN M 93 8.07 -19.27 -86.40
N VAL M 94 8.95 -18.49 -85.78
CA VAL M 94 8.92 -18.28 -84.33
C VAL M 94 7.84 -17.27 -83.98
N LEU M 95 7.05 -17.60 -82.97
CA LEU M 95 6.05 -16.69 -82.42
C LEU M 95 6.37 -16.45 -80.95
N GLN M 96 6.07 -15.25 -80.47
CA GLN M 96 6.39 -14.85 -79.10
C GLN M 96 5.14 -14.32 -78.42
N VAL M 97 4.94 -14.75 -77.17
CA VAL M 97 3.81 -14.32 -76.36
C VAL M 97 4.36 -13.82 -75.03
N HIS M 98 3.94 -12.62 -74.61
CA HIS M 98 4.40 -12.01 -73.38
C HIS M 98 3.24 -11.88 -72.41
N LEU M 99 3.42 -12.39 -71.20
CA LEU M 99 2.40 -12.35 -70.16
C LEU M 99 3.01 -11.79 -68.88
N ASN M 100 2.31 -10.83 -68.27
CA ASN M 100 2.76 -10.21 -67.03
C ASN M 100 1.77 -10.56 -65.91
N GLY M 101 2.32 -10.93 -64.75
CA GLY M 101 1.48 -11.30 -63.63
C GLY M 101 0.64 -10.17 -63.08
N LEU M 102 1.01 -8.93 -63.38
CA LEU M 102 0.24 -7.78 -62.87
C LEU M 102 -0.98 -7.51 -63.73
N LEU M 103 -0.82 -7.47 -65.05
CA LEU M 103 -1.95 -7.18 -65.93
C LEU M 103 -2.95 -8.33 -65.95
N GLN M 104 -2.45 -9.56 -66.07
CA GLN M 104 -3.31 -10.75 -66.11
C GLN M 104 -3.32 -11.37 -64.72
N ILE M 105 -4.41 -11.12 -63.98
CA ILE M 105 -4.56 -11.66 -62.64
C ILE M 105 -5.51 -12.86 -62.59
N ASN M 106 -6.26 -13.11 -63.65
CA ASN M 106 -7.22 -14.21 -63.70
C ASN M 106 -6.93 -15.07 -64.92
N ASP M 107 -7.26 -16.37 -64.80
CA ASP M 107 -7.02 -17.30 -65.90
C ASP M 107 -7.84 -16.94 -67.13
N LYS M 108 -9.06 -16.43 -66.93
CA LYS M 108 -9.87 -15.99 -68.07
C LYS M 108 -9.19 -14.86 -68.83
N ILE M 109 -8.65 -13.88 -68.11
CA ILE M 109 -7.96 -12.77 -68.76
C ILE M 109 -6.70 -13.24 -69.47
N ALA M 110 -5.98 -14.18 -68.85
CA ALA M 110 -4.79 -14.74 -69.49
C ALA M 110 -5.15 -15.47 -70.78
N LEU M 111 -6.22 -16.26 -70.75
CA LEU M 111 -6.66 -16.95 -71.96
C LEU M 111 -7.08 -15.96 -73.04
N LYS M 112 -7.80 -14.89 -72.65
CA LYS M 112 -8.21 -13.89 -73.62
C LYS M 112 -7.01 -13.20 -74.24
N GLU M 113 -6.00 -12.86 -73.43
CA GLU M 113 -4.79 -12.24 -73.96
C GLU M 113 -4.04 -13.17 -74.89
N ILE M 114 -3.96 -14.46 -74.53
CA ILE M 114 -3.28 -15.43 -75.38
C ILE M 114 -3.99 -15.55 -76.73
N THR M 115 -5.34 -15.62 -76.70
CA THR M 115 -6.09 -15.71 -77.95
C THR M 115 -5.92 -14.46 -78.80
N ARG M 116 -5.96 -13.28 -78.18
CA ARG M 116 -5.87 -12.04 -78.94
C ARG M 116 -4.47 -11.85 -79.52
N GLN M 117 -3.43 -12.22 -78.76
CA GLN M 117 -2.06 -12.06 -79.26
C GLN M 117 -1.79 -12.97 -80.45
N LEU M 118 -2.41 -14.16 -80.47
CA LEU M 118 -2.23 -15.10 -81.57
C LEU M 118 -3.12 -14.80 -82.77
N ASN M 119 -3.98 -13.78 -82.67
CA ASN M 119 -4.89 -13.40 -83.76
C ASN M 119 -5.80 -14.57 -84.15
N LEU M 120 -6.21 -15.36 -83.15
CA LEU M 120 -7.07 -16.51 -83.36
C LEU M 120 -8.48 -16.28 -82.85
N GLU M 121 -8.82 -15.06 -82.45
CA GLU M 121 -10.18 -14.78 -81.98
C GLU M 121 -11.21 -15.07 -83.07
N ASN M 122 -10.86 -14.81 -84.33
CA ASN M 122 -11.75 -15.20 -85.43
C ASN M 122 -11.91 -16.70 -85.49
N VAL M 123 -10.82 -17.45 -85.30
CA VAL M 123 -10.91 -18.91 -85.33
C VAL M 123 -11.61 -19.42 -84.07
N VAL M 124 -11.23 -18.92 -82.91
CA VAL M 124 -11.78 -19.42 -81.65
C VAL M 124 -13.21 -18.95 -81.45
N GLY M 125 -13.46 -17.65 -81.66
CA GLY M 125 -14.78 -17.09 -81.39
C GLY M 125 -14.72 -15.79 -80.62
N ASP M 126 -15.80 -15.01 -80.68
CA ASP M 126 -15.82 -13.69 -80.06
C ASP M 126 -16.52 -13.67 -78.71
N LYS M 127 -17.45 -14.58 -78.46
CA LYS M 127 -18.26 -14.53 -77.25
C LYS M 127 -17.46 -15.00 -76.04
N VAL M 128 -18.10 -14.90 -74.87
CA VAL M 128 -17.44 -15.02 -73.57
C VAL M 128 -17.41 -16.50 -73.19
N PHE M 129 -17.71 -17.38 -74.14
CA PHE M 129 -17.79 -18.81 -73.87
C PHE M 129 -16.50 -19.33 -73.24
N GLY M 130 -16.64 -20.13 -72.18
CA GLY M 130 -15.51 -20.60 -71.41
C GLY M 130 -14.71 -21.70 -72.04
N SER M 131 -15.18 -22.28 -73.14
CA SER M 131 -14.45 -23.36 -73.80
C SER M 131 -13.13 -22.83 -74.35
N PHE M 132 -12.05 -23.56 -74.06
CA PHE M 132 -10.74 -23.25 -74.60
C PHE M 132 -10.19 -24.38 -75.45
N ALA M 133 -11.02 -25.39 -75.76
CA ALA M 133 -10.57 -26.50 -76.58
C ALA M 133 -10.25 -26.08 -78.01
N GLU M 134 -10.72 -24.91 -78.44
CA GLU M 134 -10.37 -24.42 -79.78
C GLU M 134 -8.87 -24.25 -79.92
N ASN M 135 -8.21 -23.69 -78.90
CA ASN M 135 -6.75 -23.59 -78.92
C ASN M 135 -6.10 -24.90 -78.50
N LEU M 136 -6.65 -25.55 -77.47
CA LEU M 136 -6.00 -26.74 -76.90
C LEU M 136 -5.90 -27.87 -77.93
N SER M 137 -6.99 -28.14 -78.66
CA SER M 137 -6.96 -29.17 -79.69
C SER M 137 -5.99 -28.81 -80.80
N PHE M 138 -5.99 -27.55 -81.23
CA PHE M 138 -5.07 -27.12 -82.28
C PHE M 138 -3.63 -27.12 -81.79
N LEU M 139 -3.39 -26.79 -80.52
CA LEU M 139 -2.06 -26.81 -79.96
C LEU M 139 -1.55 -28.25 -79.79
N PRO M 153 6.52 -23.08 -84.02
CA PRO M 153 7.12 -22.86 -82.69
C PRO M 153 6.72 -21.52 -82.09
N VAL M 154 6.22 -21.55 -80.86
CA VAL M 154 5.76 -20.36 -80.15
C VAL M 154 6.52 -20.28 -78.83
N ILE M 155 7.07 -19.10 -78.54
CA ILE M 155 7.80 -18.85 -77.29
C ILE M 155 6.90 -18.08 -76.34
N PHE M 156 6.95 -18.42 -75.06
CA PHE M 156 6.14 -17.78 -74.03
C PHE M 156 7.05 -17.02 -73.08
N ILE M 157 6.69 -15.77 -72.80
CA ILE M 157 7.39 -14.93 -71.84
C ILE M 157 6.44 -14.61 -70.70
N LEU M 158 6.83 -14.93 -69.48
CA LEU M 158 5.97 -14.81 -68.30
C LEU M 158 6.63 -13.87 -67.30
N ASP M 159 6.18 -12.62 -67.28
CA ASP M 159 6.68 -11.66 -66.31
C ASP M 159 5.97 -11.84 -64.97
N GLU M 160 6.73 -11.73 -63.88
CA GLU M 160 6.23 -11.97 -62.54
C GLU M 160 5.61 -13.36 -62.44
N PHE M 161 6.46 -14.37 -62.66
CA PHE M 161 6.00 -15.76 -62.71
C PHE M 161 5.47 -16.21 -61.35
N ASP M 162 5.93 -15.59 -60.26
CA ASP M 162 5.49 -15.99 -58.93
C ASP M 162 4.00 -15.74 -58.72
N LEU M 163 3.46 -14.69 -59.35
CA LEU M 163 2.04 -14.38 -59.18
C LEU M 163 1.16 -15.47 -59.76
N PHE M 164 1.57 -16.09 -60.87
CA PHE M 164 0.76 -17.15 -61.48
C PHE M 164 0.63 -18.35 -60.57
N ALA M 165 1.61 -18.61 -59.70
CA ALA M 165 1.54 -19.72 -58.77
C ALA M 165 0.50 -19.51 -57.68
N HIS M 166 0.00 -18.28 -57.50
CA HIS M 166 -0.99 -17.98 -56.47
C HIS M 166 -2.42 -18.12 -56.98
N HIS M 167 -2.61 -18.57 -58.22
CA HIS M 167 -3.96 -18.79 -58.73
C HIS M 167 -4.62 -19.97 -58.02
N LYS M 168 -5.92 -20.13 -58.26
CA LYS M 168 -6.71 -21.08 -57.49
C LYS M 168 -6.22 -22.52 -57.69
N ASN M 169 -5.91 -22.89 -58.93
CA ASN M 169 -5.54 -24.27 -59.24
C ASN M 169 -4.27 -24.40 -60.07
N GLN M 170 -3.64 -23.28 -60.45
CA GLN M 170 -2.43 -23.31 -61.29
C GLN M 170 -2.69 -24.08 -62.59
N THR M 171 -3.90 -23.92 -63.14
CA THR M 171 -4.28 -24.66 -64.33
C THR M 171 -3.44 -24.26 -65.54
N LEU M 172 -3.21 -22.96 -65.72
CA LEU M 172 -2.46 -22.48 -66.88
C LEU M 172 -1.03 -22.99 -66.85
N LEU M 173 -0.38 -22.91 -65.68
CA LEU M 173 1.00 -23.38 -65.56
C LEU M 173 1.09 -24.87 -65.83
N TYR M 174 0.15 -25.65 -65.29
CA TYR M 174 0.16 -27.09 -65.50
C TYR M 174 -0.05 -27.43 -66.97
N ASN M 175 -0.96 -26.73 -67.64
CA ASN M 175 -1.18 -26.98 -69.07
C ASN M 175 0.05 -26.60 -69.89
N LEU M 176 0.71 -25.50 -69.55
CA LEU M 176 1.93 -25.11 -70.25
C LEU M 176 3.02 -26.15 -70.08
N PHE M 177 3.21 -26.65 -68.84
CA PHE M 177 4.19 -27.69 -68.61
C PHE M 177 3.85 -28.97 -69.35
N ASP M 178 2.56 -29.32 -69.39
CA ASP M 178 2.13 -30.52 -70.10
C ASP M 178 2.41 -30.42 -71.60
N ILE M 179 2.07 -29.28 -72.20
CA ILE M 179 2.31 -29.13 -73.63
C ILE M 179 3.80 -29.03 -73.92
N SER M 180 4.59 -28.49 -72.98
CA SER M 180 6.04 -28.52 -73.14
C SER M 180 6.57 -29.94 -73.12
N GLN M 181 6.05 -30.78 -72.22
CA GLN M 181 6.47 -32.17 -72.14
C GLN M 181 5.86 -33.05 -73.22
N SER M 182 4.83 -32.58 -73.92
CA SER M 182 4.20 -33.36 -74.98
C SER M 182 5.08 -33.36 -76.23
N ALA M 183 4.72 -34.24 -77.17
CA ALA M 183 5.46 -34.41 -78.41
C ALA M 183 4.68 -33.91 -79.62
N GLN M 184 3.76 -32.97 -79.40
CA GLN M 184 2.93 -32.43 -80.48
C GLN M 184 3.59 -31.22 -81.14
N THR M 185 3.84 -30.17 -80.38
CA THR M 185 4.41 -28.94 -80.90
C THR M 185 5.50 -28.45 -79.95
N PRO M 186 6.53 -27.77 -80.48
CA PRO M 186 7.58 -27.23 -79.62
C PRO M 186 7.12 -25.93 -78.97
N ILE M 187 7.29 -25.85 -77.65
CA ILE M 187 6.90 -24.67 -76.87
C ILE M 187 8.04 -24.34 -75.92
N ALA M 188 8.43 -23.06 -75.88
CA ALA M 188 9.45 -22.56 -74.96
C ALA M 188 8.79 -21.70 -73.90
N VAL M 189 9.09 -22.00 -72.63
CA VAL M 189 8.49 -21.31 -71.50
C VAL M 189 9.61 -20.59 -70.73
N ILE M 190 9.44 -19.29 -70.52
CA ILE M 190 10.39 -18.48 -69.78
C ILE M 190 9.65 -17.75 -68.67
N GLY M 191 10.16 -17.85 -67.45
CA GLY M 191 9.55 -17.21 -66.31
C GLY M 191 10.54 -16.34 -65.57
N LEU M 192 10.03 -15.26 -64.97
CA LEU M 192 10.84 -14.33 -64.20
C LEU M 192 10.34 -14.31 -62.76
N THR M 193 11.27 -14.42 -61.81
CA THR M 193 10.91 -14.50 -60.40
C THR M 193 11.96 -13.80 -59.56
N CYS M 194 11.50 -13.05 -58.56
CA CYS M 194 12.38 -12.43 -57.58
C CYS M 194 12.54 -13.28 -56.32
N ARG M 195 11.53 -14.07 -55.97
CA ARG M 195 11.62 -14.94 -54.81
C ARG M 195 12.64 -16.05 -55.03
N LEU M 196 13.39 -16.37 -53.98
CA LEU M 196 14.34 -17.47 -54.04
C LEU M 196 13.72 -18.82 -53.71
N ASP M 197 12.47 -18.84 -53.23
CA ASP M 197 11.78 -20.08 -52.87
C ASP M 197 10.72 -20.47 -53.90
N ILE M 198 10.96 -20.18 -55.17
CA ILE M 198 9.98 -20.48 -56.21
C ILE M 198 9.76 -21.98 -56.37
N LEU M 199 10.72 -22.81 -55.96
CA LEU M 199 10.55 -24.25 -56.10
C LEU M 199 9.48 -24.80 -55.18
N GLU M 200 9.33 -24.22 -53.99
CA GLU M 200 8.35 -24.71 -53.02
C GLU M 200 6.99 -24.04 -53.18
N LEU M 201 6.87 -23.05 -54.05
CA LEU M 201 5.58 -22.45 -54.37
C LEU M 201 4.83 -23.19 -55.45
N LEU M 202 5.41 -24.23 -56.02
CA LEU M 202 4.78 -25.03 -57.06
C LEU M 202 4.24 -26.32 -56.47
N GLU M 203 3.18 -26.84 -57.09
CA GLU M 203 2.61 -28.11 -56.66
C GLU M 203 3.52 -29.26 -57.10
N LYS M 204 3.29 -30.44 -56.52
CA LYS M 204 4.14 -31.59 -56.80
C LYS M 204 4.13 -31.96 -58.27
N ARG M 205 2.95 -31.95 -58.89
CA ARG M 205 2.83 -32.38 -60.28
C ARG M 205 3.61 -31.45 -61.20
N VAL M 206 3.37 -30.14 -61.12
CA VAL M 206 4.05 -29.20 -61.98
C VAL M 206 5.54 -29.16 -61.68
N LYS M 207 5.93 -29.33 -60.41
CA LYS M 207 7.34 -29.39 -60.05
C LYS M 207 8.02 -30.58 -60.71
N SER M 208 7.35 -31.74 -60.71
CA SER M 208 7.89 -32.90 -61.39
C SER M 208 7.98 -32.69 -62.89
N ARG M 209 6.97 -32.04 -63.47
CA ARG M 209 6.96 -31.79 -64.91
C ARG M 209 7.80 -30.58 -65.31
N PHE M 210 8.36 -29.84 -64.35
CA PHE M 210 9.15 -28.66 -64.65
C PHE M 210 10.61 -29.06 -64.85
N SER M 211 11.16 -28.71 -66.01
CA SER M 211 12.58 -28.96 -66.27
C SER M 211 13.41 -28.03 -65.40
N HIS M 212 14.25 -28.61 -64.54
CA HIS M 212 14.96 -27.84 -63.53
C HIS M 212 16.12 -27.04 -64.14
N ARG M 213 15.80 -26.01 -64.91
CA ARG M 213 16.78 -25.10 -65.49
C ARG M 213 16.63 -23.75 -64.81
N GLN M 214 17.64 -23.36 -64.03
CA GLN M 214 17.60 -22.11 -63.28
C GLN M 214 18.85 -21.29 -63.57
N ILE M 215 18.67 -19.99 -63.71
CA ILE M 215 19.77 -19.04 -63.90
C ILE M 215 19.66 -17.98 -62.83
N HIS M 216 20.77 -17.70 -62.16
CA HIS M 216 20.81 -16.78 -61.02
C HIS M 216 21.58 -15.53 -61.40
N LEU M 217 20.98 -14.37 -61.14
CA LEU M 217 21.55 -13.07 -61.48
C LEU M 217 21.96 -12.37 -60.19
N MET M 218 23.25 -12.47 -59.85
CA MET M 218 23.79 -11.79 -58.69
C MET M 218 24.84 -10.77 -59.13
N ASN M 219 24.97 -9.71 -58.32
CA ASN M 219 25.96 -8.66 -58.57
C ASN M 219 27.34 -9.11 -58.06
N SER M 220 27.84 -10.19 -58.67
CA SER M 220 29.10 -10.80 -58.24
C SER M 220 30.26 -10.04 -58.88
N PHE M 221 30.55 -8.87 -58.33
CA PHE M 221 31.70 -8.09 -58.76
C PHE M 221 32.14 -7.19 -57.60
N GLY M 222 33.41 -6.79 -57.64
CA GLY M 222 33.97 -5.96 -56.61
C GLY M 222 33.71 -4.48 -56.82
N PHE M 223 34.14 -3.69 -55.84
CA PHE M 223 34.01 -2.24 -55.95
C PHE M 223 34.75 -1.64 -57.15
N PRO M 224 35.99 -2.03 -57.48
CA PRO M 224 36.61 -1.48 -58.70
C PRO M 224 35.81 -1.78 -59.96
N GLN M 225 35.19 -2.95 -60.05
CA GLN M 225 34.34 -3.26 -61.20
C GLN M 225 33.13 -2.33 -61.23
N TYR M 226 32.57 -2.01 -60.06
CA TYR M 226 31.48 -1.04 -59.99
C TYR M 226 31.95 0.34 -60.47
N VAL M 227 33.19 0.71 -60.12
CA VAL M 227 33.74 1.97 -60.59
C VAL M 227 33.87 1.95 -62.11
N LYS M 228 34.32 0.83 -62.67
CA LYS M 228 34.40 0.70 -64.12
C LYS M 228 33.02 0.81 -64.77
N ILE M 229 32.01 0.20 -64.15
CA ILE M 229 30.65 0.29 -64.67
C ILE M 229 30.18 1.74 -64.68
N PHE M 230 30.42 2.45 -63.59
CA PHE M 230 30.05 3.87 -63.52
C PHE M 230 30.77 4.67 -64.60
N LYS M 231 32.07 4.41 -64.78
CA LYS M 231 32.84 5.15 -65.79
C LYS M 231 32.31 4.89 -67.19
N GLU M 232 31.97 3.64 -67.49
CA GLU M 232 31.48 3.30 -68.82
C GLU M 232 30.08 3.84 -69.07
N GLN M 233 29.22 3.81 -68.04
CA GLN M 233 27.83 4.20 -68.22
C GLN M 233 27.71 5.68 -68.57
N LEU M 234 28.53 6.53 -67.95
CA LEU M 234 28.50 7.96 -68.19
C LEU M 234 29.41 8.37 -69.36
N SER M 235 29.75 7.42 -70.23
CA SER M 235 30.60 7.67 -71.38
C SER M 235 29.75 7.80 -72.63
N LEU M 236 30.02 8.85 -73.41
CA LEU M 236 29.27 9.08 -74.63
C LEU M 236 29.57 7.98 -75.65
N PRO M 237 28.58 7.61 -76.46
CA PRO M 237 28.81 6.60 -77.50
C PRO M 237 29.65 7.16 -78.64
N ALA M 238 30.15 6.25 -79.46
CA ALA M 238 30.97 6.62 -80.62
C ALA M 238 30.16 7.16 -81.78
N GLU M 239 28.82 7.11 -81.70
CA GLU M 239 27.96 7.59 -82.77
C GLU M 239 27.55 9.05 -82.58
N PHE M 240 28.05 9.72 -81.55
CA PHE M 240 27.74 11.12 -81.35
C PHE M 240 28.34 11.96 -82.47
N PRO M 241 27.63 12.99 -82.95
CA PRO M 241 28.15 13.79 -84.07
C PRO M 241 29.47 14.48 -83.76
N ASP M 242 29.51 15.25 -82.68
CA ASP M 242 30.72 15.96 -82.30
C ASP M 242 31.71 14.98 -81.67
N LYS M 243 32.92 14.91 -82.23
CA LYS M 243 33.90 13.95 -81.75
C LYS M 243 34.86 14.55 -80.74
N VAL M 244 35.30 15.80 -80.95
CA VAL M 244 36.21 16.43 -79.99
C VAL M 244 35.50 16.68 -78.65
N PHE M 245 34.23 17.09 -78.70
CA PHE M 245 33.47 17.26 -77.48
C PHE M 245 33.27 15.92 -76.78
N ALA M 246 33.03 14.86 -77.54
CA ALA M 246 32.91 13.53 -76.94
C ALA M 246 34.21 13.10 -76.27
N GLU M 247 35.35 13.37 -76.91
CA GLU M 247 36.64 13.03 -76.31
C GLU M 247 36.87 13.84 -75.04
N LYS M 248 36.48 15.12 -75.05
CA LYS M 248 36.62 15.94 -73.85
C LYS M 248 35.72 15.43 -72.73
N TRP M 249 34.51 14.99 -73.08
CA TRP M 249 33.62 14.39 -72.09
C TRP M 249 34.22 13.11 -71.51
N ASN M 250 34.83 12.29 -72.36
CA ASN M 250 35.49 11.08 -71.88
C ASN M 250 36.65 11.43 -70.95
N GLU M 251 37.42 12.47 -71.30
CA GLU M 251 38.50 12.92 -70.43
C GLU M 251 37.95 13.40 -69.09
N ASN M 252 36.83 14.13 -69.12
CA ASN M 252 36.24 14.63 -67.89
C ASN M 252 35.76 13.50 -67.00
N VAL M 253 35.08 12.51 -67.57
CA VAL M 253 34.55 11.41 -66.77
C VAL M 253 35.70 10.53 -66.27
N GLN M 254 36.75 10.35 -67.07
CA GLN M 254 37.93 9.61 -66.62
C GLN M 254 38.61 10.34 -65.47
N TYR M 255 38.77 11.66 -65.59
CA TYR M 255 39.34 12.45 -64.50
C TYR M 255 38.48 12.39 -63.25
N LEU M 256 37.16 12.48 -63.43
CA LEU M 256 36.25 12.38 -62.29
C LEU M 256 36.20 10.98 -61.70
N SER M 257 36.70 9.97 -62.42
CA SER M 257 36.65 8.60 -61.93
C SER M 257 37.53 8.40 -60.69
N GLU M 258 38.72 8.97 -60.68
CA GLU M 258 39.65 8.74 -59.59
C GLU M 258 39.54 9.76 -58.47
N ASP M 259 38.63 10.74 -58.59
CA ASP M 259 38.46 11.72 -57.53
C ASP M 259 37.95 11.03 -56.27
N ARG M 260 38.58 11.34 -55.13
CA ARG M 260 38.28 10.62 -53.90
C ARG M 260 36.92 10.98 -53.31
N SER M 261 36.38 12.17 -53.61
CA SER M 261 35.02 12.47 -53.17
C SER M 261 33.99 11.68 -53.98
N VAL M 262 34.17 11.61 -55.29
CA VAL M 262 33.30 10.77 -56.12
C VAL M 262 33.42 9.32 -55.71
N GLN M 263 34.66 8.86 -55.44
CA GLN M 263 34.86 7.50 -54.98
C GLN M 263 34.18 7.26 -53.63
N GLU M 264 34.21 8.27 -52.75
CA GLU M 264 33.55 8.13 -51.45
C GLU M 264 32.04 8.00 -51.60
N VAL M 265 31.45 8.84 -52.47
CA VAL M 265 30.01 8.74 -52.72
C VAL M 265 29.66 7.38 -53.31
N LEU M 266 30.44 6.93 -54.29
CA LEU M 266 30.19 5.64 -54.91
C LEU M 266 30.37 4.51 -53.89
N GLN M 267 31.34 4.63 -53.00
CA GLN M 267 31.54 3.61 -51.97
C GLN M 267 30.35 3.56 -51.02
N LYS M 268 29.82 4.72 -50.62
CA LYS M 268 28.64 4.74 -49.77
C LYS M 268 27.46 4.06 -50.47
N HIS M 269 27.20 4.45 -51.72
CA HIS M 269 26.05 3.87 -52.43
C HIS M 269 26.25 2.40 -52.74
N PHE M 270 27.50 1.96 -52.90
CA PHE M 270 27.79 0.56 -53.14
C PHE M 270 27.62 -0.27 -51.86
N ASN M 271 28.00 0.32 -50.72
CA ASN M 271 27.73 -0.32 -49.44
C ASN M 271 26.23 -0.46 -49.19
N ILE M 272 25.47 0.57 -49.56
CA ILE M 272 24.02 0.52 -49.37
C ILE M 272 23.41 -0.60 -50.21
N SER M 273 23.63 -0.57 -51.52
CA SER M 273 23.06 -1.58 -52.42
C SER M 273 23.85 -1.60 -53.71
N LYS M 274 23.98 -2.80 -54.29
CA LYS M 274 24.72 -3.00 -55.53
C LYS M 274 23.85 -2.99 -56.77
N ASN M 275 22.54 -2.72 -56.62
CA ASN M 275 21.64 -2.74 -57.76
C ASN M 275 21.92 -1.58 -58.70
N LEU M 276 21.86 -1.85 -60.01
CA LEU M 276 22.15 -0.83 -61.01
C LEU M 276 21.02 0.18 -61.15
N ARG M 277 19.81 -0.16 -60.72
CA ARG M 277 18.70 0.79 -60.84
C ARG M 277 18.93 2.03 -60.00
N SER M 278 19.41 1.87 -58.77
CA SER M 278 19.72 3.02 -57.92
C SER M 278 20.85 3.85 -58.51
N LEU M 279 21.85 3.19 -59.09
CA LEU M 279 22.93 3.92 -59.75
C LEU M 279 22.41 4.73 -60.93
N HIS M 280 21.51 4.14 -61.72
CA HIS M 280 20.90 4.88 -62.83
C HIS M 280 20.12 6.08 -62.32
N MET M 281 19.36 5.91 -61.24
CA MET M 281 18.61 7.02 -60.68
C MET M 281 19.54 8.14 -60.20
N LEU M 282 20.63 7.77 -59.52
CA LEU M 282 21.57 8.76 -59.03
C LEU M 282 22.25 9.50 -60.19
N LEU M 283 22.63 8.78 -61.24
CA LEU M 283 23.23 9.43 -62.41
C LEU M 283 22.23 10.36 -63.08
N MET M 284 20.97 9.95 -63.18
CA MET M 284 19.95 10.80 -63.79
C MET M 284 19.77 12.08 -62.98
N LEU M 285 19.69 11.96 -61.65
CA LEU M 285 19.53 13.15 -60.81
C LEU M 285 20.77 14.04 -60.89
N ALA M 286 21.96 13.45 -61.01
CA ALA M 286 23.17 14.24 -61.18
C ALA M 286 23.12 15.05 -62.48
N LEU M 287 22.66 14.43 -63.56
CA LEU M 287 22.62 15.11 -64.86
C LEU M 287 21.59 16.23 -64.90
N ASN M 288 20.63 16.24 -63.97
CA ASN M 288 19.62 17.30 -63.96
C ASN M 288 20.23 18.67 -63.72
N ARG M 289 21.32 18.74 -62.96
CA ARG M 289 21.98 20.01 -62.62
C ARG M 289 23.02 20.42 -63.66
N VAL M 290 22.90 19.94 -64.89
CA VAL M 290 23.82 20.30 -65.97
C VAL M 290 23.16 21.38 -66.82
N THR M 291 23.77 22.57 -66.83
CA THR M 291 23.26 23.72 -67.56
C THR M 291 24.31 24.22 -68.55
N ALA M 292 23.97 25.30 -69.26
CA ALA M 292 24.90 25.86 -70.24
C ALA M 292 26.15 26.41 -69.57
N SER M 293 25.99 27.09 -68.43
CA SER M 293 27.14 27.66 -67.73
C SER M 293 28.08 26.60 -67.19
N HIS M 294 27.60 25.38 -66.97
CA HIS M 294 28.41 24.29 -66.43
C HIS M 294 28.24 23.06 -67.32
N PRO M 295 28.85 23.07 -68.51
CA PRO M 295 28.69 21.93 -69.42
C PRO M 295 29.23 20.62 -68.87
N PHE M 296 30.27 20.67 -68.04
CA PHE M 296 30.87 19.47 -67.47
C PHE M 296 30.58 19.41 -65.98
N MET M 297 30.36 18.21 -65.48
CA MET M 297 29.92 18.01 -64.10
C MET M 297 31.04 18.32 -63.12
N THR M 298 30.72 18.19 -61.83
CA THR M 298 31.67 18.43 -60.76
C THR M 298 31.38 17.45 -59.63
N ALA M 299 32.40 17.16 -58.82
CA ALA M 299 32.21 16.28 -57.68
C ALA M 299 31.21 16.85 -56.68
N VAL M 300 31.12 18.17 -56.59
CA VAL M 300 30.14 18.77 -55.69
C VAL M 300 28.72 18.47 -56.17
N ASP M 301 28.51 18.36 -57.49
CA ASP M 301 27.20 17.96 -57.99
C ASP M 301 26.83 16.56 -57.53
N LEU M 302 27.78 15.62 -57.61
CA LEU M 302 27.52 14.26 -57.12
C LEU M 302 27.28 14.25 -55.61
N MET M 303 28.02 15.08 -54.88
CA MET M 303 27.79 15.19 -53.44
C MET M 303 26.38 15.69 -53.14
N GLU M 304 25.93 16.72 -53.86
CA GLU M 304 24.58 17.24 -53.68
C GLU M 304 23.53 16.20 -54.01
N ALA M 305 23.72 15.47 -55.11
CA ALA M 305 22.77 14.43 -55.48
C ALA M 305 22.69 13.34 -54.44
N SER M 306 23.86 12.90 -53.94
CA SER M 306 23.88 11.87 -52.90
C SER M 306 23.22 12.35 -51.62
N GLN M 307 23.46 13.61 -51.24
CA GLN M 307 22.82 14.17 -50.05
C GLN M 307 21.31 14.22 -50.22
N LEU M 308 20.84 14.63 -51.39
CA LEU M 308 19.40 14.68 -51.63
C LEU M 308 18.79 13.29 -51.65
N CYS M 309 19.53 12.28 -52.11
CA CYS M 309 19.01 10.92 -52.20
C CYS M 309 19.02 10.18 -50.87
N SER M 310 19.69 10.70 -49.86
CA SER M 310 19.93 9.96 -48.61
C SER M 310 19.46 10.76 -47.40
N MET M 311 18.22 11.23 -47.44
CA MET M 311 17.62 11.93 -46.31
C MET M 311 16.48 11.10 -45.73
N ASP M 312 16.36 11.12 -44.40
CA ASP M 312 15.30 10.38 -43.72
C ASP M 312 14.03 11.21 -43.65
N SER M 313 12.90 10.56 -43.94
CA SER M 313 11.63 11.27 -43.99
C SER M 313 11.07 11.59 -42.60
N LYS M 314 11.35 10.74 -41.61
CA LYS M 314 10.77 10.95 -40.28
C LYS M 314 11.24 12.25 -39.65
N ALA M 315 12.54 12.53 -39.74
CA ALA M 315 13.06 13.78 -39.20
C ALA M 315 12.49 14.98 -39.94
N ASN M 316 12.32 14.86 -41.26
CA ASN M 316 11.72 15.94 -42.03
C ASN M 316 10.28 16.20 -41.58
N ILE M 317 9.52 15.13 -41.31
CA ILE M 317 8.16 15.29 -40.81
C ILE M 317 8.16 15.97 -39.44
N VAL M 318 9.05 15.54 -38.56
CA VAL M 318 9.11 16.12 -37.22
C VAL M 318 9.47 17.60 -37.29
N HIS M 319 10.36 17.97 -38.21
CA HIS M 319 10.80 19.36 -38.31
C HIS M 319 9.65 20.31 -38.61
N GLY M 320 8.65 19.86 -39.36
CA GLY M 320 7.55 20.70 -39.76
C GLY M 320 6.39 20.81 -38.80
N LEU M 321 6.55 20.35 -37.56
CA LEU M 321 5.47 20.36 -36.58
C LEU M 321 5.41 21.73 -35.90
N SER M 322 4.59 21.83 -34.84
CA SER M 322 4.42 23.04 -34.06
C SER M 322 4.83 22.79 -32.61
N VAL M 323 4.73 23.85 -31.79
CA VAL M 323 5.22 23.79 -30.42
C VAL M 323 4.39 22.82 -29.58
N LEU M 324 3.06 22.91 -29.70
CA LEU M 324 2.19 22.05 -28.91
C LEU M 324 2.42 20.58 -29.23
N GLU M 325 2.62 20.26 -30.51
CA GLU M 325 2.91 18.88 -30.90
C GLU M 325 4.24 18.42 -30.31
N ILE M 326 5.23 19.30 -30.28
CA ILE M 326 6.52 18.96 -29.69
C ILE M 326 6.36 18.65 -28.21
N CYS M 327 5.60 19.48 -27.49
CA CYS M 327 5.37 19.24 -26.07
C CYS M 327 4.65 17.91 -25.85
N LEU M 328 3.64 17.63 -26.69
CA LEU M 328 2.92 16.36 -26.57
C LEU M 328 3.84 15.17 -26.84
N ILE M 329 4.73 15.31 -27.82
CA ILE M 329 5.67 14.23 -28.12
C ILE M 329 6.65 14.00 -26.97
N ILE M 330 7.10 15.09 -26.33
CA ILE M 330 7.98 14.94 -25.17
C ILE M 330 7.24 14.25 -24.03
N ALA M 331 5.97 14.60 -23.82
CA ALA M 331 5.16 13.90 -22.82
C ALA M 331 5.03 12.42 -23.18
N MET M 332 4.86 12.12 -24.46
CA MET M 332 4.77 10.72 -24.91
C MET M 332 6.07 9.97 -24.62
N LYS M 333 7.22 10.61 -24.86
CA LYS M 333 8.50 9.99 -24.56
C LYS M 333 8.63 9.73 -23.06
N HIS M 334 8.19 10.68 -22.24
CA HIS M 334 8.23 10.48 -20.79
C HIS M 334 7.35 9.30 -20.38
N LEU M 335 6.18 9.17 -21.00
CA LEU M 335 5.31 8.03 -20.74
C LEU M 335 6.00 6.72 -21.11
N ASN M 336 6.64 6.68 -22.28
CA ASN M 336 7.34 5.46 -22.68
C ASN M 336 8.49 5.14 -21.73
N ASP M 337 9.16 6.18 -21.20
CA ASP M 337 10.27 5.93 -20.29
C ASP M 337 9.78 5.41 -18.94
N ILE M 338 8.77 6.06 -18.36
CA ILE M 338 8.29 5.65 -17.04
C ILE M 338 7.62 4.28 -17.12
N TYR M 339 6.72 4.10 -18.08
CA TYR M 339 6.05 2.82 -18.31
C TYR M 339 6.74 2.16 -19.51
N GLU M 340 7.59 1.17 -19.22
CA GLU M 340 8.45 0.58 -20.23
C GLU M 340 7.63 -0.23 -21.23
N GLU M 341 7.53 0.27 -22.46
CA GLU M 341 6.92 -0.45 -23.59
C GLU M 341 5.47 -0.84 -23.30
N GLU M 342 4.67 0.17 -22.98
CA GLU M 342 3.25 -0.01 -22.72
C GLU M 342 2.43 1.04 -23.44
N PRO M 343 1.19 0.72 -23.82
CA PRO M 343 0.35 1.71 -24.51
C PRO M 343 -0.14 2.82 -23.59
N PHE M 344 -0.94 3.73 -24.12
CA PHE M 344 -1.40 4.89 -23.39
C PHE M 344 -2.65 5.44 -24.08
N ASN M 345 -3.21 6.49 -23.49
CA ASN M 345 -4.41 7.13 -24.03
C ASN M 345 -4.22 8.64 -23.94
N PHE M 346 -5.29 9.38 -24.24
CA PHE M 346 -5.24 10.84 -24.23
C PHE M 346 -5.25 11.41 -22.82
N GLN M 347 -5.94 10.74 -21.89
CA GLN M 347 -6.14 11.32 -20.56
C GLN M 347 -4.83 11.43 -19.79
N MET M 348 -3.99 10.38 -19.84
CA MET M 348 -2.71 10.42 -19.13
C MET M 348 -1.80 11.51 -19.69
N VAL M 349 -1.74 11.63 -21.02
CA VAL M 349 -0.91 12.65 -21.65
C VAL M 349 -1.39 14.03 -21.24
N TYR M 350 -2.71 14.24 -21.26
CA TYR M 350 -3.26 15.53 -20.82
C TYR M 350 -2.93 15.81 -19.36
N ASN M 351 -3.04 14.79 -18.50
CA ASN M 351 -2.77 14.99 -17.08
C ASN M 351 -1.32 15.40 -16.84
N GLU M 352 -0.38 14.74 -17.51
CA GLU M 352 1.01 15.08 -17.27
C GLU M 352 1.45 16.37 -17.98
N PHE M 353 0.82 16.71 -19.11
CA PHE M 353 1.03 18.04 -19.67
C PHE M 353 0.52 19.12 -18.71
N GLN M 354 -0.63 18.86 -18.06
CA GLN M 354 -1.12 19.76 -17.04
C GLN M 354 -0.15 19.86 -15.87
N LYS M 355 0.43 18.73 -15.47
CA LYS M 355 1.45 18.75 -14.42
C LYS M 355 2.62 19.65 -14.80
N PHE M 356 3.11 19.50 -16.03
CA PHE M 356 4.23 20.33 -16.48
C PHE M 356 3.87 21.81 -16.49
N VAL M 357 2.69 22.16 -17.02
CA VAL M 357 2.34 23.58 -17.08
C VAL M 357 1.96 24.12 -15.71
N GLN M 358 1.64 23.26 -14.74
CA GLN M 358 1.32 23.71 -13.40
C GLN M 358 2.55 23.89 -12.53
N ARG M 359 3.60 23.09 -12.74
CA ARG M 359 4.83 23.33 -12.00
C ARG M 359 5.41 24.70 -12.29
N LYS M 360 5.39 25.12 -13.56
CA LYS M 360 5.86 26.45 -13.91
C LYS M 360 4.86 27.49 -13.41
N ALA M 361 5.39 28.63 -12.94
CA ALA M 361 4.57 29.61 -12.23
C ALA M 361 3.47 30.19 -13.12
N HIS M 362 3.87 30.89 -14.19
CA HIS M 362 2.91 31.66 -14.97
C HIS M 362 3.21 31.61 -16.47
N SER M 363 3.65 30.46 -16.97
CA SER M 363 3.98 30.33 -18.39
C SER M 363 2.72 30.49 -19.24
N VAL M 364 2.91 30.98 -20.46
CA VAL M 364 1.79 31.30 -21.36
C VAL M 364 1.46 30.02 -22.11
N TYR M 365 0.73 29.13 -21.45
CA TYR M 365 0.21 27.92 -22.08
C TYR M 365 -1.20 27.60 -21.62
N ASN M 366 -2.00 28.63 -21.33
CA ASN M 366 -3.37 28.43 -20.88
C ASN M 366 -4.26 27.96 -22.02
N PHE M 367 -4.29 26.66 -22.26
CA PHE M 367 -5.08 26.08 -23.34
C PHE M 367 -6.13 25.14 -22.77
N GLU M 368 -7.27 25.06 -23.45
CA GLU M 368 -8.39 24.25 -22.99
C GLU M 368 -8.31 22.84 -23.60
N LYS M 369 -9.26 22.00 -23.19
CA LYS M 369 -9.28 20.62 -23.67
C LYS M 369 -9.50 20.48 -25.18
N PRO M 370 -10.47 21.16 -25.81
CA PRO M 370 -10.73 20.88 -27.23
C PRO M 370 -9.55 21.11 -28.16
N VAL M 371 -8.75 22.14 -27.90
CA VAL M 371 -7.61 22.41 -28.79
C VAL M 371 -6.56 21.31 -28.67
N VAL M 372 -6.34 20.82 -27.45
CA VAL M 372 -5.40 19.71 -27.26
C VAL M 372 -5.94 18.45 -27.94
N MET M 373 -7.26 18.23 -27.85
CA MET M 373 -7.86 17.09 -28.52
C MET M 373 -7.70 17.17 -30.03
N LYS M 374 -7.89 18.36 -30.60
CA LYS M 374 -7.68 18.55 -32.03
C LYS M 374 -6.23 18.33 -32.42
N ALA M 375 -5.29 18.78 -31.57
CA ALA M 375 -3.89 18.54 -31.84
C ALA M 375 -3.57 17.05 -31.84
N PHE M 376 -4.13 16.30 -30.89
CA PHE M 376 -3.93 14.86 -30.86
C PHE M 376 -4.52 14.20 -32.09
N GLU M 377 -5.70 14.65 -32.53
CA GLU M 377 -6.30 14.12 -33.75
C GLU M 377 -5.42 14.39 -34.96
N HIS M 378 -4.85 15.61 -35.04
CA HIS M 378 -3.96 15.93 -36.15
C HIS M 378 -2.71 15.06 -36.12
N LEU M 379 -2.14 14.83 -34.93
CA LEU M 379 -0.98 13.97 -34.81
C LEU M 379 -1.30 12.55 -35.26
N GLN M 380 -2.47 12.03 -34.86
CA GLN M 380 -2.87 10.70 -35.29
C GLN M 380 -3.12 10.64 -36.80
N GLN M 381 -3.56 11.76 -37.39
CA GLN M 381 -3.81 11.78 -38.83
C GLN M 381 -2.51 11.60 -39.61
N LEU M 382 -1.41 12.18 -39.14
CA LEU M 382 -0.12 12.05 -39.81
C LEU M 382 0.48 10.65 -39.67
N GLU M 383 -0.21 9.73 -39.00
CA GLU M 383 0.20 8.34 -38.87
C GLU M 383 1.55 8.21 -38.17
N LEU M 384 1.81 9.09 -37.21
CA LEU M 384 2.89 8.87 -36.26
C LEU M 384 2.45 8.04 -35.06
N ILE M 385 1.15 7.84 -34.89
CA ILE M 385 0.58 7.06 -33.80
C ILE M 385 -0.45 6.10 -34.39
N LYS M 386 -0.38 4.83 -33.99
CA LYS M 386 -1.30 3.86 -34.55
C LYS M 386 -2.08 3.12 -33.46
N PRO M 387 -3.35 2.86 -33.68
CA PRO M 387 -4.15 2.15 -32.67
C PRO M 387 -3.81 0.67 -32.63
N MET M 388 -4.19 0.04 -31.52
CA MET M 388 -4.02 -1.39 -31.31
C MET M 388 -5.39 -2.07 -31.25
N GLU M 389 -5.55 -3.14 -32.02
CA GLU M 389 -6.78 -3.93 -32.05
C GLU M 389 -7.98 -3.02 -32.32
N ARG M 390 -7.97 -2.49 -33.55
CA ARG M 390 -8.87 -1.40 -33.93
C ARG M 390 -10.34 -1.77 -33.67
N THR M 391 -11.06 -0.82 -33.08
CA THR M 391 -12.51 -0.91 -32.92
C THR M 391 -13.05 0.50 -32.77
N SER M 392 -14.33 0.65 -33.07
CA SER M 392 -15.00 1.95 -33.02
C SER M 392 -16.39 1.79 -32.44
N GLY M 393 -16.93 2.88 -31.91
CA GLY M 393 -18.23 2.86 -31.28
C GLY M 393 -18.18 2.39 -29.85
N ASN M 394 -17.66 1.18 -29.62
CA ASN M 394 -17.52 0.67 -28.27
C ASN M 394 -16.57 1.53 -27.44
N SER M 395 -15.46 1.96 -28.05
CA SER M 395 -14.49 2.82 -27.39
C SER M 395 -14.36 4.13 -28.16
N GLN M 396 -14.34 5.23 -27.42
CA GLN M 396 -14.23 6.55 -28.03
C GLN M 396 -12.79 6.80 -28.49
N ARG M 397 -12.56 7.99 -29.04
CA ARG M 397 -11.20 8.41 -29.32
C ARG M 397 -10.40 8.53 -28.02
N GLU M 398 -11.03 9.04 -26.97
CA GLU M 398 -10.45 8.98 -25.64
C GLU M 398 -10.42 7.54 -25.15
N TYR M 399 -9.54 7.30 -24.16
CA TYR M 399 -9.40 5.98 -23.54
C TYR M 399 -9.03 4.92 -24.57
N GLN M 400 -8.31 5.31 -25.62
CA GLN M 400 -7.92 4.41 -26.69
C GLN M 400 -6.41 4.16 -26.62
N LEU M 401 -6.02 2.89 -26.80
CA LEU M 401 -4.63 2.49 -26.63
C LEU M 401 -3.81 2.98 -27.82
N MET M 402 -2.94 3.95 -27.57
CA MET M 402 -2.07 4.54 -28.58
C MET M 402 -0.61 4.19 -28.31
N LYS M 403 0.17 4.10 -29.38
CA LYS M 403 1.60 3.85 -29.29
C LYS M 403 2.36 4.80 -30.21
N LEU M 404 3.60 5.10 -29.83
CA LEU M 404 4.46 5.96 -30.62
C LEU M 404 5.35 5.15 -31.55
N LEU M 405 5.61 5.71 -32.72
CA LEU M 405 6.40 5.04 -33.77
C LEU M 405 7.71 5.78 -34.03
N LEU M 406 8.37 6.20 -32.96
CA LEU M 406 9.62 6.95 -33.09
C LEU M 406 10.58 6.50 -32.00
N ASP M 407 11.85 6.82 -32.19
CA ASP M 407 12.92 6.48 -31.26
C ASP M 407 13.38 7.72 -30.52
N ASN M 408 13.89 7.52 -29.30
CA ASN M 408 14.30 8.65 -28.48
C ASN M 408 15.43 9.43 -29.13
N THR M 409 16.42 8.73 -29.71
CA THR M 409 17.51 9.43 -30.37
C THR M 409 17.02 10.24 -31.57
N GLN M 410 16.02 9.74 -32.29
CA GLN M 410 15.45 10.52 -33.38
C GLN M 410 14.81 11.80 -32.86
N ILE M 411 14.08 11.72 -31.75
CA ILE M 411 13.46 12.92 -31.17
C ILE M 411 14.54 13.91 -30.73
N MET M 412 15.59 13.41 -30.08
CA MET M 412 16.66 14.31 -29.63
C MET M 412 17.34 14.99 -30.81
N ASN M 413 17.65 14.23 -31.86
CA ASN M 413 18.30 14.80 -33.03
C ASN M 413 17.41 15.82 -33.72
N ALA M 414 16.12 15.51 -33.87
CA ALA M 414 15.21 16.44 -34.50
C ALA M 414 15.05 17.72 -33.68
N LEU M 415 14.94 17.58 -32.35
CA LEU M 415 14.79 18.74 -31.49
C LEU M 415 16.06 19.58 -31.47
N GLN M 416 17.23 18.95 -31.67
CA GLN M 416 18.47 19.70 -31.75
C GLN M 416 18.47 20.66 -32.94
N LYS M 417 17.87 20.24 -34.06
CA LYS M 417 17.81 21.06 -35.26
C LYS M 417 16.54 21.88 -35.35
N TYR M 418 15.70 21.86 -34.33
CA TYR M 418 14.50 22.69 -34.33
C TYR M 418 14.89 24.16 -34.32
N PRO M 419 14.32 24.99 -35.21
CA PRO M 419 14.76 26.40 -35.31
C PRO M 419 14.59 27.20 -34.02
N ASN M 420 13.37 27.26 -33.50
CA ASN M 420 13.07 28.17 -32.39
C ASN M 420 12.49 27.45 -31.18
N CYS M 421 13.11 26.35 -30.77
CA CYS M 421 12.64 25.62 -29.59
C CYS M 421 12.88 26.45 -28.34
N PRO M 422 11.85 26.73 -27.54
CA PRO M 422 12.05 27.50 -26.31
C PRO M 422 12.86 26.74 -25.28
N THR M 423 13.44 27.50 -24.35
CA THR M 423 14.29 26.93 -23.31
C THR M 423 13.48 26.03 -22.37
N ASP M 424 12.27 26.45 -22.01
CA ASP M 424 11.47 25.70 -21.05
C ASP M 424 11.17 24.30 -21.55
N VAL M 425 10.68 24.19 -22.79
CA VAL M 425 10.33 22.88 -23.33
C VAL M 425 11.58 22.02 -23.53
N ARG M 426 12.71 22.65 -23.89
CA ARG M 426 13.95 21.91 -24.03
C ARG M 426 14.39 21.32 -22.70
N GLN M 427 14.35 22.10 -21.62
CA GLN M 427 14.75 21.59 -20.32
C GLN M 427 13.77 20.53 -19.82
N TRP M 428 12.49 20.69 -20.14
CA TRP M 428 11.53 19.63 -19.80
C TRP M 428 11.87 18.33 -20.55
N ALA M 429 12.25 18.44 -21.81
CA ALA M 429 12.65 17.27 -22.58
C ALA M 429 13.90 16.61 -21.99
N THR M 430 14.87 17.43 -21.56
CA THR M 430 16.07 16.88 -20.95
C THR M 430 15.75 16.16 -19.65
N SER M 431 14.80 16.69 -18.87
CA SER M 431 14.42 16.10 -17.59
C SER M 431 13.85 14.68 -17.76
N VAL N 7 -0.46 33.26 -58.72
CA VAL N 7 0.96 33.51 -58.55
C VAL N 7 1.47 32.78 -57.31
N VAL N 8 2.77 32.48 -57.29
CA VAL N 8 3.41 31.82 -56.17
C VAL N 8 4.48 32.75 -55.60
N LEU N 9 4.53 32.83 -54.27
CA LEU N 9 5.51 33.64 -53.57
C LEU N 9 6.39 32.74 -52.73
N CYS N 10 7.69 33.06 -52.71
CA CYS N 10 8.68 32.29 -51.95
C CYS N 10 8.71 30.83 -52.35
N ARG N 11 8.38 30.54 -53.61
CA ARG N 11 8.44 29.19 -54.16
C ARG N 11 9.16 29.28 -55.52
N GLU N 12 10.49 29.22 -55.47
CA GLU N 12 11.28 29.40 -56.68
C GLU N 12 12.28 28.26 -56.88
N SER N 13 12.69 27.63 -55.78
CA SER N 13 13.62 26.50 -55.90
C SER N 13 12.92 25.28 -56.49
N GLN N 14 11.75 24.93 -55.96
CA GLN N 14 11.02 23.78 -56.47
C GLN N 14 10.52 24.02 -57.88
N VAL N 15 10.08 25.24 -58.18
CA VAL N 15 9.64 25.55 -59.54
C VAL N 15 10.79 25.37 -60.53
N SER N 16 11.98 25.87 -60.18
CA SER N 16 13.14 25.71 -61.06
C SER N 16 13.51 24.24 -61.21
N ILE N 17 13.45 23.48 -60.11
CA ILE N 17 13.79 22.05 -60.17
C ILE N 17 12.82 21.33 -61.11
N LEU N 18 11.52 21.61 -60.97
CA LEU N 18 10.53 20.96 -61.83
C LEU N 18 10.69 21.37 -63.28
N GLN N 19 10.99 22.66 -63.53
CA GLN N 19 11.19 23.12 -64.90
C GLN N 19 12.40 22.45 -65.53
N SER N 20 13.49 22.30 -64.76
CA SER N 20 14.66 21.58 -65.27
C SER N 20 14.34 20.12 -65.51
N LEU N 21 13.56 19.50 -64.63
CA LEU N 21 13.20 18.09 -64.78
C LEU N 21 12.38 17.88 -66.05
N PHE N 22 11.42 18.78 -66.32
CA PHE N 22 10.57 18.62 -67.49
C PHE N 22 11.37 18.73 -68.78
N GLY N 23 12.31 19.67 -68.84
CA GLY N 23 13.09 19.86 -70.05
C GLY N 23 12.22 20.35 -71.19
N GLU N 24 12.31 19.66 -72.32
CA GLU N 24 11.51 19.99 -73.49
C GLU N 24 10.35 19.02 -73.63
N ARG N 25 9.39 19.39 -74.48
CA ARG N 25 8.17 18.60 -74.64
C ARG N 25 8.47 17.22 -75.21
N HIS N 26 9.37 17.13 -76.19
CA HIS N 26 9.71 15.85 -76.79
C HIS N 26 10.58 14.98 -75.89
N HIS N 27 11.17 15.56 -74.85
CA HIS N 27 12.07 14.81 -73.98
C HIS N 27 11.29 13.88 -73.05
N PHE N 28 12.00 12.88 -72.54
CA PHE N 28 11.46 11.95 -71.56
C PHE N 28 11.78 12.42 -70.14
N SER N 29 11.13 11.80 -69.17
CA SER N 29 11.31 12.19 -67.77
C SER N 29 11.17 10.94 -66.90
N PHE N 30 11.06 11.16 -65.59
CA PHE N 30 10.92 10.06 -64.66
C PHE N 30 9.59 9.34 -64.86
N PRO N 31 9.55 8.02 -64.62
CA PRO N 31 8.27 7.30 -64.67
C PRO N 31 7.35 7.66 -63.52
N SER N 32 7.89 7.95 -62.34
CA SER N 32 7.07 8.27 -61.19
C SER N 32 7.83 9.25 -60.29
N ILE N 33 7.15 10.32 -59.89
CA ILE N 33 7.67 11.28 -58.93
C ILE N 33 6.71 11.36 -57.76
N PHE N 34 7.23 11.22 -56.55
CA PHE N 34 6.43 11.21 -55.33
C PHE N 34 6.70 12.50 -54.57
N ILE N 35 5.67 13.35 -54.45
CA ILE N 35 5.76 14.63 -53.76
C ILE N 35 5.01 14.52 -52.44
N TYR N 36 5.66 14.92 -51.36
CA TYR N 36 5.06 14.90 -50.04
C TYR N 36 5.33 16.21 -49.32
N GLY N 37 4.42 16.58 -48.42
CA GLY N 37 4.55 17.82 -47.69
C GLY N 37 3.48 17.94 -46.63
N HIS N 38 3.41 19.12 -46.03
CA HIS N 38 2.45 19.37 -44.96
C HIS N 38 1.10 19.77 -45.53
N THR N 39 0.15 20.05 -44.64
CA THR N 39 -1.22 20.33 -45.05
C THR N 39 -1.31 21.65 -45.82
N ALA N 40 -0.66 22.69 -45.31
CA ALA N 40 -0.73 24.03 -45.89
C ALA N 40 0.48 24.34 -46.77
N SER N 41 1.15 23.30 -47.28
CA SER N 41 2.33 23.50 -48.10
C SER N 41 1.98 24.07 -49.48
N GLY N 42 0.75 23.85 -49.95
CA GLY N 42 0.36 24.36 -51.25
C GLY N 42 0.72 23.48 -52.42
N LYS N 43 0.69 22.15 -52.25
CA LYS N 43 1.07 21.26 -53.33
C LYS N 43 0.15 21.42 -54.54
N THR N 44 -1.16 21.42 -54.31
CA THR N 44 -2.11 21.55 -55.41
C THR N 44 -1.94 22.88 -56.14
N TYR N 45 -1.85 23.97 -55.38
CA TYR N 45 -1.67 25.29 -55.97
C TYR N 45 -0.43 25.34 -56.85
N VAL N 46 0.72 24.94 -56.30
CA VAL N 46 1.98 25.06 -57.03
C VAL N 46 1.95 24.19 -58.28
N THR N 47 1.55 22.92 -58.13
CA THR N 47 1.61 22.01 -59.28
C THR N 47 0.64 22.44 -60.37
N GLN N 48 -0.57 22.86 -60.00
CA GLN N 48 -1.56 23.22 -61.03
C GLN N 48 -1.20 24.53 -61.69
N THR N 49 -0.69 25.50 -60.93
CA THR N 49 -0.24 26.75 -61.53
C THR N 49 0.92 26.51 -62.49
N LEU N 50 1.87 25.64 -62.10
CA LEU N 50 2.99 25.34 -62.99
C LEU N 50 2.51 24.65 -64.27
N LEU N 51 1.58 23.69 -64.14
CA LEU N 51 1.08 23.01 -65.32
C LEU N 51 0.32 23.97 -66.24
N LYS N 52 -0.48 24.87 -65.66
CA LYS N 52 -1.18 25.86 -66.47
C LYS N 52 -0.20 26.81 -67.15
N THR N 53 0.83 27.25 -66.44
CA THR N 53 1.79 28.18 -67.02
C THR N 53 2.56 27.55 -68.17
N LEU N 54 3.02 26.31 -68.00
CA LEU N 54 3.76 25.65 -69.06
C LEU N 54 2.87 25.20 -70.21
N GLU N 55 1.55 25.18 -70.02
CA GLU N 55 0.59 24.79 -71.05
C GLU N 55 0.91 23.38 -71.57
N LEU N 56 0.84 22.42 -70.66
CA LEU N 56 1.17 21.04 -70.93
C LEU N 56 -0.08 20.17 -70.86
N PRO N 57 -0.12 19.05 -71.59
CA PRO N 57 -1.28 18.16 -71.50
C PRO N 57 -1.31 17.42 -70.17
N HIS N 58 -2.23 17.81 -69.29
CA HIS N 58 -2.32 17.25 -67.95
C HIS N 58 -3.77 16.94 -67.62
N VAL N 59 -3.97 15.85 -66.88
CA VAL N 59 -5.29 15.44 -66.41
C VAL N 59 -5.27 15.49 -64.89
N PHE N 60 -6.17 16.28 -64.31
CA PHE N 60 -6.27 16.43 -62.87
C PHE N 60 -7.34 15.49 -62.34
N VAL N 61 -6.98 14.64 -61.40
CA VAL N 61 -7.85 13.59 -60.90
C VAL N 61 -7.82 13.59 -59.38
N ASN N 62 -9.00 13.50 -58.76
CA ASN N 62 -9.14 13.39 -57.33
C ASN N 62 -9.40 11.92 -56.98
N CYS N 63 -8.56 11.38 -56.09
CA CYS N 63 -8.72 9.98 -55.69
C CYS N 63 -10.02 9.78 -54.90
N VAL N 64 -10.43 10.79 -54.14
CA VAL N 64 -11.64 10.66 -53.33
C VAL N 64 -12.87 10.52 -54.22
N GLU N 65 -12.96 11.35 -55.26
CA GLU N 65 -14.12 11.29 -56.15
C GLU N 65 -14.19 9.95 -56.87
N CYS N 66 -13.04 9.43 -57.31
CA CYS N 66 -12.98 8.13 -57.99
C CYS N 66 -12.73 7.05 -56.93
N PHE N 67 -13.78 6.76 -56.17
CA PHE N 67 -13.71 5.75 -55.11
C PHE N 67 -13.75 4.33 -55.66
N THR N 68 -13.98 4.15 -56.95
CA THR N 68 -13.97 2.84 -57.58
C THR N 68 -13.01 2.84 -58.77
N LEU N 69 -12.47 1.66 -59.06
CA LEU N 69 -11.49 1.52 -60.13
C LEU N 69 -12.09 1.89 -61.48
N ARG N 70 -13.31 1.44 -61.76
CA ARG N 70 -13.95 1.75 -63.03
C ARG N 70 -14.14 3.25 -63.21
N LEU N 71 -14.61 3.93 -62.15
CA LEU N 71 -14.78 5.38 -62.22
C LEU N 71 -13.45 6.07 -62.48
N LEU N 72 -12.39 5.64 -61.80
CA LEU N 72 -11.08 6.26 -61.99
C LEU N 72 -10.61 6.12 -63.43
N LEU N 73 -10.62 4.90 -63.96
CA LEU N 73 -10.12 4.70 -65.32
C LEU N 73 -10.98 5.40 -66.34
N GLU N 74 -12.31 5.31 -66.20
CA GLU N 74 -13.20 5.97 -67.17
C GLU N 74 -13.05 7.48 -67.13
N GLN N 75 -12.93 8.07 -65.94
CA GLN N 75 -12.74 9.51 -65.83
C GLN N 75 -11.43 9.92 -66.48
N ILE N 76 -10.34 9.17 -66.22
CA ILE N 76 -9.06 9.50 -66.82
C ILE N 76 -9.13 9.45 -68.34
N LEU N 77 -9.70 8.36 -68.87
CA LEU N 77 -9.77 8.20 -70.32
C LEU N 77 -10.67 9.25 -70.96
N ASN N 78 -11.82 9.54 -70.35
CA ASN N 78 -12.72 10.53 -70.92
C ASN N 78 -12.10 11.92 -70.91
N LYS N 79 -11.43 12.29 -69.82
CA LYS N 79 -10.77 13.60 -69.78
C LYS N 79 -9.64 13.67 -70.80
N LEU N 80 -8.87 12.58 -70.96
CA LEU N 80 -7.82 12.58 -71.96
C LEU N 80 -8.40 12.70 -73.37
N ASN N 81 -9.51 12.02 -73.64
CA ASN N 81 -10.16 12.13 -74.94
C ASN N 81 -10.67 13.55 -75.18
N HIS N 82 -11.24 14.18 -74.15
CA HIS N 82 -11.68 15.55 -74.28
C HIS N 82 -10.50 16.48 -74.57
N LEU N 83 -9.35 16.23 -73.94
CA LEU N 83 -8.16 17.01 -74.24
C LEU N 83 -7.71 16.82 -75.68
N SER N 84 -7.79 15.60 -76.19
CA SER N 84 -7.37 15.30 -77.56
C SER N 84 -8.31 15.93 -78.58
N GLU N 93 -18.26 7.97 -76.62
CA GLU N 93 -17.88 7.77 -75.23
C GLU N 93 -17.11 6.45 -75.09
N ILE N 94 -16.16 6.41 -74.15
CA ILE N 94 -15.31 5.26 -73.93
C ILE N 94 -15.51 4.77 -72.49
N THR N 95 -15.76 3.47 -72.35
CA THR N 95 -15.93 2.84 -71.04
C THR N 95 -15.05 1.60 -70.99
N CYS N 96 -14.32 1.45 -69.88
CA CYS N 96 -13.43 0.31 -69.68
C CYS N 96 -13.67 -0.25 -68.29
N GLU N 97 -13.25 -1.50 -68.09
CA GLU N 97 -13.50 -2.21 -66.83
C GLU N 97 -12.25 -2.75 -66.17
N THR N 98 -11.27 -3.23 -66.94
CA THR N 98 -10.09 -3.86 -66.38
C THR N 98 -8.84 -3.05 -66.70
N PHE N 99 -7.79 -3.29 -65.90
CA PHE N 99 -6.56 -2.53 -66.06
C PHE N 99 -5.88 -2.84 -67.39
N ASN N 100 -5.90 -4.10 -67.82
CA ASN N 100 -5.31 -4.45 -69.10
C ASN N 100 -6.06 -3.79 -70.26
N ASP N 101 -7.39 -3.79 -70.20
CA ASP N 101 -8.17 -3.09 -71.21
C ASP N 101 -7.89 -1.59 -71.17
N PHE N 102 -7.70 -1.04 -69.96
CA PHE N 102 -7.34 0.36 -69.85
C PHE N 102 -6.00 0.64 -70.52
N VAL N 103 -5.02 -0.24 -70.33
CA VAL N 103 -3.71 -0.05 -70.96
C VAL N 103 -3.84 -0.12 -72.47
N ARG N 104 -4.60 -1.08 -72.98
CA ARG N 104 -4.77 -1.21 -74.43
C ARG N 104 -5.47 0.01 -75.01
N LEU N 105 -6.52 0.50 -74.36
CA LEU N 105 -7.23 1.67 -74.86
C LEU N 105 -6.36 2.92 -74.74
N PHE N 106 -5.56 3.01 -73.68
CA PHE N 106 -4.64 4.13 -73.53
C PHE N 106 -3.61 4.14 -74.65
N LYS N 107 -3.10 2.97 -75.02
CA LYS N 107 -2.22 2.89 -76.18
C LYS N 107 -2.95 3.30 -77.44
N GLN N 108 -4.21 2.90 -77.58
CA GLN N 108 -5.00 3.31 -78.75
C GLN N 108 -5.24 4.82 -78.78
N VAL N 109 -5.56 5.41 -77.62
CA VAL N 109 -5.97 6.82 -77.61
C VAL N 109 -4.80 7.78 -77.64
N THR N 110 -3.60 7.35 -77.22
CA THR N 110 -2.47 8.26 -77.14
C THR N 110 -1.79 8.51 -78.48
N THR N 111 -2.24 7.85 -79.55
CA THR N 111 -1.62 8.00 -80.87
C THR N 111 -2.01 9.29 -81.57
N ALA N 112 -2.67 10.22 -80.88
CA ALA N 112 -3.07 11.48 -81.51
C ALA N 112 -1.84 12.31 -81.87
N GLU N 113 -2.01 13.17 -82.89
CA GLU N 113 -0.93 14.04 -83.31
C GLU N 113 -0.52 14.99 -82.20
N ASN N 114 -1.49 15.54 -81.47
CA ASN N 114 -1.18 16.37 -80.32
C ASN N 114 -0.51 15.57 -79.20
N LEU N 115 -0.64 14.25 -79.23
CA LEU N 115 -0.06 13.36 -78.22
C LEU N 115 1.09 12.53 -78.76
N LYS N 116 1.72 12.97 -79.86
CA LYS N 116 2.74 12.18 -80.53
C LYS N 116 4.11 12.35 -79.88
N ASP N 117 4.61 13.58 -79.83
CA ASP N 117 5.94 13.87 -79.30
C ASP N 117 5.87 14.77 -78.07
N GLN N 118 4.91 14.50 -77.19
CA GLN N 118 4.74 15.26 -75.95
C GLN N 118 4.58 14.30 -74.78
N THR N 119 5.05 14.74 -73.62
CA THR N 119 4.94 13.93 -72.41
C THR N 119 3.53 14.05 -71.84
N VAL N 120 2.96 12.92 -71.42
CA VAL N 120 1.63 12.86 -70.84
C VAL N 120 1.76 12.84 -69.33
N TYR N 121 1.05 13.76 -68.66
CA TYR N 121 1.11 13.91 -67.22
C TYR N 121 -0.24 13.55 -66.61
N ILE N 122 -0.22 12.68 -65.60
CA ILE N 122 -1.41 12.24 -64.89
C ILE N 122 -1.26 12.69 -63.45
N VAL N 123 -1.92 13.80 -63.10
CA VAL N 123 -1.81 14.39 -61.77
C VAL N 123 -2.80 13.69 -60.85
N LEU N 124 -2.29 13.10 -59.77
CA LEU N 124 -3.12 12.45 -58.75
C LEU N 124 -2.87 13.12 -57.41
N ASP N 125 -3.94 13.53 -56.74
CA ASP N 125 -3.85 14.11 -55.41
C ASP N 125 -4.64 13.25 -54.42
N LYS N 126 -4.33 13.45 -53.14
CA LYS N 126 -4.91 12.64 -52.07
C LYS N 126 -4.67 11.15 -52.32
N ALA N 127 -3.42 10.82 -52.69
CA ALA N 127 -3.05 9.46 -53.03
C ALA N 127 -2.97 8.52 -51.82
N GLU N 128 -3.23 9.03 -50.62
CA GLU N 128 -3.20 8.18 -49.43
C GLU N 128 -4.22 7.05 -49.50
N TYR N 129 -5.29 7.21 -50.28
CA TYR N 129 -6.31 6.18 -50.41
C TYR N 129 -5.97 5.12 -51.45
N LEU N 130 -4.92 5.32 -52.24
CA LEU N 130 -4.59 4.35 -53.28
C LEU N 130 -4.16 3.01 -52.71
N ARG N 131 -3.50 3.00 -51.55
CA ARG N 131 -3.06 1.77 -50.94
C ARG N 131 -4.23 0.93 -50.42
N ASP N 132 -5.43 1.49 -50.34
CA ASP N 132 -6.62 0.78 -49.88
C ASP N 132 -7.57 0.44 -51.02
N MET N 133 -7.19 0.68 -52.27
CA MET N 133 -8.06 0.41 -53.40
C MET N 133 -7.84 -1.00 -53.95
N GLU N 134 -6.61 -1.28 -54.42
CA GLU N 134 -6.27 -2.61 -54.92
C GLU N 134 -4.78 -2.85 -54.69
N ALA N 135 -4.40 -4.12 -54.67
CA ALA N 135 -3.02 -4.48 -54.38
C ALA N 135 -2.09 -4.13 -55.53
N ASN N 136 -2.49 -4.47 -56.77
CA ASN N 136 -1.63 -4.31 -57.93
C ASN N 136 -1.84 -3.01 -58.68
N LEU N 137 -2.75 -2.14 -58.22
CA LEU N 137 -3.00 -0.89 -58.92
C LEU N 137 -1.80 0.04 -58.83
N LEU N 138 -1.22 0.18 -57.63
CA LEU N 138 -0.05 1.03 -57.46
C LEU N 138 1.16 0.54 -58.25
N PRO N 139 1.54 -0.74 -58.23
CA PRO N 139 2.64 -1.19 -59.10
C PRO N 139 2.35 -0.95 -60.58
N GLY N 140 1.10 -1.13 -61.00
CA GLY N 140 0.76 -0.84 -62.39
C GLY N 140 0.93 0.62 -62.75
N PHE N 141 0.52 1.51 -61.86
CA PHE N 141 0.68 2.94 -62.10
C PHE N 141 2.14 3.35 -62.08
N LEU N 142 2.96 2.71 -61.22
CA LEU N 142 4.35 3.10 -61.08
C LEU N 142 5.13 2.82 -62.37
N ARG N 143 4.91 1.65 -62.98
CA ARG N 143 5.62 1.24 -64.18
C ARG N 143 4.80 1.46 -65.46
N LEU N 144 4.00 2.53 -65.50
CA LEU N 144 3.16 2.79 -66.65
C LEU N 144 3.99 3.10 -67.89
N GLN N 145 5.12 3.80 -67.70
CA GLN N 145 5.93 4.21 -68.85
C GLN N 145 6.57 3.01 -69.54
N GLU N 146 6.91 1.96 -68.79
CA GLU N 146 7.47 0.76 -69.40
C GLU N 146 6.40 -0.01 -70.17
N LEU N 147 5.21 -0.15 -69.59
CA LEU N 147 4.16 -0.93 -70.23
C LEU N 147 3.63 -0.22 -71.47
N ALA N 148 3.30 1.06 -71.35
CA ALA N 148 2.75 1.80 -72.47
C ALA N 148 3.82 2.17 -73.49
N ASP N 149 5.01 2.54 -73.02
CA ASP N 149 6.11 2.99 -73.88
C ASP N 149 5.65 4.15 -74.77
N ARG N 150 4.99 5.13 -74.16
CA ARG N 150 4.39 6.21 -74.92
C ARG N 150 4.65 7.57 -74.27
N ASN N 151 5.79 7.72 -73.60
CA ASN N 151 6.22 8.99 -73.01
C ASN N 151 5.16 9.51 -72.02
N VAL N 152 4.98 8.75 -70.94
CA VAL N 152 3.94 9.02 -69.95
C VAL N 152 4.59 9.22 -68.58
N THR N 153 4.13 10.25 -67.87
CA THR N 153 4.60 10.54 -66.52
C THR N 153 3.42 10.68 -65.58
N VAL N 154 3.55 10.16 -64.37
CA VAL N 154 2.50 10.17 -63.36
C VAL N 154 3.06 10.83 -62.10
N LEU N 155 2.30 11.78 -61.56
CA LEU N 155 2.69 12.52 -60.36
C LEU N 155 1.83 12.11 -59.17
N PHE N 156 2.41 12.23 -57.98
CA PHE N 156 1.72 11.89 -56.74
C PHE N 156 1.78 13.06 -55.77
N LEU N 157 0.66 13.31 -55.11
CA LEU N 157 0.57 14.32 -54.05
C LEU N 157 0.01 13.66 -52.81
N SER N 158 0.74 13.75 -51.69
CA SER N 158 0.31 13.10 -50.46
C SER N 158 0.95 13.80 -49.27
N GLU N 159 0.41 13.51 -48.10
CA GLU N 159 0.98 13.98 -46.85
C GLU N 159 1.74 12.89 -46.09
N ILE N 160 1.59 11.64 -46.49
CA ILE N 160 2.28 10.52 -45.86
C ILE N 160 3.58 10.26 -46.61
N VAL N 161 4.62 9.89 -45.88
CA VAL N 161 5.91 9.63 -46.51
C VAL N 161 5.83 8.39 -47.39
N TRP N 162 6.83 8.24 -48.27
CA TRP N 162 6.88 7.10 -49.16
C TRP N 162 7.12 5.78 -48.41
N GLU N 163 7.63 5.84 -47.18
CA GLU N 163 7.95 4.63 -46.44
C GLU N 163 6.72 3.74 -46.26
N LYS N 164 5.54 4.34 -46.17
CA LYS N 164 4.30 3.58 -45.98
C LYS N 164 3.61 3.21 -47.30
N PHE N 165 4.09 3.72 -48.43
CA PHE N 165 3.54 3.39 -49.73
C PHE N 165 4.24 2.22 -50.40
N ARG N 166 5.26 1.66 -49.76
CA ARG N 166 6.05 0.60 -50.40
C ARG N 166 5.31 -0.73 -50.30
N PRO N 167 5.08 -1.43 -51.42
CA PRO N 167 4.47 -2.75 -51.35
C PRO N 167 5.45 -3.79 -50.80
N ASN N 168 4.89 -4.93 -50.39
CA ASN N 168 5.70 -5.99 -49.81
C ASN N 168 6.70 -6.55 -50.81
N THR N 169 6.28 -6.73 -52.06
CA THR N 169 7.14 -7.31 -53.08
C THR N 169 8.18 -6.34 -53.63
N GLY N 170 8.03 -5.04 -53.38
CA GLY N 170 8.96 -4.06 -53.92
C GLY N 170 8.68 -3.76 -55.38
N CYS N 171 8.85 -2.51 -55.78
CA CYS N 171 8.54 -2.09 -57.14
C CYS N 171 9.52 -1.02 -57.57
N PHE N 172 9.23 -0.37 -58.69
CA PHE N 172 10.10 0.68 -59.22
C PHE N 172 10.04 1.90 -58.32
N GLU N 173 11.19 2.29 -57.78
CA GLU N 173 11.25 3.39 -56.82
C GLU N 173 11.03 4.72 -57.52
N PRO N 174 10.07 5.52 -57.08
CA PRO N 174 9.90 6.87 -57.64
C PRO N 174 10.91 7.84 -57.04
N PHE N 175 11.04 8.99 -57.71
CA PHE N 175 11.86 10.08 -57.19
C PHE N 175 11.08 10.81 -56.10
N VAL N 176 11.67 10.92 -54.92
CA VAL N 176 11.03 11.55 -53.78
C VAL N 176 11.37 13.04 -53.76
N LEU N 177 10.40 13.87 -53.41
CA LEU N 177 10.59 15.31 -53.34
C LEU N 177 9.83 15.85 -52.14
N TYR N 178 10.37 16.92 -51.57
CA TYR N 178 9.79 17.55 -50.38
C TYR N 178 9.59 19.03 -50.62
N PHE N 179 8.42 19.53 -50.22
CA PHE N 179 8.10 20.96 -50.31
C PHE N 179 8.45 21.64 -48.99
N PRO N 180 9.28 22.69 -49.00
CA PRO N 180 9.74 23.29 -47.75
C PRO N 180 8.60 23.89 -46.94
N ASP N 181 8.76 23.84 -45.61
CA ASP N 181 7.81 24.42 -44.70
C ASP N 181 7.94 25.94 -44.67
N TYR N 182 6.86 26.61 -44.27
CA TYR N 182 6.79 28.06 -44.31
C TYR N 182 7.42 28.67 -43.05
N SER N 183 7.68 29.98 -43.11
CA SER N 183 8.31 30.72 -42.03
C SER N 183 7.52 32.00 -41.76
N ILE N 184 8.03 32.80 -40.81
CA ILE N 184 7.35 34.03 -40.42
C ILE N 184 7.32 35.01 -41.59
N GLY N 185 8.48 35.24 -42.21
CA GLY N 185 8.52 36.15 -43.35
C GLY N 185 7.71 35.64 -44.52
N ASN N 186 7.76 34.33 -44.76
CA ASN N 186 7.01 33.75 -45.87
C ASN N 186 5.51 33.94 -45.66
N LEU N 187 5.03 33.61 -44.47
CA LEU N 187 3.61 33.76 -44.14
C LEU N 187 3.19 35.23 -44.20
N GLN N 188 4.04 36.13 -43.68
CA GLN N 188 3.70 37.54 -43.71
C GLN N 188 3.60 38.06 -45.14
N LYS N 189 4.53 37.65 -46.01
CA LYS N 189 4.46 38.05 -47.42
C LYS N 189 3.18 37.53 -48.07
N ILE N 190 2.85 36.27 -47.84
CA ILE N 190 1.66 35.69 -48.47
C ILE N 190 0.40 36.41 -47.97
N LEU N 191 0.31 36.66 -46.66
CA LEU N 191 -0.88 37.29 -46.12
C LEU N 191 -0.99 38.75 -46.53
N SER N 192 0.15 39.45 -46.68
CA SER N 192 0.13 40.86 -47.03
C SER N 192 0.03 41.10 -48.54
N HIS N 193 0.18 40.05 -49.36
CA HIS N 193 0.05 40.24 -50.80
C HIS N 193 -1.35 40.71 -51.19
N ASP N 194 -2.38 40.07 -50.64
CA ASP N 194 -3.77 40.38 -51.01
C ASP N 194 -4.39 41.41 -50.06
N HIS N 195 -3.75 42.57 -49.95
CA HIS N 195 -4.27 43.63 -49.10
C HIS N 195 -5.53 44.24 -49.71
N PRO N 196 -6.46 44.70 -48.88
CA PRO N 196 -7.64 45.40 -49.41
C PRO N 196 -7.25 46.73 -50.03
N PRO N 197 -7.84 47.08 -51.18
CA PRO N 197 -7.46 48.35 -51.83
C PRO N 197 -7.98 49.59 -51.11
N GLU N 198 -8.88 49.46 -50.13
CA GLU N 198 -9.49 50.62 -49.50
C GLU N 198 -8.64 51.22 -48.40
N TYR N 199 -7.50 50.63 -48.07
CA TYR N 199 -6.62 51.16 -47.04
C TYR N 199 -5.16 50.94 -47.44
N SER N 200 -4.26 51.56 -46.69
CA SER N 200 -2.84 51.50 -46.99
C SER N 200 -2.29 50.10 -46.80
N ALA N 201 -1.22 49.80 -47.55
CA ALA N 201 -0.56 48.51 -47.41
C ALA N 201 0.06 48.35 -46.03
N ASP N 202 0.57 49.45 -45.45
CA ASP N 202 1.16 49.39 -44.12
C ASP N 202 0.12 49.06 -43.05
N PHE N 203 -1.12 49.51 -43.25
CA PHE N 203 -2.20 49.17 -42.33
C PHE N 203 -2.41 47.66 -42.25
N TYR N 204 -2.58 47.02 -43.42
CA TYR N 204 -2.75 45.58 -43.46
C TYR N 204 -1.49 44.87 -43.00
N ALA N 205 -0.31 45.45 -43.26
CA ALA N 205 0.94 44.86 -42.77
C ALA N 205 0.98 44.85 -41.25
N ALA N 206 0.56 45.94 -40.62
CA ALA N 206 0.50 45.98 -39.16
C ALA N 206 -0.52 44.98 -38.62
N TYR N 207 -1.66 44.86 -39.31
CA TYR N 207 -2.63 43.83 -38.95
C TYR N 207 -2.01 42.44 -38.98
N ILE N 208 -1.31 42.11 -40.07
CA ILE N 208 -0.68 40.80 -40.19
C ILE N 208 0.38 40.62 -39.11
N ASN N 209 1.12 41.69 -38.81
CA ASN N 209 2.16 41.62 -37.79
C ASN N 209 1.58 41.26 -36.42
N ILE N 210 0.54 41.99 -36.00
CA ILE N 210 -0.03 41.70 -34.69
C ILE N 210 -0.70 40.33 -34.68
N LEU N 211 -1.36 39.95 -35.79
CA LEU N 211 -2.00 38.64 -35.85
C LEU N 211 -0.97 37.51 -35.74
N LEU N 212 0.16 37.64 -36.44
CA LEU N 212 1.22 36.64 -36.34
C LEU N 212 1.82 36.61 -34.95
N GLY N 213 2.03 37.79 -34.35
CA GLY N 213 2.56 37.82 -33.00
C GLY N 213 1.64 37.18 -31.99
N VAL N 214 0.34 37.15 -32.28
CA VAL N 214 -0.60 36.54 -31.34
C VAL N 214 -0.72 35.04 -31.57
N PHE N 215 -0.99 34.61 -32.81
CA PHE N 215 -1.43 33.24 -33.07
C PHE N 215 -0.41 32.33 -33.74
N TYR N 216 0.84 32.75 -33.96
CA TYR N 216 1.76 31.85 -34.63
C TYR N 216 2.16 30.67 -33.74
N THR N 217 2.00 30.80 -32.42
CA THR N 217 2.45 29.75 -31.51
C THR N 217 1.72 28.44 -31.76
N VAL N 218 0.42 28.51 -32.04
CA VAL N 218 -0.42 27.33 -32.23
C VAL N 218 -0.81 27.15 -33.69
N CYS N 219 -1.42 28.17 -34.29
CA CYS N 219 -1.98 28.07 -35.64
C CYS N 219 -0.94 28.49 -36.65
N ARG N 220 -0.32 27.52 -37.30
CA ARG N 220 0.57 27.77 -38.43
C ARG N 220 -0.08 27.52 -39.78
N ASP N 221 -1.35 27.11 -39.80
CA ASP N 221 -2.04 26.88 -41.05
C ASP N 221 -2.31 28.21 -41.74
N LEU N 222 -1.85 28.32 -42.99
CA LEU N 222 -2.05 29.56 -43.74
C LEU N 222 -3.53 29.81 -44.00
N LYS N 223 -4.27 28.78 -44.39
CA LYS N 223 -5.70 28.94 -44.65
C LYS N 223 -6.45 29.39 -43.40
N GLU N 224 -6.16 28.76 -42.27
CA GLU N 224 -6.89 29.06 -41.04
C GLU N 224 -6.54 30.45 -40.52
N LEU N 225 -5.26 30.83 -40.56
CA LEU N 225 -4.86 32.16 -40.12
C LEU N 225 -5.45 33.23 -41.03
N ARG N 226 -5.46 32.98 -42.33
CA ARG N 226 -6.07 33.92 -43.28
C ARG N 226 -7.57 34.05 -43.04
N HIS N 227 -8.24 32.93 -42.73
CA HIS N 227 -9.66 32.96 -42.41
C HIS N 227 -9.91 33.77 -41.15
N LEU N 228 -9.06 33.59 -40.13
CA LEU N 228 -9.20 34.37 -38.90
C LEU N 228 -9.01 35.86 -39.17
N ALA N 229 -8.01 36.21 -39.99
CA ALA N 229 -7.80 37.61 -40.34
C ALA N 229 -9.01 38.18 -41.07
N VAL N 230 -9.57 37.42 -42.01
CA VAL N 230 -10.74 37.90 -42.74
C VAL N 230 -11.91 38.12 -41.80
N LEU N 231 -12.11 37.19 -40.86
CA LEU N 231 -13.21 37.34 -39.91
C LEU N 231 -13.04 38.56 -39.00
N ASN N 232 -11.81 38.78 -38.52
CA ASN N 232 -11.60 39.80 -37.49
C ASN N 232 -11.22 41.18 -38.03
N PHE N 233 -10.99 41.32 -39.34
CA PHE N 233 -10.58 42.62 -39.87
C PHE N 233 -11.60 43.74 -39.67
N PRO N 234 -12.91 43.54 -39.84
CA PRO N 234 -13.84 44.68 -39.66
C PRO N 234 -13.74 45.32 -38.29
N LYS N 235 -13.60 44.53 -37.22
CA LYS N 235 -13.41 45.11 -35.90
C LYS N 235 -12.04 45.76 -35.76
N TYR N 236 -11.06 45.34 -36.56
CA TYR N 236 -9.79 46.05 -36.61
C TYR N 236 -9.97 47.44 -37.18
N CYS N 237 -10.83 47.60 -38.18
CA CYS N 237 -10.98 48.89 -38.87
C CYS N 237 -12.09 49.76 -38.28
N GLU N 238 -12.89 49.26 -37.34
CA GLU N 238 -13.89 50.12 -36.72
C GLU N 238 -13.32 51.34 -36.01
N PRO N 239 -12.30 51.22 -35.14
CA PRO N 239 -11.89 52.40 -34.36
C PRO N 239 -11.47 53.59 -35.20
N VAL N 240 -10.75 53.37 -36.30
CA VAL N 240 -10.32 54.50 -37.14
C VAL N 240 -11.52 55.14 -37.82
N VAL N 241 -12.51 54.36 -38.24
CA VAL N 241 -13.73 54.93 -38.80
C VAL N 241 -14.44 55.78 -37.76
N LYS N 242 -14.52 55.28 -36.52
CA LYS N 242 -15.12 56.06 -35.44
C LYS N 242 -14.28 57.28 -35.08
N GLY N 243 -13.01 57.31 -35.48
CA GLY N 243 -12.16 58.45 -35.21
C GLY N 243 -11.28 58.28 -33.99
N ARG N 248 -3.44 56.03 -37.45
CA ARG N 248 -2.09 55.52 -37.20
C ARG N 248 -1.78 55.51 -35.71
N ASP N 249 -2.83 55.48 -34.89
CA ASP N 249 -2.70 55.44 -33.43
C ASP N 249 -2.55 53.99 -33.02
N THR N 250 -1.29 53.53 -32.93
CA THR N 250 -1.02 52.13 -32.62
C THR N 250 -1.52 51.77 -31.23
N ARG N 251 -1.22 52.61 -30.24
CA ARG N 251 -1.66 52.33 -28.87
C ARG N 251 -3.17 52.30 -28.77
N LYS N 252 -3.85 53.26 -29.41
CA LYS N 252 -5.30 53.31 -29.38
C LYS N 252 -5.91 52.05 -30.00
N LEU N 253 -5.40 51.65 -31.17
CA LEU N 253 -5.92 50.45 -31.83
C LEU N 253 -5.69 49.21 -30.99
N TRP N 254 -4.48 49.05 -30.44
CA TRP N 254 -4.19 47.86 -29.65
C TRP N 254 -5.04 47.80 -28.40
N ARG N 255 -5.21 48.93 -27.71
CA ARG N 255 -6.02 48.95 -26.50
C ARG N 255 -7.49 48.68 -26.80
N ASN N 256 -7.99 49.22 -27.91
CA ASN N 256 -9.39 48.99 -28.27
C ASN N 256 -9.63 47.56 -28.73
N ILE N 257 -8.60 46.90 -29.27
CA ILE N 257 -8.79 45.64 -29.96
C ILE N 257 -8.36 44.42 -29.13
N GLU N 258 -7.52 44.62 -28.12
CA GLU N 258 -6.96 43.50 -27.36
C GLU N 258 -8.01 42.55 -26.77
N PRO N 259 -9.05 43.00 -26.07
CA PRO N 259 -9.99 42.04 -25.48
C PRO N 259 -10.69 41.17 -26.51
N HIS N 260 -10.98 41.72 -27.69
CA HIS N 260 -11.61 40.94 -28.74
C HIS N 260 -10.70 39.83 -29.23
N LEU N 261 -9.39 40.09 -29.28
CA LEU N 261 -8.44 39.04 -29.65
C LEU N 261 -8.43 37.91 -28.63
N LYS N 262 -8.46 38.25 -27.34
CA LYS N 262 -8.51 37.22 -26.31
C LYS N 262 -9.80 36.42 -26.40
N LYS N 263 -10.93 37.10 -26.67
CA LYS N 263 -12.18 36.39 -26.85
C LYS N 263 -12.13 35.45 -28.05
N ALA N 264 -11.51 35.90 -29.15
CA ALA N 264 -11.42 35.09 -30.35
C ALA N 264 -10.55 33.85 -30.13
N MET N 265 -9.47 33.98 -29.36
CA MET N 265 -8.57 32.86 -29.16
C MET N 265 -9.19 31.74 -28.35
N GLN N 266 -10.29 32.03 -27.64
CA GLN N 266 -10.97 30.97 -26.88
C GLN N 266 -11.44 29.85 -27.79
N THR N 267 -11.74 30.15 -29.06
CA THR N 267 -12.17 29.15 -30.04
C THR N 267 -11.26 29.29 -31.27
N VAL N 268 -10.13 28.59 -31.26
CA VAL N 268 -9.22 28.62 -32.41
C VAL N 268 -9.75 27.72 -33.52
N TYR N 269 -9.92 26.44 -33.22
CA TYR N 269 -10.33 25.45 -34.21
C TYR N 269 -11.82 25.14 -34.15
N LEU N 270 -12.58 25.82 -33.29
CA LEU N 270 -13.95 25.43 -33.01
C LEU N 270 -14.97 26.05 -33.97
N ARG N 271 -14.76 27.31 -34.36
CA ARG N 271 -15.69 28.06 -35.22
C ARG N 271 -17.06 28.26 -34.57
N GLU N 301 -31.65 20.09 -21.93
CA GLU N 301 -32.75 20.02 -20.98
C GLU N 301 -33.48 18.68 -21.10
N LEU N 302 -32.97 17.69 -20.38
CA LEU N 302 -33.51 16.33 -20.41
C LEU N 302 -34.73 16.22 -19.49
N PRO N 303 -35.59 15.22 -19.70
CA PRO N 303 -36.68 14.96 -18.76
C PRO N 303 -36.14 14.56 -17.39
N TYR N 304 -37.05 14.54 -16.41
CA TYR N 304 -36.66 14.31 -15.02
C TYR N 304 -35.97 12.96 -14.85
N TYR N 305 -36.68 11.87 -15.12
CA TYR N 305 -36.13 10.54 -14.88
C TYR N 305 -34.93 10.24 -15.79
N SER N 306 -34.83 10.91 -16.93
CA SER N 306 -33.67 10.72 -17.80
C SER N 306 -32.38 11.15 -17.11
N LYS N 307 -32.43 12.25 -16.34
CA LYS N 307 -31.24 12.69 -15.61
C LYS N 307 -30.80 11.66 -14.59
N PHE N 308 -31.75 11.07 -13.86
CA PHE N 308 -31.42 10.02 -12.90
C PHE N 308 -30.85 8.79 -13.60
N ILE N 309 -31.42 8.42 -14.74
CA ILE N 309 -30.88 7.30 -15.51
C ILE N 309 -29.45 7.60 -15.92
N LEU N 310 -29.18 8.81 -16.41
CA LEU N 310 -27.85 9.16 -16.88
C LEU N 310 -26.83 9.14 -15.75
N ILE N 311 -27.19 9.70 -14.59
CA ILE N 311 -26.24 9.74 -13.47
C ILE N 311 -26.01 8.33 -12.93
N ALA N 312 -27.06 7.50 -12.89
CA ALA N 312 -26.89 6.12 -12.46
C ALA N 312 -26.01 5.34 -13.42
N ALA N 313 -26.17 5.58 -14.71
CA ALA N 313 -25.32 4.91 -15.71
C ALA N 313 -23.87 5.34 -15.55
N TYR N 314 -23.63 6.64 -15.32
CA TYR N 314 -22.27 7.12 -15.10
C TYR N 314 -21.66 6.47 -13.86
N LEU N 315 -22.43 6.40 -12.77
CA LEU N 315 -21.94 5.76 -11.55
C LEU N 315 -21.63 4.29 -11.79
N ALA N 316 -22.51 3.58 -12.48
CA ALA N 316 -22.27 2.16 -12.76
C ALA N 316 -21.03 1.98 -13.61
N SER N 317 -20.81 2.86 -14.59
CA SER N 317 -19.65 2.73 -15.46
C SER N 317 -18.35 3.00 -14.71
N TYR N 318 -18.33 4.04 -13.87
CA TYR N 318 -17.09 4.50 -13.26
C TYR N 318 -16.89 4.06 -11.81
N ASN N 319 -17.75 3.18 -11.28
CA ASN N 319 -17.58 2.67 -9.92
C ASN N 319 -17.46 1.16 -9.95
N PRO N 320 -16.40 0.58 -9.39
CA PRO N 320 -16.30 -0.89 -9.33
C PRO N 320 -17.43 -1.50 -8.52
N ALA N 321 -17.82 -2.71 -8.93
CA ALA N 321 -18.98 -3.37 -8.32
C ALA N 321 -18.75 -3.71 -6.85
N ARG N 322 -17.50 -3.92 -6.45
CA ARG N 322 -17.21 -4.32 -5.08
C ARG N 322 -17.64 -3.25 -4.07
N THR N 323 -17.61 -1.98 -4.47
CA THR N 323 -17.94 -0.88 -3.57
C THR N 323 -19.40 -0.45 -3.65
N ASP N 324 -20.23 -1.14 -4.44
CA ASP N 324 -21.61 -0.70 -4.63
C ASP N 324 -22.38 -0.70 -3.32
N LYS N 325 -22.34 -1.81 -2.58
CA LYS N 325 -23.04 -1.86 -1.30
C LYS N 325 -22.44 -0.87 -0.32
N ARG N 326 -21.14 -0.62 -0.41
CA ARG N 326 -20.49 0.35 0.48
C ARG N 326 -21.08 1.75 0.29
N PHE N 327 -21.55 2.06 -0.91
CA PHE N 327 -22.15 3.36 -1.19
C PHE N 327 -23.67 3.37 -1.09
N PHE N 328 -24.32 2.21 -1.18
CA PHE N 328 -25.78 2.25 -1.23
C PHE N 328 -26.46 1.42 -0.15
N LEU N 329 -25.88 0.28 0.25
CA LEU N 329 -26.51 -0.53 1.28
C LEU N 329 -26.55 0.23 2.60
N LYS N 330 -27.71 0.19 3.27
CA LYS N 330 -27.92 1.04 4.44
C LYS N 330 -27.14 0.58 5.67
N HIS N 331 -26.76 -0.69 5.74
CA HIS N 331 -26.07 -1.22 6.91
C HIS N 331 -24.93 -2.13 6.47
N HIS N 332 -23.86 -2.13 7.25
CA HIS N 332 -22.71 -2.99 7.00
C HIS N 332 -22.17 -3.58 8.30
N PHE N 357 -21.57 -3.02 -17.72
CA PHE N 357 -22.38 -3.32 -16.55
C PHE N 357 -23.78 -3.81 -16.96
N PRO N 358 -24.33 -4.75 -16.20
CA PRO N 358 -25.65 -5.29 -16.52
C PRO N 358 -26.77 -4.35 -16.13
N LEU N 359 -27.96 -4.65 -16.65
CA LEU N 359 -29.12 -3.80 -16.43
C LEU N 359 -29.63 -3.90 -14.99
N ASP N 360 -29.52 -5.08 -14.37
CA ASP N 360 -30.02 -5.27 -13.01
C ASP N 360 -29.27 -4.37 -12.02
N ARG N 361 -27.96 -4.24 -12.19
CA ARG N 361 -27.19 -3.33 -11.34
C ARG N 361 -27.68 -1.90 -11.49
N LEU N 362 -27.95 -1.47 -12.73
CA LEU N 362 -28.47 -0.13 -12.97
C LEU N 362 -29.83 0.06 -12.30
N LEU N 363 -30.70 -0.95 -12.41
CA LEU N 363 -32.02 -0.86 -11.79
C LEU N 363 -31.91 -0.74 -10.27
N ALA N 364 -31.05 -1.56 -9.67
CA ALA N 364 -30.88 -1.49 -8.21
C ALA N 364 -30.34 -0.14 -7.78
N ILE N 365 -29.35 0.38 -8.49
CA ILE N 365 -28.78 1.68 -8.14
C ILE N 365 -29.81 2.78 -8.29
N LEU N 366 -30.60 2.74 -9.38
CA LEU N 366 -31.65 3.74 -9.58
C LEU N 366 -32.70 3.68 -8.48
N TYR N 367 -33.11 2.47 -8.09
CA TYR N 367 -34.07 2.34 -7.00
C TYR N 367 -33.50 2.89 -5.70
N SER N 368 -32.21 2.67 -5.47
CA SER N 368 -31.58 3.18 -4.26
C SER N 368 -31.53 4.71 -4.25
N ILE N 369 -31.17 5.32 -5.39
CA ILE N 369 -30.93 6.77 -5.43
C ILE N 369 -32.23 7.54 -5.23
N VAL N 370 -33.27 7.17 -5.97
CA VAL N 370 -34.50 7.96 -5.98
C VAL N 370 -35.25 7.76 -4.66
N ASP N 371 -35.58 8.87 -4.00
CA ASP N 371 -36.27 8.81 -2.72
C ASP N 371 -37.71 8.34 -2.85
N SER N 372 -38.32 8.50 -4.02
CA SER N 372 -39.70 8.10 -4.23
C SER N 372 -39.75 6.75 -4.92
N ARG N 373 -40.81 5.99 -4.64
CA ARG N 373 -41.00 4.68 -5.26
C ARG N 373 -41.43 4.87 -6.70
N VAL N 374 -40.60 4.42 -7.64
CA VAL N 374 -40.88 4.55 -9.07
C VAL N 374 -41.39 3.22 -9.59
N ALA N 375 -42.54 3.25 -10.25
CA ALA N 375 -43.12 2.05 -10.83
C ALA N 375 -42.38 1.66 -12.10
N PRO N 376 -42.24 0.36 -12.37
CA PRO N 376 -41.55 -0.08 -13.61
C PRO N 376 -42.44 0.03 -14.84
N THR N 377 -42.85 1.26 -15.14
CA THR N 377 -43.64 1.52 -16.34
C THR N 377 -42.77 1.35 -17.58
N ALA N 378 -43.40 0.94 -18.68
CA ALA N 378 -42.67 0.74 -19.93
C ALA N 378 -42.01 2.02 -20.43
N ASN N 379 -42.48 3.17 -19.96
CA ASN N 379 -41.91 4.45 -20.40
C ASN N 379 -40.45 4.60 -19.98
N ILE N 380 -40.05 4.01 -18.84
CA ILE N 380 -38.64 4.10 -18.46
C ILE N 380 -37.79 3.25 -19.41
N PHE N 381 -38.31 2.10 -19.85
CA PHE N 381 -37.60 1.31 -20.85
C PHE N 381 -37.51 2.06 -22.17
N SER N 382 -38.58 2.78 -22.55
CA SER N 382 -38.53 3.63 -23.73
C SER N 382 -37.47 4.72 -23.58
N GLN N 383 -37.36 5.29 -22.38
CA GLN N 383 -36.31 6.28 -22.13
C GLN N 383 -34.93 5.66 -22.28
N ILE N 384 -34.75 4.44 -21.77
CA ILE N 384 -33.47 3.75 -21.92
C ILE N 384 -33.13 3.58 -23.40
N THR N 385 -34.10 3.11 -24.19
CA THR N 385 -33.84 2.89 -25.61
C THR N 385 -33.56 4.21 -26.34
N SER N 386 -34.29 5.27 -25.98
CA SER N 386 -34.05 6.56 -26.60
C SER N 386 -32.66 7.10 -26.26
N LEU N 387 -32.24 6.92 -25.00
CA LEU N 387 -30.89 7.32 -24.62
C LEU N 387 -29.84 6.53 -25.38
N VAL N 388 -30.12 5.25 -25.64
CA VAL N 388 -29.25 4.46 -26.50
C VAL N 388 -29.20 5.07 -27.90
N THR N 389 -30.36 5.49 -28.42
CA THR N 389 -30.42 6.07 -29.76
C THR N 389 -29.61 7.35 -29.85
N LEU N 390 -29.69 8.20 -28.82
CA LEU N 390 -29.03 9.51 -28.83
C LEU N 390 -27.51 9.41 -28.63
N GLN N 391 -26.95 8.21 -28.68
CA GLN N 391 -25.51 7.98 -28.59
C GLN N 391 -24.95 8.45 -27.24
N LEU N 392 -25.78 8.48 -26.21
CA LEU N 392 -25.30 8.73 -24.86
C LEU N 392 -24.95 7.44 -24.12
N LEU N 393 -25.61 6.34 -24.46
CA LEU N 393 -25.31 5.03 -23.90
C LEU N 393 -25.07 4.07 -25.06
N THR N 394 -23.99 3.31 -24.99
CA THR N 394 -23.60 2.41 -26.07
C THR N 394 -23.92 0.96 -25.68
N LEU N 395 -24.63 0.26 -26.57
CA LEU N 395 -24.92 -1.14 -26.37
C LEU N 395 -23.71 -1.99 -26.73
N VAL N 396 -23.33 -2.91 -25.85
CA VAL N 396 -22.13 -3.72 -26.03
C VAL N 396 -22.47 -5.13 -26.49
N GLY N 397 -23.46 -5.76 -25.86
CA GLY N 397 -23.82 -7.13 -26.19
C GLY N 397 -24.55 -7.23 -27.51
N HIS N 398 -24.88 -8.47 -27.86
CA HIS N 398 -25.58 -8.75 -29.11
C HIS N 398 -26.97 -8.14 -29.09
N ASP N 399 -27.43 -7.70 -30.27
CA ASP N 399 -28.76 -7.11 -30.37
C ASP N 399 -29.86 -8.12 -30.06
N ASP N 400 -29.67 -9.39 -30.44
CA ASP N 400 -30.65 -10.42 -30.15
C ASP N 400 -30.72 -10.74 -28.66
N GLN N 401 -29.68 -10.44 -27.90
CA GLN N 401 -29.66 -10.71 -26.46
C GLN N 401 -30.16 -9.48 -25.72
N LEU N 402 -31.47 -9.41 -25.54
CA LEU N 402 -32.10 -8.31 -24.80
C LEU N 402 -32.60 -8.76 -23.44
N ASP N 403 -31.94 -9.77 -22.86
CA ASP N 403 -32.17 -10.18 -21.48
C ASP N 403 -30.95 -10.00 -20.59
N GLY N 404 -29.76 -9.87 -21.16
CA GLY N 404 -28.56 -9.60 -20.40
C GLY N 404 -27.71 -8.47 -20.97
N PRO N 405 -28.35 -7.39 -21.42
CA PRO N 405 -27.62 -6.40 -22.22
C PRO N 405 -26.53 -5.68 -21.42
N LYS N 406 -25.50 -5.26 -22.13
CA LYS N 406 -24.37 -4.54 -21.56
C LYS N 406 -24.34 -3.12 -22.10
N TYR N 407 -23.99 -2.17 -21.24
CA TYR N 407 -23.97 -0.76 -21.62
C TYR N 407 -22.70 -0.10 -21.12
N LYS N 408 -22.33 1.00 -21.78
CA LYS N 408 -21.23 1.85 -21.38
C LYS N 408 -21.65 3.31 -21.52
N CYS N 409 -21.15 4.16 -20.62
CA CYS N 409 -21.50 5.58 -20.61
C CYS N 409 -20.37 6.37 -21.26
N THR N 410 -20.74 7.27 -22.17
CA THR N 410 -19.79 8.07 -22.93
C THR N 410 -19.95 9.56 -22.66
N VAL N 411 -20.40 9.91 -21.47
CA VAL N 411 -20.64 11.29 -21.09
C VAL N 411 -19.43 11.83 -20.34
N SER N 412 -19.00 13.04 -20.69
CA SER N 412 -17.86 13.66 -20.04
C SER N 412 -18.19 13.98 -18.58
N LEU N 413 -17.13 14.01 -17.75
CA LEU N 413 -17.32 14.23 -16.32
C LEU N 413 -17.89 15.62 -16.03
N ASP N 414 -17.44 16.64 -16.78
CA ASP N 414 -17.98 17.97 -16.58
C ASP N 414 -19.47 18.02 -16.90
N PHE N 415 -19.90 17.29 -17.94
CA PHE N 415 -21.31 17.26 -18.28
C PHE N 415 -22.15 16.65 -17.16
N ILE N 416 -21.68 15.54 -16.58
CA ILE N 416 -22.43 14.90 -15.52
C ILE N 416 -22.43 15.76 -14.25
N ARG N 417 -21.33 16.46 -13.98
CA ARG N 417 -21.32 17.39 -12.85
C ARG N 417 -22.30 18.52 -13.06
N ALA N 418 -22.36 19.06 -14.28
CA ALA N 418 -23.29 20.15 -14.57
C ALA N 418 -24.73 19.69 -14.45
N ILE N 419 -25.06 18.51 -14.98
CA ILE N 419 -26.44 18.03 -14.89
C ILE N 419 -26.79 17.66 -13.46
N ALA N 420 -25.81 17.22 -12.67
CA ALA N 420 -26.06 16.93 -11.26
C ALA N 420 -26.42 18.19 -10.48
N ARG N 421 -25.77 19.30 -10.81
CA ARG N 421 -26.03 20.55 -10.09
C ARG N 421 -27.47 21.00 -10.29
N THR N 422 -28.01 20.88 -11.50
CA THR N 422 -29.39 21.25 -11.77
C THR N 422 -30.39 20.36 -11.04
N VAL N 423 -29.96 19.22 -10.51
CA VAL N 423 -30.83 18.29 -9.80
C VAL N 423 -30.68 18.42 -8.29
N ASN N 424 -29.66 19.14 -7.81
CA ASN N 424 -29.28 19.20 -6.40
C ASN N 424 -28.87 17.82 -5.90
N PHE N 425 -27.83 17.29 -6.55
CA PHE N 425 -27.22 16.01 -6.19
C PHE N 425 -25.71 16.16 -6.26
N ASP N 426 -25.02 15.59 -5.28
CA ASP N 426 -23.56 15.64 -5.19
C ASP N 426 -23.01 14.29 -5.63
N ILE N 427 -22.59 14.19 -6.88
CA ILE N 427 -22.10 12.91 -7.41
C ILE N 427 -20.69 12.62 -6.91
N ILE N 428 -19.92 13.66 -6.57
CA ILE N 428 -18.53 13.46 -6.15
C ILE N 428 -18.44 12.64 -4.88
N LYS N 429 -19.44 12.76 -4.00
CA LYS N 429 -19.42 12.04 -2.72
C LYS N 429 -19.54 10.53 -2.91
N TYR N 430 -20.02 10.07 -4.08
CA TYR N 430 -20.19 8.65 -4.33
C TYR N 430 -19.17 8.05 -5.28
N LEU N 431 -18.33 8.87 -5.91
CA LEU N 431 -17.33 8.37 -6.84
C LEU N 431 -16.18 7.73 -6.07
N TYR N 432 -16.01 6.42 -6.24
CA TYR N 432 -14.99 5.69 -5.50
C TYR N 432 -13.58 6.14 -5.89
N ASP N 433 -13.37 6.44 -7.16
CA ASP N 433 -12.02 6.78 -7.64
C ASP N 433 -11.50 8.04 -6.98
N PHE N 434 -12.35 9.06 -6.85
CA PHE N 434 -11.91 10.31 -6.22
C PHE N 434 -11.61 10.10 -4.73
N LEU N 435 -12.43 9.30 -4.05
CA LEU N 435 -12.22 9.02 -2.63
C LEU N 435 -10.95 8.22 -2.39
MG MG O . -3.87 18.95 19.01
ZN ZN P . 45.93 22.64 76.02
PG AGS Q . -3.02 17.75 16.12
S1G AGS Q . -2.44 16.27 15.00
O2G AGS Q . -1.85 18.77 16.29
O3G AGS Q . -3.42 17.21 17.53
PB AGS Q . -4.74 19.86 16.00
O1B AGS Q . -4.76 19.84 17.49
O2B AGS Q . -6.12 20.09 15.42
O3B AGS Q . -4.24 18.46 15.47
PA AGS Q . -2.96 22.00 16.37
O1A AGS Q . -3.61 22.23 17.68
O2A AGS Q . -1.58 21.37 16.49
O3A AGS Q . -3.80 21.01 15.44
O5' AGS Q . -2.91 23.38 15.60
C5' AGS Q . -1.69 24.16 15.58
C4' AGS Q . -2.03 25.63 15.71
O4' AGS Q . -2.93 26.00 14.66
C3' AGS Q . -2.75 26.03 16.99
O3' AGS Q . -1.82 26.22 18.04
C2' AGS Q . -3.45 27.33 16.57
O2' AGS Q . -2.62 28.47 16.82
C1' AGS Q . -3.67 27.14 15.07
N9 AGS Q . -5.07 26.93 14.70
C8 AGS Q . -5.64 25.78 14.24
N7 AGS Q . -6.92 25.88 13.99
C5 AGS Q . -7.22 27.20 14.31
C6 AGS Q . -8.42 27.93 14.28
N6 AGS Q . -9.59 27.43 13.87
N1 AGS Q . -8.36 29.23 14.67
C2 AGS Q . -7.20 29.73 15.07
N3 AGS Q . -6.01 29.13 15.15
C4 AGS Q . -6.09 27.86 14.76
PG AGS R . 23.23 9.00 4.37
S1G AGS R . 23.14 7.09 3.96
O2G AGS R . 24.34 9.24 5.43
O3G AGS R . 21.87 9.47 4.96
PB AGS R . 23.68 11.35 3.07
O1B AGS R . 23.41 11.87 4.43
O2B AGS R . 22.67 11.89 2.06
O3B AGS R . 23.52 9.78 3.05
PA AGS R . 26.14 12.54 3.49
O1A AGS R . 25.51 13.74 4.10
O2A AGS R . 26.67 11.55 4.54
O3A AGS R . 25.13 11.75 2.56
O5' AGS R . 27.31 13.03 2.54
C5' AGS R . 27.79 12.21 1.43
C4' AGS R . 29.12 12.75 0.97
O4' AGS R . 29.01 13.18 -0.41
C3' AGS R . 29.63 13.96 1.72
O3' AGS R . 30.35 13.59 2.89
C2' AGS R . 30.55 14.64 0.68
O2' AGS R . 31.85 14.10 0.70
C1' AGS R . 29.83 14.31 -0.63
N9 AGS R . 28.99 15.38 -1.15
C8 AGS R . 27.68 15.27 -1.57
N7 AGS R . 27.16 16.39 -2.00
C5 AGS R . 28.19 17.31 -1.86
C6 AGS R . 28.27 18.69 -2.14
N6 AGS R . 27.27 19.40 -2.65
N1 AGS R . 29.45 19.30 -1.89
C2 AGS R . 30.46 18.60 -1.39
N3 AGS R . 30.49 17.29 -1.09
C4 AGS R . 29.31 16.70 -1.34
MG MG S . 23.59 11.03 6.09
PG AGS T . 1.99 -38.33 -62.99
S1G AGS T . 2.94 -37.55 -64.50
O2G AGS T . 0.48 -38.49 -63.35
O3G AGS T . 2.11 -37.38 -61.76
PB AGS T . 2.66 -40.86 -63.73
O1B AGS T . 1.37 -40.95 -64.45
O2B AGS T . 3.02 -42.15 -62.99
O3B AGS T . 2.58 -39.73 -62.62
PA AGS T . 3.77 -40.94 -66.26
O1A AGS T . 2.80 -42.03 -66.52
O2A AGS T . 3.47 -39.65 -67.02
O3A AGS T . 3.86 -40.57 -64.72
O5' AGS T . 5.21 -41.50 -66.63
C5' AGS T . 6.39 -40.95 -66.04
C4' AGS T . 7.54 -41.15 -67.00
O4' AGS T . 8.22 -42.38 -66.67
C3' AGS T . 7.15 -41.30 -68.46
O3' AGS T . 7.03 -40.02 -69.08
C2' AGS T . 8.31 -42.12 -69.04
O2' AGS T . 9.41 -41.29 -69.39
C1' AGS T . 8.68 -43.02 -67.85
N9 AGS T . 8.10 -44.35 -67.91
C8 AGS T . 6.78 -44.67 -68.01
N7 AGS T . 6.53 -45.96 -68.04
C5 AGS T . 7.79 -46.53 -67.96
C6 AGS T . 8.23 -47.87 -67.93
N6 AGS T . 7.41 -48.92 -68.01
N1 AGS T . 9.56 -48.09 -67.84
C2 AGS T . 10.39 -47.04 -67.77
N3 AGS T . 10.09 -45.74 -67.77
C4 AGS T . 8.77 -45.55 -67.88
MG MG U . 0.20 -39.22 -65.20
PG AGS V . 12.14 -6.76 -63.14
S1G AGS V . 11.89 -4.96 -62.41
O2G AGS V . 11.07 -7.04 -64.23
O3G AGS V . 11.97 -7.79 -61.98
PB AGS V . 14.10 -5.85 -64.81
O1B AGS V . 12.98 -5.19 -65.52
O2B AGS V . 14.99 -6.64 -65.78
O3B AGS V . 13.56 -6.91 -63.75
PA AGS V . 15.57 -3.52 -64.93
O1A AGS V . 15.52 -3.78 -66.39
O2A AGS V . 14.70 -2.34 -64.49
O3A AGS V . 15.05 -4.79 -64.11
O5' AGS V . 17.08 -3.32 -64.52
C5' AGS V . 17.56 -2.02 -64.10
C4' AGS V . 18.75 -1.59 -64.93
O4' AGS V . 19.85 -2.50 -64.70
C3' AGS V . 18.52 -1.53 -66.44
O3' AGS V . 18.76 -0.22 -66.94
C2' AGS V . 19.52 -2.54 -67.01
O2' AGS V . 20.11 -2.08 -68.23
C1' AGS V . 20.57 -2.62 -65.91
N9 AGS V . 21.32 -3.87 -65.88
C8 AGS V . 21.31 -4.82 -64.88
N7 AGS V . 22.08 -5.85 -65.11
C5 AGS V . 22.65 -5.56 -66.36
C6 AGS V . 23.56 -6.26 -67.17
N6 AGS V . 24.09 -7.44 -66.84
N1 AGS V . 23.92 -5.70 -68.34
C2 AGS V . 23.39 -4.52 -68.68
N3 AGS V . 22.52 -3.77 -68.00
C4 AGS V . 22.18 -4.35 -66.83
MG MG W . 11.21 -6.17 -66.37
PG AGS X . -4.07 19.78 -49.68
S1G AGS X . -4.81 18.93 -48.08
O2G AGS X . -5.13 20.75 -50.28
O3G AGS X . -3.72 18.69 -50.74
PB AGS X . -2.20 21.67 -50.26
O1B AGS X . -2.67 21.46 -51.64
O2B AGS X . -0.67 21.57 -50.16
O3B AGS X . -2.77 20.54 -49.31
PA AGS X . -3.59 24.08 -50.44
O1A AGS X . -3.32 24.13 -51.89
O2A AGS X . -5.00 23.62 -50.08
O3A AGS X . -2.60 23.09 -49.68
O5' AGS X . -3.28 25.51 -49.83
C5' AGS X . -4.35 26.38 -49.41
C4' AGS X . -4.27 27.68 -50.17
O4' AGS X . -3.10 28.42 -49.75
C3' AGS X . -4.12 27.55 -51.68
O3' AGS X . -5.39 27.37 -52.30
C2' AGS X . -3.48 28.87 -52.06
O2' AGS X . -4.45 29.90 -52.25
C1' AGS X . -2.61 29.19 -50.84
N9 AGS X . -1.19 28.87 -51.02
C8 AGS X . -0.54 27.76 -50.58
N7 AGS X . 0.74 27.72 -50.88
C5 AGS X . 0.92 28.90 -51.58
C6 AGS X . 2.08 29.47 -52.19
N6 AGS X . 3.28 28.90 -52.17
N1 AGS X . 1.93 30.67 -52.79
C2 AGS X . 0.72 31.24 -52.81
N3 AGS X . -0.43 30.80 -52.27
C4 AGS X . -0.24 29.62 -51.68
MG MG Y . -4.19 20.31 -52.24
#